data_7JV6
#
_entry.id   7JV6
#
loop_
_entity.id
_entity.type
_entity.pdbx_description
1 polymer 'Spike glycoprotein'
2 polymer 'S2H13 Fab heavy chain'
3 polymer 'S2H13 Fab light chain'
4 branched 2-acetamido-2-deoxy-beta-D-glucopyranose-(1-4)-2-acetamido-2-deoxy-beta-D-glucopyranose
5 non-polymer 2-acetamido-2-deoxy-beta-D-glucopyranose
#
loop_
_entity_poly.entity_id
_entity_poly.type
_entity_poly.pdbx_seq_one_letter_code
_entity_poly.pdbx_strand_id
1 'polypeptide(L)'
;MGILPSPGMPALLSLVSLLSVLLMGCVAETGTQCVNLTTRTQLPPAYTNSFTRGVYYPDKVFRSSVLHSTQDLFLPFFSN
VTWFHAIHVSGTNGTKRFDNPVLPFNDGVYFASTEKSNIIRGWIFGTTLDSKTQSLLIVNNATNVVIKVCEFQFCNDPFL
GVYYHKNNKSWMESEFRVYSSANNCTFEYVSQPFLMDLEGKQGNFKNLREFVFKNIDGYFKIYSKHTPINLVRDLPQGFS
ALEPLVDLPIGINITRFQTLLALHRSYLTPGDSSSGWTAGAAAYYVGYLQPRTFLLKYNENGTITDAVDCALDPLSETKC
TLKSFTVEKGIYQTSNFRVQPTESIVRFPNITNLCPFGEVFNATRFASVYAWNRKRISNCVADYSVLYNSASFSTFKCYG
VSPTKLNDLCFTNVYADSFVIRGDEVRQIAPGQTGKIADYNYKLPDDFTGCVIAWNSNNLDSKVGGNYNYLYRLFRKSNL
KPFERDISTEIYQAGSTPCNGVEGFNCYFPLQSYGFQPTNGVGYQPYRVVVLSFELLHAPATVCGPKKSTNLVKNKCVNF
NFNGLTGTGVLTESNKKFLPFQQFGRDIADTTDAVRDPQTLEILDITPCSFGGVSVITPGTNTSNQVAVLYQDVNCTEVP
VAIHADQLTPTWRVYSTGSNVFQTRAGCLIGAEHVNNSYECDIPIGAGICASYQTQTNSPSGAGSVASQSIIAYTMSLGA
ENSVAYSNNSIAIPTNFTISVTTEILPVSMTKTSVDCTMYICGDSTECSNLLLQYGSFCTQLNRALTGIAVEQDKNTQEV
FAQVKQIYKTPPIKDFGGFNFSQILPDPSKPSKRSFIEDLLFNKVTLADAGFIKQYGDCLGDIAARDLICAQKFNGLTVL
PPLLTDEMIAQYTSALLAGTITSGWTFGAGAALQIPFAMQMAYRFNGIGVTQNVLYENQKLIANQFNSAIGKIQDSLSST
ASALGKLQDVVNQNAQALNTLVKQLSSNFGAISSVLNDILSRLDPPEAEVQIDRLITGRLQSLQTYVTQQLIRAAEIRAS
ANLAATKMSECVLGQSKRVDFCGKGYHLMSFPQSAPHGVVFLHVTYVPAQEKNFTTAPAICHDGKAHFPREGVFVSNGTH
WFVTQRNFYEPQIITTDNTFVSGNCDVVIGIVNNTVYDPLQPELDSFKEELDKYFKNHTSPDVDLGDISGINASVVNIQK
EIDRLNEVAKNLNESLIDLQELGKYEQYIKGSGRENLYFQGGGGSGYIPEAPRDGQAYVRKDGEWVLLSTFLGHHHHHHH
H
;
A,B,E
2 'polypeptide(L)'
;EVQLVESGGDSVQPGGSLRLSCAAAGFTFSSYWMNWVRQAPGKGLEWVANIKQDGSEKYYVDSVKGRFTISRDNAKNSLY
LQMNSLRAEDTAVYYCALSSGYSGYAGNYWGQGTLVTVSS
;
H,C,F
3 'polypeptide(L)'
;QAVVTQEPSLTVSPGGTVTLTCGSSTGAVTSGHYPYWFQQKPGQAPRTLIYDTSNKHSWTPARFSGSLLGGKAALTLSGA
RPEDEAEYYCLLSYSGARGVFGGGTKLTVL
;
L,D,G
#
# COMPACT_ATOMS: atom_id res chain seq x y z
N ALA A 46 -42.75 34.82 -15.56
CA ALA A 46 -42.80 35.04 -14.12
C ALA A 46 -41.90 34.02 -13.41
N TYR A 47 -41.15 34.49 -12.41
CA TYR A 47 -40.24 33.68 -11.60
C TYR A 47 -40.40 33.98 -10.14
N THR A 48 -40.08 33.02 -9.29
CA THR A 48 -40.02 33.29 -7.88
C THR A 48 -38.77 32.73 -7.23
N ASN A 49 -38.64 33.04 -5.94
CA ASN A 49 -37.55 32.64 -5.08
C ASN A 49 -37.84 31.29 -4.42
N SER A 50 -37.05 30.27 -4.75
CA SER A 50 -37.26 28.93 -4.21
C SER A 50 -36.84 28.81 -2.75
N PHE A 51 -36.13 29.80 -2.25
CA PHE A 51 -35.63 29.82 -0.89
C PHE A 51 -34.88 28.56 -0.53
N THR A 52 -35.38 27.80 0.43
CA THR A 52 -34.69 26.61 0.91
C THR A 52 -35.44 25.33 0.60
N ARG A 53 -36.33 25.38 -0.38
CA ARG A 53 -37.10 24.21 -0.79
C ARG A 53 -36.27 23.33 -1.73
N GLY A 54 -36.64 22.05 -1.86
CA GLY A 54 -35.97 21.19 -2.83
C GLY A 54 -34.98 20.18 -2.23
N VAL A 55 -35.10 19.93 -0.95
CA VAL A 55 -34.29 18.94 -0.25
C VAL A 55 -35.10 17.68 0.02
N TYR A 56 -34.45 16.55 -0.09
CA TYR A 56 -35.10 15.27 0.12
C TYR A 56 -34.15 14.29 0.77
N TYR A 57 -34.69 13.24 1.33
CA TYR A 57 -33.88 12.23 1.97
C TYR A 57 -33.10 11.51 0.88
N PRO A 58 -31.76 11.61 0.85
CA PRO A 58 -30.90 11.14 -0.22
C PRO A 58 -30.88 9.62 -0.35
N ASP A 59 -31.22 8.92 0.72
CA ASP A 59 -31.22 7.47 0.70
C ASP A 59 -32.28 6.92 1.64
N LYS A 60 -32.16 5.64 1.97
CA LYS A 60 -33.15 4.96 2.76
C LYS A 60 -32.60 4.53 4.12
N VAL A 61 -31.63 5.28 4.63
CA VAL A 61 -31.00 4.98 5.91
C VAL A 61 -31.41 5.94 7.01
N PHE A 62 -31.76 5.41 8.17
CA PHE A 62 -32.12 6.24 9.31
C PHE A 62 -30.88 6.83 9.96
N ARG A 63 -30.92 8.13 10.18
CA ARG A 63 -29.86 8.85 10.85
C ARG A 63 -30.51 9.78 11.83
N SER A 64 -29.83 10.09 12.92
CA SER A 64 -30.36 11.06 13.86
C SER A 64 -29.26 11.79 14.58
N SER A 65 -29.56 13.01 15.04
CA SER A 65 -28.62 13.82 15.81
C SER A 65 -27.27 13.90 15.12
N VAL A 66 -27.28 14.19 13.83
CA VAL A 66 -26.04 14.21 13.05
C VAL A 66 -26.09 15.16 11.87
N LEU A 67 -24.94 15.73 11.55
CA LEU A 67 -24.81 16.53 10.35
C LEU A 67 -24.14 15.67 9.28
N HIS A 68 -24.89 15.35 8.24
CA HIS A 68 -24.41 14.43 7.22
C HIS A 68 -24.22 15.10 5.88
N SER A 69 -23.04 14.91 5.29
CA SER A 69 -22.72 15.50 4.00
C SER A 69 -22.99 14.54 2.86
N THR A 70 -23.77 14.99 1.89
CA THR A 70 -24.10 14.14 0.75
C THR A 70 -24.17 14.93 -0.55
N GLN A 71 -23.87 14.28 -1.66
CA GLN A 71 -24.00 14.92 -2.97
C GLN A 71 -25.05 14.22 -3.80
N ASP A 72 -26.01 14.98 -4.28
CA ASP A 72 -27.10 14.43 -5.08
C ASP A 72 -27.75 15.55 -5.87
N LEU A 73 -28.74 15.21 -6.66
CA LEU A 73 -29.42 16.23 -7.45
C LEU A 73 -30.52 16.89 -6.64
N PHE A 74 -30.24 18.11 -6.20
CA PHE A 74 -31.13 18.88 -5.33
C PHE A 74 -31.41 20.21 -5.97
N LEU A 75 -32.50 20.87 -5.57
CA LEU A 75 -32.73 22.22 -6.08
C LEU A 75 -31.78 23.16 -5.34
N PRO A 76 -30.93 23.94 -6.02
CA PRO A 76 -30.04 24.88 -5.41
C PRO A 76 -30.83 25.90 -4.60
N PHE A 77 -30.30 26.28 -3.46
CA PHE A 77 -30.99 27.25 -2.64
C PHE A 77 -31.04 28.60 -3.31
N PHE A 78 -32.17 29.26 -3.13
CA PHE A 78 -32.47 30.58 -3.67
C PHE A 78 -32.41 30.65 -5.18
N SER A 79 -32.56 29.51 -5.84
CA SER A 79 -32.62 29.48 -7.29
C SER A 79 -33.92 30.07 -7.82
N ASN A 80 -33.92 30.39 -9.14
CA ASN A 80 -35.07 30.91 -9.87
C ASN A 80 -35.92 29.78 -10.43
N VAL A 81 -37.19 29.70 -9.98
CA VAL A 81 -38.12 28.66 -10.43
C VAL A 81 -39.26 29.33 -11.19
N THR A 82 -39.59 28.78 -12.34
CA THR A 82 -40.60 29.38 -13.20
C THR A 82 -41.96 29.25 -12.59
N TRP A 83 -42.68 30.36 -12.55
CA TRP A 83 -43.99 30.45 -11.93
C TRP A 83 -45.12 30.44 -12.95
N PHE A 84 -45.95 29.40 -12.90
CA PHE A 84 -47.05 29.20 -13.82
C PHE A 84 -48.38 29.46 -13.13
N HIS A 85 -49.39 29.85 -13.91
CA HIS A 85 -50.73 30.15 -13.35
C HIS A 85 -51.87 29.46 -14.09
N ALA A 86 -52.98 29.27 -13.41
CA ALA A 86 -54.15 28.65 -14.03
C ALA A 86 -55.41 29.43 -13.69
N ILE A 87 -55.47 30.68 -14.18
CA ILE A 87 -56.58 31.57 -13.88
C ILE A 87 -57.19 32.13 -15.16
N HIS A 88 -58.46 32.59 -15.09
CA HIS A 88 -59.21 33.22 -16.20
C HIS A 88 -59.08 32.43 -17.51
N ASP A 99 -52.06 27.06 -18.73
CA ASP A 99 -50.62 27.31 -18.69
C ASP A 99 -49.91 25.98 -18.44
N ASN A 100 -49.85 25.13 -19.49
CA ASN A 100 -49.28 23.79 -19.49
C ASN A 100 -48.31 23.55 -20.65
N PRO A 101 -47.25 24.34 -20.78
CA PRO A 101 -46.26 24.29 -21.84
C PRO A 101 -45.34 23.10 -21.70
N VAL A 102 -44.64 22.76 -22.77
CA VAL A 102 -43.63 21.72 -22.66
C VAL A 102 -42.36 22.34 -22.11
N LEU A 103 -41.85 21.73 -21.06
CA LEU A 103 -40.68 22.22 -20.37
C LEU A 103 -39.54 21.21 -20.53
N PRO A 104 -38.28 21.64 -20.52
CA PRO A 104 -37.11 20.79 -20.48
C PRO A 104 -37.11 19.96 -19.22
N PHE A 105 -36.53 18.78 -19.28
CA PHE A 105 -36.37 17.95 -18.10
C PHE A 105 -34.95 18.09 -17.58
N ASN A 106 -34.03 18.37 -18.49
CA ASN A 106 -32.61 18.50 -18.20
C ASN A 106 -32.08 17.29 -17.45
N ASP A 107 -31.51 17.51 -16.26
CA ASP A 107 -30.92 16.43 -15.49
C ASP A 107 -31.79 16.04 -14.32
N GLY A 108 -33.03 16.50 -14.32
CA GLY A 108 -33.95 16.24 -13.23
C GLY A 108 -34.73 17.49 -12.92
N VAL A 109 -35.94 17.31 -12.44
CA VAL A 109 -36.84 18.42 -12.20
C VAL A 109 -37.41 18.50 -10.80
N TYR A 110 -37.40 19.72 -10.28
CA TYR A 110 -38.08 19.99 -9.03
C TYR A 110 -39.44 20.55 -9.37
N PHE A 111 -40.48 19.97 -8.80
CA PHE A 111 -41.81 20.46 -9.09
C PHE A 111 -42.54 20.77 -7.81
N ALA A 112 -43.28 21.85 -7.79
CA ALA A 112 -44.09 22.12 -6.62
C ALA A 112 -45.37 22.78 -7.05
N SER A 113 -46.42 22.54 -6.31
CA SER A 113 -47.67 23.20 -6.63
C SER A 113 -48.46 23.59 -5.41
N THR A 114 -49.27 24.62 -5.56
CA THR A 114 -50.13 25.07 -4.50
C THR A 114 -51.57 24.95 -4.99
N GLU A 115 -52.40 24.26 -4.21
CA GLU A 115 -53.75 23.97 -4.63
C GLU A 115 -54.86 24.46 -3.73
N LYS A 116 -55.98 24.74 -4.38
CA LYS A 116 -57.25 25.03 -3.75
C LYS A 116 -58.34 24.13 -4.31
N SER A 117 -58.10 23.52 -5.49
CA SER A 117 -59.13 22.73 -6.17
C SER A 117 -58.61 21.49 -6.92
N ASN A 118 -57.39 21.06 -6.62
CA ASN A 118 -56.81 19.87 -7.28
C ASN A 118 -56.81 19.93 -8.81
N ILE A 119 -56.35 21.05 -9.36
CA ILE A 119 -56.27 21.23 -10.81
C ILE A 119 -55.11 20.45 -11.43
N ILE A 120 -53.98 20.43 -10.75
CA ILE A 120 -52.82 19.75 -11.30
C ILE A 120 -52.90 18.28 -10.99
N ARG A 121 -52.97 17.48 -12.04
CA ARG A 121 -53.19 16.06 -11.83
C ARG A 121 -52.13 15.14 -12.42
N GLY A 122 -51.28 15.65 -13.29
CA GLY A 122 -50.34 14.69 -13.87
C GLY A 122 -49.20 15.28 -14.69
N TRP A 123 -48.42 14.37 -15.27
CA TRP A 123 -47.24 14.69 -16.05
C TRP A 123 -47.04 13.77 -17.24
N ILE A 124 -46.36 14.29 -18.25
CA ILE A 124 -45.92 13.55 -19.41
C ILE A 124 -44.41 13.65 -19.52
N PHE A 125 -43.69 12.54 -19.65
CA PHE A 125 -42.24 12.63 -19.80
C PHE A 125 -41.78 11.85 -21.04
N GLY A 126 -40.80 12.40 -21.77
CA GLY A 126 -40.29 11.69 -22.94
C GLY A 126 -39.39 12.57 -23.81
N THR A 127 -39.30 12.22 -25.11
CA THR A 127 -38.49 12.93 -26.11
C THR A 127 -39.39 13.84 -26.95
N SER A 135 -42.81 6.72 -23.92
CA SER A 135 -43.29 7.91 -23.23
C SER A 135 -43.99 7.53 -21.92
N LEU A 136 -43.68 8.27 -20.84
CA LEU A 136 -44.21 8.05 -19.49
C LEU A 136 -45.37 8.99 -19.17
N LEU A 137 -46.50 8.42 -18.81
CA LEU A 137 -47.69 9.18 -18.49
C LEU A 137 -48.19 8.89 -17.08
N ILE A 138 -48.23 9.92 -16.25
CA ILE A 138 -48.71 9.77 -14.88
C ILE A 138 -49.91 10.64 -14.63
N VAL A 139 -51.05 10.03 -14.32
CA VAL A 139 -52.28 10.79 -14.10
C VAL A 139 -53.02 10.44 -12.82
N ASN A 140 -53.34 11.45 -12.03
CA ASN A 140 -54.17 11.23 -10.85
C ASN A 140 -55.59 11.72 -11.13
N ASN A 141 -56.50 10.80 -11.55
CA ASN A 141 -57.86 11.16 -11.92
C ASN A 141 -58.83 10.87 -10.76
N ALA A 142 -59.29 11.93 -10.08
CA ALA A 142 -60.12 11.87 -8.88
C ALA A 142 -59.39 11.16 -7.74
N THR A 143 -59.78 9.92 -7.46
CA THR A 143 -59.20 9.16 -6.36
C THR A 143 -58.20 8.08 -6.75
N ASN A 144 -57.90 7.92 -8.04
CA ASN A 144 -57.04 6.82 -8.44
C ASN A 144 -55.91 7.19 -9.40
N VAL A 145 -54.70 6.89 -8.95
CA VAL A 145 -53.49 7.15 -9.72
C VAL A 145 -53.19 6.08 -10.75
N VAL A 146 -52.99 6.51 -11.99
CA VAL A 146 -52.68 5.63 -13.11
C VAL A 146 -51.33 5.97 -13.72
N ILE A 147 -50.48 4.96 -13.84
CA ILE A 147 -49.17 5.14 -14.45
C ILE A 147 -49.00 4.23 -15.66
N LYS A 148 -48.62 4.81 -16.78
CA LYS A 148 -48.39 4.04 -17.99
C LYS A 148 -47.12 4.47 -18.72
N VAL A 149 -46.52 3.54 -19.43
CA VAL A 149 -45.46 3.90 -20.39
C VAL A 149 -45.83 3.51 -21.82
N CYS A 150 -47.13 3.63 -22.12
CA CYS A 150 -47.77 3.24 -23.38
C CYS A 150 -47.60 4.33 -24.44
N GLU A 151 -47.69 3.91 -25.70
CA GLU A 151 -47.66 4.86 -26.80
C GLU A 151 -49.01 5.55 -26.92
N PHE A 152 -49.30 6.38 -25.93
CA PHE A 152 -50.55 7.09 -25.78
C PHE A 152 -50.67 8.16 -26.84
N GLN A 153 -51.87 8.33 -27.39
CA GLN A 153 -52.04 9.39 -28.37
C GLN A 153 -52.33 10.71 -27.67
N PHE A 154 -51.38 11.61 -27.76
CA PHE A 154 -51.49 12.90 -27.11
C PHE A 154 -52.07 13.95 -28.03
N CYS A 155 -52.73 14.91 -27.43
CA CYS A 155 -53.27 16.06 -28.11
C CYS A 155 -52.15 17.05 -28.39
N ASN A 156 -52.40 18.01 -29.29
CA ASN A 156 -51.44 19.08 -29.53
C ASN A 156 -51.30 19.90 -28.26
N ASP A 157 -52.36 19.89 -27.47
CA ASP A 157 -52.44 20.56 -26.19
C ASP A 157 -53.20 19.65 -25.22
N PRO A 158 -52.50 18.73 -24.53
CA PRO A 158 -53.04 17.76 -23.60
C PRO A 158 -53.67 18.40 -22.39
N PHE A 159 -54.80 17.88 -21.97
CA PHE A 159 -55.44 18.33 -20.74
C PHE A 159 -56.45 17.30 -20.28
N LEU A 160 -56.90 17.47 -19.05
CA LEU A 160 -57.92 16.63 -18.47
C LEU A 160 -59.16 17.47 -18.27
N GLY A 161 -60.33 16.84 -18.26
CA GLY A 161 -61.55 17.62 -18.00
C GLY A 161 -61.98 17.51 -16.53
N VAL A 162 -62.76 18.49 -16.07
CA VAL A 162 -63.38 18.50 -14.74
C VAL A 162 -64.79 17.91 -14.85
N ASN A 184 -48.10 -1.21 -27.11
CA ASN A 184 -46.69 -1.28 -26.74
C ASN A 184 -46.46 -0.72 -25.34
N CYS A 185 -47.21 -1.26 -24.37
CA CYS A 185 -47.12 -0.90 -22.96
C CYS A 185 -46.11 -1.84 -22.30
N THR A 186 -45.09 -1.26 -21.70
CA THR A 186 -44.05 -2.05 -21.05
C THR A 186 -44.17 -1.94 -19.54
N PHE A 187 -45.16 -1.18 -19.10
CA PHE A 187 -45.47 -0.98 -17.69
C PHE A 187 -46.83 -0.35 -17.55
N GLU A 188 -47.60 -0.86 -16.60
CA GLU A 188 -48.87 -0.26 -16.24
C GLU A 188 -49.17 -0.49 -14.77
N TYR A 189 -49.62 0.56 -14.10
CA TYR A 189 -50.02 0.46 -12.71
C TYR A 189 -51.25 1.29 -12.42
N VAL A 190 -52.17 0.74 -11.64
CA VAL A 190 -53.32 1.50 -11.19
C VAL A 190 -53.50 1.32 -9.68
N SER A 191 -53.66 2.45 -8.95
CA SER A 191 -53.90 2.45 -7.50
C SER A 191 -55.34 2.01 -7.23
N PHE A 205 -53.92 29.50 -1.09
CA PHE A 205 -53.97 28.08 -1.35
C PHE A 205 -53.85 27.35 -0.01
N LYS A 206 -54.36 26.09 0.03
CA LYS A 206 -54.41 25.27 1.23
C LYS A 206 -53.46 24.08 1.20
N ASN A 207 -53.13 23.60 0.01
CA ASN A 207 -52.33 22.37 -0.09
C ASN A 207 -51.04 22.54 -0.89
N LEU A 208 -49.90 22.32 -0.24
CA LEU A 208 -48.62 22.36 -0.94
C LEU A 208 -48.11 20.97 -1.20
N ARG A 209 -47.95 20.65 -2.48
CA ARG A 209 -47.50 19.34 -2.89
C ARG A 209 -46.18 19.46 -3.64
N GLU A 210 -45.11 19.01 -3.01
CA GLU A 210 -43.78 19.12 -3.61
C GLU A 210 -43.33 17.76 -4.13
N PHE A 211 -42.66 17.76 -5.26
CA PHE A 211 -42.18 16.54 -5.91
C PHE A 211 -40.76 16.66 -6.44
N VAL A 212 -40.07 15.54 -6.52
CA VAL A 212 -38.77 15.50 -7.18
C VAL A 212 -38.77 14.40 -8.23
N PHE A 213 -38.38 14.74 -9.45
CA PHE A 213 -38.33 13.76 -10.51
C PHE A 213 -36.93 13.64 -11.11
N LYS A 214 -36.29 12.48 -10.97
CA LYS A 214 -34.96 12.33 -11.56
C LYS A 214 -34.82 10.97 -12.25
N ASN A 215 -34.07 10.93 -13.35
CA ASN A 215 -33.92 9.71 -14.14
C ASN A 215 -32.48 9.21 -14.19
N ILE A 216 -32.20 8.16 -13.42
CA ILE A 216 -30.85 7.64 -13.30
C ILE A 216 -30.73 6.20 -13.77
N ASP A 217 -29.93 5.96 -14.80
CA ASP A 217 -29.72 4.63 -15.36
C ASP A 217 -31.02 3.91 -15.69
N GLY A 218 -31.98 4.66 -16.22
CA GLY A 218 -33.26 4.09 -16.62
C GLY A 218 -34.33 4.15 -15.53
N TYR A 219 -33.93 4.50 -14.31
CA TYR A 219 -34.89 4.54 -13.21
C TYR A 219 -35.43 5.92 -12.95
N PHE A 220 -36.75 6.02 -13.00
CA PHE A 220 -37.42 7.28 -12.74
C PHE A 220 -37.84 7.35 -11.29
N LYS A 221 -37.08 8.12 -10.53
CA LYS A 221 -37.22 8.18 -9.09
C LYS A 221 -38.08 9.36 -8.65
N ILE A 222 -39.11 9.07 -7.87
CA ILE A 222 -40.06 10.07 -7.44
C ILE A 222 -40.11 10.25 -5.93
N TYR A 223 -39.92 11.49 -5.49
CA TYR A 223 -40.00 11.87 -4.08
C TYR A 223 -41.11 12.87 -3.92
N SER A 224 -41.72 12.95 -2.74
CA SER A 224 -42.73 13.96 -2.54
C SER A 224 -43.02 14.29 -1.08
N LYS A 225 -43.72 15.41 -0.88
CA LYS A 225 -44.17 15.86 0.42
C LYS A 225 -45.47 16.64 0.33
N HIS A 226 -46.41 16.31 1.19
CA HIS A 226 -47.67 17.05 1.26
C HIS A 226 -47.81 17.74 2.61
N THR A 227 -47.91 19.06 2.58
CA THR A 227 -48.05 19.85 3.79
C THR A 227 -49.13 20.91 3.59
N PRO A 228 -49.91 21.23 4.63
CA PRO A 228 -50.90 22.30 4.62
C PRO A 228 -50.23 23.66 4.58
N ILE A 229 -50.84 24.58 3.86
CA ILE A 229 -50.38 25.96 3.74
C ILE A 229 -51.53 26.97 3.89
N ASN A 230 -51.17 28.23 4.10
CA ASN A 230 -52.14 29.33 4.14
C ASN A 230 -51.58 30.54 3.39
N LEU A 231 -51.52 30.46 2.07
CA LEU A 231 -50.90 31.51 1.26
C LEU A 231 -51.30 31.42 -0.20
N VAL A 232 -51.77 32.54 -0.77
CA VAL A 232 -52.18 32.56 -2.17
C VAL A 232 -51.12 33.13 -3.10
N ARG A 233 -50.44 34.16 -2.63
CA ARG A 233 -49.55 34.95 -3.47
C ARG A 233 -48.35 34.23 -4.07
N ASP A 234 -47.68 33.36 -3.31
CA ASP A 234 -46.46 32.74 -3.81
C ASP A 234 -46.08 31.50 -3.01
N LEU A 235 -44.98 30.85 -3.37
CA LEU A 235 -44.48 29.73 -2.57
C LEU A 235 -44.17 30.20 -1.15
N PRO A 236 -44.65 29.49 -0.11
CA PRO A 236 -44.31 29.74 1.28
C PRO A 236 -42.83 29.52 1.52
N GLN A 237 -42.25 30.33 2.39
CA GLN A 237 -40.86 30.15 2.79
C GLN A 237 -40.79 29.23 3.99
N GLY A 238 -39.81 28.33 4.00
CA GLY A 238 -39.65 27.39 5.10
C GLY A 238 -38.85 26.18 4.63
N PHE A 239 -38.68 25.20 5.51
CA PHE A 239 -37.87 24.03 5.15
C PHE A 239 -38.52 22.71 5.54
N SER A 240 -38.50 21.76 4.62
CA SER A 240 -38.97 20.40 4.86
C SER A 240 -38.33 19.48 3.81
N ALA A 241 -38.00 18.24 4.19
CA ALA A 241 -37.44 17.31 3.22
C ALA A 241 -38.51 16.39 2.66
N LEU A 242 -38.33 16.00 1.40
CA LEU A 242 -39.25 15.10 0.69
C LEU A 242 -38.81 13.63 0.77
N GLU A 243 -39.79 12.73 0.77
CA GLU A 243 -39.51 11.30 0.91
C GLU A 243 -39.72 10.57 -0.40
N PRO A 244 -38.95 9.52 -0.72
CA PRO A 244 -39.10 8.68 -1.89
C PRO A 244 -40.37 7.85 -1.79
N LEU A 245 -41.04 7.65 -2.92
CA LEU A 245 -42.21 6.81 -2.94
C LEU A 245 -42.17 5.77 -4.06
N VAL A 246 -41.77 6.21 -5.24
CA VAL A 246 -41.86 5.37 -6.43
C VAL A 246 -40.55 5.35 -7.20
N ASP A 247 -40.21 4.21 -7.77
CA ASP A 247 -39.00 4.10 -8.59
C ASP A 247 -39.28 3.16 -9.75
N LEU A 248 -39.48 3.73 -10.94
CA LEU A 248 -39.92 2.95 -12.10
C LEU A 248 -38.78 2.58 -13.06
N PRO A 249 -38.61 1.30 -13.40
CA PRO A 249 -37.63 0.74 -14.32
C PRO A 249 -38.08 0.92 -15.76
N ILE A 250 -38.15 2.17 -16.21
CA ILE A 250 -38.73 2.47 -17.51
C ILE A 250 -37.73 2.44 -18.68
N GLY A 251 -36.51 2.93 -18.49
CA GLY A 251 -35.52 2.91 -19.57
C GLY A 251 -35.75 4.00 -20.62
N ILE A 252 -36.67 4.92 -20.33
CA ILE A 252 -37.05 5.98 -21.26
C ILE A 252 -36.08 7.16 -21.22
N ASN A 253 -35.64 7.59 -22.41
CA ASN A 253 -34.73 8.74 -22.55
C ASN A 253 -35.53 10.03 -22.46
N ILE A 254 -35.84 10.44 -21.21
CA ILE A 254 -36.63 11.64 -20.93
C ILE A 254 -35.78 12.89 -21.05
N THR A 255 -36.19 13.81 -21.93
CA THR A 255 -35.44 15.03 -22.16
C THR A 255 -36.34 16.24 -21.91
N ARG A 256 -37.65 16.01 -22.02
CA ARG A 256 -38.68 17.04 -21.86
C ARG A 256 -39.88 16.48 -21.10
N PHE A 257 -40.67 17.36 -20.51
CA PHE A 257 -41.88 16.92 -19.86
C PHE A 257 -42.96 17.98 -19.95
N GLN A 258 -44.19 17.58 -19.68
CA GLN A 258 -45.30 18.51 -19.70
C GLN A 258 -46.25 18.23 -18.55
N THR A 259 -46.85 19.25 -17.98
CA THR A 259 -47.79 19.02 -16.89
C THR A 259 -49.20 18.85 -17.41
N LEU A 260 -50.06 18.28 -16.59
CA LEU A 260 -51.47 18.11 -16.94
C LEU A 260 -52.40 18.82 -15.95
N LEU A 261 -53.21 19.72 -16.50
CA LEU A 261 -54.18 20.50 -15.73
C LEU A 261 -55.60 20.07 -16.07
N ALA A 262 -56.49 20.10 -15.09
CA ALA A 262 -57.91 19.84 -15.32
C ALA A 262 -58.64 21.13 -15.65
N LEU A 263 -59.37 21.13 -16.76
CA LEU A 263 -60.09 22.32 -17.21
C LEU A 263 -61.60 22.17 -17.09
N HIS A 264 -62.30 23.27 -16.79
CA HIS A 264 -63.75 23.31 -16.65
C HIS A 264 -64.42 23.53 -18.01
N ALA A 282 -54.72 27.92 -9.52
CA ALA A 282 -53.83 26.81 -9.21
C ALA A 282 -52.46 27.03 -9.86
N ALA A 283 -51.55 27.66 -9.10
CA ALA A 283 -50.19 27.95 -9.53
C ALA A 283 -49.26 26.78 -9.31
N TYR A 284 -48.19 26.72 -10.09
CA TYR A 284 -47.17 25.72 -9.88
C TYR A 284 -45.81 26.26 -10.26
N TYR A 285 -44.78 25.59 -9.77
CA TYR A 285 -43.43 26.07 -9.95
C TYR A 285 -42.51 24.99 -10.46
N VAL A 286 -41.65 25.34 -11.42
CA VAL A 286 -40.70 24.38 -11.95
C VAL A 286 -39.26 24.83 -11.87
N GLY A 287 -38.44 24.02 -11.22
CA GLY A 287 -37.03 24.30 -11.08
C GLY A 287 -36.23 23.12 -11.59
N TYR A 288 -34.92 23.22 -11.53
CA TYR A 288 -34.09 22.13 -11.98
C TYR A 288 -33.07 21.73 -10.94
N LEU A 289 -32.80 20.44 -10.88
CA LEU A 289 -31.90 19.89 -9.90
C LEU A 289 -30.46 19.97 -10.39
N GLN A 290 -29.54 20.13 -9.45
CA GLN A 290 -28.12 20.16 -9.76
C GLN A 290 -27.37 19.27 -8.76
N PRO A 291 -26.21 18.71 -9.13
CA PRO A 291 -25.38 17.86 -8.31
C PRO A 291 -24.62 18.65 -7.26
N ARG A 292 -25.38 19.27 -6.38
CA ARG A 292 -24.86 20.07 -5.29
C ARG A 292 -24.58 19.21 -4.09
N THR A 293 -23.63 19.65 -3.28
CA THR A 293 -23.37 18.98 -2.03
C THR A 293 -24.11 19.72 -0.95
N PHE A 294 -24.83 18.98 -0.14
CA PHE A 294 -25.54 19.54 0.99
C PHE A 294 -25.09 18.96 2.30
N LEU A 295 -25.07 19.82 3.30
CA LEU A 295 -24.88 19.35 4.66
C LEU A 295 -26.27 19.29 5.27
N LEU A 296 -26.72 18.09 5.61
CA LEU A 296 -28.07 17.90 6.10
C LEU A 296 -28.10 17.72 7.60
N LYS A 297 -28.94 18.49 8.27
CA LYS A 297 -29.06 18.40 9.72
C LYS A 297 -30.23 17.55 10.14
N TYR A 298 -29.92 16.40 10.75
CA TYR A 298 -30.91 15.47 11.24
C TYR A 298 -31.12 15.69 12.73
N ASN A 299 -32.36 15.88 13.14
CA ASN A 299 -32.65 16.09 14.54
C ASN A 299 -32.73 14.77 15.28
N GLU A 300 -33.15 14.81 16.53
CA GLU A 300 -33.20 13.63 17.39
C GLU A 300 -34.18 12.53 16.92
N ASN A 301 -35.17 12.88 16.05
CA ASN A 301 -36.16 11.94 15.53
C ASN A 301 -35.84 11.52 14.09
N GLY A 302 -34.65 11.91 13.57
CA GLY A 302 -34.19 11.59 12.23
C GLY A 302 -34.85 12.43 11.15
N THR A 303 -35.37 13.58 11.53
CA THR A 303 -36.01 14.46 10.58
C THR A 303 -35.00 15.49 10.12
N ILE A 304 -34.94 15.72 8.82
CA ILE A 304 -34.03 16.74 8.35
C ILE A 304 -34.71 18.06 8.66
N THR A 305 -34.07 18.88 9.47
CA THR A 305 -34.69 20.14 9.88
C THR A 305 -34.00 21.33 9.26
N ASP A 306 -32.77 21.14 8.81
CA ASP A 306 -32.08 22.24 8.15
C ASP A 306 -31.12 21.70 7.10
N ALA A 307 -30.48 22.60 6.37
CA ALA A 307 -29.50 22.18 5.37
C ALA A 307 -28.63 23.33 4.91
N VAL A 308 -27.40 23.01 4.49
CA VAL A 308 -26.52 24.01 3.88
C VAL A 308 -26.21 23.66 2.44
N ASP A 309 -26.49 24.60 1.54
CA ASP A 309 -26.13 24.43 0.14
C ASP A 309 -24.68 24.88 0.00
N CYS A 310 -23.76 23.93 -0.17
CA CYS A 310 -22.32 24.16 -0.08
C CYS A 310 -21.80 25.02 -1.23
N ALA A 311 -22.62 25.29 -2.24
CA ALA A 311 -22.15 26.12 -3.34
C ALA A 311 -22.98 27.39 -3.47
N LEU A 312 -23.74 27.74 -2.44
CA LEU A 312 -24.57 28.94 -2.47
C LEU A 312 -23.77 30.23 -2.34
N ASP A 313 -22.89 30.28 -1.33
CA ASP A 313 -22.09 31.47 -1.08
C ASP A 313 -20.87 31.03 -0.24
N PRO A 314 -19.88 31.90 0.02
CA PRO A 314 -18.69 31.61 0.77
C PRO A 314 -18.94 31.27 2.24
N LEU A 315 -20.08 31.64 2.79
CA LEU A 315 -20.30 31.32 4.19
C LEU A 315 -20.78 29.90 4.28
N SER A 316 -21.58 29.51 3.31
CA SER A 316 -22.08 28.16 3.24
C SER A 316 -20.90 27.24 3.00
N GLU A 317 -19.94 27.67 2.20
CA GLU A 317 -18.76 26.86 1.95
C GLU A 317 -18.02 26.62 3.26
N THR A 318 -17.90 27.65 4.09
CA THR A 318 -17.25 27.50 5.37
C THR A 318 -18.02 26.54 6.27
N LYS A 319 -19.35 26.69 6.31
CA LYS A 319 -20.17 25.81 7.13
C LYS A 319 -20.02 24.33 6.74
N CYS A 320 -19.98 24.03 5.43
CA CYS A 320 -19.78 22.67 4.94
C CYS A 320 -18.37 22.17 5.26
N THR A 321 -17.39 23.03 5.09
CA THR A 321 -15.99 22.66 5.36
C THR A 321 -15.80 22.25 6.82
N LEU A 322 -16.42 23.00 7.71
CA LEU A 322 -16.29 22.76 9.14
C LEU A 322 -17.33 21.78 9.66
N LYS A 323 -18.20 21.29 8.78
CA LYS A 323 -19.27 20.39 9.16
C LYS A 323 -20.08 20.93 10.32
N SER A 324 -20.48 22.18 10.22
CA SER A 324 -21.27 22.80 11.28
C SER A 324 -22.16 23.89 10.74
N PHE A 325 -23.27 24.15 11.43
CA PHE A 325 -24.17 25.22 11.02
C PHE A 325 -23.84 26.52 11.72
N THR A 326 -22.81 26.48 12.56
CA THR A 326 -22.33 27.66 13.25
C THR A 326 -20.85 27.84 12.95
N VAL A 327 -20.46 29.05 12.60
CA VAL A 327 -19.06 29.30 12.30
C VAL A 327 -18.48 30.30 13.29
N GLU A 328 -17.41 29.87 13.93
CA GLU A 328 -16.72 30.69 14.92
C GLU A 328 -15.95 31.79 14.21
N LYS A 329 -15.70 32.87 14.92
CA LYS A 329 -14.96 33.99 14.39
C LYS A 329 -13.56 33.58 13.95
N GLY A 330 -13.18 33.99 12.75
CA GLY A 330 -11.84 33.68 12.27
C GLY A 330 -11.75 33.58 10.76
N ILE A 331 -10.62 33.08 10.28
CA ILE A 331 -10.37 32.92 8.86
C ILE A 331 -10.24 31.44 8.56
N TYR A 332 -10.98 30.96 7.57
CA TYR A 332 -10.95 29.55 7.26
C TYR A 332 -10.66 29.29 5.80
N GLN A 333 -9.76 28.34 5.53
CA GLN A 333 -9.50 27.99 4.15
C GLN A 333 -10.52 26.95 3.75
N THR A 334 -11.29 27.23 2.70
CA THR A 334 -12.37 26.32 2.34
C THR A 334 -12.23 25.72 0.96
N SER A 335 -11.50 26.37 0.08
CA SER A 335 -11.45 25.86 -1.28
C SER A 335 -10.22 26.34 -2.01
N ASN A 336 -10.21 26.09 -3.32
CA ASN A 336 -9.11 26.45 -4.19
C ASN A 336 -9.62 27.04 -5.49
N PHE A 337 -9.15 28.23 -5.78
CA PHE A 337 -9.49 28.96 -6.97
C PHE A 337 -8.67 28.45 -8.10
N ARG A 338 -9.32 28.17 -9.22
CA ARG A 338 -8.61 27.75 -10.41
C ARG A 338 -9.21 28.39 -11.63
N VAL A 339 -8.37 28.99 -12.43
CA VAL A 339 -8.80 29.54 -13.69
C VAL A 339 -9.06 28.40 -14.64
N GLN A 340 -10.21 28.42 -15.28
CA GLN A 340 -10.58 27.34 -16.17
C GLN A 340 -10.14 27.64 -17.59
N PRO A 341 -9.86 26.61 -18.39
CA PRO A 341 -9.55 26.71 -19.78
C PRO A 341 -10.78 27.18 -20.51
N THR A 342 -10.59 27.96 -21.55
CA THR A 342 -11.73 28.47 -22.30
C THR A 342 -11.92 27.79 -23.66
N GLU A 343 -10.87 27.17 -24.15
CA GLU A 343 -10.89 26.48 -25.43
C GLU A 343 -9.82 25.42 -25.41
N SER A 344 -9.91 24.46 -26.32
CA SER A 344 -8.87 23.45 -26.45
C SER A 344 -7.98 23.75 -27.64
N ILE A 345 -6.69 23.48 -27.47
CA ILE A 345 -5.70 23.67 -28.52
C ILE A 345 -5.04 22.36 -28.88
N VAL A 346 -5.39 21.84 -30.04
CA VAL A 346 -4.87 20.56 -30.48
C VAL A 346 -3.94 20.75 -31.65
N ARG A 347 -2.68 20.33 -31.49
CA ARG A 347 -1.69 20.55 -32.52
C ARG A 347 -0.91 19.27 -32.84
N PHE A 348 -0.90 18.93 -34.12
CA PHE A 348 -0.14 17.82 -34.68
C PHE A 348 0.57 18.34 -35.92
N PRO A 349 1.67 17.74 -36.36
CA PRO A 349 2.35 18.11 -37.57
C PRO A 349 1.36 17.90 -38.72
N ASN A 350 1.32 18.81 -39.71
CA ASN A 350 0.35 18.69 -40.79
C ASN A 350 0.85 17.70 -41.87
N ILE A 351 0.62 16.42 -41.58
CA ILE A 351 0.99 15.28 -42.41
C ILE A 351 -0.22 14.81 -43.19
N THR A 352 -0.08 14.67 -44.50
CA THR A 352 -1.20 14.24 -45.34
C THR A 352 -0.99 12.82 -45.87
N ASN A 353 0.17 12.25 -45.57
CA ASN A 353 0.50 10.91 -46.00
C ASN A 353 -0.28 9.92 -45.17
N LEU A 354 -0.72 8.82 -45.76
CA LEU A 354 -1.40 7.80 -44.98
C LEU A 354 -0.45 6.64 -44.72
N CYS A 355 -0.51 6.05 -43.52
CA CYS A 355 0.35 4.94 -43.13
C CYS A 355 -0.03 3.65 -43.86
N PRO A 356 0.93 2.99 -44.50
CA PRO A 356 0.76 1.81 -45.34
C PRO A 356 0.54 0.54 -44.52
N PHE A 357 -0.54 0.51 -43.76
CA PHE A 357 -0.86 -0.68 -43.00
C PHE A 357 -1.40 -1.75 -43.92
N GLY A 358 -2.04 -1.34 -45.01
CA GLY A 358 -2.58 -2.30 -45.96
C GLY A 358 -1.45 -3.14 -46.54
N GLU A 359 -0.27 -2.55 -46.67
CA GLU A 359 0.89 -3.23 -47.23
C GLU A 359 1.53 -4.19 -46.23
N VAL A 360 1.02 -4.20 -45.01
CA VAL A 360 1.50 -5.08 -43.97
C VAL A 360 0.50 -6.19 -43.76
N PHE A 361 -0.75 -5.82 -43.57
CA PHE A 361 -1.83 -6.76 -43.27
C PHE A 361 -2.35 -7.52 -44.50
N ASN A 362 -2.41 -6.85 -45.67
CA ASN A 362 -2.88 -7.44 -46.92
C ASN A 362 -1.71 -7.73 -47.88
N ALA A 363 -0.50 -7.94 -47.32
CA ALA A 363 0.71 -8.27 -48.05
C ALA A 363 0.57 -9.59 -48.79
N THR A 364 1.17 -9.69 -49.96
CA THR A 364 1.07 -10.91 -50.73
C THR A 364 1.59 -12.10 -49.92
N ARG A 365 2.75 -11.91 -49.28
CA ARG A 365 3.35 -12.95 -48.47
C ARG A 365 3.93 -12.42 -47.16
N PHE A 366 3.81 -13.24 -46.12
CA PHE A 366 4.47 -12.98 -44.86
C PHE A 366 5.74 -13.81 -44.78
N ALA A 367 6.72 -13.29 -44.07
CA ALA A 367 7.99 -13.97 -43.87
C ALA A 367 7.86 -15.11 -42.89
N SER A 368 8.84 -16.00 -42.93
CA SER A 368 8.95 -17.07 -41.97
C SER A 368 9.24 -16.50 -40.60
N VAL A 369 8.82 -17.20 -39.55
CA VAL A 369 9.04 -16.71 -38.21
C VAL A 369 10.52 -16.61 -37.86
N TYR A 370 11.35 -17.46 -38.42
CA TYR A 370 12.79 -17.39 -38.13
C TYR A 370 13.45 -16.16 -38.73
N ALA A 371 12.82 -15.58 -39.75
CA ALA A 371 13.38 -14.44 -40.46
C ALA A 371 12.27 -13.45 -40.72
N TRP A 372 11.70 -12.95 -39.63
CA TRP A 372 10.54 -12.08 -39.68
C TRP A 372 10.89 -10.73 -40.26
N ASN A 373 9.95 -10.09 -40.94
CA ASN A 373 10.22 -8.78 -41.52
C ASN A 373 9.98 -7.69 -40.51
N ARG A 374 10.72 -6.60 -40.63
CA ARG A 374 10.52 -5.44 -39.76
C ARG A 374 10.34 -4.18 -40.59
N LYS A 375 9.10 -3.76 -40.76
CA LYS A 375 8.81 -2.60 -41.59
C LYS A 375 8.67 -1.33 -40.77
N ARG A 376 9.35 -0.28 -41.19
CA ARG A 376 9.26 0.99 -40.50
C ARG A 376 8.11 1.84 -41.00
N ILE A 377 7.29 2.31 -40.08
CA ILE A 377 6.20 3.21 -40.38
C ILE A 377 6.53 4.59 -39.83
N SER A 378 6.54 5.59 -40.72
CA SER A 378 6.90 6.95 -40.32
C SER A 378 6.31 8.01 -41.24
N ASN A 379 6.29 9.24 -40.74
CA ASN A 379 5.86 10.43 -41.49
C ASN A 379 4.52 10.23 -42.19
N CYS A 380 3.52 9.78 -41.42
CA CYS A 380 2.20 9.42 -41.95
C CYS A 380 1.09 9.52 -40.89
N VAL A 381 -0.14 9.41 -41.37
CA VAL A 381 -1.32 9.41 -40.53
C VAL A 381 -1.80 8.00 -40.32
N ALA A 382 -1.85 7.59 -39.06
CA ALA A 382 -2.17 6.23 -38.71
C ALA A 382 -3.58 6.10 -38.17
N ASP A 383 -4.46 5.57 -38.99
CA ASP A 383 -5.83 5.36 -38.57
C ASP A 383 -5.98 3.96 -38.03
N TYR A 384 -6.08 3.83 -36.71
CA TYR A 384 -6.07 2.52 -36.09
C TYR A 384 -7.47 2.01 -35.87
N SER A 385 -8.47 2.79 -36.26
CA SER A 385 -9.83 2.36 -36.06
C SER A 385 -10.15 1.29 -37.07
N VAL A 386 -9.44 1.33 -38.19
CA VAL A 386 -9.64 0.35 -39.24
C VAL A 386 -9.21 -1.01 -38.76
N LEU A 387 -8.00 -1.07 -38.19
CA LEU A 387 -7.47 -2.33 -37.73
C LEU A 387 -8.24 -2.85 -36.54
N TYR A 388 -8.64 -1.96 -35.65
CA TYR A 388 -9.36 -2.38 -34.46
C TYR A 388 -10.77 -2.85 -34.77
N ASN A 389 -11.47 -2.10 -35.61
CA ASN A 389 -12.85 -2.44 -35.94
C ASN A 389 -12.93 -3.66 -36.84
N SER A 390 -11.90 -3.88 -37.65
CA SER A 390 -11.92 -5.03 -38.53
C SER A 390 -12.16 -6.32 -37.77
N ALA A 391 -13.18 -7.06 -38.22
CA ALA A 391 -13.59 -8.30 -37.58
C ALA A 391 -12.83 -9.51 -38.12
N SER A 392 -11.93 -9.27 -39.07
CA SER A 392 -11.18 -10.37 -39.68
C SER A 392 -10.10 -10.92 -38.77
N PHE A 393 -9.78 -10.20 -37.70
CA PHE A 393 -8.70 -10.62 -36.83
C PHE A 393 -9.18 -11.60 -35.77
N SER A 394 -8.36 -12.62 -35.50
CA SER A 394 -8.70 -13.61 -34.49
C SER A 394 -8.36 -13.05 -33.12
N THR A 395 -7.34 -12.21 -33.09
CA THR A 395 -6.94 -11.57 -31.86
C THR A 395 -6.36 -10.19 -32.12
N PHE A 396 -6.54 -9.31 -31.14
CA PHE A 396 -6.01 -7.96 -31.17
C PHE A 396 -5.70 -7.60 -29.73
N LYS A 397 -4.57 -8.07 -29.24
CA LYS A 397 -4.23 -7.90 -27.85
C LYS A 397 -3.18 -6.82 -27.64
N CYS A 398 -3.50 -5.78 -26.88
CA CYS A 398 -2.58 -4.69 -26.60
C CYS A 398 -2.00 -4.84 -25.20
N TYR A 399 -0.69 -4.71 -25.14
CA TYR A 399 0.06 -4.78 -23.90
C TYR A 399 0.49 -3.39 -23.48
N GLY A 400 0.59 -2.50 -24.46
CA GLY A 400 1.02 -1.13 -24.22
C GLY A 400 -0.13 -0.23 -23.81
N VAL A 401 -0.96 0.14 -24.77
CA VAL A 401 -2.04 1.08 -24.53
C VAL A 401 -3.36 0.50 -25.00
N SER A 402 -4.46 1.09 -24.56
CA SER A 402 -5.76 0.63 -25.01
C SER A 402 -5.91 0.94 -26.49
N PRO A 403 -6.41 0.01 -27.30
CA PRO A 403 -6.48 0.08 -28.76
C PRO A 403 -7.34 1.22 -29.29
N THR A 404 -8.21 1.76 -28.45
CA THR A 404 -9.08 2.84 -28.91
C THR A 404 -8.47 4.20 -28.68
N LYS A 405 -7.36 4.24 -27.94
CA LYS A 405 -6.66 5.49 -27.62
C LYS A 405 -5.59 5.78 -28.66
N LEU A 406 -5.35 4.82 -29.53
CA LEU A 406 -4.27 4.89 -30.51
C LEU A 406 -4.48 5.98 -31.54
N ASN A 407 -5.68 6.52 -31.61
CA ASN A 407 -5.96 7.59 -32.55
C ASN A 407 -5.69 8.97 -31.98
N ASP A 408 -5.69 9.09 -30.65
CA ASP A 408 -5.45 10.39 -30.00
C ASP A 408 -3.98 10.54 -29.68
N LEU A 409 -3.36 9.42 -29.38
CA LEU A 409 -1.99 9.27 -28.98
C LEU A 409 -1.14 9.16 -30.24
N CYS A 410 0.13 9.62 -30.24
CA CYS A 410 0.98 9.36 -31.39
C CYS A 410 2.44 9.13 -31.02
N PHE A 411 3.20 8.65 -32.01
CA PHE A 411 4.47 8.02 -31.76
C PHE A 411 5.65 8.57 -32.54
N THR A 412 6.85 8.34 -31.98
CA THR A 412 8.09 8.72 -32.62
C THR A 412 8.32 7.80 -33.80
N ASN A 413 7.90 6.56 -33.64
CA ASN A 413 7.95 5.58 -34.73
C ASN A 413 7.07 4.38 -34.42
N VAL A 414 6.69 3.66 -35.46
CA VAL A 414 6.00 2.38 -35.28
C VAL A 414 6.64 1.32 -36.16
N TYR A 415 6.93 0.16 -35.59
CA TYR A 415 7.48 -0.91 -36.40
C TYR A 415 6.53 -2.08 -36.47
N ALA A 416 6.37 -2.61 -37.68
CA ALA A 416 5.50 -3.74 -37.89
C ALA A 416 6.29 -5.00 -38.17
N ASP A 417 6.26 -5.92 -37.21
CA ASP A 417 6.96 -7.18 -37.34
C ASP A 417 6.01 -8.20 -37.94
N SER A 418 6.31 -8.64 -39.16
CA SER A 418 5.38 -9.46 -39.94
C SER A 418 5.89 -10.85 -40.28
N PHE A 419 5.18 -11.87 -39.79
CA PHE A 419 5.59 -13.26 -40.01
C PHE A 419 4.47 -14.30 -39.81
N VAL A 420 4.72 -15.52 -40.31
CA VAL A 420 3.78 -16.63 -40.16
C VAL A 420 4.17 -17.61 -39.05
N ILE A 421 3.18 -17.94 -38.23
CA ILE A 421 3.31 -18.90 -37.14
C ILE A 421 2.22 -19.94 -37.18
N ARG A 422 2.35 -20.97 -36.36
CA ARG A 422 1.29 -21.95 -36.19
C ARG A 422 0.27 -21.41 -35.18
N GLY A 423 -1.00 -21.72 -35.34
CA GLY A 423 -2.04 -21.20 -34.46
C GLY A 423 -1.79 -21.38 -32.97
N ASP A 424 -1.26 -22.52 -32.56
CA ASP A 424 -0.98 -22.74 -31.14
C ASP A 424 0.17 -21.90 -30.61
N GLU A 425 0.90 -21.25 -31.50
CA GLU A 425 2.05 -20.45 -31.14
C GLU A 425 1.67 -18.98 -30.92
N VAL A 426 0.39 -18.66 -31.12
CA VAL A 426 -0.08 -17.28 -30.93
C VAL A 426 0.18 -16.85 -29.50
N ARG A 427 -0.01 -17.77 -28.57
CA ARG A 427 0.16 -17.51 -27.15
C ARG A 427 1.59 -17.15 -26.76
N GLN A 428 2.55 -17.47 -27.62
CA GLN A 428 3.94 -17.19 -27.29
C GLN A 428 4.34 -15.76 -27.63
N ILE A 429 3.53 -15.08 -28.43
CA ILE A 429 3.94 -13.74 -28.80
C ILE A 429 3.38 -12.74 -27.82
N ALA A 430 4.09 -12.60 -26.73
CA ALA A 430 3.71 -11.72 -25.65
C ALA A 430 4.90 -11.53 -24.72
N PRO A 431 4.98 -10.41 -24.01
CA PRO A 431 5.96 -10.15 -23.00
C PRO A 431 5.79 -11.17 -21.89
N GLY A 432 6.89 -11.68 -21.37
CA GLY A 432 6.84 -12.64 -20.27
C GLY A 432 6.68 -14.09 -20.72
N GLN A 433 6.53 -14.34 -22.02
CA GLN A 433 6.33 -15.72 -22.48
C GLN A 433 7.61 -16.37 -22.96
N THR A 434 7.60 -17.70 -22.90
CA THR A 434 8.69 -18.56 -23.35
C THR A 434 8.15 -19.60 -24.32
N GLY A 435 9.03 -20.34 -24.99
CA GLY A 435 8.57 -21.35 -25.93
C GLY A 435 9.48 -21.40 -27.14
N LYS A 436 9.21 -22.30 -28.07
CA LYS A 436 10.13 -22.45 -29.18
C LYS A 436 10.26 -21.18 -30.00
N ILE A 437 9.17 -20.44 -30.16
CA ILE A 437 9.23 -19.22 -30.93
C ILE A 437 9.72 -18.11 -30.06
N ALA A 438 9.14 -17.99 -28.87
CA ALA A 438 9.54 -16.90 -27.99
C ALA A 438 11.03 -16.94 -27.70
N ASP A 439 11.61 -18.13 -27.61
CA ASP A 439 13.02 -18.25 -27.30
C ASP A 439 13.95 -18.29 -28.52
N TYR A 440 13.57 -18.94 -29.63
CA TYR A 440 14.52 -19.05 -30.74
C TYR A 440 14.19 -18.25 -32.00
N ASN A 441 12.97 -17.72 -32.14
CA ASN A 441 12.65 -17.01 -33.37
C ASN A 441 12.21 -15.57 -33.20
N TYR A 442 11.38 -15.32 -32.21
CA TYR A 442 10.81 -13.99 -32.07
C TYR A 442 10.59 -13.63 -30.62
N LYS A 443 11.54 -12.90 -30.07
CA LYS A 443 11.51 -12.53 -28.67
C LYS A 443 11.04 -11.09 -28.50
N LEU A 444 10.07 -10.89 -27.62
CA LEU A 444 9.63 -9.55 -27.27
C LEU A 444 10.25 -9.15 -25.95
N PRO A 445 10.47 -7.86 -25.71
CA PRO A 445 10.82 -7.29 -24.44
C PRO A 445 9.71 -7.60 -23.46
N ASP A 446 10.04 -7.78 -22.20
CA ASP A 446 9.01 -8.08 -21.22
C ASP A 446 8.26 -6.81 -20.83
N ASP A 447 8.81 -5.68 -21.27
CA ASP A 447 8.22 -4.36 -21.09
C ASP A 447 7.68 -3.85 -22.42
N PHE A 448 7.41 -4.77 -23.34
CA PHE A 448 6.91 -4.43 -24.67
C PHE A 448 5.71 -3.52 -24.66
N THR A 449 5.78 -2.48 -25.48
CA THR A 449 4.69 -1.54 -25.64
C THR A 449 4.14 -1.66 -27.04
N GLY A 450 2.87 -2.02 -27.12
CA GLY A 450 2.24 -2.18 -28.42
C GLY A 450 1.14 -3.23 -28.43
N CYS A 451 0.81 -3.70 -29.65
CA CYS A 451 -0.32 -4.61 -29.89
C CYS A 451 0.06 -5.77 -30.82
N VAL A 452 -0.43 -6.95 -30.48
CA VAL A 452 -0.22 -8.14 -31.28
C VAL A 452 -1.51 -8.54 -32.00
N ILE A 453 -1.48 -8.49 -33.31
CA ILE A 453 -2.66 -8.74 -34.12
C ILE A 453 -2.46 -9.99 -34.97
N ALA A 454 -3.40 -10.92 -34.93
CA ALA A 454 -3.21 -12.13 -35.72
C ALA A 454 -4.53 -12.69 -36.25
N TRP A 455 -4.44 -13.40 -37.37
CA TRP A 455 -5.59 -14.02 -37.99
C TRP A 455 -5.24 -15.30 -38.71
N ASN A 456 -6.24 -16.15 -38.90
CA ASN A 456 -6.05 -17.41 -39.60
C ASN A 456 -5.80 -17.20 -41.08
N SER A 457 -4.87 -17.97 -41.63
CA SER A 457 -4.56 -17.94 -43.06
C SER A 457 -4.75 -19.33 -43.67
N ASN A 458 -5.61 -20.11 -43.03
CA ASN A 458 -5.92 -21.47 -43.49
C ASN A 458 -6.52 -21.47 -44.88
N ASN A 459 -7.20 -20.39 -45.24
CA ASN A 459 -7.82 -20.26 -46.54
C ASN A 459 -6.99 -19.40 -47.48
N LEU A 460 -5.73 -19.15 -47.12
CA LEU A 460 -4.85 -18.32 -47.91
C LEU A 460 -3.49 -18.97 -48.18
N ASP A 461 -2.78 -19.32 -47.11
CA ASP A 461 -1.43 -19.88 -47.25
C ASP A 461 -1.43 -21.40 -47.30
N SER A 462 -2.37 -22.05 -46.62
CA SER A 462 -2.35 -23.51 -46.57
C SER A 462 -2.50 -24.13 -47.96
N LYS A 463 -1.83 -25.29 -48.21
CA LYS A 463 -1.89 -26.01 -49.50
C LYS A 463 -2.04 -27.50 -49.26
N GLY A 466 0.76 -29.76 -48.93
CA GLY A 466 1.14 -29.00 -47.77
C GLY A 466 2.08 -27.85 -48.12
N ASN A 467 1.88 -26.69 -47.46
CA ASN A 467 2.72 -25.50 -47.64
C ASN A 467 3.85 -25.53 -46.61
N TYR A 468 5.06 -25.79 -47.09
CA TYR A 468 6.23 -25.95 -46.24
C TYR A 468 7.21 -24.81 -46.45
N ASN A 469 6.71 -23.65 -46.85
CA ASN A 469 7.55 -22.51 -47.16
C ASN A 469 7.82 -21.65 -45.94
N TYR A 470 7.36 -22.09 -44.78
CA TYR A 470 7.55 -21.34 -43.57
C TYR A 470 8.43 -22.09 -42.60
N LEU A 471 9.54 -21.49 -42.24
CA LEU A 471 10.50 -22.14 -41.35
C LEU A 471 10.55 -21.51 -39.97
N TYR A 472 10.82 -22.33 -38.98
CA TYR A 472 11.04 -21.88 -37.62
C TYR A 472 12.30 -22.54 -37.10
N ARG A 473 12.86 -21.99 -36.05
CA ARG A 473 14.10 -22.53 -35.53
C ARG A 473 13.80 -23.62 -34.53
N LEU A 474 14.31 -24.80 -34.81
CA LEU A 474 14.06 -25.95 -33.97
C LEU A 474 15.20 -26.13 -32.99
N PHE A 475 16.42 -25.82 -33.46
CA PHE A 475 17.60 -25.95 -32.60
C PHE A 475 18.40 -24.65 -32.56
N ARG A 476 18.89 -24.32 -31.39
CA ARG A 476 19.77 -23.17 -31.17
C ARG A 476 20.52 -23.41 -29.86
N LYS A 477 21.61 -22.70 -29.63
CA LYS A 477 22.40 -22.91 -28.42
C LYS A 477 21.96 -22.05 -27.23
N SER A 478 21.25 -20.97 -27.50
CA SER A 478 20.81 -20.04 -26.46
C SER A 478 19.57 -19.31 -26.92
N ASN A 479 18.97 -18.53 -26.02
CA ASN A 479 17.77 -17.79 -26.37
C ASN A 479 18.12 -16.49 -27.07
N LEU A 480 17.15 -15.93 -27.78
CA LEU A 480 17.32 -14.66 -28.48
C LEU A 480 17.16 -13.44 -27.59
N LYS A 481 17.80 -12.35 -28.01
CA LYS A 481 17.56 -11.07 -27.39
C LYS A 481 16.31 -10.49 -28.05
N PRO A 482 15.61 -9.55 -27.41
CA PRO A 482 14.44 -8.91 -27.95
C PRO A 482 14.73 -8.32 -29.33
N PHE A 483 13.82 -8.59 -30.25
CA PHE A 483 13.87 -8.15 -31.63
C PHE A 483 15.09 -8.60 -32.41
N GLU A 484 15.73 -9.69 -31.98
CA GLU A 484 16.84 -10.26 -32.71
C GLU A 484 16.35 -11.06 -33.93
N ARG A 485 17.11 -10.95 -35.02
CA ARG A 485 16.82 -11.72 -36.24
C ARG A 485 17.99 -12.65 -36.55
N ASP A 486 17.89 -13.93 -36.14
CA ASP A 486 18.97 -14.91 -36.28
C ASP A 486 18.91 -15.57 -37.67
N CYS A 499 29.98 -33.20 -36.13
CA CYS A 499 29.00 -32.22 -36.59
C CYS A 499 29.70 -31.16 -37.42
N ASN A 500 30.93 -31.45 -37.80
CA ASN A 500 31.74 -30.50 -38.55
C ASN A 500 31.40 -30.51 -40.03
N GLY A 501 30.21 -29.99 -40.34
CA GLY A 501 29.72 -29.90 -41.71
C GLY A 501 28.86 -31.10 -42.09
N VAL A 502 28.90 -32.13 -41.26
CA VAL A 502 28.18 -33.37 -41.52
C VAL A 502 26.98 -33.51 -40.59
N GLU A 503 25.78 -33.41 -41.16
CA GLU A 503 24.58 -33.55 -40.36
C GLU A 503 24.36 -35.04 -40.10
N GLY A 504 23.61 -35.35 -39.05
CA GLY A 504 23.39 -36.74 -38.64
C GLY A 504 22.87 -36.81 -37.20
N PHE A 505 23.14 -37.92 -36.52
CA PHE A 505 22.62 -38.10 -35.18
C PHE A 505 23.31 -37.13 -34.22
N ASN A 506 22.50 -36.38 -33.50
CA ASN A 506 22.95 -35.29 -32.62
C ASN A 506 23.66 -34.13 -33.36
N CYS A 507 23.51 -34.06 -34.70
CA CYS A 507 24.05 -33.02 -35.57
C CYS A 507 22.90 -32.55 -36.45
N TYR A 508 22.05 -31.70 -35.89
CA TYR A 508 20.79 -31.40 -36.55
C TYR A 508 20.81 -30.10 -37.31
N PHE A 509 20.05 -30.07 -38.40
CA PHE A 509 19.85 -28.85 -39.17
C PHE A 509 18.90 -27.96 -38.38
N PRO A 510 19.27 -26.71 -38.07
CA PRO A 510 18.56 -25.82 -37.18
C PRO A 510 17.13 -25.42 -37.57
N LEU A 511 16.79 -25.43 -38.86
CA LEU A 511 15.45 -25.01 -39.25
C LEU A 511 14.50 -26.15 -39.58
N GLN A 512 13.23 -25.92 -39.27
CA GLN A 512 12.17 -26.89 -39.53
C GLN A 512 10.94 -26.22 -40.11
N SER A 513 10.40 -26.79 -41.19
CA SER A 513 9.22 -26.25 -41.82
C SER A 513 7.92 -26.66 -41.14
N TYR A 514 6.87 -25.86 -41.40
CA TYR A 514 5.53 -26.17 -40.92
C TYR A 514 4.69 -26.79 -42.02
N GLY A 515 4.18 -27.99 -41.80
CA GLY A 515 3.33 -28.61 -42.81
C GLY A 515 1.92 -28.06 -42.76
N PHE A 516 1.72 -26.88 -43.33
CA PHE A 516 0.42 -26.24 -43.26
C PHE A 516 -0.53 -26.71 -44.36
N GLN A 517 -1.64 -27.31 -43.93
CA GLN A 517 -2.63 -27.89 -44.82
C GLN A 517 -4.01 -27.35 -44.44
N PRO A 518 -4.94 -27.23 -45.40
CA PRO A 518 -6.29 -26.75 -45.22
C PRO A 518 -7.11 -27.66 -44.33
N THR A 519 -6.61 -28.89 -44.15
CA THR A 519 -7.26 -29.88 -43.31
C THR A 519 -6.81 -29.87 -41.85
N ASN A 520 -5.84 -29.01 -41.48
CA ASN A 520 -5.31 -28.90 -40.12
C ASN A 520 -6.34 -28.17 -39.24
N VAL A 522 -7.48 -26.46 -35.46
CA VAL A 522 -7.25 -25.03 -35.61
C VAL A 522 -5.81 -24.66 -35.18
N GLY A 523 -5.29 -25.33 -34.14
CA GLY A 523 -3.97 -25.09 -33.57
C GLY A 523 -2.84 -25.37 -34.55
N TYR A 524 -3.14 -26.15 -35.58
CA TYR A 524 -2.17 -26.48 -36.60
C TYR A 524 -2.39 -25.72 -37.89
N GLN A 525 -3.32 -24.77 -37.88
CA GLN A 525 -3.54 -23.93 -39.05
C GLN A 525 -2.48 -22.84 -38.99
N PRO A 526 -2.07 -22.28 -40.13
CA PRO A 526 -1.20 -21.13 -40.19
C PRO A 526 -1.93 -19.89 -39.76
N TYR A 527 -1.21 -19.02 -39.09
CA TYR A 527 -1.69 -17.70 -38.73
C TYR A 527 -0.71 -16.62 -39.14
N ARG A 528 -1.27 -15.53 -39.63
CA ARG A 528 -0.47 -14.38 -39.97
C ARG A 528 -0.49 -13.41 -38.82
N VAL A 529 0.68 -13.09 -38.31
CA VAL A 529 0.76 -12.19 -37.17
C VAL A 529 1.58 -10.96 -37.46
N VAL A 530 1.04 -9.84 -37.04
CA VAL A 530 1.70 -8.55 -37.14
C VAL A 530 1.82 -7.96 -35.76
N VAL A 531 3.03 -7.65 -35.36
CA VAL A 531 3.23 -7.04 -34.07
C VAL A 531 3.59 -5.58 -34.25
N LEU A 532 2.80 -4.70 -33.67
CA LEU A 532 3.07 -3.29 -33.80
C LEU A 532 3.76 -2.78 -32.55
N SER A 533 5.04 -2.46 -32.72
CA SER A 533 5.90 -1.97 -31.67
C SER A 533 5.91 -0.46 -31.71
N PHE A 534 5.49 0.16 -30.61
CA PHE A 534 5.36 1.60 -30.61
C PHE A 534 6.40 2.29 -29.75
N GLU A 535 7.14 3.22 -30.32
CA GLU A 535 8.06 4.00 -29.53
C GLU A 535 7.39 5.32 -29.24
N LEU A 536 7.05 5.49 -27.97
CA LEU A 536 6.22 6.60 -27.50
C LEU A 536 6.99 7.56 -26.59
N LEU A 537 8.30 7.56 -26.72
CA LEU A 537 9.14 8.44 -25.92
C LEU A 537 8.89 9.89 -26.32
N HIS A 538 8.88 10.79 -25.34
CA HIS A 538 8.63 12.19 -25.64
C HIS A 538 9.75 12.80 -26.47
N ALA A 539 9.56 12.68 -27.77
CA ALA A 539 10.46 13.09 -28.82
C ALA A 539 9.58 13.40 -30.03
N PRO A 540 10.08 14.00 -31.11
CA PRO A 540 9.27 14.37 -32.25
C PRO A 540 8.47 13.19 -32.74
N ALA A 541 7.18 13.40 -32.98
CA ALA A 541 6.30 12.35 -33.45
C ALA A 541 6.27 12.35 -34.95
N THR A 542 6.20 11.16 -35.55
CA THR A 542 6.11 11.08 -36.99
C THR A 542 4.90 10.28 -37.44
N VAL A 543 4.35 9.46 -36.55
CA VAL A 543 3.17 8.65 -36.87
C VAL A 543 2.02 9.06 -35.96
N CYS A 544 1.08 9.89 -36.46
CA CYS A 544 -0.01 10.43 -35.64
C CYS A 544 -1.37 10.08 -36.21
N GLY A 545 -2.36 10.03 -35.32
CA GLY A 545 -3.69 9.63 -35.73
C GLY A 545 -4.39 10.68 -36.56
N PRO A 546 -5.60 10.37 -37.02
CA PRO A 546 -6.43 11.15 -37.91
C PRO A 546 -7.12 12.26 -37.16
N LYS A 547 -6.33 13.17 -36.61
CA LYS A 547 -6.87 14.25 -35.82
C LYS A 547 -6.64 15.59 -36.46
N LYS A 548 -7.70 16.37 -36.54
CA LYS A 548 -7.62 17.68 -37.14
C LYS A 548 -7.09 18.70 -36.16
N SER A 549 -6.01 19.36 -36.53
CA SER A 549 -5.41 20.36 -35.68
C SER A 549 -6.16 21.67 -35.80
N THR A 550 -6.05 22.48 -34.77
CA THR A 550 -6.64 23.80 -34.73
C THR A 550 -5.57 24.85 -34.54
N ASN A 551 -5.99 26.11 -34.42
CA ASN A 551 -5.05 27.20 -34.27
C ASN A 551 -4.56 27.27 -32.83
N LEU A 552 -3.41 27.88 -32.64
CA LEU A 552 -2.87 28.01 -31.30
C LEU A 552 -3.13 29.40 -30.76
N VAL A 553 -3.64 29.45 -29.54
CA VAL A 553 -3.97 30.73 -28.91
C VAL A 553 -3.07 30.99 -27.73
N LYS A 554 -2.36 32.11 -27.76
CA LYS A 554 -1.39 32.43 -26.74
C LYS A 554 -1.92 33.36 -25.66
N ASN A 555 -1.26 33.32 -24.51
CA ASN A 555 -1.50 34.17 -23.34
C ASN A 555 -2.90 34.03 -22.77
N LYS A 556 -3.48 32.84 -22.89
CA LYS A 556 -4.78 32.55 -22.32
C LYS A 556 -4.76 31.12 -21.78
N CYS A 557 -5.58 30.82 -20.77
CA CYS A 557 -5.69 29.46 -20.23
C CYS A 557 -6.41 28.55 -21.21
N VAL A 558 -5.70 27.52 -21.66
CA VAL A 558 -6.25 26.58 -22.63
C VAL A 558 -6.00 25.13 -22.23
N ASN A 559 -6.81 24.25 -22.80
CA ASN A 559 -6.64 22.82 -22.64
C ASN A 559 -5.87 22.33 -23.86
N PHE A 560 -4.60 22.01 -23.70
CA PHE A 560 -3.78 21.74 -24.89
C PHE A 560 -3.47 20.26 -25.09
N ASN A 561 -3.16 19.95 -26.35
CA ASN A 561 -2.72 18.63 -26.78
C ASN A 561 -1.63 18.74 -27.84
N PHE A 562 -0.39 18.46 -27.47
CA PHE A 562 0.72 18.53 -28.41
C PHE A 562 1.25 17.14 -28.71
N ASN A 563 0.96 16.63 -29.89
CA ASN A 563 1.37 15.28 -30.26
C ASN A 563 0.95 14.22 -29.25
N GLY A 564 -0.24 14.35 -28.67
CA GLY A 564 -0.72 13.37 -27.71
C GLY A 564 -0.43 13.75 -26.27
N LEU A 565 0.38 14.77 -26.05
CA LEU A 565 0.72 15.25 -24.71
C LEU A 565 -0.27 16.29 -24.26
N THR A 566 -1.00 16.00 -23.20
CA THR A 566 -2.05 16.93 -22.79
C THR A 566 -1.81 17.54 -21.44
N GLY A 567 -2.51 18.64 -21.20
CA GLY A 567 -2.48 19.35 -19.94
C GLY A 567 -3.20 20.68 -20.08
N THR A 568 -3.28 21.42 -18.98
CA THR A 568 -3.94 22.72 -18.99
C THR A 568 -2.96 23.78 -18.55
N GLY A 569 -2.92 24.87 -19.29
CA GLY A 569 -1.99 25.94 -18.95
C GLY A 569 -1.99 27.05 -19.98
N VAL A 570 -1.23 28.08 -19.70
CA VAL A 570 -1.10 29.23 -20.57
C VAL A 570 0.14 29.08 -21.44
N LEU A 571 -0.04 29.21 -22.75
CA LEU A 571 1.05 29.07 -23.69
C LEU A 571 1.62 30.43 -24.02
N THR A 572 2.92 30.64 -23.79
CA THR A 572 3.51 31.95 -24.06
C THR A 572 4.79 31.82 -24.87
N GLU A 573 5.22 32.93 -25.45
CA GLU A 573 6.48 32.96 -26.18
C GLU A 573 7.64 32.73 -25.23
N SER A 574 8.68 32.06 -25.69
CA SER A 574 9.83 31.78 -24.84
C SER A 574 11.14 31.97 -25.57
N ASN A 575 12.22 31.99 -24.81
CA ASN A 575 13.56 32.09 -25.35
C ASN A 575 14.38 30.86 -25.02
N LYS A 576 13.72 29.72 -24.87
CA LYS A 576 14.42 28.49 -24.51
C LYS A 576 14.99 27.83 -25.75
N LYS A 577 16.29 27.59 -25.69
CA LYS A 577 17.03 27.09 -26.83
C LYS A 577 16.93 25.59 -26.98
N PHE A 578 15.79 25.11 -27.46
CA PHE A 578 15.65 23.67 -27.67
C PHE A 578 16.57 23.25 -28.80
N LEU A 579 17.19 22.09 -28.64
CA LEU A 579 18.04 21.55 -29.68
C LEU A 579 17.15 20.98 -30.78
N PRO A 580 17.65 20.82 -32.00
CA PRO A 580 16.92 20.31 -33.16
C PRO A 580 16.20 18.99 -32.93
N PHE A 581 16.66 18.20 -31.97
CA PHE A 581 16.06 16.90 -31.70
C PHE A 581 15.20 16.89 -30.45
N GLN A 582 15.05 18.05 -29.80
CA GLN A 582 14.29 18.16 -28.57
C GLN A 582 12.91 18.75 -28.82
N GLN A 583 11.91 17.93 -28.55
CA GLN A 583 10.51 18.31 -28.79
C GLN A 583 9.84 18.86 -27.54
N PHE A 584 10.28 18.38 -26.38
CA PHE A 584 9.66 18.74 -25.12
C PHE A 584 10.75 19.12 -24.12
N GLY A 585 10.41 20.01 -23.19
CA GLY A 585 11.29 20.29 -22.06
C GLY A 585 10.58 19.88 -20.79
N ARG A 586 11.32 19.68 -19.70
CA ARG A 586 10.69 19.27 -18.45
C ARG A 586 11.15 20.03 -17.21
N ASP A 587 10.25 20.06 -16.24
CA ASP A 587 10.45 20.68 -14.93
C ASP A 587 11.05 19.66 -13.95
N ILE A 588 11.28 20.08 -12.72
CA ILE A 588 11.84 19.22 -11.68
C ILE A 588 10.91 18.04 -11.39
N ALA A 589 9.62 18.30 -11.45
CA ALA A 589 8.58 17.32 -11.19
C ALA A 589 8.38 16.37 -12.39
N ASP A 590 9.16 16.58 -13.44
CA ASP A 590 9.08 15.81 -14.68
C ASP A 590 7.82 16.16 -15.46
N THR A 591 7.19 17.28 -15.10
CA THR A 591 6.05 17.76 -15.85
C THR A 591 6.56 18.59 -17.01
N THR A 592 5.70 18.84 -17.98
CA THR A 592 6.16 19.59 -19.14
C THR A 592 6.41 21.04 -18.78
N ASP A 593 7.57 21.53 -19.16
CA ASP A 593 7.97 22.91 -18.90
C ASP A 593 7.68 23.81 -20.09
N ALA A 594 7.98 23.29 -21.28
CA ALA A 594 7.81 24.01 -22.53
C ALA A 594 7.71 23.00 -23.66
N VAL A 595 7.12 23.41 -24.78
CA VAL A 595 7.06 22.54 -25.94
C VAL A 595 7.45 23.23 -27.22
N ARG A 596 7.85 22.45 -28.21
CA ARG A 596 8.06 22.97 -29.54
C ARG A 596 6.80 22.75 -30.36
N ASP A 597 6.19 23.81 -30.84
CA ASP A 597 4.95 23.60 -31.58
C ASP A 597 5.24 22.72 -32.79
N PRO A 598 4.49 21.63 -32.99
CA PRO A 598 4.68 20.63 -34.02
C PRO A 598 4.50 21.12 -35.45
N GLN A 599 3.85 22.25 -35.66
CA GLN A 599 3.65 22.71 -37.02
C GLN A 599 4.63 23.83 -37.33
N THR A 600 4.79 24.74 -36.39
CA THR A 600 5.72 25.85 -36.49
C THR A 600 6.77 25.66 -35.42
N LEU A 601 8.02 25.57 -35.80
CA LEU A 601 9.02 25.18 -34.80
C LEU A 601 9.50 26.33 -33.92
N GLU A 602 8.59 26.81 -33.10
CA GLU A 602 8.86 27.84 -32.11
C GLU A 602 8.65 27.24 -30.74
N ILE A 603 9.30 27.80 -29.74
CA ILE A 603 9.18 27.24 -28.41
C ILE A 603 8.24 28.04 -27.53
N LEU A 604 7.29 27.35 -26.92
CA LEU A 604 6.33 27.99 -26.06
C LEU A 604 6.43 27.49 -24.64
N ASP A 605 6.53 28.43 -23.70
CA ASP A 605 6.56 28.09 -22.29
C ASP A 605 5.18 27.71 -21.84
N ILE A 606 5.06 26.78 -20.92
CA ILE A 606 3.75 26.49 -20.39
C ILE A 606 3.67 26.88 -18.93
N THR A 607 2.82 27.85 -18.64
CA THR A 607 2.62 28.29 -17.28
C THR A 607 1.24 27.87 -16.83
N PRO A 608 1.11 26.90 -15.92
CA PRO A 608 -0.15 26.37 -15.46
C PRO A 608 -1.02 27.54 -15.04
N CYS A 609 -2.33 27.42 -15.30
CA CYS A 609 -3.31 28.49 -15.10
C CYS A 609 -3.37 28.92 -13.64
N SER A 610 -3.51 30.22 -13.43
CA SER A 610 -3.49 30.77 -12.08
C SER A 610 -4.45 30.05 -11.16
N PHE A 611 -3.97 29.79 -9.96
CA PHE A 611 -4.73 29.11 -8.95
C PHE A 611 -4.28 29.59 -7.59
N GLY A 612 -5.05 29.28 -6.57
CA GLY A 612 -4.64 29.63 -5.22
C GLY A 612 -5.68 29.25 -4.19
N GLY A 613 -5.32 29.28 -2.93
CA GLY A 613 -6.26 28.91 -1.88
C GLY A 613 -7.32 29.98 -1.70
N VAL A 614 -8.49 29.57 -1.26
CA VAL A 614 -9.54 30.53 -0.98
C VAL A 614 -9.94 30.46 0.47
N SER A 615 -9.81 31.58 1.16
CA SER A 615 -10.15 31.65 2.56
C SER A 615 -11.28 32.62 2.82
N VAL A 616 -12.14 32.26 3.74
CA VAL A 616 -13.27 33.08 4.08
C VAL A 616 -13.06 33.72 5.44
N ILE A 617 -13.15 35.03 5.45
CA ILE A 617 -12.94 35.82 6.64
C ILE A 617 -14.27 36.20 7.22
N THR A 618 -14.54 35.76 8.43
CA THR A 618 -15.85 35.99 8.95
C THR A 618 -15.88 36.27 10.45
N PRO A 619 -16.74 37.19 10.90
CA PRO A 619 -17.09 37.42 12.27
C PRO A 619 -17.91 36.22 12.65
N GLY A 620 -18.07 35.92 13.92
CA GLY A 620 -18.85 34.72 14.19
C GLY A 620 -20.28 34.88 13.69
N THR A 621 -20.90 33.77 13.29
CA THR A 621 -22.28 33.79 12.80
C THR A 621 -23.31 34.15 13.88
N ASN A 622 -22.87 34.21 15.14
CA ASN A 622 -23.64 34.69 16.28
C ASN A 622 -23.86 36.22 16.19
N THR A 623 -23.00 36.93 15.43
CA THR A 623 -23.01 38.38 15.23
C THR A 623 -23.46 38.76 13.82
N SER A 624 -22.87 38.11 12.81
CA SER A 624 -23.17 38.48 11.42
C SER A 624 -22.93 37.38 10.41
N ASN A 625 -23.72 37.38 9.36
CA ASN A 625 -23.57 36.44 8.27
C ASN A 625 -22.85 37.06 7.07
N GLN A 626 -22.27 38.24 7.26
CA GLN A 626 -21.50 38.87 6.20
C GLN A 626 -20.10 38.31 6.18
N VAL A 627 -19.58 38.02 5.00
CA VAL A 627 -18.22 37.52 4.90
C VAL A 627 -17.40 38.26 3.86
N ALA A 628 -16.08 38.16 4.00
CA ALA A 628 -15.15 38.65 2.99
C ALA A 628 -14.32 37.48 2.50
N VAL A 629 -13.93 37.50 1.24
CA VAL A 629 -13.17 36.37 0.73
C VAL A 629 -11.80 36.74 0.22
N LEU A 630 -10.82 36.00 0.68
CA LEU A 630 -9.45 36.18 0.29
C LEU A 630 -9.00 35.14 -0.72
N TYR A 631 -8.55 35.62 -1.85
CA TYR A 631 -7.98 34.73 -2.85
C TYR A 631 -6.48 34.80 -2.68
N GLN A 632 -5.91 33.72 -2.20
CA GLN A 632 -4.53 33.74 -1.77
C GLN A 632 -3.55 33.64 -2.91
N ASP A 633 -2.53 34.50 -2.85
CA ASP A 633 -1.45 34.52 -3.83
C ASP A 633 -1.93 34.73 -5.27
N VAL A 634 -2.91 35.59 -5.47
CA VAL A 634 -3.37 35.94 -6.81
C VAL A 634 -3.47 37.45 -6.94
N ASN A 635 -3.54 37.93 -8.19
CA ASN A 635 -3.79 39.32 -8.53
C ASN A 635 -5.30 39.55 -8.64
N CYS A 636 -5.75 40.79 -8.42
CA CYS A 636 -7.16 41.17 -8.55
C CYS A 636 -7.51 41.40 -10.00
N THR A 637 -7.35 40.36 -10.79
CA THR A 637 -7.58 40.34 -12.22
C THR A 637 -8.45 39.15 -12.62
N GLU A 638 -7.86 37.96 -12.61
CA GLU A 638 -8.61 36.76 -13.00
C GLU A 638 -9.84 36.46 -12.16
N VAL A 639 -9.83 36.83 -10.86
CA VAL A 639 -10.93 36.59 -9.93
C VAL A 639 -12.13 37.45 -10.34
N ASN A 660 -15.23 47.22 -4.17
CA ASN A 660 -14.85 46.92 -2.80
C ASN A 660 -13.78 45.80 -2.79
N VAL A 661 -12.68 46.05 -3.52
CA VAL A 661 -11.56 45.11 -3.70
C VAL A 661 -10.25 45.72 -3.24
N PHE A 662 -9.55 45.01 -2.37
CA PHE A 662 -8.29 45.45 -1.81
C PHE A 662 -7.16 44.49 -2.12
N GLN A 663 -6.17 44.94 -2.87
CA GLN A 663 -5.05 44.07 -3.21
C GLN A 663 -4.01 44.12 -2.10
N THR A 664 -3.70 42.97 -1.53
CA THR A 664 -2.70 42.88 -0.48
C THR A 664 -1.62 41.90 -0.89
N ARG A 665 -0.51 41.87 -0.17
CA ARG A 665 0.57 40.95 -0.51
C ARG A 665 0.14 39.50 -0.36
N ALA A 666 -0.79 39.24 0.55
CA ALA A 666 -1.27 37.89 0.79
C ALA A 666 -2.22 37.39 -0.29
N GLY A 667 -2.71 38.27 -1.14
CA GLY A 667 -3.73 37.87 -2.11
C GLY A 667 -4.72 38.99 -2.37
N CYS A 668 -5.80 38.67 -3.08
CA CYS A 668 -6.84 39.63 -3.45
C CYS A 668 -8.00 39.50 -2.47
N LEU A 669 -8.26 40.56 -1.72
CA LEU A 669 -9.30 40.53 -0.70
C LEU A 669 -10.55 41.24 -1.17
N ILE A 670 -11.64 40.50 -1.26
CA ILE A 670 -12.88 41.05 -1.79
C ILE A 670 -13.99 41.08 -0.75
N GLY A 671 -14.60 42.25 -0.58
CA GLY A 671 -15.71 42.40 0.36
C GLY A 671 -15.35 43.17 1.62
N ALA A 672 -14.06 43.27 1.91
CA ALA A 672 -13.62 44.03 3.06
C ALA A 672 -13.25 45.43 2.62
N GLU A 673 -13.68 46.43 3.38
CA GLU A 673 -13.33 47.81 3.04
C GLU A 673 -11.92 48.11 3.49
N HIS A 674 -11.17 48.85 2.69
CA HIS A 674 -9.84 49.22 3.10
C HIS A 674 -9.89 50.48 3.95
N VAL A 675 -9.41 50.36 5.17
CA VAL A 675 -9.43 51.45 6.14
C VAL A 675 -8.02 51.95 6.44
N ASN A 676 -7.82 53.28 6.38
CA ASN A 676 -6.52 53.92 6.65
C ASN A 676 -6.12 53.84 8.13
N ASN A 677 -7.10 53.83 9.05
CA ASN A 677 -6.86 53.76 10.49
C ASN A 677 -6.42 52.37 10.91
N SER A 678 -5.35 52.30 11.69
CA SER A 678 -4.89 51.01 12.18
C SER A 678 -5.60 50.66 13.47
N TYR A 679 -5.63 49.38 13.79
CA TYR A 679 -6.24 48.92 15.03
C TYR A 679 -5.52 47.70 15.52
N GLU A 680 -5.91 47.20 16.68
CA GLU A 680 -5.34 45.96 17.17
C GLU A 680 -5.80 44.85 16.23
N CYS A 681 -4.93 43.87 15.95
CA CYS A 681 -5.28 42.78 15.03
C CYS A 681 -6.38 41.90 15.63
N ASP A 682 -7.34 41.57 14.78
CA ASP A 682 -8.47 40.76 15.18
C ASP A 682 -8.45 39.44 14.40
N ILE A 683 -8.88 39.45 13.15
CA ILE A 683 -8.73 38.26 12.33
C ILE A 683 -7.60 38.48 11.34
N PRO A 684 -6.45 37.84 11.52
CA PRO A 684 -5.26 38.09 10.73
C PRO A 684 -5.42 37.60 9.33
N ILE A 685 -4.90 38.34 8.37
CA ILE A 685 -4.86 37.92 6.99
C ILE A 685 -3.45 37.55 6.58
N GLY A 686 -2.51 38.43 6.87
CA GLY A 686 -1.13 38.19 6.52
C GLY A 686 -0.48 39.45 5.96
N ALA A 687 0.85 39.49 6.01
CA ALA A 687 1.62 40.59 5.48
C ALA A 687 1.23 41.92 6.09
N GLY A 688 0.95 41.94 7.39
CA GLY A 688 0.63 43.16 8.10
C GLY A 688 -0.83 43.53 8.06
N ILE A 689 -1.65 42.78 7.33
CA ILE A 689 -3.06 43.11 7.22
C ILE A 689 -3.92 42.20 8.09
N CYS A 690 -4.85 42.82 8.83
CA CYS A 690 -5.86 42.15 9.67
C CYS A 690 -7.23 42.69 9.32
N ALA A 691 -8.26 41.89 9.60
CA ALA A 691 -9.63 42.29 9.34
C ALA A 691 -10.46 42.27 10.61
N SER A 692 -11.53 43.04 10.60
CA SER A 692 -12.45 43.09 11.73
C SER A 692 -13.84 43.49 11.28
N TYR A 693 -14.76 43.61 12.23
CA TYR A 693 -16.15 43.95 11.95
C TYR A 693 -16.52 45.16 12.78
N GLN A 694 -16.70 46.30 12.13
CA GLN A 694 -16.89 47.56 12.84
C GLN A 694 -17.75 48.54 12.03
N THR A 695 -18.04 49.72 12.60
CA THR A 695 -18.87 50.76 11.95
C THR A 695 -17.99 51.74 11.20
N GLN A 709 -22.60 47.98 10.96
CA GLN A 709 -21.27 47.38 10.94
C GLN A 709 -21.01 46.67 9.61
N SER A 710 -19.72 46.55 9.25
CA SER A 710 -19.25 45.90 8.03
C SER A 710 -17.84 45.36 8.22
N ILE A 711 -17.42 44.48 7.31
CA ILE A 711 -16.06 43.96 7.39
C ILE A 711 -15.05 44.93 6.81
N ILE A 712 -14.01 45.16 7.57
CA ILE A 712 -12.94 46.05 7.18
C ILE A 712 -11.60 45.37 7.23
N ALA A 713 -10.65 45.92 6.50
CA ALA A 713 -9.28 45.46 6.52
C ALA A 713 -8.36 46.65 6.70
N TYR A 714 -7.30 46.46 7.45
CA TYR A 714 -6.39 47.53 7.78
C TYR A 714 -5.02 47.02 8.11
N THR A 715 -4.04 47.92 8.08
CA THR A 715 -2.72 47.53 8.53
C THR A 715 -2.76 47.50 10.03
N MET A 716 -2.33 46.41 10.61
CA MET A 716 -2.43 46.23 12.04
C MET A 716 -1.49 47.17 12.78
N SER A 717 -1.94 47.61 13.95
CA SER A 717 -1.13 48.41 14.83
C SER A 717 -0.30 47.50 15.69
N LEU A 718 0.90 47.92 16.05
CA LEU A 718 1.71 47.10 16.93
C LEU A 718 1.62 47.60 18.36
N GLY A 719 0.77 48.61 18.57
CA GLY A 719 0.63 49.22 19.87
C GLY A 719 0.73 50.73 19.76
N ALA A 720 0.34 51.42 20.82
CA ALA A 720 0.40 52.87 20.85
C ALA A 720 1.84 53.33 20.86
N GLU A 721 2.12 54.42 20.16
CA GLU A 721 3.45 55.00 20.17
C GLU A 721 3.64 55.84 21.42
N ASN A 722 4.75 55.65 22.11
CA ASN A 722 5.00 56.38 23.35
C ASN A 722 6.48 56.65 23.57
N SER A 723 6.90 57.88 23.37
CA SER A 723 8.30 58.19 23.58
C SER A 723 8.62 58.19 25.07
N VAL A 724 9.88 58.01 25.40
CA VAL A 724 10.31 58.08 26.79
C VAL A 724 11.01 59.39 27.01
N ALA A 725 10.68 60.08 28.10
CA ALA A 725 11.26 61.38 28.37
C ALA A 725 12.66 61.25 28.93
N TYR A 726 13.54 60.70 28.11
CA TYR A 726 14.91 60.44 28.49
C TYR A 726 15.75 61.69 28.53
N SER A 727 16.57 61.78 29.55
CA SER A 727 17.56 62.81 29.68
C SER A 727 18.62 62.25 30.60
N ASN A 728 19.79 62.89 30.65
CA ASN A 728 20.93 62.42 31.44
C ASN A 728 20.80 62.73 32.93
N ASN A 729 19.80 63.53 33.35
CA ASN A 729 19.60 63.93 34.74
C ASN A 729 18.17 63.82 35.22
N SER A 730 17.37 62.92 34.65
CA SER A 730 15.99 62.79 35.11
C SER A 730 15.61 61.34 35.27
N ILE A 731 15.02 61.04 36.41
CA ILE A 731 14.59 59.70 36.72
C ILE A 731 13.12 59.68 37.11
N ALA A 732 12.38 58.70 36.61
CA ALA A 732 10.99 58.58 37.03
C ALA A 732 10.89 57.51 38.09
N ILE A 733 10.35 57.89 39.23
CA ILE A 733 10.24 56.98 40.35
C ILE A 733 8.78 56.78 40.73
N PRO A 734 8.29 55.56 40.84
CA PRO A 734 6.94 55.26 41.24
C PRO A 734 6.69 55.84 42.60
N THR A 735 5.53 56.41 42.79
CA THR A 735 5.10 56.94 44.08
C THR A 735 3.96 56.11 44.70
N ASN A 736 3.27 55.30 43.87
CA ASN A 736 2.19 54.43 44.27
C ASN A 736 2.26 53.16 43.42
N PHE A 737 1.53 52.13 43.84
CA PHE A 737 1.50 50.83 43.18
C PHE A 737 0.17 50.14 43.36
N THR A 738 -0.06 49.15 42.52
CA THR A 738 -1.20 48.28 42.69
C THR A 738 -0.78 46.84 42.67
N ILE A 739 -1.55 46.02 43.37
CA ILE A 739 -1.36 44.60 43.28
C ILE A 739 -2.36 44.04 42.29
N SER A 740 -1.85 43.34 41.31
CA SER A 740 -2.69 42.76 40.29
C SER A 740 -2.60 41.27 40.31
N VAL A 741 -3.66 40.62 39.86
CA VAL A 741 -3.64 39.18 39.75
C VAL A 741 -3.92 38.80 38.33
N THR A 742 -3.05 37.99 37.75
CA THR A 742 -3.23 37.56 36.39
C THR A 742 -3.45 36.06 36.36
N THR A 743 -4.07 35.57 35.30
CA THR A 743 -4.31 34.14 35.23
C THR A 743 -3.57 33.50 34.08
N GLU A 744 -2.79 32.47 34.41
CA GLU A 744 -2.07 31.73 33.40
C GLU A 744 -2.56 30.31 33.33
N ILE A 745 -2.99 29.89 32.15
CA ILE A 745 -3.57 28.58 32.00
C ILE A 745 -2.69 27.66 31.17
N LEU A 746 -2.34 26.52 31.74
CA LEU A 746 -1.49 25.56 31.05
C LEU A 746 -2.10 24.18 31.03
N PRO A 747 -2.11 23.49 29.89
CA PRO A 747 -2.43 22.09 29.77
C PRO A 747 -1.42 21.28 30.53
N VAL A 748 -1.89 20.23 31.16
CA VAL A 748 -1.03 19.29 31.85
C VAL A 748 -1.14 17.92 31.25
N SER A 749 -2.36 17.54 30.87
CA SER A 749 -2.60 16.20 30.39
C SER A 749 -3.56 16.20 29.21
N MET A 750 -3.68 15.05 28.58
CA MET A 750 -4.60 14.83 27.48
C MET A 750 -5.31 13.52 27.70
N THR A 751 -6.46 13.36 27.07
CA THR A 751 -7.26 12.17 27.26
C THR A 751 -6.45 10.91 27.02
N LYS A 752 -6.50 9.99 27.97
CA LYS A 752 -5.78 8.75 27.89
C LYS A 752 -6.52 7.75 27.04
N THR A 753 -6.47 7.96 25.74
CA THR A 753 -7.23 7.08 24.87
C THR A 753 -6.50 5.77 24.73
N SER A 754 -7.21 4.77 24.31
CA SER A 754 -6.63 3.47 24.02
C SER A 754 -7.37 2.82 22.88
N VAL A 755 -6.63 2.32 21.91
CA VAL A 755 -7.26 1.68 20.78
C VAL A 755 -6.83 0.26 20.65
N ASP A 756 -7.82 -0.62 20.57
CA ASP A 756 -7.58 -2.02 20.30
C ASP A 756 -7.42 -2.18 18.80
N CYS A 757 -6.16 -2.28 18.32
CA CYS A 757 -5.87 -2.30 16.89
C CYS A 757 -6.51 -3.49 16.20
N THR A 758 -6.64 -4.61 16.90
CA THR A 758 -7.21 -5.76 16.27
C THR A 758 -8.68 -5.54 16.05
N MET A 759 -9.36 -5.05 17.08
CA MET A 759 -10.79 -4.83 16.98
C MET A 759 -11.11 -3.72 16.00
N TYR A 760 -10.26 -2.70 15.94
CA TYR A 760 -10.46 -1.59 15.04
C TYR A 760 -10.36 -2.03 13.59
N ILE A 761 -9.32 -2.77 13.25
CA ILE A 761 -9.12 -3.19 11.86
C ILE A 761 -10.09 -4.32 11.45
N CYS A 762 -10.18 -5.36 12.29
CA CYS A 762 -10.90 -6.61 12.03
C CYS A 762 -11.93 -6.87 13.12
N GLY A 763 -12.89 -5.97 13.29
CA GLY A 763 -13.82 -6.14 14.38
C GLY A 763 -14.58 -7.44 14.25
N ASP A 764 -14.34 -8.33 15.21
CA ASP A 764 -15.01 -9.62 15.30
C ASP A 764 -14.97 -10.41 14.01
N SER A 765 -13.83 -10.38 13.32
CA SER A 765 -13.70 -11.12 12.06
C SER A 765 -12.49 -12.02 12.04
N THR A 766 -12.74 -13.32 12.05
CA THR A 766 -11.68 -14.30 12.07
C THR A 766 -10.86 -14.27 10.79
N GLU A 767 -11.55 -14.16 9.66
CA GLU A 767 -10.88 -14.17 8.37
C GLU A 767 -9.94 -12.97 8.21
N CYS A 768 -10.40 -11.79 8.64
CA CYS A 768 -9.62 -10.56 8.60
C CYS A 768 -8.43 -10.67 9.56
N SER A 769 -8.68 -11.18 10.77
CA SER A 769 -7.61 -11.27 11.75
C SER A 769 -6.48 -12.11 11.21
N ASN A 770 -6.81 -13.22 10.55
CA ASN A 770 -5.77 -14.07 10.00
C ASN A 770 -4.92 -13.34 8.97
N LEU A 771 -5.53 -12.41 8.23
CA LEU A 771 -4.77 -11.61 7.26
C LEU A 771 -3.98 -10.53 7.98
N LEU A 772 -4.54 -10.00 9.06
CA LEU A 772 -3.86 -8.94 9.81
C LEU A 772 -2.55 -9.43 10.39
N LEU A 773 -2.50 -10.69 10.77
CA LEU A 773 -1.31 -11.28 11.35
C LEU A 773 -0.12 -11.26 10.41
N GLN A 774 -0.36 -11.07 9.12
CA GLN A 774 0.70 -11.08 8.13
C GLN A 774 1.46 -9.77 8.14
N TYR A 775 0.98 -8.84 8.95
CA TYR A 775 1.61 -7.53 9.09
C TYR A 775 2.45 -7.51 10.35
N GLY A 776 2.62 -8.68 10.95
CA GLY A 776 3.54 -8.85 12.07
C GLY A 776 3.18 -8.02 13.29
N SER A 777 4.16 -7.25 13.73
CA SER A 777 4.04 -6.44 14.93
C SER A 777 3.34 -5.12 14.72
N PHE A 778 2.97 -4.76 13.49
CA PHE A 778 2.38 -3.42 13.35
C PHE A 778 1.25 -3.17 14.33
N CYS A 779 0.31 -4.12 14.45
CA CYS A 779 -0.84 -3.99 15.35
C CYS A 779 -0.34 -3.86 16.81
N THR A 780 0.58 -4.72 17.18
CA THR A 780 1.10 -4.74 18.54
C THR A 780 1.81 -3.46 18.94
N GLN A 781 2.67 -2.93 18.09
CA GLN A 781 3.41 -1.75 18.47
C GLN A 781 2.53 -0.51 18.46
N LEU A 782 1.44 -0.52 17.69
CA LEU A 782 0.54 0.61 17.75
C LEU A 782 -0.11 0.65 19.14
N ASN A 783 -0.47 -0.52 19.67
CA ASN A 783 -1.03 -0.56 21.00
C ASN A 783 0.00 -0.11 22.02
N ARG A 784 1.25 -0.53 21.81
CA ARG A 784 2.31 -0.15 22.74
C ARG A 784 2.55 1.35 22.75
N ALA A 785 2.53 1.97 21.58
CA ALA A 785 2.76 3.40 21.47
C ALA A 785 1.69 4.21 22.20
N LEU A 786 0.43 3.80 22.05
CA LEU A 786 -0.63 4.52 22.73
C LEU A 786 -0.57 4.30 24.23
N THR A 787 -0.15 3.10 24.62
CA THR A 787 -0.03 2.84 26.04
C THR A 787 1.02 3.76 26.62
N GLY A 788 2.14 3.91 25.94
CA GLY A 788 3.20 4.78 26.41
C GLY A 788 2.68 6.19 26.65
N ILE A 789 1.81 6.67 25.76
CA ILE A 789 1.25 7.99 25.98
C ILE A 789 0.39 8.01 27.22
N ALA A 790 -0.48 7.03 27.34
CA ALA A 790 -1.39 7.00 28.48
C ALA A 790 -0.62 7.00 29.79
N VAL A 791 0.50 6.30 29.81
CA VAL A 791 1.29 6.25 31.03
C VAL A 791 1.88 7.59 31.38
N GLU A 792 2.48 8.27 30.40
CA GLU A 792 3.09 9.55 30.73
C GLU A 792 2.06 10.58 31.12
N GLN A 793 0.79 10.38 30.77
CA GLN A 793 -0.21 11.35 31.18
C GLN A 793 -0.34 11.40 32.69
N ASP A 794 -0.12 10.28 33.38
CA ASP A 794 -0.23 10.33 34.82
C ASP A 794 1.05 10.87 35.39
N LYS A 795 2.15 10.59 34.71
CA LYS A 795 3.43 11.11 35.11
C LYS A 795 3.39 12.63 35.08
N ASN A 796 2.79 13.18 34.03
CA ASN A 796 2.70 14.63 33.88
C ASN A 796 1.91 15.25 35.01
N THR A 797 0.78 14.63 35.34
CA THR A 797 -0.05 15.18 36.39
C THR A 797 0.68 15.15 37.72
N GLN A 798 1.36 14.04 38.01
CA GLN A 798 2.06 13.96 39.27
C GLN A 798 3.18 14.97 39.36
N GLU A 799 3.90 15.18 38.28
CA GLU A 799 5.00 16.14 38.29
C GLU A 799 4.53 17.55 38.59
N VAL A 800 3.33 17.89 38.11
CA VAL A 800 2.80 19.22 38.35
C VAL A 800 2.21 19.38 39.74
N PHE A 801 1.41 18.42 40.18
CA PHE A 801 0.70 18.62 41.44
C PHE A 801 1.31 17.94 42.66
N ALA A 802 1.92 16.78 42.48
CA ALA A 802 2.40 16.02 43.63
C ALA A 802 3.80 16.45 44.01
N GLN A 803 3.95 17.72 44.38
CA GLN A 803 5.24 18.27 44.75
C GLN A 803 5.38 18.43 46.24
N VAL A 804 4.35 18.04 46.96
CA VAL A 804 4.35 18.17 48.39
C VAL A 804 4.11 16.80 49.01
N LYS A 805 4.92 16.44 49.99
CA LYS A 805 4.77 15.13 50.61
C LYS A 805 3.63 15.06 51.60
N GLN A 806 3.32 16.19 52.23
CA GLN A 806 2.26 16.20 53.22
C GLN A 806 1.07 16.97 52.71
N ILE A 807 -0.10 16.63 53.23
CA ILE A 807 -1.28 17.36 52.87
C ILE A 807 -1.56 18.38 53.94
N TYR A 808 -1.32 19.63 53.60
CA TYR A 808 -1.47 20.72 54.54
C TYR A 808 -2.88 21.22 54.47
N LYS A 809 -3.35 21.77 55.56
CA LYS A 809 -4.67 22.37 55.59
C LYS A 809 -4.64 23.64 56.39
N THR A 810 -5.49 24.59 55.99
CA THR A 810 -5.59 25.85 56.69
C THR A 810 -6.28 25.66 58.02
N PRO A 811 -6.06 26.58 58.97
CA PRO A 811 -6.70 26.64 60.26
C PRO A 811 -8.16 27.02 60.11
N PRO A 812 -8.99 26.73 61.12
CA PRO A 812 -10.38 27.09 61.23
C PRO A 812 -10.59 28.61 61.30
N ILE A 813 -9.55 29.33 61.71
CA ILE A 813 -9.65 30.77 61.77
C ILE A 813 -8.84 31.39 60.65
N LYS A 814 -9.55 31.93 59.68
CA LYS A 814 -8.90 32.44 58.48
C LYS A 814 -8.42 33.87 58.68
N ASP A 815 -7.43 34.05 59.54
CA ASP A 815 -6.89 35.39 59.77
C ASP A 815 -5.55 35.57 59.08
N PHE A 816 -5.59 36.18 57.91
CA PHE A 816 -4.39 36.36 57.13
C PHE A 816 -4.07 37.82 56.97
N GLY A 817 -4.37 38.61 57.99
CA GLY A 817 -3.98 40.01 57.97
C GLY A 817 -4.80 40.86 57.01
N GLY A 818 -6.03 40.46 56.75
CA GLY A 818 -6.89 41.20 55.83
C GLY A 818 -6.97 40.56 54.44
N PHE A 819 -6.10 39.59 54.17
CA PHE A 819 -6.14 38.94 52.87
C PHE A 819 -7.20 37.84 52.89
N ASN A 820 -8.17 37.96 51.98
CA ASN A 820 -9.32 37.05 51.85
C ASN A 820 -9.06 36.00 50.78
N PHE A 821 -8.81 34.75 51.19
CA PHE A 821 -8.50 33.63 50.30
C PHE A 821 -9.67 32.67 50.18
N SER A 822 -10.84 33.07 50.65
CA SER A 822 -11.97 32.15 50.68
C SER A 822 -12.43 31.71 49.31
N GLN A 823 -12.04 32.43 48.28
CA GLN A 823 -12.47 32.10 46.93
C GLN A 823 -11.49 31.19 46.22
N ILE A 824 -10.33 30.94 46.84
CA ILE A 824 -9.35 30.04 46.25
C ILE A 824 -9.16 28.81 47.12
N LEU A 825 -9.60 28.87 48.37
CA LEU A 825 -9.58 27.74 49.28
C LEU A 825 -10.80 26.84 49.01
N PRO A 826 -10.70 25.53 49.28
CA PRO A 826 -11.77 24.56 49.13
C PRO A 826 -13.01 24.94 49.90
N ASP A 827 -14.17 24.71 49.30
CA ASP A 827 -15.48 24.95 49.91
C ASP A 827 -16.02 23.65 50.52
N PRO A 828 -16.04 23.50 51.87
CA PRO A 828 -16.43 22.30 52.59
C PRO A 828 -17.85 21.81 52.32
N SER A 829 -18.71 22.69 51.79
CA SER A 829 -20.10 22.31 51.57
C SER A 829 -20.30 21.51 50.29
N LYS A 830 -19.29 21.47 49.44
CA LYS A 830 -19.42 20.83 48.14
C LYS A 830 -19.16 19.32 48.24
N PRO A 831 -19.76 18.51 47.34
CA PRO A 831 -19.56 17.06 47.19
C PRO A 831 -18.13 16.75 46.77
N SER A 832 -17.48 17.75 46.21
CA SER A 832 -16.08 17.70 45.81
C SER A 832 -15.52 18.98 46.35
N LYS A 833 -14.60 18.87 47.30
CA LYS A 833 -14.14 20.07 47.99
C LYS A 833 -13.19 20.90 47.17
N ARG A 834 -13.76 21.66 46.25
CA ARG A 834 -13.01 22.54 45.37
C ARG A 834 -13.36 23.97 45.74
N SER A 835 -12.51 24.90 45.36
CA SER A 835 -12.75 26.30 45.63
C SER A 835 -13.80 26.86 44.69
N PHE A 836 -14.29 28.06 45.01
CA PHE A 836 -15.27 28.70 44.15
C PHE A 836 -14.71 28.88 42.75
N ILE A 837 -13.49 29.40 42.66
CA ILE A 837 -12.89 29.61 41.36
C ILE A 837 -12.70 28.32 40.62
N GLU A 838 -12.25 27.28 41.29
CA GLU A 838 -12.09 26.02 40.57
C GLU A 838 -13.39 25.56 39.97
N ASP A 839 -14.51 25.69 40.69
CA ASP A 839 -15.77 25.29 40.08
C ASP A 839 -16.03 26.08 38.81
N LEU A 840 -15.64 27.35 38.78
CA LEU A 840 -15.88 28.13 37.58
C LEU A 840 -15.06 27.55 36.43
N LEU A 841 -13.86 27.10 36.72
CA LEU A 841 -12.98 26.58 35.67
C LEU A 841 -13.55 25.29 35.11
N PHE A 842 -14.04 24.44 36.01
CA PHE A 842 -14.61 23.15 35.62
C PHE A 842 -15.91 23.29 34.85
N ASN A 843 -16.61 24.38 35.06
CA ASN A 843 -17.86 24.57 34.36
C ASN A 843 -17.69 25.25 33.00
N LYS A 844 -16.45 25.54 32.59
CA LYS A 844 -16.26 26.17 31.28
C LYS A 844 -15.65 25.21 30.25
N VAL A 845 -14.78 24.32 30.69
CA VAL A 845 -14.17 23.38 29.76
C VAL A 845 -14.92 22.05 29.74
N THR A 846 -15.23 21.55 28.53
CA THR A 846 -15.99 20.30 28.33
C THR A 846 -15.02 19.15 28.08
N LYS A 873 -16.82 4.42 20.02
CA LYS A 873 -17.43 3.90 21.24
C LYS A 873 -17.29 2.37 21.31
N PHE A 874 -17.78 1.70 20.26
CA PHE A 874 -17.76 0.24 20.14
C PHE A 874 -16.84 -0.19 19.00
N ASN A 875 -15.93 0.70 18.62
CA ASN A 875 -15.01 0.45 17.52
C ASN A 875 -13.62 0.08 18.00
N GLY A 876 -13.53 -0.32 19.26
CA GLY A 876 -12.24 -0.68 19.85
C GLY A 876 -11.58 0.54 20.46
N LEU A 877 -12.29 1.66 20.41
CA LEU A 877 -11.80 2.93 20.93
C LEU A 877 -12.37 3.22 22.30
N THR A 878 -11.51 3.20 23.30
CA THR A 878 -11.95 3.44 24.67
C THR A 878 -11.12 4.52 25.31
N VAL A 879 -11.52 4.92 26.51
CA VAL A 879 -10.78 5.92 27.27
C VAL A 879 -10.51 5.44 28.68
N LEU A 880 -9.27 5.55 29.09
CA LEU A 880 -8.88 5.13 30.42
C LEU A 880 -9.02 6.31 31.36
N PRO A 881 -9.35 6.07 32.63
CA PRO A 881 -9.41 7.07 33.65
C PRO A 881 -8.00 7.45 34.04
N PRO A 882 -7.81 8.65 34.57
CA PRO A 882 -6.59 9.14 35.16
C PRO A 882 -6.38 8.45 36.48
N LEU A 883 -5.14 8.34 36.93
CA LEU A 883 -4.89 7.80 38.25
C LEU A 883 -5.39 8.76 39.31
N LEU A 884 -5.17 10.04 39.11
CA LEU A 884 -5.61 11.02 40.07
C LEU A 884 -6.90 11.67 39.62
N THR A 885 -7.96 11.45 40.38
CA THR A 885 -9.26 11.97 40.06
C THR A 885 -9.32 13.43 40.43
N ASP A 886 -10.35 14.14 39.97
CA ASP A 886 -10.45 15.56 40.27
C ASP A 886 -10.37 15.82 41.76
N GLU A 887 -10.95 14.93 42.56
CA GLU A 887 -10.87 15.09 43.99
C GLU A 887 -9.44 15.01 44.50
N MET A 888 -8.62 14.14 43.91
CA MET A 888 -7.25 13.98 44.37
C MET A 888 -6.46 15.22 44.04
N ILE A 889 -6.77 15.80 42.89
CA ILE A 889 -6.07 16.98 42.47
C ILE A 889 -6.46 18.11 43.39
N ALA A 890 -7.73 18.20 43.72
CA ALA A 890 -8.21 19.23 44.61
C ALA A 890 -7.48 19.16 45.95
N GLN A 891 -7.22 17.94 46.43
CA GLN A 891 -6.48 17.81 47.67
C GLN A 891 -5.05 18.29 47.51
N TYR A 892 -4.42 18.02 46.37
CA TYR A 892 -3.07 18.50 46.17
C TYR A 892 -3.01 20.00 46.07
N THR A 893 -3.95 20.62 45.36
CA THR A 893 -3.90 22.06 45.24
C THR A 893 -4.24 22.67 46.57
N SER A 894 -5.09 22.02 47.34
CA SER A 894 -5.41 22.51 48.67
C SER A 894 -4.18 22.52 49.54
N ALA A 895 -3.42 21.43 49.50
CA ALA A 895 -2.20 21.33 50.29
C ALA A 895 -1.17 22.35 49.88
N LEU A 896 -1.01 22.56 48.59
CA LEU A 896 -0.03 23.50 48.12
C LEU A 896 -0.44 24.89 48.49
N LEU A 897 -1.72 25.16 48.41
CA LEU A 897 -2.25 26.46 48.75
C LEU A 897 -2.17 26.72 50.23
N ALA A 898 -2.53 25.74 51.04
CA ALA A 898 -2.46 25.91 52.48
C ALA A 898 -1.02 26.13 52.89
N GLY A 899 -0.11 25.42 52.24
CA GLY A 899 1.30 25.57 52.53
C GLY A 899 1.74 26.98 52.19
N THR A 900 1.40 27.43 50.98
CA THR A 900 1.78 28.75 50.51
C THR A 900 1.28 29.83 51.44
N ILE A 901 0.05 29.70 51.89
CA ILE A 901 -0.54 30.70 52.76
C ILE A 901 0.03 30.70 54.17
N THR A 902 0.18 29.54 54.79
CA THR A 902 0.60 29.52 56.19
C THR A 902 2.10 29.37 56.46
N SER A 903 2.87 28.90 55.48
CA SER A 903 4.30 28.70 55.71
C SER A 903 5.21 29.27 54.61
N GLY A 904 4.62 30.00 53.69
CA GLY A 904 5.39 30.60 52.60
C GLY A 904 6.09 29.54 51.78
N TRP A 905 7.39 29.73 51.57
CA TRP A 905 8.16 28.80 50.79
C TRP A 905 8.89 27.75 51.61
N THR A 906 8.73 27.78 52.92
CA THR A 906 9.56 26.89 53.72
C THR A 906 9.14 25.46 53.52
N PHE A 907 7.87 25.22 53.21
CA PHE A 907 7.38 23.88 53.00
C PHE A 907 7.94 23.29 51.72
N GLY A 908 8.38 24.17 50.82
CA GLY A 908 8.94 23.71 49.56
C GLY A 908 10.35 23.22 49.78
N ALA A 909 11.07 23.87 50.70
CA ALA A 909 12.45 23.52 50.98
C ALA A 909 12.56 22.35 51.97
N GLY A 910 11.64 22.30 52.92
CA GLY A 910 11.70 21.28 53.96
C GLY A 910 10.39 21.15 54.70
N ALA A 911 10.40 21.56 55.97
CA ALA A 911 9.21 21.52 56.81
C ALA A 911 8.37 22.76 56.62
N ALA A 912 7.07 22.64 56.82
CA ALA A 912 6.23 23.82 56.74
C ALA A 912 6.33 24.57 58.05
N LEU A 913 6.96 25.74 57.99
CA LEU A 913 7.19 26.54 59.17
C LEU A 913 6.20 27.68 59.22
N GLN A 914 5.35 27.71 60.24
CA GLN A 914 4.33 28.72 60.25
C GLN A 914 4.94 30.12 60.31
N ILE A 915 4.29 31.04 59.63
CA ILE A 915 4.64 32.45 59.66
C ILE A 915 3.37 33.27 59.52
N PRO A 916 3.18 34.39 60.22
CA PRO A 916 2.06 35.28 60.03
C PRO A 916 2.02 35.68 58.59
N PHE A 917 0.84 35.75 58.01
CA PHE A 917 0.78 36.06 56.58
C PHE A 917 1.38 37.41 56.27
N ALA A 918 1.10 38.41 57.10
CA ALA A 918 1.62 39.74 56.82
C ALA A 918 3.15 39.72 56.79
N MET A 919 3.77 38.92 57.65
CA MET A 919 5.22 38.84 57.62
C MET A 919 5.69 38.14 56.37
N GLN A 920 4.96 37.13 55.95
CA GLN A 920 5.32 36.46 54.73
C GLN A 920 5.37 37.44 53.58
N MET A 921 4.38 38.33 53.53
CA MET A 921 4.33 39.33 52.49
C MET A 921 5.50 40.29 52.60
N ALA A 922 5.96 40.54 53.83
CA ALA A 922 7.09 41.42 54.01
C ALA A 922 8.31 40.87 53.29
N TYR A 923 8.43 39.55 53.29
CA TYR A 923 9.58 38.96 52.63
C TYR A 923 9.38 39.06 51.14
N ARG A 924 8.14 38.85 50.72
CA ARG A 924 7.80 38.88 49.31
C ARG A 924 8.11 40.27 48.74
N PHE A 925 7.89 41.30 49.55
CA PHE A 925 8.22 42.66 49.15
C PHE A 925 9.72 42.90 49.11
N ASN A 926 10.46 42.42 50.11
CA ASN A 926 11.90 42.60 50.07
C ASN A 926 12.46 41.92 48.83
N GLY A 927 11.86 40.81 48.45
CA GLY A 927 12.26 40.03 47.30
C GLY A 927 12.11 40.75 45.97
N ILE A 928 11.37 41.86 45.94
CA ILE A 928 11.21 42.60 44.70
C ILE A 928 11.86 43.96 44.81
N GLY A 929 12.69 44.15 45.83
CA GLY A 929 13.39 45.41 45.99
C GLY A 929 12.55 46.52 46.63
N VAL A 930 11.57 46.15 47.42
CA VAL A 930 10.75 47.14 48.11
C VAL A 930 10.86 46.92 49.59
N THR A 931 11.31 47.92 50.33
CA THR A 931 11.52 47.73 51.75
C THR A 931 10.20 47.41 52.42
N GLN A 932 10.24 46.42 53.29
CA GLN A 932 9.07 45.86 53.98
C GLN A 932 8.23 46.85 54.76
N ASN A 933 8.77 48.00 55.09
CA ASN A 933 7.97 48.94 55.84
C ASN A 933 6.82 49.42 54.97
N VAL A 934 6.98 49.31 53.65
CA VAL A 934 5.96 49.76 52.73
C VAL A 934 4.74 48.89 52.90
N LEU A 935 4.95 47.59 53.03
CA LEU A 935 3.86 46.68 53.21
C LEU A 935 3.09 46.97 54.46
N TYR A 936 3.78 47.15 55.56
CA TYR A 936 3.08 47.31 56.80
C TYR A 936 2.32 48.61 56.85
N GLU A 937 2.95 49.67 56.36
CA GLU A 937 2.30 50.96 56.38
C GLU A 937 1.07 50.98 55.49
N ASN A 938 1.12 50.23 54.40
CA ASN A 938 0.01 50.17 53.46
C ASN A 938 -0.70 48.83 53.51
N GLN A 939 -0.59 48.10 54.62
CA GLN A 939 -1.18 46.76 54.67
C GLN A 939 -2.66 46.74 54.35
N LYS A 940 -3.42 47.72 54.83
CA LYS A 940 -4.85 47.67 54.56
C LYS A 940 -5.14 47.89 53.10
N LEU A 941 -4.42 48.82 52.49
CA LEU A 941 -4.59 49.09 51.06
C LEU A 941 -4.24 47.87 50.25
N ILE A 942 -3.15 47.24 50.58
CA ILE A 942 -2.67 46.10 49.84
C ILE A 942 -3.65 44.97 49.93
N ALA A 943 -4.15 44.70 51.13
CA ALA A 943 -5.12 43.64 51.31
C ALA A 943 -6.38 43.92 50.51
N ASN A 944 -6.79 45.19 50.47
CA ASN A 944 -7.99 45.55 49.74
C ASN A 944 -7.80 45.39 48.25
N GLN A 945 -6.64 45.77 47.73
CA GLN A 945 -6.37 45.61 46.32
C GLN A 945 -6.34 44.15 45.96
N PHE A 946 -5.75 43.35 46.83
CA PHE A 946 -5.68 41.92 46.59
C PHE A 946 -7.07 41.33 46.52
N ASN A 947 -7.90 41.65 47.50
CA ASN A 947 -9.23 41.07 47.57
C ASN A 947 -10.04 41.48 46.36
N SER A 948 -9.87 42.72 45.93
CA SER A 948 -10.57 43.22 44.76
C SER A 948 -10.14 42.47 43.52
N ALA A 949 -8.83 42.29 43.38
CA ALA A 949 -8.28 41.61 42.22
C ALA A 949 -8.83 40.20 42.10
N ILE A 950 -9.01 39.52 43.23
CA ILE A 950 -9.55 38.18 43.17
C ILE A 950 -10.98 38.23 42.67
N GLY A 951 -11.77 39.18 43.15
CA GLY A 951 -13.14 39.32 42.68
C GLY A 951 -13.17 39.53 41.16
N LYS A 952 -12.20 40.28 40.65
CA LYS A 952 -12.12 40.53 39.21
C LYS A 952 -11.86 39.24 38.44
N ILE A 953 -11.08 38.35 39.02
CA ILE A 953 -10.78 37.08 38.37
C ILE A 953 -12.06 36.30 38.21
N GLN A 954 -12.88 36.28 39.24
CA GLN A 954 -14.14 35.55 39.15
C GLN A 954 -15.05 36.13 38.09
N ASP A 955 -15.12 37.45 38.02
CA ASP A 955 -16.01 38.08 37.06
C ASP A 955 -15.58 37.76 35.63
N SER A 956 -14.27 37.71 35.41
CA SER A 956 -13.77 37.37 34.08
C SER A 956 -14.04 35.92 33.75
N LEU A 957 -13.68 35.02 34.65
CA LEU A 957 -13.80 33.60 34.36
C LEU A 957 -15.23 33.15 34.17
N SER A 958 -16.16 33.73 34.93
CA SER A 958 -17.53 33.29 34.86
C SER A 958 -18.26 33.78 33.63
N SER A 959 -17.69 34.77 32.93
CA SER A 959 -18.39 35.37 31.80
C SER A 959 -17.68 35.23 30.46
N THR A 960 -16.36 35.01 30.49
CA THR A 960 -15.61 34.93 29.26
C THR A 960 -15.23 33.48 28.98
N ALA A 961 -15.96 32.85 28.05
CA ALA A 961 -15.75 31.44 27.75
C ALA A 961 -14.35 31.19 27.21
N SER A 962 -13.86 32.14 26.43
CA SER A 962 -12.56 32.07 25.79
C SER A 962 -11.41 32.12 26.78
N ALA A 963 -11.73 32.43 28.04
CA ALA A 963 -10.72 32.56 29.08
C ALA A 963 -9.96 31.26 29.25
N LEU A 964 -10.60 30.12 29.00
CA LEU A 964 -9.95 28.83 29.18
C LEU A 964 -9.72 28.14 27.85
N GLY A 965 -9.59 28.93 26.78
CA GLY A 965 -9.41 28.40 25.44
C GLY A 965 -8.23 27.44 25.33
N LYS A 966 -7.17 27.68 26.09
CA LYS A 966 -6.01 26.80 26.01
C LYS A 966 -6.31 25.35 26.41
N LEU A 967 -7.25 25.15 27.33
CA LEU A 967 -7.54 23.78 27.73
C LEU A 967 -8.62 23.20 26.84
N GLN A 968 -9.54 24.05 26.41
CA GLN A 968 -10.61 23.59 25.55
C GLN A 968 -10.06 23.16 24.21
N ASP A 969 -9.03 23.83 23.74
CA ASP A 969 -8.41 23.52 22.47
C ASP A 969 -7.80 22.13 22.49
N VAL A 970 -7.25 21.73 23.63
CA VAL A 970 -6.64 20.41 23.72
C VAL A 970 -7.73 19.36 23.59
N VAL A 971 -8.83 19.60 24.28
CA VAL A 971 -9.95 18.69 24.21
C VAL A 971 -10.46 18.60 22.80
N ASN A 972 -10.57 19.74 22.13
CA ASN A 972 -11.09 19.77 20.78
C ASN A 972 -10.17 19.01 19.82
N GLN A 973 -8.87 19.15 19.98
CA GLN A 973 -7.95 18.45 19.09
C GLN A 973 -8.07 16.96 19.26
N ASN A 974 -8.22 16.51 20.50
CA ASN A 974 -8.32 15.09 20.74
C ASN A 974 -9.64 14.55 20.19
N ALA A 975 -10.69 15.33 20.34
CA ALA A 975 -11.99 14.92 19.83
C ALA A 975 -11.94 14.80 18.33
N GLN A 976 -11.27 15.73 17.67
CA GLN A 976 -11.16 15.66 16.23
C GLN A 976 -10.34 14.47 15.79
N ALA A 977 -9.27 14.17 16.52
CA ALA A 977 -8.45 13.03 16.15
C ALA A 977 -9.24 11.75 16.21
N LEU A 978 -10.07 11.62 17.24
CA LEU A 978 -10.89 10.42 17.39
C LEU A 978 -12.01 10.39 16.38
N ASN A 979 -12.62 11.53 16.10
CA ASN A 979 -13.70 11.56 15.15
C ASN A 979 -13.17 11.23 13.77
N THR A 980 -11.97 11.69 13.49
CA THR A 980 -11.36 11.42 12.21
C THR A 980 -11.09 9.93 12.11
N LEU A 981 -10.55 9.35 13.17
CA LEU A 981 -10.22 7.94 13.16
C LEU A 981 -11.47 7.10 12.94
N VAL A 982 -12.56 7.44 13.59
CA VAL A 982 -13.78 6.67 13.42
C VAL A 982 -14.36 6.84 12.04
N LYS A 983 -14.41 8.06 11.53
CA LYS A 983 -14.98 8.28 10.23
C LYS A 983 -14.23 7.50 9.16
N GLN A 984 -12.93 7.29 9.35
CA GLN A 984 -12.15 6.56 8.36
C GLN A 984 -12.66 5.14 8.16
N LEU A 985 -13.37 4.59 9.13
CA LEU A 985 -13.88 3.23 9.01
C LEU A 985 -14.90 3.12 7.89
N SER A 986 -15.51 4.23 7.52
CA SER A 986 -16.53 4.26 6.48
C SER A 986 -15.91 4.33 5.09
N SER A 987 -14.61 4.50 5.00
CA SER A 987 -13.96 4.60 3.71
C SER A 987 -13.74 3.23 3.09
N ASN A 988 -13.77 3.18 1.77
CA ASN A 988 -13.56 1.94 1.05
C ASN A 988 -12.10 1.62 0.81
N PHE A 989 -11.29 2.64 0.60
CA PHE A 989 -9.88 2.44 0.28
C PHE A 989 -9.68 1.56 -0.95
N GLY A 990 -10.63 1.58 -1.86
CA GLY A 990 -10.55 0.79 -3.08
C GLY A 990 -11.36 -0.50 -3.00
N ALA A 991 -11.82 -0.83 -1.81
CA ALA A 991 -12.62 -2.03 -1.60
C ALA A 991 -14.03 -1.83 -2.12
N ILE A 992 -14.72 -2.93 -2.38
CA ILE A 992 -16.11 -2.89 -2.81
C ILE A 992 -17.05 -2.36 -1.73
N SER A 993 -16.61 -2.46 -0.48
CA SER A 993 -17.40 -1.98 0.64
C SER A 993 -16.55 -1.69 1.85
N SER A 994 -16.92 -0.64 2.59
CA SER A 994 -16.28 -0.28 3.84
C SER A 994 -16.65 -1.22 4.97
N VAL A 995 -17.66 -2.04 4.75
CA VAL A 995 -18.13 -2.94 5.78
C VAL A 995 -17.55 -4.34 5.58
N LEU A 996 -16.80 -4.76 6.57
CA LEU A 996 -16.10 -6.02 6.50
C LEU A 996 -17.05 -7.20 6.41
N ASN A 997 -18.16 -7.12 7.13
CA ASN A 997 -19.11 -8.23 7.11
C ASN A 997 -19.77 -8.36 5.75
N ASP A 998 -19.90 -7.26 5.02
CA ASP A 998 -20.53 -7.29 3.71
C ASP A 998 -19.60 -7.90 2.69
N ILE A 999 -18.30 -7.76 2.90
CA ILE A 999 -17.39 -8.42 1.98
C ILE A 999 -17.46 -9.92 2.21
N LEU A 1000 -17.40 -10.31 3.48
CA LEU A 1000 -17.38 -11.72 3.84
C LEU A 1000 -18.66 -12.45 3.49
N SER A 1001 -19.79 -11.76 3.56
CA SER A 1001 -21.08 -12.37 3.27
C SER A 1001 -21.35 -12.44 1.77
N ARG A 1002 -20.50 -11.83 0.97
CA ARG A 1002 -20.74 -11.79 -0.46
C ARG A 1002 -19.68 -12.49 -1.29
N LEU A 1003 -18.44 -12.50 -0.84
CA LEU A 1003 -17.37 -13.13 -1.61
C LEU A 1003 -16.77 -14.35 -0.93
N ASP A 1004 -16.39 -15.33 -1.73
CA ASP A 1004 -15.62 -16.46 -1.22
C ASP A 1004 -14.20 -15.99 -0.96
N PRO A 1005 -13.44 -16.60 -0.04
CA PRO A 1005 -12.09 -16.25 0.34
C PRO A 1005 -11.13 -15.85 -0.80
N PRO A 1006 -11.05 -16.55 -1.94
CA PRO A 1006 -10.13 -16.23 -3.02
C PRO A 1006 -10.29 -14.80 -3.53
N GLU A 1007 -11.48 -14.22 -3.32
CA GLU A 1007 -11.75 -12.86 -3.74
C GLU A 1007 -11.91 -11.95 -2.54
N ALA A 1008 -12.48 -12.50 -1.46
CA ALA A 1008 -12.75 -11.73 -0.26
C ALA A 1008 -11.46 -11.22 0.34
N GLU A 1009 -10.42 -12.03 0.28
CA GLU A 1009 -9.15 -11.68 0.87
C GLU A 1009 -8.56 -10.44 0.22
N VAL A 1010 -8.79 -10.29 -1.07
CA VAL A 1010 -8.25 -9.13 -1.77
C VAL A 1010 -8.95 -7.88 -1.28
N GLN A 1011 -10.26 -7.95 -1.17
CA GLN A 1011 -11.02 -6.80 -0.74
C GLN A 1011 -10.68 -6.45 0.70
N ILE A 1012 -10.45 -7.46 1.51
CA ILE A 1012 -10.11 -7.24 2.89
C ILE A 1012 -8.74 -6.61 2.99
N ASP A 1013 -7.77 -7.10 2.22
CA ASP A 1013 -6.44 -6.51 2.27
C ASP A 1013 -6.51 -5.01 2.01
N ARG A 1014 -7.38 -4.58 1.11
CA ARG A 1014 -7.50 -3.17 0.84
C ARG A 1014 -7.98 -2.42 2.08
N LEU A 1015 -8.95 -2.99 2.80
CA LEU A 1015 -9.44 -2.32 4.00
C LEU A 1015 -8.39 -2.34 5.09
N ILE A 1016 -7.65 -3.44 5.22
CA ILE A 1016 -6.64 -3.52 6.25
C ILE A 1016 -5.56 -2.50 6.02
N THR A 1017 -5.09 -2.38 4.79
CA THR A 1017 -4.03 -1.44 4.53
C THR A 1017 -4.50 -0.03 4.82
N GLY A 1018 -5.69 0.32 4.35
CA GLY A 1018 -6.19 1.66 4.56
C GLY A 1018 -6.41 1.97 6.03
N ARG A 1019 -6.96 1.02 6.76
CA ARG A 1019 -7.23 1.24 8.15
C ARG A 1019 -5.95 1.27 8.98
N LEU A 1020 -4.94 0.48 8.60
CA LEU A 1020 -3.67 0.56 9.30
C LEU A 1020 -3.02 1.90 9.06
N GLN A 1021 -3.13 2.43 7.86
CA GLN A 1021 -2.56 3.74 7.59
C GLN A 1021 -3.22 4.75 8.49
N SER A 1022 -4.53 4.59 8.71
CA SER A 1022 -5.28 5.48 9.57
C SER A 1022 -4.79 5.39 11.00
N LEU A 1023 -4.59 4.18 11.52
CA LEU A 1023 -4.10 4.07 12.87
C LEU A 1023 -2.71 4.63 12.99
N GLN A 1024 -1.86 4.40 12.01
CA GLN A 1024 -0.51 4.90 12.09
C GLN A 1024 -0.52 6.41 12.11
N THR A 1025 -1.39 7.00 11.30
CA THR A 1025 -1.52 8.44 11.27
C THR A 1025 -2.01 8.96 12.61
N TYR A 1026 -3.03 8.31 13.15
CA TYR A 1026 -3.58 8.71 14.43
C TYR A 1026 -2.54 8.66 15.52
N VAL A 1027 -1.83 7.54 15.61
CA VAL A 1027 -0.86 7.38 16.67
C VAL A 1027 0.27 8.37 16.52
N THR A 1028 0.74 8.58 15.30
CA THR A 1028 1.83 9.51 15.10
C THR A 1028 1.41 10.89 15.59
N GLN A 1029 0.18 11.29 15.25
CA GLN A 1029 -0.31 12.58 15.69
C GLN A 1029 -0.45 12.63 17.21
N GLN A 1030 -0.89 11.54 17.82
CA GLN A 1030 -1.03 11.52 19.27
C GLN A 1030 0.33 11.61 19.94
N LEU A 1031 1.35 10.99 19.35
CA LEU A 1031 2.68 11.03 19.92
C LEU A 1031 3.26 12.43 19.85
N ILE A 1032 3.06 13.10 18.72
CA ILE A 1032 3.57 14.44 18.57
C ILE A 1032 2.81 15.37 19.49
N ARG A 1033 1.49 15.24 19.52
CA ARG A 1033 0.68 16.06 20.39
C ARG A 1033 1.05 15.81 21.83
N ALA A 1034 1.31 14.56 22.19
CA ALA A 1034 1.70 14.23 23.55
C ALA A 1034 2.98 14.94 23.91
N ALA A 1035 3.90 15.07 22.95
CA ALA A 1035 5.14 15.76 23.23
C ALA A 1035 4.88 17.21 23.57
N GLU A 1036 3.91 17.82 22.91
CA GLU A 1036 3.57 19.20 23.19
C GLU A 1036 2.98 19.33 24.58
N ILE A 1037 2.11 18.40 24.93
CA ILE A 1037 1.49 18.40 26.24
C ILE A 1037 2.53 18.17 27.31
N ARG A 1038 3.45 17.26 27.05
CA ARG A 1038 4.50 16.98 28.01
C ARG A 1038 5.33 18.22 28.24
N ALA A 1039 5.68 18.93 27.17
CA ALA A 1039 6.46 20.14 27.32
C ALA A 1039 5.69 21.17 28.15
N SER A 1040 4.38 21.26 27.92
CA SER A 1040 3.56 22.17 28.69
C SER A 1040 3.53 21.75 30.14
N ALA A 1041 3.38 20.46 30.39
CA ALA A 1041 3.36 19.94 31.74
C ALA A 1041 4.68 20.22 32.44
N ASN A 1042 5.78 20.13 31.70
CA ASN A 1042 7.07 20.39 32.29
C ASN A 1042 7.16 21.84 32.69
N LEU A 1043 6.62 22.73 31.87
CA LEU A 1043 6.61 24.14 32.20
C LEU A 1043 5.73 24.38 33.40
N ALA A 1044 4.57 23.73 33.43
CA ALA A 1044 3.65 23.91 34.53
C ALA A 1044 4.28 23.43 35.82
N ALA A 1045 5.00 22.33 35.76
CA ALA A 1045 5.66 21.80 36.94
C ALA A 1045 6.76 22.75 37.37
N THR A 1046 7.44 23.34 36.41
CA THR A 1046 8.50 24.28 36.71
C THR A 1046 7.92 25.48 37.44
N LYS A 1047 6.81 25.98 36.95
CA LYS A 1047 6.15 27.10 37.60
C LYS A 1047 5.66 26.73 38.97
N MET A 1048 5.12 25.55 39.12
CA MET A 1048 4.66 25.18 40.44
C MET A 1048 5.84 25.24 41.40
N SER A 1049 6.97 24.66 41.01
CA SER A 1049 8.12 24.63 41.91
C SER A 1049 8.76 25.98 42.14
N GLU A 1050 8.89 26.79 41.10
CA GLU A 1050 9.60 28.06 41.25
C GLU A 1050 8.74 29.26 41.57
N CYS A 1051 7.48 29.24 41.12
CA CYS A 1051 6.56 30.38 41.23
C CYS A 1051 5.65 30.19 42.44
N VAL A 1052 5.08 29.01 42.62
CA VAL A 1052 4.17 28.76 43.73
C VAL A 1052 4.89 28.39 45.01
N LEU A 1053 5.82 27.44 44.94
CA LEU A 1053 6.53 27.02 46.14
C LEU A 1053 7.56 28.06 46.58
N GLY A 1054 8.03 28.87 45.65
CA GLY A 1054 9.03 29.88 45.95
C GLY A 1054 8.53 31.27 45.59
N GLN A 1055 9.45 32.08 45.06
CA GLN A 1055 9.22 33.43 44.56
C GLN A 1055 10.11 33.59 43.35
N SER A 1056 9.56 34.05 42.24
CA SER A 1056 10.34 34.11 41.02
C SER A 1056 11.11 35.40 40.83
N LYS A 1057 12.34 35.27 40.35
CA LYS A 1057 13.17 36.41 40.01
C LYS A 1057 13.31 36.49 38.50
N ARG A 1058 12.58 35.62 37.82
CA ARG A 1058 12.60 35.54 36.38
C ARG A 1058 11.50 36.41 35.81
N VAL A 1059 11.88 37.41 35.04
CA VAL A 1059 10.94 38.40 34.53
C VAL A 1059 9.92 37.82 33.58
N ASP A 1060 8.66 38.14 33.84
CA ASP A 1060 7.50 37.70 33.09
C ASP A 1060 7.33 36.18 33.08
N PHE A 1061 8.05 35.51 33.96
CA PHE A 1061 7.86 34.09 34.13
C PHE A 1061 6.53 33.80 34.82
N CYS A 1062 6.18 34.63 35.83
CA CYS A 1062 4.98 34.52 36.65
C CYS A 1062 4.07 35.73 36.40
N GLY A 1063 3.90 36.08 35.14
CA GLY A 1063 3.04 37.18 34.77
C GLY A 1063 3.83 38.47 34.72
N LYS A 1064 3.25 39.51 34.13
CA LYS A 1064 3.92 40.80 34.02
C LYS A 1064 3.93 41.49 35.37
N GLY A 1065 5.07 42.09 35.72
CA GLY A 1065 5.19 42.80 36.98
C GLY A 1065 6.19 42.11 37.88
N TYR A 1066 6.33 42.59 39.09
CA TYR A 1066 7.30 41.98 39.99
C TYR A 1066 6.60 40.90 40.76
N HIS A 1067 7.02 39.67 40.60
CA HIS A 1067 6.31 38.57 41.22
C HIS A 1067 6.41 38.58 42.72
N LEU A 1068 5.27 38.37 43.38
CA LEU A 1068 5.24 38.21 44.82
C LEU A 1068 4.98 36.75 45.15
N MET A 1069 3.80 36.27 44.79
CA MET A 1069 3.36 34.92 45.12
C MET A 1069 2.38 34.41 44.10
N SER A 1070 2.18 33.09 44.05
CA SER A 1070 1.17 32.54 43.16
C SER A 1070 0.37 31.45 43.83
N PHE A 1071 -0.85 31.25 43.35
CA PHE A 1071 -1.71 30.22 43.87
C PHE A 1071 -2.22 29.33 42.74
N PRO A 1072 -2.07 28.01 42.81
CA PRO A 1072 -2.55 27.06 41.85
C PRO A 1072 -4.04 26.83 42.03
N GLN A 1073 -4.73 26.53 40.94
CA GLN A 1073 -6.10 26.08 40.93
C GLN A 1073 -6.19 24.94 39.92
N SER A 1074 -6.96 23.91 40.19
CA SER A 1074 -7.07 22.84 39.21
C SER A 1074 -8.05 23.18 38.10
N ALA A 1075 -7.91 22.50 36.97
CA ALA A 1075 -8.82 22.65 35.85
C ALA A 1075 -8.84 21.33 35.09
N PRO A 1076 -9.85 21.07 34.26
CA PRO A 1076 -9.90 19.88 33.44
C PRO A 1076 -8.63 19.77 32.62
N HIS A 1077 -7.93 18.66 32.79
CA HIS A 1077 -6.70 18.37 32.07
C HIS A 1077 -5.66 19.47 32.15
N GLY A 1078 -5.60 20.20 33.26
CA GLY A 1078 -4.62 21.27 33.34
C GLY A 1078 -4.59 21.98 34.67
N VAL A 1079 -3.76 23.01 34.73
CA VAL A 1079 -3.58 23.79 35.93
C VAL A 1079 -3.70 25.26 35.60
N VAL A 1080 -4.29 25.99 36.52
CA VAL A 1080 -4.42 27.42 36.37
C VAL A 1080 -3.69 28.13 37.48
N PHE A 1081 -2.85 29.07 37.12
CA PHE A 1081 -2.11 29.79 38.14
C PHE A 1081 -2.59 31.21 38.29
N LEU A 1082 -2.84 31.60 39.52
CA LEU A 1082 -3.18 32.99 39.80
C LEU A 1082 -1.93 33.65 40.30
N HIS A 1083 -1.37 34.53 39.48
CA HIS A 1083 -0.10 35.15 39.80
C HIS A 1083 -0.32 36.50 40.41
N VAL A 1084 0.21 36.71 41.60
CA VAL A 1084 0.05 37.96 42.29
C VAL A 1084 1.31 38.77 42.11
N THR A 1085 1.19 39.90 41.45
CA THR A 1085 2.35 40.70 41.12
C THR A 1085 2.23 42.14 41.59
N TYR A 1086 3.37 42.74 41.86
CA TYR A 1086 3.48 44.13 42.24
C TYR A 1086 3.76 44.98 41.02
N VAL A 1087 2.88 45.93 40.76
CA VAL A 1087 3.06 46.77 39.59
C VAL A 1087 3.03 48.24 39.96
N PRO A 1088 4.07 49.02 39.66
CA PRO A 1088 4.14 50.45 39.87
C PRO A 1088 2.94 51.09 39.19
N ALA A 1089 2.29 52.04 39.85
CA ALA A 1089 1.07 52.61 39.32
C ALA A 1089 1.17 54.09 38.98
N GLN A 1090 1.81 54.84 39.85
CA GLN A 1090 1.89 56.29 39.67
C GLN A 1090 3.32 56.68 39.79
N GLU A 1091 3.75 57.70 39.05
CA GLU A 1091 5.15 58.11 39.03
C GLU A 1091 5.35 59.61 38.94
N LYS A 1092 6.52 60.06 39.37
CA LYS A 1092 6.89 61.46 39.23
C LYS A 1092 8.29 61.65 38.62
N ASN A 1093 8.48 62.81 37.97
CA ASN A 1093 9.76 63.24 37.39
C ASN A 1093 10.66 63.86 38.44
N PHE A 1094 11.78 63.21 38.78
CA PHE A 1094 12.75 63.72 39.75
C PHE A 1094 14.06 64.01 39.06
N THR A 1095 14.78 65.00 39.56
CA THR A 1095 16.11 65.26 39.04
C THR A 1095 17.04 64.32 39.76
N THR A 1096 18.03 63.79 39.06
CA THR A 1096 18.93 62.85 39.70
C THR A 1096 20.40 63.14 39.49
N ALA A 1097 21.22 62.32 40.15
CA ALA A 1097 22.68 62.39 40.06
C ALA A 1097 23.23 61.04 40.49
N PRO A 1098 24.33 60.58 39.89
CA PRO A 1098 25.01 59.34 40.20
C PRO A 1098 25.72 59.36 41.53
N ALA A 1099 26.04 60.54 42.02
CA ALA A 1099 26.78 60.67 43.26
C ALA A 1099 26.67 62.07 43.81
N ILE A 1100 26.97 62.21 45.09
CA ILE A 1100 27.02 63.51 45.73
C ILE A 1100 28.36 63.85 46.39
N CYS A 1101 28.84 65.07 46.16
CA CYS A 1101 30.04 65.63 46.78
C CYS A 1101 29.72 66.22 48.14
N HIS A 1102 30.51 65.87 49.12
CA HIS A 1102 30.34 66.49 50.44
C HIS A 1102 31.51 67.44 50.70
N ASP A 1103 32.64 66.87 51.10
CA ASP A 1103 33.86 67.62 51.36
C ASP A 1103 34.90 67.36 50.28
N GLY A 1104 34.44 66.88 49.13
CA GLY A 1104 35.32 66.51 48.02
C GLY A 1104 35.26 65.01 47.81
N LYS A 1105 34.78 64.29 48.82
CA LYS A 1105 34.58 62.86 48.72
C LYS A 1105 33.33 62.57 47.90
N ALA A 1106 33.36 61.49 47.13
CA ALA A 1106 32.19 61.09 46.36
C ALA A 1106 31.35 60.07 47.10
N HIS A 1107 30.13 60.45 47.43
CA HIS A 1107 29.20 59.60 48.16
C HIS A 1107 28.18 58.95 47.24
N PHE A 1108 28.04 57.64 47.35
CA PHE A 1108 27.10 56.88 46.54
C PHE A 1108 26.08 56.22 47.46
N PRO A 1109 24.85 55.96 47.05
CA PRO A 1109 23.86 55.29 47.85
C PRO A 1109 24.26 53.85 48.09
N ARG A 1110 23.99 53.34 49.28
CA ARG A 1110 24.18 51.91 49.50
C ARG A 1110 23.07 51.19 48.76
N GLU A 1111 21.89 51.76 48.85
CA GLU A 1111 20.70 51.29 48.18
C GLU A 1111 19.93 52.50 47.71
N GLY A 1112 19.20 52.37 46.62
CA GLY A 1112 18.40 53.48 46.15
C GLY A 1112 19.20 54.43 45.28
N VAL A 1113 18.57 55.55 44.97
CA VAL A 1113 19.16 56.57 44.12
C VAL A 1113 19.05 57.93 44.75
N PHE A 1114 19.85 58.87 44.27
CA PHE A 1114 19.68 60.24 44.73
C PHE A 1114 18.66 60.92 43.86
N VAL A 1115 17.79 61.69 44.48
CA VAL A 1115 16.76 62.42 43.77
C VAL A 1115 16.71 63.86 44.23
N SER A 1116 16.14 64.71 43.41
CA SER A 1116 15.91 66.07 43.81
C SER A 1116 14.53 66.54 43.38
N ASN A 1117 13.83 67.20 44.31
CA ASN A 1117 12.49 67.75 44.06
C ASN A 1117 12.54 69.22 43.59
N GLY A 1118 13.76 69.73 43.30
CA GLY A 1118 14.03 71.08 42.82
C GLY A 1118 14.73 71.93 43.88
N THR A 1119 14.60 71.57 45.15
CA THR A 1119 15.28 72.36 46.18
C THR A 1119 16.13 71.50 47.11
N HIS A 1120 15.73 70.25 47.31
CA HIS A 1120 16.47 69.39 48.22
C HIS A 1120 16.75 68.02 47.63
N TRP A 1121 17.92 67.50 47.98
CA TRP A 1121 18.33 66.16 47.58
C TRP A 1121 17.99 65.14 48.63
N PHE A 1122 17.48 64.00 48.18
CA PHE A 1122 17.10 62.89 49.03
C PHE A 1122 17.62 61.60 48.45
N VAL A 1123 17.69 60.58 49.26
CA VAL A 1123 18.03 59.27 48.75
C VAL A 1123 16.85 58.35 48.95
N THR A 1124 16.50 57.57 47.94
CA THR A 1124 15.32 56.72 48.09
C THR A 1124 15.38 55.43 47.32
N GLN A 1125 14.64 54.44 47.78
CA GLN A 1125 14.58 53.14 47.12
C GLN A 1125 14.04 53.25 45.71
N ARG A 1126 14.61 52.46 44.83
CA ARG A 1126 14.32 52.50 43.40
C ARG A 1126 12.87 52.25 43.00
N ASN A 1127 12.17 51.38 43.72
CA ASN A 1127 10.85 50.99 43.27
C ASN A 1127 9.68 51.68 43.96
N PHE A 1128 9.96 52.63 44.85
CA PHE A 1128 8.86 53.27 45.57
C PHE A 1128 9.33 54.53 46.27
N TYR A 1129 8.86 55.66 45.81
CA TYR A 1129 9.35 56.93 46.31
C TYR A 1129 9.10 57.08 47.78
N GLU A 1130 10.18 57.25 48.50
CA GLU A 1130 10.16 57.40 49.93
C GLU A 1130 11.42 58.13 50.33
N PRO A 1131 11.44 59.44 50.19
CA PRO A 1131 12.63 60.26 50.27
C PRO A 1131 13.18 60.23 51.67
N GLN A 1132 14.49 60.06 51.78
CA GLN A 1132 15.15 60.09 53.06
C GLN A 1132 16.25 61.12 53.06
N ILE A 1133 16.58 61.63 54.22
CA ILE A 1133 17.70 62.55 54.33
C ILE A 1133 18.96 61.81 54.01
N ILE A 1134 19.83 62.43 53.25
CA ILE A 1134 21.07 61.80 52.88
C ILE A 1134 22.02 61.90 54.04
N THR A 1135 22.45 60.74 54.52
CA THR A 1135 23.31 60.66 55.68
C THR A 1135 24.43 59.68 55.41
N THR A 1136 25.38 59.64 56.32
CA THR A 1136 26.50 58.73 56.21
C THR A 1136 26.07 57.28 56.39
N ASP A 1137 24.85 57.06 56.87
CA ASP A 1137 24.34 55.72 57.06
C ASP A 1137 23.54 55.26 55.85
N ASN A 1138 23.36 56.15 54.87
CA ASN A 1138 22.64 55.81 53.66
C ASN A 1138 23.59 55.68 52.49
N THR A 1139 24.73 56.36 52.58
CA THR A 1139 25.69 56.39 51.49
C THR A 1139 27.05 55.87 51.91
N PHE A 1140 27.91 55.65 50.94
CA PHE A 1140 29.28 55.24 51.21
C PHE A 1140 30.22 56.02 50.32
N VAL A 1141 31.47 56.15 50.75
CA VAL A 1141 32.42 56.92 49.99
C VAL A 1141 33.39 56.08 49.19
N SER A 1142 33.57 56.47 47.94
CA SER A 1142 34.56 55.83 47.10
C SER A 1142 35.10 56.79 46.05
N GLY A 1143 36.39 57.05 46.09
CA GLY A 1143 36.96 57.98 45.13
C GLY A 1143 36.53 59.40 45.45
N ASN A 1144 36.56 60.27 44.45
CA ASN A 1144 36.28 61.67 44.69
C ASN A 1144 35.60 62.36 43.49
N CYS A 1145 35.29 63.65 43.71
CA CYS A 1145 34.53 64.52 42.82
C CYS A 1145 35.22 64.81 41.50
N ASP A 1146 36.50 64.54 41.39
CA ASP A 1146 37.21 64.83 40.16
C ASP A 1146 37.09 63.69 39.18
N VAL A 1147 36.45 62.60 39.59
CA VAL A 1147 36.33 61.44 38.74
C VAL A 1147 34.91 61.20 38.24
N VAL A 1148 33.94 61.30 39.13
CA VAL A 1148 32.58 60.93 38.75
C VAL A 1148 31.90 61.95 37.83
N ILE A 1149 31.39 61.46 36.72
CA ILE A 1149 30.71 62.29 35.74
C ILE A 1149 29.29 62.58 36.19
N GLY A 1150 28.96 63.85 36.30
CA GLY A 1150 27.62 64.23 36.71
C GLY A 1150 27.44 64.33 38.21
N ILE A 1151 28.53 64.26 38.96
CA ILE A 1151 28.44 64.37 40.40
C ILE A 1151 28.00 65.78 40.79
N VAL A 1152 27.13 65.88 41.78
CA VAL A 1152 26.61 67.19 42.20
C VAL A 1152 26.99 67.51 43.63
N ASN A 1153 26.95 68.81 44.00
CA ASN A 1153 27.24 69.30 45.33
C ASN A 1153 26.00 69.27 46.23
N ASN A 1154 26.15 68.74 47.44
CA ASN A 1154 25.11 68.72 48.48
C ASN A 1154 25.80 68.56 49.82
N THR A 1155 25.05 68.13 50.82
CA THR A 1155 25.66 67.85 52.10
C THR A 1155 25.24 66.47 52.52
N VAL A 1156 26.09 65.81 53.28
CA VAL A 1156 25.74 64.52 53.84
C VAL A 1156 25.72 64.63 55.34
N TYR A 1157 24.58 64.36 55.93
CA TYR A 1157 24.41 64.50 57.35
C TYR A 1157 25.12 63.40 58.13
N ASP A 1158 25.81 63.80 59.19
CA ASP A 1158 26.49 62.86 60.08
C ASP A 1158 25.77 62.82 61.43
N PRO A 1159 25.00 61.76 61.73
CA PRO A 1159 24.22 61.57 62.94
C PRO A 1159 25.05 61.62 64.21
N LEU A 1160 26.35 61.42 64.09
CA LEU A 1160 27.22 61.43 65.25
C LEU A 1160 27.57 62.83 65.73
N GLN A 1161 27.67 63.80 64.84
CA GLN A 1161 28.20 65.08 65.29
C GLN A 1161 27.33 65.76 66.36
N PRO A 1162 25.99 65.74 66.26
CA PRO A 1162 25.08 66.28 67.25
C PRO A 1162 25.14 65.54 68.58
N GLU A 1163 25.67 64.32 68.59
CA GLU A 1163 25.76 63.53 69.81
C GLU A 1163 27.02 63.86 70.63
N LEU A 1164 28.12 64.17 69.94
CA LEU A 1164 29.42 64.48 70.54
C LEU A 1164 29.35 65.80 71.32
N VAL B 2 30.38 -31.16 -47.67
CA VAL B 2 30.80 -32.55 -47.43
C VAL B 2 30.91 -33.29 -48.74
N GLN B 3 32.10 -33.77 -49.07
CA GLN B 3 32.27 -34.48 -50.32
C GLN B 3 32.94 -35.83 -50.13
N LEU B 4 32.43 -36.81 -50.85
CA LEU B 4 33.01 -38.14 -50.88
C LEU B 4 33.41 -38.45 -52.30
N VAL B 5 34.69 -38.69 -52.50
CA VAL B 5 35.17 -38.95 -53.84
C VAL B 5 35.70 -40.35 -53.98
N GLU B 6 34.93 -41.20 -54.66
CA GLU B 6 35.36 -42.56 -54.84
C GLU B 6 35.93 -42.78 -56.24
N SER B 7 36.80 -43.77 -56.34
CA SER B 7 37.42 -44.11 -57.60
C SER B 7 37.93 -45.55 -57.59
N GLY B 8 38.65 -45.92 -58.63
CA GLY B 8 39.23 -47.25 -58.76
C GLY B 8 38.43 -48.16 -59.70
N GLY B 9 37.20 -47.79 -60.03
CA GLY B 9 36.43 -48.63 -60.94
C GLY B 9 37.06 -48.62 -62.31
N ASP B 10 37.08 -49.78 -62.96
CA ASP B 10 37.66 -49.94 -64.28
C ASP B 10 37.10 -51.22 -64.91
N SER B 11 37.53 -51.51 -66.14
CA SER B 11 37.18 -52.77 -66.80
C SER B 11 38.23 -53.82 -66.45
N VAL B 12 37.80 -54.85 -65.74
CA VAL B 12 38.70 -55.87 -65.23
C VAL B 12 38.24 -57.27 -65.63
N GLN B 13 39.11 -58.24 -65.47
CA GLN B 13 38.77 -59.62 -65.79
C GLN B 13 38.30 -60.38 -64.55
N PRO B 14 37.37 -61.33 -64.68
CA PRO B 14 36.84 -62.16 -63.62
C PRO B 14 37.92 -63.07 -63.08
N GLY B 15 37.89 -63.31 -61.79
CA GLY B 15 38.84 -64.18 -61.13
C GLY B 15 40.00 -63.37 -60.57
N GLY B 16 40.07 -62.09 -60.94
CA GLY B 16 41.12 -61.21 -60.47
C GLY B 16 40.65 -60.42 -59.27
N SER B 17 41.22 -59.25 -59.07
CA SER B 17 40.88 -58.42 -57.93
C SER B 17 40.93 -56.96 -58.31
N LEU B 18 40.28 -56.13 -57.52
CA LEU B 18 40.29 -54.69 -57.74
C LEU B 18 40.19 -53.91 -56.45
N ARG B 19 41.08 -52.93 -56.27
CA ARG B 19 41.02 -52.09 -55.09
C ARG B 19 40.34 -50.77 -55.41
N LEU B 20 39.27 -50.49 -54.67
CA LEU B 20 38.52 -49.25 -54.79
C LEU B 20 38.89 -48.35 -53.63
N SER B 21 38.73 -47.05 -53.79
CA SER B 21 39.06 -46.16 -52.69
C SER B 21 38.10 -44.97 -52.62
N CYS B 22 38.07 -44.31 -51.45
CA CYS B 22 37.26 -43.11 -51.21
C CYS B 22 38.01 -42.11 -50.36
N ALA B 23 38.08 -40.88 -50.85
CA ALA B 23 38.71 -39.79 -50.13
C ALA B 23 37.64 -38.87 -49.54
N ALA B 24 37.85 -38.47 -48.29
CA ALA B 24 36.97 -37.53 -47.63
C ALA B 24 37.46 -36.12 -47.83
N ALA B 25 36.53 -35.19 -48.03
CA ALA B 25 36.89 -33.79 -48.11
C ALA B 25 35.82 -32.91 -47.47
N GLY B 26 36.27 -31.87 -46.78
CA GLY B 26 35.37 -30.88 -46.19
C GLY B 26 34.87 -31.27 -44.79
N PHE B 27 35.32 -32.42 -44.29
CA PHE B 27 34.88 -32.90 -42.99
C PHE B 27 35.94 -33.81 -42.39
N THR B 28 35.78 -34.13 -41.10
CA THR B 28 36.71 -35.03 -40.43
C THR B 28 36.41 -36.48 -40.78
N PHE B 29 37.42 -37.19 -41.26
CA PHE B 29 37.26 -38.59 -41.62
C PHE B 29 37.02 -39.46 -40.39
N SER B 30 37.90 -39.35 -39.42
CA SER B 30 37.87 -40.20 -38.23
C SER B 30 36.89 -39.71 -37.17
N SER B 31 35.62 -39.66 -37.53
CA SER B 31 34.57 -39.30 -36.61
C SER B 31 33.29 -39.93 -37.11
N TYR B 32 33.40 -40.56 -38.27
CA TYR B 32 32.25 -41.17 -38.92
C TYR B 32 32.56 -42.57 -39.44
N TRP B 33 31.50 -43.35 -39.67
CA TRP B 33 31.66 -44.67 -40.28
C TRP B 33 31.69 -44.54 -41.79
N MET B 34 32.43 -45.41 -42.45
CA MET B 34 32.54 -45.32 -43.92
C MET B 34 31.96 -46.53 -44.65
N ASN B 35 30.85 -46.30 -45.37
CA ASN B 35 30.10 -47.34 -46.05
C ASN B 35 30.44 -47.55 -47.51
N TRP B 36 30.19 -48.79 -47.98
CA TRP B 36 30.19 -49.11 -49.40
C TRP B 36 28.89 -49.80 -49.79
N VAL B 37 28.30 -49.31 -50.88
CA VAL B 37 27.07 -49.85 -51.47
C VAL B 37 27.29 -50.03 -52.96
N ARG B 38 26.75 -51.09 -53.55
CA ARG B 38 26.94 -51.27 -54.97
C ARG B 38 25.61 -51.42 -55.69
N GLN B 39 25.56 -50.95 -56.93
CA GLN B 39 24.34 -51.09 -57.70
C GLN B 39 24.57 -51.58 -59.13
N ALA B 40 24.09 -52.79 -59.41
CA ALA B 40 24.18 -53.31 -60.76
C ALA B 40 23.21 -52.50 -61.61
N PRO B 41 23.53 -52.20 -62.86
CA PRO B 41 22.68 -51.43 -63.73
C PRO B 41 21.36 -52.15 -63.91
N GLY B 42 20.25 -51.42 -63.75
CA GLY B 42 18.92 -51.99 -63.89
C GLY B 42 18.41 -52.63 -62.58
N LYS B 43 19.26 -52.65 -61.55
CA LYS B 43 18.93 -53.27 -60.27
C LYS B 43 18.88 -52.25 -59.14
N GLY B 44 18.43 -52.72 -57.97
CA GLY B 44 18.38 -51.87 -56.79
C GLY B 44 19.72 -51.85 -56.08
N LEU B 45 19.75 -51.31 -54.87
CA LEU B 45 21.01 -51.16 -54.14
C LEU B 45 21.34 -52.40 -53.33
N GLU B 46 22.62 -52.74 -53.28
CA GLU B 46 23.08 -53.83 -52.43
C GLU B 46 24.08 -53.33 -51.41
N TRP B 47 23.82 -53.62 -50.15
CA TRP B 47 24.71 -53.20 -49.09
C TRP B 47 25.94 -54.06 -49.27
N VAL B 48 27.13 -53.50 -49.16
CA VAL B 48 28.31 -54.32 -49.36
C VAL B 48 29.15 -54.45 -48.12
N ALA B 49 29.60 -53.31 -47.61
CA ALA B 49 30.54 -53.36 -46.52
C ALA B 49 30.58 -52.04 -45.78
N ASN B 50 31.16 -52.09 -44.59
CA ASN B 50 31.36 -50.90 -43.79
C ASN B 50 32.61 -51.04 -42.94
N ILE B 51 32.91 -49.99 -42.20
CA ILE B 51 34.02 -49.96 -41.28
C ILE B 51 33.76 -48.93 -40.20
N LYS B 52 34.13 -49.29 -38.99
CA LYS B 52 33.96 -48.46 -37.83
C LYS B 52 34.90 -47.27 -37.89
N GLN B 53 34.50 -46.20 -37.24
CA GLN B 53 35.24 -44.95 -37.19
C GLN B 53 36.75 -45.10 -37.02
N ASP B 54 37.17 -45.95 -36.09
CA ASP B 54 38.60 -46.09 -35.79
C ASP B 54 39.25 -47.30 -36.45
N GLY B 55 38.50 -48.01 -37.29
CA GLY B 55 38.99 -49.17 -38.01
C GLY B 55 39.05 -50.45 -37.20
N SER B 56 38.58 -50.43 -35.95
CA SER B 56 38.66 -51.59 -35.08
C SER B 56 37.69 -52.71 -35.45
N GLU B 57 36.65 -52.36 -36.19
CA GLU B 57 35.63 -53.32 -36.59
C GLU B 57 35.26 -53.14 -38.05
N LYS B 58 35.02 -54.25 -38.74
CA LYS B 58 34.60 -54.22 -40.14
C LYS B 58 33.35 -55.04 -40.32
N TYR B 59 32.51 -54.63 -41.26
CA TYR B 59 31.27 -55.34 -41.52
C TYR B 59 31.08 -55.66 -42.99
N TYR B 60 30.56 -56.84 -43.27
CA TYR B 60 30.30 -57.23 -44.65
C TYR B 60 28.96 -57.92 -44.79
N VAL B 61 28.34 -57.75 -45.95
CA VAL B 61 27.20 -58.57 -46.30
C VAL B 61 27.76 -59.97 -46.51
N ASP B 62 27.04 -60.99 -46.07
CA ASP B 62 27.56 -62.34 -46.14
C ASP B 62 28.05 -62.72 -47.55
N SER B 63 27.40 -62.21 -48.59
CA SER B 63 27.75 -62.55 -49.97
C SER B 63 29.16 -62.13 -50.40
N VAL B 64 29.79 -61.22 -49.67
CA VAL B 64 31.14 -60.79 -50.03
C VAL B 64 32.12 -61.13 -48.91
N LYS B 65 31.64 -61.87 -47.92
CA LYS B 65 32.47 -62.19 -46.77
C LYS B 65 33.60 -63.11 -47.17
N GLY B 66 34.81 -62.74 -46.78
CA GLY B 66 35.99 -63.52 -47.08
C GLY B 66 36.62 -63.09 -48.40
N ARG B 67 35.93 -62.24 -49.14
CA ARG B 67 36.43 -61.77 -50.42
C ARG B 67 36.79 -60.30 -50.35
N PHE B 68 35.99 -59.55 -49.58
CA PHE B 68 36.20 -58.11 -49.48
C PHE B 68 36.92 -57.76 -48.17
N THR B 69 37.89 -56.84 -48.28
CA THR B 69 38.64 -56.33 -47.13
C THR B 69 38.66 -54.80 -47.09
N ILE B 70 38.43 -54.22 -45.92
CA ILE B 70 38.51 -52.77 -45.78
C ILE B 70 39.62 -52.36 -44.83
N SER B 71 40.40 -51.39 -45.28
CA SER B 71 41.47 -50.81 -44.49
C SER B 71 41.38 -49.32 -44.66
N ARG B 72 42.07 -48.57 -43.81
CA ARG B 72 41.99 -47.12 -43.94
C ARG B 72 43.24 -46.42 -43.42
N ASP B 73 43.39 -45.17 -43.83
CA ASP B 73 44.47 -44.34 -43.37
C ASP B 73 43.90 -43.01 -42.89
N ASN B 74 43.86 -42.84 -41.59
CA ASN B 74 43.22 -41.67 -40.98
C ASN B 74 44.03 -40.41 -41.20
N ALA B 75 45.28 -40.56 -41.64
CA ALA B 75 46.14 -39.42 -41.88
C ALA B 75 45.97 -38.90 -43.30
N LYS B 76 45.24 -39.67 -44.12
CA LYS B 76 45.02 -39.31 -45.51
C LYS B 76 43.55 -39.05 -45.74
N ASN B 77 42.78 -39.19 -44.65
CA ASN B 77 41.34 -39.03 -44.68
C ASN B 77 40.70 -39.92 -45.76
N SER B 78 41.15 -41.16 -45.86
CA SER B 78 40.60 -42.04 -46.89
C SER B 78 40.58 -43.51 -46.49
N LEU B 79 39.73 -44.28 -47.18
CA LEU B 79 39.62 -45.72 -46.96
C LEU B 79 39.70 -46.49 -48.26
N TYR B 80 40.06 -47.77 -48.13
CA TYR B 80 40.21 -48.64 -49.28
C TYR B 80 39.40 -49.92 -49.13
N LEU B 81 38.72 -50.30 -50.21
CA LEU B 81 37.99 -51.55 -50.27
C LEU B 81 38.58 -52.46 -51.32
N GLN B 82 39.15 -53.57 -50.90
CA GLN B 82 39.75 -54.47 -51.88
C GLN B 82 38.94 -55.73 -52.02
N MET B 83 38.51 -56.01 -53.23
CA MET B 83 37.72 -57.19 -53.48
C MET B 83 38.45 -58.22 -54.32
N ASN B 84 38.58 -59.41 -53.75
CA ASN B 84 39.26 -60.54 -54.35
C ASN B 84 38.29 -61.51 -54.98
N SER B 85 38.78 -62.34 -55.89
CA SER B 85 37.93 -63.33 -56.56
C SER B 85 36.70 -62.64 -57.13
N LEU B 86 36.94 -61.53 -57.80
CA LEU B 86 35.88 -60.72 -58.36
C LEU B 86 35.15 -61.47 -59.46
N ARG B 87 33.83 -61.55 -59.33
CA ARG B 87 32.97 -62.29 -60.23
C ARG B 87 32.54 -61.51 -61.47
N ALA B 88 32.35 -62.22 -62.58
CA ALA B 88 31.87 -61.62 -63.83
C ALA B 88 30.50 -61.00 -63.64
N GLU B 89 29.72 -61.60 -62.77
CA GLU B 89 28.38 -61.14 -62.46
C GLU B 89 28.39 -59.82 -61.69
N ASP B 90 29.53 -59.47 -61.08
CA ASP B 90 29.61 -58.28 -60.24
C ASP B 90 29.93 -57.03 -61.05
N THR B 91 28.98 -56.64 -61.89
CA THR B 91 29.11 -55.37 -62.61
C THR B 91 28.17 -54.39 -61.96
N ALA B 92 28.74 -53.37 -61.35
CA ALA B 92 27.98 -52.44 -60.54
C ALA B 92 28.72 -51.16 -60.29
N VAL B 93 27.98 -50.12 -59.95
CA VAL B 93 28.61 -48.91 -59.50
C VAL B 93 28.77 -48.95 -58.00
N TYR B 94 29.99 -48.74 -57.54
CA TYR B 94 30.28 -48.74 -56.13
C TYR B 94 30.27 -47.33 -55.61
N TYR B 95 29.52 -47.11 -54.54
CA TYR B 95 29.40 -45.80 -53.97
C TYR B 95 30.01 -45.75 -52.60
N CYS B 96 30.64 -44.61 -52.27
CA CYS B 96 31.13 -44.28 -50.96
C CYS B 96 30.05 -43.48 -50.25
N ALA B 97 29.77 -43.83 -49.00
CA ALA B 97 28.76 -43.09 -48.27
C ALA B 97 29.23 -42.86 -46.83
N LEU B 98 28.89 -41.71 -46.29
CA LEU B 98 29.32 -41.29 -44.97
C LEU B 98 28.24 -41.48 -43.95
N SER B 99 28.49 -42.33 -42.96
CA SER B 99 27.47 -42.61 -41.97
C SER B 99 27.71 -41.88 -40.66
N SER B 100 26.83 -40.93 -40.42
CA SER B 100 26.86 -40.02 -39.28
C SER B 100 25.63 -40.23 -38.41
N GLY B 101 24.96 -41.34 -38.61
CA GLY B 101 23.75 -41.65 -37.88
C GLY B 101 24.08 -42.29 -36.55
N TYR B 102 23.05 -42.74 -35.84
CA TYR B 102 23.19 -43.34 -34.52
C TYR B 102 24.10 -44.57 -34.46
N SER B 103 23.86 -45.55 -35.33
CA SER B 103 24.64 -46.79 -35.27
C SER B 103 25.84 -46.82 -36.19
N GLY B 104 25.82 -46.00 -37.23
CA GLY B 104 26.92 -45.97 -38.19
C GLY B 104 26.78 -47.01 -39.32
N TYR B 105 25.68 -47.77 -39.32
CA TYR B 105 25.49 -48.82 -40.31
C TYR B 105 25.14 -48.35 -41.73
N ALA B 106 24.54 -47.16 -41.87
CA ALA B 106 24.11 -46.69 -43.19
C ALA B 106 24.50 -45.24 -43.42
N GLY B 107 24.93 -44.95 -44.65
CA GLY B 107 25.40 -43.62 -45.02
C GLY B 107 24.30 -42.60 -45.28
N ASN B 108 24.61 -41.34 -44.96
CA ASN B 108 23.78 -40.16 -45.17
C ASN B 108 24.27 -39.33 -46.35
N TYR B 109 25.58 -39.15 -46.45
CA TYR B 109 26.14 -38.40 -47.57
C TYR B 109 26.66 -39.40 -48.58
N TRP B 110 26.40 -39.14 -49.85
CA TRP B 110 26.81 -40.04 -50.90
C TRP B 110 27.72 -39.39 -51.92
N GLY B 111 28.63 -40.18 -52.47
CA GLY B 111 29.52 -39.74 -53.54
C GLY B 111 28.84 -39.91 -54.89
N GLN B 112 29.62 -39.98 -55.96
CA GLN B 112 29.05 -40.05 -57.30
C GLN B 112 29.02 -41.48 -57.83
N GLY B 113 29.93 -42.29 -57.32
CA GLY B 113 30.03 -43.70 -57.68
C GLY B 113 31.11 -43.97 -58.70
N THR B 114 31.74 -45.13 -58.58
CA THR B 114 32.77 -45.57 -59.51
C THR B 114 32.33 -46.89 -60.14
N LEU B 115 32.37 -46.96 -61.46
CA LEU B 115 31.85 -48.16 -62.13
C LEU B 115 32.86 -49.27 -62.30
N VAL B 116 32.47 -50.44 -61.80
CA VAL B 116 33.26 -51.65 -61.93
C VAL B 116 32.59 -52.58 -62.92
N THR B 117 33.30 -52.88 -63.99
CA THR B 117 32.78 -53.78 -65.02
C THR B 117 33.69 -54.97 -65.11
N VAL B 118 33.12 -56.17 -65.05
CA VAL B 118 33.94 -57.35 -65.06
C VAL B 118 33.61 -58.17 -66.32
N SER B 119 34.64 -58.43 -67.15
CA SER B 119 34.50 -59.12 -68.44
C SER B 119 35.72 -59.98 -68.75
N ALA C 2 18.40 -62.22 -44.08
CA ALA C 2 18.68 -60.95 -44.77
C ALA C 2 17.69 -60.70 -45.89
N VAL C 3 16.42 -60.60 -45.52
CA VAL C 3 15.36 -60.41 -46.49
C VAL C 3 14.54 -59.17 -46.17
N VAL C 4 14.50 -58.27 -47.14
CA VAL C 4 13.74 -57.04 -47.05
C VAL C 4 12.89 -56.89 -48.30
N THR C 5 11.61 -56.59 -48.15
CA THR C 5 10.74 -56.46 -49.29
C THR C 5 10.08 -55.09 -49.37
N GLN C 6 9.71 -54.71 -50.59
CA GLN C 6 9.04 -53.45 -50.88
C GLN C 6 7.97 -53.62 -51.94
N GLU C 7 7.00 -52.71 -51.95
CA GLU C 7 6.01 -52.65 -53.03
C GLU C 7 6.74 -52.20 -54.31
N PRO C 8 6.76 -53.01 -55.38
CA PRO C 8 7.51 -52.76 -56.62
C PRO C 8 7.34 -51.36 -57.20
N SER C 9 6.12 -50.82 -57.18
CA SER C 9 5.91 -49.48 -57.69
C SER C 9 4.62 -48.85 -57.18
N LEU C 10 4.64 -47.51 -57.10
CA LEU C 10 3.49 -46.72 -56.75
C LEU C 10 3.27 -45.59 -57.77
N THR C 11 2.01 -45.31 -58.05
CA THR C 11 1.69 -44.19 -58.94
C THR C 11 0.82 -43.19 -58.20
N VAL C 12 1.18 -41.92 -58.31
CA VAL C 12 0.42 -40.89 -57.61
C VAL C 12 0.09 -39.70 -58.53
N SER C 13 -1.12 -39.18 -58.41
CA SER C 13 -1.48 -37.98 -59.15
C SER C 13 -0.77 -36.79 -58.51
N PRO C 14 -0.42 -35.74 -59.26
CA PRO C 14 0.19 -34.54 -58.74
C PRO C 14 -0.65 -33.99 -57.59
N GLY C 15 -0.01 -33.71 -56.47
CA GLY C 15 -0.67 -33.19 -55.28
C GLY C 15 -1.21 -34.28 -54.37
N GLY C 16 -1.19 -35.53 -54.83
CA GLY C 16 -1.71 -36.65 -54.04
C GLY C 16 -0.69 -37.16 -53.06
N THR C 17 -1.14 -37.96 -52.11
CA THR C 17 -0.24 -38.52 -51.13
C THR C 17 0.35 -39.83 -51.61
N VAL C 18 1.44 -40.24 -50.98
CA VAL C 18 2.12 -41.48 -51.30
C VAL C 18 2.45 -42.24 -50.04
N THR C 19 2.29 -43.57 -50.06
CA THR C 19 2.76 -44.37 -48.95
C THR C 19 3.70 -45.46 -49.41
N LEU C 20 5.01 -45.16 -49.43
CA LEU C 20 6.00 -46.14 -49.86
C LEU C 20 6.25 -47.04 -48.66
N THR C 21 6.33 -48.35 -48.85
CA THR C 21 6.51 -49.22 -47.69
C THR C 21 7.73 -50.13 -47.82
N CYS C 22 8.24 -50.61 -46.66
CA CYS C 22 9.38 -51.50 -46.53
C CYS C 22 9.32 -52.33 -45.26
N GLY C 23 9.76 -53.59 -45.35
CA GLY C 23 9.87 -54.36 -44.12
C GLY C 23 10.69 -55.63 -44.26
N SER C 24 11.04 -56.20 -43.11
CA SER C 24 11.82 -57.42 -43.05
C SER C 24 10.92 -58.64 -43.09
N SER C 25 11.50 -59.80 -43.42
CA SER C 25 10.73 -61.03 -43.43
C SER C 25 10.46 -61.59 -42.03
N THR C 26 11.26 -61.17 -41.05
CA THR C 26 11.05 -61.67 -39.70
C THR C 26 10.83 -60.51 -38.72
N GLY C 27 10.23 -60.83 -37.58
CA GLY C 27 10.00 -59.84 -36.52
C GLY C 27 9.12 -58.70 -37.02
N ALA C 28 9.54 -57.47 -36.72
CA ALA C 28 8.82 -56.28 -37.13
C ALA C 28 9.77 -55.10 -37.18
N VAL C 29 9.46 -54.12 -38.00
CA VAL C 29 10.28 -52.93 -38.05
C VAL C 29 9.92 -51.98 -36.94
N THR C 30 10.93 -51.61 -36.18
CA THR C 30 10.82 -50.67 -35.08
C THR C 30 12.00 -49.73 -35.18
N SER C 31 12.09 -48.79 -34.25
CA SER C 31 13.20 -47.84 -34.25
C SER C 31 14.54 -48.54 -34.03
N GLY C 32 14.49 -49.79 -33.56
CA GLY C 32 15.71 -50.56 -33.29
C GLY C 32 16.40 -51.01 -34.58
N HIS C 33 15.73 -50.83 -35.71
CA HIS C 33 16.29 -51.17 -37.02
C HIS C 33 16.92 -49.94 -37.63
N TYR C 34 16.77 -48.82 -36.93
CA TYR C 34 17.21 -47.52 -37.39
C TYR C 34 17.06 -47.32 -38.89
N PRO C 35 15.85 -47.49 -39.47
CA PRO C 35 15.59 -47.54 -40.90
C PRO C 35 16.08 -46.30 -41.65
N TYR C 36 16.57 -46.54 -42.86
CA TYR C 36 16.99 -45.49 -43.80
C TYR C 36 16.20 -45.58 -45.09
N TRP C 37 15.94 -44.42 -45.70
CA TRP C 37 15.35 -44.34 -47.03
C TRP C 37 16.19 -43.47 -47.94
N PHE C 38 16.35 -43.91 -49.19
CA PHE C 38 17.17 -43.22 -50.18
C PHE C 38 16.36 -42.93 -51.43
N GLN C 39 16.69 -41.83 -52.09
CA GLN C 39 16.07 -41.46 -53.35
C GLN C 39 17.08 -41.44 -54.49
N GLN C 40 16.78 -42.14 -55.58
CA GLN C 40 17.69 -42.12 -56.71
C GLN C 40 17.02 -41.72 -58.01
N LYS C 41 17.49 -40.63 -58.59
CA LYS C 41 16.99 -40.18 -59.86
C LYS C 41 17.96 -40.70 -60.92
N PRO C 42 17.52 -40.94 -62.15
CA PRO C 42 18.36 -41.44 -63.21
C PRO C 42 19.63 -40.62 -63.36
N GLY C 43 20.77 -41.30 -63.40
CA GLY C 43 22.07 -40.66 -63.56
C GLY C 43 22.66 -40.15 -62.24
N GLN C 44 21.91 -40.28 -61.14
CA GLN C 44 22.36 -39.77 -59.85
C GLN C 44 22.72 -40.87 -58.86
N ALA C 45 23.53 -40.52 -57.87
CA ALA C 45 23.80 -41.40 -56.75
C ALA C 45 22.59 -41.37 -55.83
N PRO C 46 22.30 -42.44 -55.09
CA PRO C 46 21.25 -42.47 -54.08
C PRO C 46 21.50 -41.38 -53.05
N ARG C 47 20.44 -40.70 -52.67
CA ARG C 47 20.54 -39.64 -51.67
C ARG C 47 19.66 -39.97 -50.47
N THR C 48 20.25 -40.03 -49.29
CA THR C 48 19.48 -40.38 -48.12
C THR C 48 18.49 -39.29 -47.80
N LEU C 49 17.25 -39.66 -47.56
CA LEU C 49 16.27 -38.66 -47.17
C LEU C 49 15.94 -38.81 -45.70
N ILE C 50 15.79 -40.06 -45.28
CA ILE C 50 15.44 -40.39 -43.91
C ILE C 50 16.50 -41.25 -43.28
N TYR C 51 16.85 -40.95 -42.04
CA TYR C 51 17.82 -41.74 -41.31
C TYR C 51 17.35 -42.01 -39.89
N ASP C 52 17.83 -43.11 -39.32
CA ASP C 52 17.51 -43.43 -37.94
C ASP C 52 16.01 -43.35 -37.66
N THR C 53 15.23 -43.98 -38.52
CA THR C 53 13.77 -44.11 -38.43
C THR C 53 13.02 -42.92 -39.01
N SER C 54 13.18 -41.76 -38.40
CA SER C 54 12.36 -40.62 -38.81
C SER C 54 13.09 -39.29 -38.93
N ASN C 55 14.41 -39.29 -38.89
CA ASN C 55 15.09 -38.02 -38.98
C ASN C 55 15.23 -37.62 -40.43
N LYS C 56 14.82 -36.40 -40.75
CA LYS C 56 14.88 -35.91 -42.11
C LYS C 56 16.10 -35.03 -42.36
N HIS C 57 16.76 -35.24 -43.49
CA HIS C 57 17.92 -34.43 -43.88
C HIS C 57 17.53 -33.05 -44.40
N SER C 58 18.46 -32.10 -44.28
CA SER C 58 18.23 -30.73 -44.73
C SER C 58 17.99 -30.59 -46.22
N TRP C 59 18.47 -31.53 -47.01
CA TRP C 59 18.30 -31.49 -48.45
C TRP C 59 17.02 -32.17 -48.92
N THR C 60 16.27 -32.71 -47.97
CA THR C 60 15.04 -33.42 -48.26
C THR C 60 13.85 -32.49 -48.14
N PRO C 61 13.00 -32.37 -49.18
CA PRO C 61 11.79 -31.58 -49.14
C PRO C 61 10.95 -32.04 -47.97
N ALA C 62 10.31 -31.11 -47.29
CA ALA C 62 9.56 -31.42 -46.07
C ALA C 62 8.24 -32.10 -46.39
N ARG C 63 7.98 -32.26 -47.68
CA ARG C 63 6.81 -32.96 -48.15
C ARG C 63 6.95 -34.45 -47.87
N PHE C 64 8.20 -34.89 -47.62
CA PHE C 64 8.51 -36.28 -47.31
C PHE C 64 8.47 -36.52 -45.81
N SER C 65 7.94 -37.67 -45.39
CA SER C 65 7.91 -37.99 -43.97
C SER C 65 8.29 -39.43 -43.64
N GLY C 66 9.34 -39.57 -42.82
CA GLY C 66 9.91 -40.86 -42.44
C GLY C 66 9.14 -41.54 -41.31
N SER C 67 7.89 -41.85 -41.57
CA SER C 67 7.02 -42.49 -40.58
C SER C 67 7.16 -44.02 -40.57
N LEU C 68 6.67 -44.64 -39.50
CA LEU C 68 6.55 -46.09 -39.45
C LEU C 68 5.08 -46.47 -39.51
N LEU C 69 4.80 -47.64 -40.05
CA LEU C 69 3.45 -48.19 -40.11
C LEU C 69 3.33 -49.40 -39.19
N GLY C 70 2.50 -50.37 -39.57
CA GLY C 70 2.22 -51.53 -38.74
C GLY C 70 3.35 -52.55 -38.76
N GLY C 71 4.46 -52.20 -38.14
CA GLY C 71 5.64 -53.07 -38.09
C GLY C 71 6.43 -52.98 -39.38
N LYS C 72 6.29 -51.86 -40.07
CA LYS C 72 6.94 -51.60 -41.35
C LYS C 72 7.50 -50.19 -41.41
N ALA C 73 8.54 -50.00 -42.21
CA ALA C 73 9.08 -48.67 -42.46
C ALA C 73 8.30 -48.05 -43.60
N ALA C 74 8.19 -46.74 -43.62
CA ALA C 74 7.56 -46.10 -44.75
C ALA C 74 8.16 -44.74 -45.04
N LEU C 75 7.99 -44.31 -46.26
CA LEU C 75 8.34 -42.97 -46.67
C LEU C 75 7.12 -42.38 -47.36
N THR C 76 6.48 -41.44 -46.71
CA THR C 76 5.25 -40.93 -47.24
C THR C 76 5.39 -39.54 -47.79
N LEU C 77 4.45 -39.15 -48.63
CA LEU C 77 4.40 -37.79 -49.13
C LEU C 77 3.05 -37.15 -48.87
N SER C 78 3.10 -35.86 -48.50
CA SER C 78 1.89 -35.05 -48.25
C SER C 78 1.31 -34.45 -49.52
N GLY C 79 2.01 -34.65 -50.63
CA GLY C 79 1.63 -34.10 -51.92
C GLY C 79 2.82 -34.20 -52.87
N ALA C 80 2.77 -35.21 -53.73
CA ALA C 80 3.82 -35.51 -54.69
C ALA C 80 3.88 -34.50 -55.83
N ARG C 81 5.07 -34.30 -56.35
CA ARG C 81 5.30 -33.45 -57.51
C ARG C 81 6.10 -34.23 -58.55
N PRO C 82 6.07 -33.85 -59.85
CA PRO C 82 6.84 -34.44 -60.94
C PRO C 82 8.34 -34.53 -60.62
N GLU C 83 8.84 -33.61 -59.81
CA GLU C 83 10.24 -33.60 -59.42
C GLU C 83 10.61 -34.80 -58.53
N ASP C 84 9.60 -35.51 -58.03
CA ASP C 84 9.79 -36.62 -57.12
C ASP C 84 9.86 -37.96 -57.86
N GLU C 85 9.84 -37.96 -59.18
CA GLU C 85 9.92 -39.24 -59.86
C GLU C 85 11.30 -39.81 -59.67
N ALA C 86 11.36 -40.94 -58.97
CA ALA C 86 12.62 -41.55 -58.58
C ALA C 86 12.39 -42.97 -58.09
N GLU C 87 13.45 -43.76 -58.05
CA GLU C 87 13.34 -45.03 -57.37
C GLU C 87 13.75 -44.84 -55.93
N TYR C 88 12.98 -45.41 -55.03
CA TYR C 88 13.30 -45.29 -53.63
C TYR C 88 13.76 -46.61 -53.06
N TYR C 89 14.70 -46.54 -52.15
CA TYR C 89 15.21 -47.75 -51.54
C TYR C 89 15.16 -47.63 -50.04
N CYS C 90 14.92 -48.75 -49.37
CA CYS C 90 14.94 -48.82 -47.91
C CYS C 90 16.09 -49.70 -47.46
N LEU C 91 16.59 -49.40 -46.29
CA LEU C 91 17.66 -50.17 -45.68
C LEU C 91 17.40 -50.39 -44.20
N LEU C 92 17.50 -51.63 -43.74
CA LEU C 92 17.29 -51.94 -42.32
C LEU C 92 18.56 -52.52 -41.70
N SER C 93 18.81 -52.22 -40.41
CA SER C 93 19.91 -52.87 -39.66
C SER C 93 19.40 -54.13 -38.98
N TYR C 94 20.29 -54.99 -38.51
CA TYR C 94 19.86 -56.22 -37.87
C TYR C 94 20.59 -56.52 -36.56
N SER C 95 21.40 -57.58 -36.57
CA SER C 95 22.16 -58.01 -35.40
C SER C 95 23.38 -57.13 -35.20
N GLY C 96 23.67 -56.34 -36.21
CA GLY C 96 24.84 -55.47 -36.24
C GLY C 96 24.79 -54.64 -37.51
N ALA C 97 25.91 -54.00 -37.82
CA ALA C 97 25.98 -53.12 -38.97
C ALA C 97 26.18 -53.90 -40.27
N ARG C 98 25.18 -54.70 -40.60
CA ARG C 98 25.11 -55.50 -41.81
C ARG C 98 23.76 -55.27 -42.41
N GLY C 99 23.57 -54.09 -42.97
CA GLY C 99 22.26 -53.68 -43.42
C GLY C 99 21.82 -54.45 -44.65
N VAL C 100 20.52 -54.50 -44.85
CA VAL C 100 19.94 -55.17 -46.02
C VAL C 100 18.97 -54.24 -46.73
N PHE C 101 19.17 -54.10 -48.04
CA PHE C 101 18.28 -53.26 -48.84
C PHE C 101 17.09 -54.01 -49.34
N GLY C 102 15.99 -53.30 -49.53
CA GLY C 102 14.79 -53.86 -50.12
C GLY C 102 14.96 -53.90 -51.63
N GLY C 103 13.95 -54.40 -52.32
CA GLY C 103 14.04 -54.54 -53.78
C GLY C 103 13.95 -53.21 -54.51
N GLY C 104 13.47 -52.18 -53.84
CA GLY C 104 13.28 -50.87 -54.44
C GLY C 104 11.82 -50.67 -54.79
N THR C 105 11.34 -49.45 -54.58
CA THR C 105 9.96 -49.09 -54.92
C THR C 105 9.97 -47.90 -55.88
N LYS C 106 9.48 -48.11 -57.09
CA LYS C 106 9.53 -47.05 -58.08
C LYS C 106 8.34 -46.13 -57.94
N LEU C 107 8.60 -44.84 -57.77
CA LEU C 107 7.50 -43.89 -57.64
C LEU C 107 7.41 -42.95 -58.82
N THR C 108 6.26 -42.95 -59.47
CA THR C 108 6.04 -42.09 -60.62
C THR C 108 4.86 -41.17 -60.40
N VAL C 109 4.79 -40.09 -61.17
CA VAL C 109 3.72 -39.12 -61.02
C VAL C 109 2.84 -39.05 -62.27
N LEU C 110 1.53 -39.25 -62.08
CA LEU C 110 0.52 -39.31 -63.13
C LEU C 110 0.14 -37.91 -63.59
N ALA D 46 -10.26 -42.96 36.49
CA ALA D 46 -9.06 -42.42 37.11
C ALA D 46 -8.41 -41.40 36.19
N TYR D 47 -7.95 -40.27 36.78
CA TYR D 47 -7.29 -39.17 36.06
C TYR D 47 -6.07 -38.72 36.79
N THR D 48 -5.11 -38.16 36.07
CA THR D 48 -3.99 -37.52 36.71
C THR D 48 -3.68 -36.15 36.13
N ASN D 49 -2.71 -35.51 36.77
CA ASN D 49 -2.20 -34.19 36.42
C ASN D 49 -1.07 -34.30 35.39
N SER D 50 -1.30 -33.77 34.20
CA SER D 50 -0.30 -33.84 33.14
C SER D 50 0.87 -32.89 33.35
N PHE D 51 0.73 -31.97 34.30
CA PHE D 51 1.73 -30.98 34.60
C PHE D 51 2.21 -30.23 33.37
N THR D 52 3.48 -30.36 33.03
CA THR D 52 4.05 -29.62 31.92
C THR D 52 4.48 -30.51 30.76
N ARG D 53 3.92 -31.72 30.70
CA ARG D 53 4.22 -32.66 29.64
C ARG D 53 3.41 -32.34 28.39
N GLY D 54 3.86 -32.81 27.22
CA GLY D 54 3.07 -32.63 26.00
C GLY D 54 3.58 -31.56 25.04
N VAL D 55 4.83 -31.18 25.19
CA VAL D 55 5.48 -30.22 24.30
C VAL D 55 6.42 -30.95 23.35
N TYR D 56 6.48 -30.48 22.14
CA TYR D 56 7.32 -31.07 21.11
C TYR D 56 7.88 -30.01 20.20
N TYR D 57 8.93 -30.36 19.48
CA TYR D 57 9.53 -29.42 18.56
C TYR D 57 8.56 -29.19 17.41
N PRO D 58 8.02 -27.98 17.25
CA PRO D 58 6.94 -27.63 16.33
C PRO D 58 7.32 -27.77 14.87
N ASP D 59 8.62 -27.71 14.58
CA ASP D 59 9.09 -27.82 13.21
C ASP D 59 10.46 -28.45 13.16
N LYS D 60 11.14 -28.29 12.03
CA LYS D 60 12.42 -28.93 11.82
C LYS D 60 13.56 -27.92 11.69
N VAL D 61 13.40 -26.78 12.35
CA VAL D 61 14.41 -25.73 12.32
C VAL D 61 15.18 -25.61 13.62
N PHE D 62 16.50 -25.50 13.51
CA PHE D 62 17.34 -25.32 14.68
C PHE D 62 17.28 -23.89 15.17
N ARG D 63 17.04 -23.74 16.47
CA ARG D 63 17.02 -22.46 17.13
C ARG D 63 17.78 -22.60 18.41
N SER D 64 18.39 -21.53 18.88
CA SER D 64 19.07 -21.58 20.16
C SER D 64 19.06 -20.24 20.85
N SER D 65 19.16 -20.25 22.18
CA SER D 65 19.23 -19.04 22.98
C SER D 65 18.13 -18.06 22.60
N VAL D 66 16.90 -18.56 22.51
CA VAL D 66 15.80 -17.74 22.06
C VAL D 66 14.45 -18.17 22.63
N LEU D 67 13.57 -17.21 22.84
CA LEU D 67 12.21 -17.52 23.24
C LEU D 67 11.33 -17.39 22.00
N HIS D 68 10.79 -18.51 21.54
CA HIS D 68 10.04 -18.53 20.30
C HIS D 68 8.58 -18.83 20.50
N SER D 69 7.71 -18.00 19.93
CA SER D 69 6.27 -18.18 20.06
C SER D 69 5.69 -18.94 18.88
N THR D 70 4.97 -20.01 19.18
CA THR D 70 4.38 -20.82 18.13
C THR D 70 3.00 -21.35 18.51
N GLN D 71 2.15 -21.56 17.52
CA GLN D 71 0.84 -22.15 17.78
C GLN D 71 0.72 -23.48 17.08
N ASP D 72 0.38 -24.51 17.85
CA ASP D 72 0.25 -25.86 17.32
C ASP D 72 -0.59 -26.69 18.26
N LEU D 73 -0.82 -27.94 17.92
CA LEU D 73 -1.61 -28.80 18.77
C LEU D 73 -0.74 -29.44 19.84
N PHE D 74 -0.86 -28.93 21.06
CA PHE D 74 -0.05 -29.35 22.20
C PHE D 74 -0.96 -29.77 23.32
N LEU D 75 -0.45 -30.56 24.26
CA LEU D 75 -1.27 -30.88 25.43
C LEU D 75 -1.27 -29.65 26.33
N PRO D 76 -2.43 -29.11 26.72
CA PRO D 76 -2.53 -27.97 27.61
C PRO D 76 -1.88 -28.31 28.94
N PHE D 77 -1.20 -27.35 29.53
CA PHE D 77 -0.56 -27.59 30.80
C PHE D 77 -1.59 -27.81 31.89
N PHE D 78 -1.26 -28.73 32.78
CA PHE D 78 -2.06 -29.13 33.92
C PHE D 78 -3.42 -29.67 33.54
N SER D 79 -3.56 -30.15 32.31
CA SER D 79 -4.81 -30.77 31.87
C SER D 79 -5.01 -32.14 32.54
N ASN D 80 -6.26 -32.63 32.46
CA ASN D 80 -6.68 -33.94 32.97
C ASN D 80 -6.48 -35.02 31.90
N VAL D 81 -5.62 -36.00 32.19
CA VAL D 81 -5.34 -37.11 31.28
C VAL D 81 -5.82 -38.41 31.91
N THR D 82 -6.52 -39.20 31.12
CA THR D 82 -7.12 -40.43 31.63
C THR D 82 -6.06 -41.44 31.96
N TRP D 83 -6.15 -42.01 33.14
CA TRP D 83 -5.18 -42.95 33.66
C TRP D 83 -5.67 -44.39 33.58
N PHE D 84 -4.97 -45.20 32.77
CA PHE D 84 -5.33 -46.59 32.53
C PHE D 84 -4.35 -47.52 33.23
N HIS D 85 -4.80 -48.73 33.57
CA HIS D 85 -3.94 -49.71 34.26
C HIS D 85 -3.96 -51.09 33.63
N ALA D 86 -2.91 -51.85 33.85
CA ALA D 86 -2.83 -53.22 33.32
C ALA D 86 -2.35 -54.18 34.39
N ILE D 87 -3.18 -54.35 35.43
CA ILE D 87 -2.82 -55.19 36.57
C ILE D 87 -3.92 -56.22 36.86
N HIS D 88 -3.57 -57.32 37.55
CA HIS D 88 -4.48 -58.40 37.96
C HIS D 88 -5.40 -58.85 36.83
N ASP D 99 -7.13 -53.27 30.09
CA ASP D 99 -7.69 -51.92 30.06
C ASP D 99 -7.27 -51.25 28.74
N ASN D 100 -7.93 -51.68 27.64
CA ASN D 100 -7.68 -51.24 26.27
C ASN D 100 -8.95 -50.83 25.53
N PRO D 101 -9.71 -49.85 26.02
CA PRO D 101 -10.96 -49.37 25.49
C PRO D 101 -10.76 -48.55 24.24
N VAL D 102 -11.82 -48.36 23.47
CA VAL D 102 -11.74 -47.46 22.34
C VAL D 102 -11.91 -46.03 22.83
N LEU D 103 -10.98 -45.19 22.46
CA LEU D 103 -10.94 -43.82 22.89
C LEU D 103 -11.15 -42.90 21.68
N PRO D 104 -11.73 -41.71 21.84
CA PRO D 104 -11.83 -40.69 20.83
C PRO D 104 -10.43 -40.25 20.41
N PHE D 105 -10.30 -39.82 19.17
CA PHE D 105 -9.03 -39.26 18.70
C PHE D 105 -9.13 -37.75 18.71
N ASN D 106 -10.34 -37.24 18.53
CA ASN D 106 -10.64 -35.82 18.46
C ASN D 106 -9.76 -35.11 17.43
N ASP D 107 -9.00 -34.11 17.87
CA ASP D 107 -8.18 -33.34 16.97
C ASP D 107 -6.70 -33.70 17.09
N GLY D 108 -6.44 -34.80 17.77
CA GLY D 108 -5.07 -35.22 18.01
C GLY D 108 -4.94 -35.74 19.43
N VAL D 109 -4.03 -36.67 19.62
CA VAL D 109 -3.87 -37.33 20.91
C VAL D 109 -2.49 -37.29 21.50
N TYR D 110 -2.44 -37.00 22.78
CA TYR D 110 -1.20 -37.11 23.52
C TYR D 110 -1.20 -38.45 24.21
N PHE D 111 -0.15 -39.21 24.03
CA PHE D 111 -0.11 -40.51 24.66
C PHE D 111 1.18 -40.66 25.45
N ALA D 112 1.08 -41.24 26.62
CA ALA D 112 2.29 -41.51 27.37
C ALA D 112 2.16 -42.81 28.10
N SER D 113 3.25 -43.50 28.30
CA SER D 113 3.18 -44.72 29.06
C SER D 113 4.40 -44.93 29.93
N THR D 114 4.20 -45.67 31.01
CA THR D 114 5.29 -46.01 31.90
C THR D 114 5.40 -47.53 31.92
N GLU D 115 6.60 -48.03 31.66
CA GLU D 115 6.82 -49.45 31.52
C GLU D 115 7.82 -50.08 32.46
N LYS D 116 7.55 -51.34 32.75
CA LYS D 116 8.46 -52.23 33.44
C LYS D 116 8.66 -53.52 32.65
N SER D 117 7.75 -53.80 31.69
CA SER D 117 7.78 -55.07 30.95
C SER D 117 7.36 -54.97 29.48
N ASN D 118 7.33 -53.76 28.92
CA ASN D 118 6.95 -53.58 27.51
C ASN D 118 5.60 -54.18 27.13
N ILE D 119 4.58 -53.90 27.93
CA ILE D 119 3.23 -54.38 27.67
C ILE D 119 2.55 -53.62 26.55
N ILE D 120 2.75 -52.32 26.50
CA ILE D 120 2.08 -51.51 25.48
C ILE D 120 2.88 -51.57 24.20
N ARG D 121 2.26 -52.09 23.16
CA ARG D 121 2.99 -52.32 21.94
C ARG D 121 2.41 -51.65 20.71
N GLY D 122 1.17 -51.17 20.77
CA GLY D 122 0.66 -50.60 19.53
C GLY D 122 -0.65 -49.85 19.62
N TRP D 123 -1.11 -49.42 18.45
CA TRP D 123 -2.32 -48.63 18.31
C TRP D 123 -3.14 -48.98 17.06
N ILE D 124 -4.42 -48.72 17.14
CA ILE D 124 -5.35 -48.82 16.02
C ILE D 124 -6.01 -47.47 15.79
N PHE D 125 -6.00 -46.94 14.58
CA PHE D 125 -6.67 -45.67 14.34
C PHE D 125 -7.65 -45.79 13.17
N GLY D 126 -8.81 -45.14 13.29
CA GLY D 126 -9.78 -45.18 12.19
C GLY D 126 -11.16 -44.65 12.60
N THR D 127 -12.20 -45.11 11.88
CA THR D 127 -13.60 -44.71 12.11
C THR D 127 -14.33 -45.80 12.90
N SER D 135 -8.08 -48.22 7.73
CA SER D 135 -7.71 -48.30 9.14
C SER D 135 -6.19 -48.45 9.29
N LEU D 136 -5.61 -47.69 10.23
CA LEU D 136 -4.16 -47.66 10.51
C LEU D 136 -3.79 -48.53 11.71
N LEU D 137 -2.89 -49.46 11.49
CA LEU D 137 -2.44 -50.38 12.53
C LEU D 137 -0.94 -50.30 12.75
N ILE D 138 -0.54 -49.94 13.96
CA ILE D 138 0.87 -49.84 14.30
C ILE D 138 1.22 -50.79 15.43
N VAL D 139 2.10 -51.75 15.15
CA VAL D 139 2.46 -52.73 16.16
C VAL D 139 3.95 -52.93 16.35
N ASN D 140 4.43 -52.85 17.58
CA ASN D 140 5.82 -53.15 17.87
C ASN D 140 5.92 -54.53 18.52
N ASN D 141 6.17 -55.58 17.71
CA ASN D 141 6.21 -56.96 18.20
C ASN D 141 7.66 -57.41 18.45
N ALA D 142 8.05 -57.49 19.73
CA ALA D 142 9.42 -57.78 20.18
C ALA D 142 10.40 -56.71 19.68
N THR D 143 11.19 -57.04 18.68
CA THR D 143 12.21 -56.13 18.17
C THR D 143 11.88 -55.44 16.85
N ASN D 144 10.69 -55.69 16.28
CA ASN D 144 10.42 -55.13 14.96
C ASN D 144 9.07 -54.44 14.82
N VAL D 145 9.13 -53.17 14.43
CA VAL D 145 7.93 -52.36 14.23
C VAL D 145 7.30 -52.57 12.88
N VAL D 146 6.00 -52.85 12.89
CA VAL D 146 5.21 -53.07 11.69
C VAL D 146 4.08 -52.03 11.56
N ILE D 147 4.02 -51.38 10.42
CA ILE D 147 2.97 -50.40 10.16
C ILE D 147 2.15 -50.79 8.93
N LYS D 148 0.85 -50.85 9.08
CA LYS D 148 -0.04 -51.16 7.98
C LYS D 148 -1.25 -50.26 7.92
N VAL D 149 -1.79 -50.06 6.73
CA VAL D 149 -3.12 -49.43 6.60
C VAL D 149 -4.10 -50.37 5.89
N CYS D 150 -3.94 -51.68 6.17
CA CYS D 150 -4.69 -52.79 5.57
C CYS D 150 -6.04 -52.97 6.26
N GLU D 151 -6.97 -53.59 5.53
CA GLU D 151 -8.26 -53.93 6.10
C GLU D 151 -8.12 -55.17 6.97
N PHE D 152 -7.43 -54.98 8.09
CA PHE D 152 -7.10 -56.02 9.03
C PHE D 152 -8.34 -56.48 9.76
N GLN D 153 -8.46 -57.78 10.00
CA GLN D 153 -9.61 -58.26 10.75
C GLN D 153 -9.34 -58.15 12.23
N PHE D 154 -10.05 -57.26 12.87
CA PHE D 154 -9.89 -57.01 14.29
C PHE D 154 -10.84 -57.83 15.13
N CYS D 155 -10.40 -58.14 16.34
CA CYS D 155 -11.20 -58.83 17.33
C CYS D 155 -12.17 -57.85 17.96
N ASN D 156 -13.19 -58.36 18.65
CA ASN D 156 -14.10 -57.51 19.40
C ASN D 156 -13.32 -56.83 20.51
N ASP D 157 -12.25 -57.48 20.92
CA ASP D 157 -11.33 -57.00 21.94
C ASP D 157 -9.91 -57.37 21.50
N PRO D 158 -9.25 -56.53 20.70
CA PRO D 158 -7.91 -56.72 20.16
C PRO D 158 -6.85 -56.78 21.23
N PHE D 159 -5.90 -57.68 21.07
CA PHE D 159 -4.76 -57.75 21.96
C PHE D 159 -3.66 -58.56 21.32
N LEU D 160 -2.48 -58.47 21.92
CA LEU D 160 -1.34 -59.23 21.49
C LEU D 160 -1.00 -60.24 22.57
N GLY D 161 -0.37 -61.35 22.22
CA GLY D 161 0.02 -62.31 23.25
C GLY D 161 1.49 -62.13 23.65
N VAL D 162 1.84 -62.60 24.85
CA VAL D 162 3.22 -62.63 25.36
C VAL D 162 3.82 -64.01 25.05
N ASN D 184 -6.34 -54.86 0.39
CA ASN D 184 -6.49 -53.43 0.17
C ASN D 184 -5.53 -52.63 1.04
N CYS D 185 -4.24 -52.97 0.95
CA CYS D 185 -3.16 -52.30 1.67
C CYS D 185 -2.62 -51.18 0.79
N THR D 186 -2.66 -49.96 1.30
CA THR D 186 -2.18 -48.81 0.55
C THR D 186 -0.86 -48.32 1.10
N PHE D 187 -0.38 -49.00 2.14
CA PHE D 187 0.88 -48.71 2.78
C PHE D 187 1.28 -49.86 3.68
N GLU D 188 2.55 -50.22 3.62
CA GLU D 188 3.11 -51.20 4.53
C GLU D 188 4.58 -50.92 4.78
N TYR D 189 4.97 -50.99 6.04
CA TYR D 189 6.36 -50.81 6.42
C TYR D 189 6.77 -51.77 7.53
N VAL D 190 7.95 -52.34 7.40
CA VAL D 190 8.50 -53.16 8.46
C VAL D 190 9.94 -52.74 8.76
N SER D 191 10.25 -52.52 10.06
CA SER D 191 11.60 -52.17 10.52
C SER D 191 12.50 -53.41 10.46
N PHE D 205 8.10 -47.83 37.76
CA PHE D 205 8.37 -48.08 36.37
C PHE D 205 9.75 -47.49 36.03
N LYS D 206 10.38 -48.02 34.96
CA LYS D 206 11.73 -47.64 34.54
C LYS D 206 11.77 -46.87 33.23
N ASN D 207 10.77 -47.06 32.37
CA ASN D 207 10.81 -46.46 31.04
C ASN D 207 9.61 -45.58 30.72
N LEU D 208 9.84 -44.30 30.48
CA LEU D 208 8.77 -43.41 30.08
C LEU D 208 8.84 -43.13 28.60
N ARG D 209 7.77 -43.51 27.90
CA ARG D 209 7.69 -43.34 26.47
C ARG D 209 6.53 -42.43 26.11
N GLU D 210 6.86 -41.23 25.67
CA GLU D 210 5.84 -40.24 25.33
C GLU D 210 5.68 -40.12 23.83
N PHE D 211 4.45 -39.95 23.37
CA PHE D 211 4.12 -39.86 21.95
C PHE D 211 3.12 -38.76 21.65
N VAL D 212 3.18 -38.23 20.44
CA VAL D 212 2.16 -37.30 19.96
C VAL D 212 1.62 -37.79 18.63
N PHE D 213 0.31 -37.90 18.53
CA PHE D 213 -0.32 -38.34 17.29
C PHE D 213 -1.29 -37.30 16.74
N LYS D 214 -1.00 -36.73 15.57
CA LYS D 214 -1.94 -35.76 15.00
C LYS D 214 -2.13 -36.00 13.51
N ASN D 215 -3.35 -35.75 13.02
CA ASN D 215 -3.68 -36.01 11.61
C ASN D 215 -4.05 -34.74 10.85
N ILE D 216 -3.12 -34.25 10.03
CA ILE D 216 -3.33 -33.00 9.32
C ILE D 216 -3.28 -33.18 7.81
N ASP D 217 -4.39 -32.87 7.14
CA ASP D 217 -4.52 -32.98 5.69
C ASP D 217 -4.09 -34.35 5.17
N GLY D 218 -4.47 -35.39 5.91
CA GLY D 218 -4.19 -36.76 5.50
C GLY D 218 -2.87 -37.30 6.07
N TYR D 219 -2.06 -36.43 6.66
CA TYR D 219 -0.77 -36.87 7.20
C TYR D 219 -0.83 -37.18 8.68
N PHE D 220 -0.43 -38.40 9.02
CA PHE D 220 -0.41 -38.82 10.41
C PHE D 220 0.99 -38.63 10.96
N LYS D 221 1.13 -37.58 11.75
CA LYS D 221 2.41 -37.13 12.25
C LYS D 221 2.71 -37.67 13.64
N ILE D 222 3.85 -38.33 13.79
CA ILE D 222 4.22 -38.96 15.04
C ILE D 222 5.49 -38.39 15.64
N TYR D 223 5.39 -37.97 16.91
CA TYR D 223 6.53 -37.45 17.68
C TYR D 223 6.72 -38.34 18.87
N SER D 224 7.95 -38.43 19.40
CA SER D 224 8.13 -39.21 20.60
C SER D 224 9.40 -38.87 21.38
N LYS D 225 9.43 -39.35 22.62
CA LYS D 225 10.59 -39.22 23.50
C LYS D 225 10.69 -40.39 24.45
N HIS D 226 11.89 -40.94 24.58
CA HIS D 226 12.15 -42.01 25.53
C HIS D 226 13.13 -41.57 26.59
N THR D 227 12.70 -41.58 27.84
CA THR D 227 13.55 -41.17 28.95
C THR D 227 13.40 -42.17 30.10
N PRO D 228 14.47 -42.46 30.85
CA PRO D 228 14.45 -43.29 32.03
C PRO D 228 13.72 -42.60 33.17
N ILE D 229 13.00 -43.39 33.95
CA ILE D 229 12.27 -42.92 35.13
C ILE D 229 12.46 -43.84 36.33
N ASN D 230 12.10 -43.34 37.51
CA ASN D 230 12.10 -44.14 38.75
C ASN D 230 10.84 -43.84 39.56
N LEU D 231 9.69 -44.32 39.10
CA LEU D 231 8.42 -44.00 39.74
C LEU D 231 7.31 -44.96 39.32
N VAL D 232 6.61 -45.52 40.28
CA VAL D 232 5.52 -46.46 39.99
C VAL D 232 4.14 -45.80 40.05
N ARG D 233 3.96 -44.93 41.03
CA ARG D 233 2.65 -44.39 41.36
C ARG D 233 1.95 -43.58 40.28
N ASP D 234 2.67 -42.74 39.56
CA ASP D 234 2.00 -41.85 38.60
C ASP D 234 3.00 -41.27 37.59
N LEU D 235 2.51 -40.45 36.65
CA LEU D 235 3.42 -39.76 35.74
C LEU D 235 4.39 -38.88 36.52
N PRO D 236 5.70 -38.95 36.25
CA PRO D 236 6.71 -38.08 36.81
C PRO D 236 6.47 -36.64 36.38
N GLN D 237 6.75 -35.70 37.28
CA GLN D 237 6.68 -34.29 36.96
C GLN D 237 8.01 -33.81 36.42
N GLY D 238 7.98 -32.98 35.39
CA GLY D 238 9.20 -32.45 34.79
C GLY D 238 8.91 -31.99 33.37
N PHE D 239 9.95 -31.55 32.67
CA PHE D 239 9.74 -31.04 31.32
C PHE D 239 10.77 -31.57 30.31
N SER D 240 10.27 -31.97 29.15
CA SER D 240 11.09 -32.40 28.03
C SER D 240 10.27 -32.29 26.75
N ALA D 241 10.90 -31.91 25.63
CA ALA D 241 10.17 -31.84 24.36
C ALA D 241 10.36 -33.11 23.55
N LEU D 242 9.34 -33.48 22.80
CA LEU D 242 9.34 -34.66 21.92
C LEU D 242 9.75 -34.33 20.48
N GLU D 243 10.40 -35.28 19.81
CA GLU D 243 10.90 -35.06 18.46
C GLU D 243 10.08 -35.84 17.44
N PRO D 244 9.89 -35.32 16.22
CA PRO D 244 9.20 -35.97 15.12
C PRO D 244 10.01 -37.15 14.62
N LEU D 245 9.33 -38.23 14.24
CA LEU D 245 10.00 -39.37 13.67
C LEU D 245 9.37 -39.84 12.36
N VAL D 246 8.04 -39.92 12.37
CA VAL D 246 7.30 -40.52 11.25
C VAL D 246 6.19 -39.62 10.77
N ASP D 247 5.96 -39.62 9.46
CA ASP D 247 4.86 -38.84 8.89
C ASP D 247 4.24 -39.62 7.73
N LEU D 248 3.09 -40.25 7.98
CA LEU D 248 2.50 -41.14 7.00
C LEU D 248 1.38 -40.51 6.16
N PRO D 249 1.46 -40.57 4.82
CA PRO D 249 0.50 -40.08 3.85
C PRO D 249 -0.66 -41.05 3.70
N ILE D 250 -1.45 -41.21 4.75
CA ILE D 250 -2.48 -42.23 4.77
C ILE D 250 -3.85 -41.79 4.23
N GLY D 251 -4.27 -40.56 4.50
CA GLY D 251 -5.56 -40.08 3.99
C GLY D 251 -6.76 -40.64 4.76
N ILE D 252 -6.49 -41.30 5.89
CA ILE D 252 -7.53 -41.94 6.69
C ILE D 252 -8.23 -40.95 7.62
N ASN D 253 -9.58 -40.99 7.60
CA ASN D 253 -10.40 -40.14 8.46
C ASN D 253 -10.48 -40.75 9.86
N ILE D 254 -9.42 -40.51 10.66
CA ILE D 254 -9.29 -41.05 12.02
C ILE D 254 -10.13 -40.23 13.00
N THR D 255 -11.05 -40.89 13.68
CA THR D 255 -11.92 -40.21 14.62
C THR D 255 -11.80 -40.85 16.00
N ARG D 256 -11.36 -42.11 16.01
CA ARG D 256 -11.21 -42.93 17.21
C ARG D 256 -9.93 -43.75 17.13
N PHE D 257 -9.44 -44.20 18.29
CA PHE D 257 -8.30 -45.07 18.29
C PHE D 257 -8.34 -46.03 19.46
N GLN D 258 -7.55 -47.08 19.41
CA GLN D 258 -7.49 -48.04 20.49
C GLN D 258 -6.05 -48.47 20.72
N THR D 259 -5.69 -48.73 21.97
CA THR D 259 -4.33 -49.17 22.23
C THR D 259 -4.23 -50.68 22.20
N LEU D 260 -3.01 -51.19 22.07
CA LEU D 260 -2.76 -52.62 22.09
C LEU D 260 -1.81 -53.03 23.20
N LEU D 261 -2.30 -53.93 24.05
CA LEU D 261 -1.56 -54.46 25.19
C LEU D 261 -1.21 -55.93 24.96
N ALA D 262 -0.05 -56.36 25.44
CA ALA D 262 0.34 -57.76 25.40
C ALA D 262 -0.13 -58.48 26.66
N LEU D 263 -0.85 -59.59 26.49
CA LEU D 263 -1.39 -60.34 27.61
C LEU D 263 -0.69 -61.69 27.79
N HIS D 264 -0.57 -62.13 29.05
CA HIS D 264 0.06 -63.40 29.41
C HIS D 264 -0.96 -64.54 29.35
N ALA D 282 1.55 -52.00 34.04
CA ALA D 282 1.89 -51.13 32.90
C ALA D 282 0.77 -50.13 32.66
N ALA D 283 0.90 -48.95 33.29
CA ALA D 283 -0.06 -47.85 33.18
C ALA D 283 0.21 -47.00 31.96
N TYR D 284 -0.84 -46.34 31.49
CA TYR D 284 -0.67 -45.38 30.40
C TYR D 284 -1.67 -44.24 30.54
N TYR D 285 -1.39 -43.15 29.86
CA TYR D 285 -2.17 -41.96 30.00
C TYR D 285 -2.58 -41.39 28.66
N VAL D 286 -3.83 -40.96 28.56
CA VAL D 286 -4.30 -40.36 27.31
C VAL D 286 -4.90 -38.98 27.49
N GLY D 287 -4.34 -38.02 26.75
CA GLY D 287 -4.82 -36.66 26.78
C GLY D 287 -5.14 -36.21 25.38
N TYR D 288 -5.59 -34.97 25.24
CA TYR D 288 -5.90 -34.46 23.92
C TYR D 288 -5.22 -33.15 23.65
N LEU D 289 -4.83 -32.97 22.40
CA LEU D 289 -4.11 -31.79 22.00
C LEU D 289 -5.06 -30.67 21.65
N GLN D 290 -4.63 -29.43 21.89
CA GLN D 290 -5.40 -28.25 21.55
C GLN D 290 -4.50 -27.24 20.87
N PRO D 291 -5.05 -26.36 20.02
CA PRO D 291 -4.33 -25.32 19.28
C PRO D 291 -3.94 -24.16 20.18
N ARG D 292 -3.12 -24.47 21.16
CA ARG D 292 -2.62 -23.50 22.12
C ARG D 292 -1.38 -22.83 21.60
N THR D 293 -1.16 -21.61 22.06
CA THR D 293 0.06 -20.93 21.74
C THR D 293 1.03 -21.13 22.88
N PHE D 294 2.23 -21.52 22.55
CA PHE D 294 3.28 -21.68 23.54
C PHE D 294 4.46 -20.80 23.28
N LEU D 295 5.04 -20.32 24.37
CA LEU D 295 6.32 -19.64 24.28
C LEU D 295 7.36 -20.68 24.66
N LEU D 296 8.22 -21.03 23.72
CA LEU D 296 9.19 -22.10 23.95
C LEU D 296 10.57 -21.53 24.20
N LYS D 297 11.19 -22.00 25.28
CA LYS D 297 12.52 -21.54 25.64
C LYS D 297 13.60 -22.49 25.18
N TYR D 298 14.40 -22.05 24.21
CA TYR D 298 15.49 -22.83 23.67
C TYR D 298 16.79 -22.42 24.34
N ASN D 299 17.53 -23.38 24.87
CA ASN D 299 18.77 -23.07 25.53
C ASN D 299 19.90 -22.95 24.51
N GLU D 300 21.11 -22.83 24.99
CA GLU D 300 22.28 -22.62 24.13
C GLU D 300 22.59 -23.78 23.16
N ASN D 301 22.07 -24.99 23.42
CA ASN D 301 22.27 -26.17 22.58
C ASN D 301 21.04 -26.48 21.72
N GLY D 302 20.05 -25.57 21.71
CA GLY D 302 18.81 -25.70 20.93
C GLY D 302 17.83 -26.68 21.54
N THR D 303 17.95 -26.92 22.83
CA THR D 303 17.06 -27.82 23.51
C THR D 303 15.95 -27.02 24.15
N ILE D 304 14.71 -27.45 23.98
CA ILE D 304 13.65 -26.73 24.63
C ILE D 304 13.70 -27.15 26.10
N THR D 305 13.91 -26.19 26.98
CA THR D 305 14.07 -26.50 28.39
C THR D 305 12.89 -26.05 29.20
N ASP D 306 12.11 -25.11 28.66
CA ASP D 306 10.93 -24.66 29.38
C ASP D 306 9.86 -24.23 28.38
N ALA D 307 8.68 -23.88 28.89
CA ALA D 307 7.62 -23.40 28.02
C ALA D 307 6.51 -22.70 28.81
N VAL D 308 5.82 -21.78 28.16
CA VAL D 308 4.64 -21.14 28.75
C VAL D 308 3.40 -21.44 27.95
N ASP D 309 2.39 -21.99 28.62
CA ASP D 309 1.10 -22.23 28.01
C ASP D 309 0.31 -20.93 28.11
N CYS D 310 0.17 -20.22 26.99
CA CYS D 310 -0.34 -18.84 26.95
C CYS D 310 -1.81 -18.77 27.33
N ALA D 311 -2.50 -19.90 27.46
CA ALA D 311 -3.90 -19.85 27.84
C ALA D 311 -4.17 -20.57 29.16
N LEU D 312 -3.11 -20.84 29.92
CA LEU D 312 -3.25 -21.52 31.20
C LEU D 312 -3.85 -20.65 32.30
N ASP D 313 -3.30 -19.46 32.46
CA ASP D 313 -3.76 -18.53 33.50
C ASP D 313 -3.30 -17.12 33.09
N PRO D 314 -3.73 -16.05 33.79
CA PRO D 314 -3.39 -14.68 33.50
C PRO D 314 -1.90 -14.35 33.64
N LEU D 315 -1.14 -15.15 34.37
CA LEU D 315 0.27 -14.82 34.51
C LEU D 315 0.99 -15.31 33.29
N SER D 316 0.56 -16.46 32.80
CA SER D 316 1.13 -17.04 31.61
C SER D 316 0.82 -16.12 30.45
N GLU D 317 -0.38 -15.52 30.45
CA GLU D 317 -0.74 -14.60 29.39
C GLU D 317 0.23 -13.42 29.40
N THR D 318 0.57 -12.91 30.57
CA THR D 318 1.51 -11.82 30.67
C THR D 318 2.89 -12.25 30.17
N LYS D 319 3.33 -13.42 30.58
CA LYS D 319 4.64 -13.92 30.14
C LYS D 319 4.74 -14.02 28.61
N CYS D 320 3.68 -14.53 27.95
CA CYS D 320 3.64 -14.64 26.50
C CYS D 320 3.60 -13.25 25.85
N THR D 321 2.82 -12.35 26.42
CA THR D 321 2.68 -11.00 25.89
C THR D 321 4.02 -10.28 25.88
N LEU D 322 4.78 -10.45 26.95
CA LEU D 322 6.06 -9.77 27.10
C LEU D 322 7.21 -10.59 26.54
N LYS D 323 6.91 -11.75 25.99
CA LYS D 323 7.92 -12.65 25.45
C LYS D 323 9.04 -12.89 26.45
N SER D 324 8.67 -13.23 27.68
CA SER D 324 9.67 -13.49 28.72
C SER D 324 9.14 -14.45 29.76
N PHE D 325 10.04 -15.16 30.40
CA PHE D 325 9.64 -16.08 31.47
C PHE D 325 9.70 -15.41 32.82
N THR D 326 10.08 -14.14 32.83
CA THR D 326 10.12 -13.34 34.04
C THR D 326 9.28 -12.09 33.84
N VAL D 327 8.43 -11.80 34.80
CA VAL D 327 7.59 -10.62 34.69
C VAL D 327 7.90 -9.62 35.79
N GLU D 328 8.24 -8.42 35.37
CA GLU D 328 8.58 -7.35 36.29
C GLU D 328 7.32 -6.85 36.97
N LYS D 329 7.50 -6.26 38.14
CA LYS D 329 6.39 -5.72 38.89
C LYS D 329 5.65 -4.65 38.12
N GLY D 330 4.34 -4.73 38.09
CA GLY D 330 3.55 -3.72 37.40
C GLY D 330 2.22 -4.25 36.86
N ILE D 331 1.58 -3.42 36.04
CA ILE D 331 0.31 -3.77 35.43
C ILE D 331 0.50 -3.87 33.93
N TYR D 332 0.06 -4.97 33.35
CA TYR D 332 0.25 -5.17 31.92
C TYR D 332 -1.04 -5.48 31.20
N GLN D 333 -1.27 -4.84 30.06
CA GLN D 333 -2.45 -5.18 29.30
C GLN D 333 -2.09 -6.33 28.40
N THR D 334 -2.83 -7.44 28.51
CA THR D 334 -2.46 -8.63 27.76
C THR D 334 -3.51 -9.08 26.77
N SER D 335 -4.76 -8.72 27.00
CA SER D 335 -5.80 -9.25 26.13
C SER D 335 -7.03 -8.37 26.12
N ASN D 336 -8.08 -8.90 25.52
CA ASN D 336 -9.35 -8.21 25.39
C ASN D 336 -10.51 -9.16 25.69
N PHE D 337 -11.33 -8.76 26.63
CA PHE D 337 -12.49 -9.50 27.04
C PHE D 337 -13.61 -9.23 26.08
N ARG D 338 -14.25 -10.27 25.62
CA ARG D 338 -15.40 -10.12 24.76
C ARG D 338 -16.47 -11.12 25.12
N VAL D 339 -17.67 -10.62 25.30
CA VAL D 339 -18.81 -11.48 25.54
C VAL D 339 -19.16 -12.17 24.25
N GLN D 340 -19.32 -13.48 24.31
CA GLN D 340 -19.60 -14.23 23.11
C GLN D 340 -21.09 -14.38 22.90
N PRO D 341 -21.54 -14.50 21.65
CA PRO D 341 -22.91 -14.76 21.29
C PRO D 341 -23.26 -16.15 21.77
N THR D 342 -24.50 -16.33 22.16
CA THR D 342 -24.93 -17.64 22.65
C THR D 342 -25.82 -18.40 21.66
N GLU D 343 -26.42 -17.67 20.74
CA GLU D 343 -27.29 -18.24 19.72
C GLU D 343 -27.29 -17.32 18.53
N SER D 344 -27.73 -17.83 17.38
CA SER D 344 -27.87 -17.00 16.20
C SER D 344 -29.32 -16.63 15.97
N ILE D 345 -29.54 -15.40 15.52
CA ILE D 345 -30.87 -14.90 15.21
C ILE D 345 -30.98 -14.53 13.76
N VAL D 346 -31.68 -15.34 13.00
CA VAL D 346 -31.82 -15.12 11.57
C VAL D 346 -33.25 -14.72 11.24
N ARG D 347 -33.40 -13.53 10.66
CA ARG D 347 -34.72 -13.02 10.36
C ARG D 347 -34.85 -12.52 8.93
N PHE D 348 -35.85 -13.03 8.24
CA PHE D 348 -36.24 -12.63 6.89
C PHE D 348 -37.75 -12.44 6.90
N PRO D 349 -38.32 -11.65 6.00
CA PRO D 349 -39.74 -11.48 5.87
C PRO D 349 -40.31 -12.85 5.53
N ASN D 350 -41.48 -13.22 6.11
CA ASN D 350 -42.04 -14.54 5.87
C ASN D 350 -42.83 -14.58 4.55
N ILE D 351 -42.06 -14.76 3.47
CA ILE D 351 -42.53 -14.83 2.09
C ILE D 351 -42.62 -16.28 1.66
N THR D 352 -43.77 -16.68 1.13
CA THR D 352 -43.97 -18.06 0.71
C THR D 352 -44.03 -18.18 -0.81
N ASN D 353 -43.98 -17.04 -1.49
CA ASN D 353 -44.03 -17.00 -2.94
C ASN D 353 -42.69 -17.45 -3.48
N LEU D 354 -42.68 -18.16 -4.60
CA LEU D 354 -41.41 -18.54 -5.20
C LEU D 354 -41.13 -17.64 -6.40
N CYS D 355 -39.86 -17.27 -6.60
CA CYS D 355 -39.45 -16.40 -7.70
C CYS D 355 -39.53 -17.13 -9.04
N PRO D 356 -40.20 -16.55 -10.03
CA PRO D 356 -40.47 -17.11 -11.35
C PRO D 356 -39.26 -17.07 -12.26
N PHE D 357 -38.20 -17.77 -11.87
CA PHE D 357 -37.02 -17.84 -12.71
C PHE D 357 -37.28 -18.77 -13.87
N GLY D 358 -38.14 -19.77 -13.66
CA GLY D 358 -38.46 -20.69 -14.74
C GLY D 358 -39.08 -19.95 -15.91
N GLU D 359 -39.80 -18.87 -15.62
CA GLU D 359 -40.47 -18.08 -16.65
C GLU D 359 -39.50 -17.17 -17.38
N VAL D 360 -38.25 -17.15 -16.95
CA VAL D 360 -37.22 -16.35 -17.57
C VAL D 360 -36.30 -17.26 -18.37
N PHE D 361 -35.82 -18.31 -17.72
CA PHE D 361 -34.87 -19.24 -18.31
C PHE D 361 -35.50 -20.26 -19.27
N ASN D 362 -36.73 -20.72 -18.97
CA ASN D 362 -37.46 -21.70 -19.78
C ASN D 362 -38.61 -21.01 -20.56
N ALA D 363 -38.47 -19.71 -20.83
CA ALA D 363 -39.44 -18.90 -21.58
C ALA D 363 -39.58 -19.42 -23.00
N THR D 364 -40.78 -19.33 -23.54
CA THR D 364 -41.01 -19.82 -24.89
C THR D 364 -40.09 -19.09 -25.87
N ARG D 365 -39.99 -17.78 -25.74
CA ARG D 365 -39.15 -16.97 -26.60
C ARG D 365 -38.38 -15.89 -25.84
N PHE D 366 -37.17 -15.64 -26.29
CA PHE D 366 -36.38 -14.53 -25.81
C PHE D 366 -36.47 -13.39 -26.81
N ALA D 367 -36.38 -12.17 -26.31
CA ALA D 367 -36.43 -10.97 -27.14
C ALA D 367 -35.14 -10.78 -27.91
N SER D 368 -35.21 -9.96 -28.95
CA SER D 368 -34.05 -9.55 -29.70
C SER D 368 -33.16 -8.71 -28.83
N VAL D 369 -31.87 -8.72 -29.10
CA VAL D 369 -30.93 -7.95 -28.31
C VAL D 369 -31.18 -6.46 -28.39
N TYR D 370 -31.68 -5.97 -29.52
CA TYR D 370 -31.94 -4.54 -29.64
C TYR D 370 -33.12 -4.09 -28.77
N ALA D 371 -33.98 -5.02 -28.41
CA ALA D 371 -35.18 -4.72 -27.65
C ALA D 371 -35.36 -5.76 -26.57
N TRP D 372 -34.37 -5.83 -25.69
CA TRP D 372 -34.29 -6.85 -24.66
C TRP D 372 -35.39 -6.66 -23.63
N ASN D 373 -35.86 -7.76 -23.04
CA ASN D 373 -36.90 -7.65 -22.03
C ASN D 373 -36.31 -7.39 -20.67
N ARG D 374 -37.04 -6.69 -19.81
CA ARG D 374 -36.60 -6.44 -18.44
C ARG D 374 -37.68 -6.86 -17.46
N LYS D 375 -37.53 -8.04 -16.88
CA LYS D 375 -38.55 -8.55 -15.97
C LYS D 375 -38.21 -8.27 -14.52
N ARG D 376 -39.18 -7.74 -13.78
CA ARG D 376 -38.96 -7.47 -12.37
C ARG D 376 -39.28 -8.66 -11.50
N ILE D 377 -38.35 -9.01 -10.64
CA ILE D 377 -38.52 -10.07 -9.67
C ILE D 377 -38.63 -9.46 -8.27
N SER D 378 -39.74 -9.73 -7.59
CA SER D 378 -39.98 -9.15 -6.27
C SER D 378 -40.93 -9.98 -5.43
N ASN D 379 -40.90 -9.72 -4.12
CA ASN D 379 -41.81 -10.33 -3.14
C ASN D 379 -41.87 -11.85 -3.27
N CYS D 380 -40.70 -12.50 -3.27
CA CYS D 380 -40.58 -13.94 -3.51
C CYS D 380 -39.31 -14.52 -2.91
N VAL D 381 -39.25 -15.85 -2.91
CA VAL D 381 -38.10 -16.60 -2.44
C VAL D 381 -37.26 -17.05 -3.62
N ALA D 382 -36.02 -16.61 -3.63
CA ALA D 382 -35.13 -16.88 -4.75
C ALA D 382 -34.13 -17.96 -4.44
N ASP D 383 -34.35 -19.13 -5.01
CA ASP D 383 -33.44 -20.23 -4.81
C ASP D 383 -32.44 -20.25 -5.96
N TYR D 384 -31.21 -19.82 -5.69
CA TYR D 384 -30.24 -19.66 -6.74
C TYR D 384 -29.37 -20.89 -6.89
N SER D 385 -29.62 -21.91 -6.07
CA SER D 385 -28.81 -23.11 -6.16
C SER D 385 -29.24 -23.87 -7.39
N VAL D 386 -30.48 -23.65 -7.81
CA VAL D 386 -30.99 -24.32 -8.98
C VAL D 386 -30.27 -23.83 -10.21
N LEU D 387 -30.18 -22.51 -10.33
CA LEU D 387 -29.54 -21.92 -11.49
C LEU D 387 -28.05 -22.18 -11.49
N TYR D 388 -27.43 -22.14 -10.33
CA TYR D 388 -26.00 -22.36 -10.24
C TYR D 388 -25.62 -23.80 -10.50
N ASN D 389 -26.35 -24.73 -9.90
CA ASN D 389 -26.04 -26.14 -10.05
C ASN D 389 -26.39 -26.66 -11.44
N SER D 390 -27.39 -26.05 -12.07
CA SER D 390 -27.77 -26.49 -13.40
C SER D 390 -26.57 -26.51 -14.35
N ALA D 391 -26.37 -27.66 -14.98
CA ALA D 391 -25.24 -27.87 -15.89
C ALA D 391 -25.58 -27.46 -17.32
N SER D 392 -26.79 -27.00 -17.54
CA SER D 392 -27.23 -26.63 -18.88
C SER D 392 -26.61 -25.32 -19.35
N PHE D 393 -26.05 -24.56 -18.43
CA PHE D 393 -25.52 -23.25 -18.78
C PHE D 393 -24.11 -23.33 -19.31
N SER D 394 -23.81 -22.55 -20.35
CA SER D 394 -22.48 -22.52 -20.92
C SER D 394 -21.59 -21.64 -20.07
N THR D 395 -22.21 -20.63 -19.47
CA THR D 395 -21.49 -19.74 -18.59
C THR D 395 -22.38 -19.22 -17.48
N PHE D 396 -21.77 -18.93 -16.35
CA PHE D 396 -22.42 -18.37 -15.19
C PHE D 396 -21.40 -17.49 -14.50
N LYS D 397 -21.21 -16.29 -15.02
CA LYS D 397 -20.17 -15.42 -14.52
C LYS D 397 -20.73 -14.29 -13.67
N CYS D 398 -20.29 -14.23 -12.40
CA CYS D 398 -20.74 -13.19 -11.49
C CYS D 398 -19.67 -12.13 -11.33
N TYR D 399 -20.13 -10.89 -11.45
CA TYR D 399 -19.29 -9.71 -11.30
C TYR D 399 -19.54 -9.06 -9.97
N GLY D 400 -20.73 -9.31 -9.42
CA GLY D 400 -21.13 -8.72 -8.15
C GLY D 400 -20.67 -9.55 -6.97
N VAL D 401 -21.35 -10.66 -6.74
CA VAL D 401 -21.06 -11.49 -5.58
C VAL D 401 -20.82 -12.93 -6.00
N SER D 402 -20.25 -13.72 -5.11
CA SER D 402 -20.03 -15.12 -5.41
C SER D 402 -21.37 -15.82 -5.52
N PRO D 403 -21.59 -16.66 -6.54
CA PRO D 403 -22.85 -17.31 -6.87
C PRO D 403 -23.41 -18.22 -5.78
N THR D 404 -22.56 -18.66 -4.86
CA THR D 404 -23.00 -19.56 -3.82
C THR D 404 -23.48 -18.81 -2.59
N LYS D 405 -23.23 -17.50 -2.56
CA LYS D 405 -23.62 -16.66 -1.43
C LYS D 405 -25.00 -16.07 -1.65
N LEU D 406 -25.53 -16.25 -2.85
CA LEU D 406 -26.79 -15.64 -3.27
C LEU D 406 -27.98 -16.16 -2.50
N ASN D 407 -27.80 -17.26 -1.78
CA ASN D 407 -28.89 -17.81 -0.99
C ASN D 407 -28.94 -17.25 0.42
N ASP D 408 -27.82 -16.71 0.91
CA ASP D 408 -27.78 -16.15 2.27
C ASP D 408 -28.07 -14.66 2.22
N LEU D 409 -27.64 -14.06 1.14
CA LEU D 409 -27.74 -12.65 0.84
C LEU D 409 -29.10 -12.39 0.22
N CYS D 410 -29.69 -11.19 0.40
CA CYS D 410 -30.91 -10.87 -0.33
C CYS D 410 -31.03 -9.41 -0.72
N PHE D 411 -32.00 -9.15 -1.60
CA PHE D 411 -32.00 -7.92 -2.37
C PHE D 411 -33.28 -7.11 -2.30
N THR D 412 -33.14 -5.81 -2.58
CA THR D 412 -34.27 -4.90 -2.64
C THR D 412 -35.08 -5.22 -3.89
N ASN D 413 -34.37 -5.62 -4.93
CA ASN D 413 -35.00 -6.07 -6.17
C ASN D 413 -34.02 -6.83 -7.04
N VAL D 414 -34.55 -7.65 -7.93
CA VAL D 414 -33.73 -8.29 -8.95
C VAL D 414 -34.36 -8.13 -10.32
N TYR D 415 -33.57 -7.71 -11.31
CA TYR D 415 -34.11 -7.60 -12.65
C TYR D 415 -33.45 -8.58 -13.59
N ALA D 416 -34.28 -9.24 -14.39
CA ALA D 416 -33.77 -10.20 -15.34
C ALA D 416 -33.86 -9.67 -16.76
N ASP D 417 -32.71 -9.38 -17.35
CA ASP D 417 -32.65 -8.87 -18.71
C ASP D 417 -32.50 -10.05 -19.65
N SER D 418 -33.52 -10.29 -20.47
CA SER D 418 -33.58 -11.51 -21.28
C SER D 418 -33.59 -11.25 -22.79
N PHE D 419 -32.58 -11.79 -23.47
CA PHE D 419 -32.44 -11.59 -24.91
C PHE D 419 -31.54 -12.61 -25.61
N VAL D 420 -31.64 -12.67 -26.95
CA VAL D 420 -30.80 -13.54 -27.77
C VAL D 420 -29.65 -12.82 -28.45
N ILE D 421 -28.47 -13.41 -28.34
CA ILE D 421 -27.24 -12.93 -28.95
C ILE D 421 -26.53 -14.01 -29.73
N ARG D 422 -25.52 -13.63 -30.50
CA ARG D 422 -24.67 -14.61 -31.16
C ARG D 422 -23.61 -15.11 -30.17
N GLY D 423 -23.20 -16.36 -30.27
CA GLY D 423 -22.25 -16.93 -29.32
C GLY D 423 -20.96 -16.12 -29.12
N ASP D 424 -20.41 -15.54 -30.18
CA ASP D 424 -19.18 -14.75 -30.03
C ASP D 424 -19.41 -13.43 -29.31
N GLU D 425 -20.67 -13.07 -29.10
CA GLU D 425 -21.03 -11.82 -28.46
C GLU D 425 -21.20 -11.98 -26.95
N VAL D 426 -21.04 -13.20 -26.45
CA VAL D 426 -21.16 -13.47 -25.02
C VAL D 426 -20.15 -12.64 -24.25
N ARG D 427 -18.97 -12.51 -24.81
CA ARG D 427 -17.88 -11.78 -24.20
C ARG D 427 -18.16 -10.28 -24.03
N GLN D 428 -19.15 -9.76 -24.75
CA GLN D 428 -19.44 -8.33 -24.68
C GLN D 428 -20.35 -8.02 -23.50
N ILE D 429 -20.99 -9.03 -22.93
CA ILE D 429 -21.91 -8.71 -21.86
C ILE D 429 -21.20 -8.76 -20.53
N ALA D 430 -20.54 -7.67 -20.22
CA ALA D 430 -19.75 -7.53 -19.02
C ALA D 430 -19.43 -6.07 -18.80
N PRO D 431 -19.22 -5.63 -17.57
CA PRO D 431 -18.76 -4.32 -17.22
C PRO D 431 -17.39 -4.11 -17.83
N GLY D 432 -17.15 -2.93 -18.37
CA GLY D 432 -15.86 -2.60 -18.96
C GLY D 432 -15.70 -3.03 -20.41
N GLN D 433 -16.71 -3.69 -20.99
CA GLN D 433 -16.58 -4.15 -22.37
C GLN D 433 -17.22 -3.21 -23.38
N THR D 434 -16.72 -3.29 -24.60
CA THR D 434 -17.21 -2.53 -25.74
C THR D 434 -17.51 -3.47 -26.90
N GLY D 435 -18.16 -2.99 -27.94
CA GLY D 435 -18.48 -3.84 -29.08
C GLY D 435 -19.84 -3.49 -29.65
N LYS D 436 -20.25 -4.17 -30.70
CA LYS D 436 -21.49 -3.78 -31.34
C LYS D 436 -22.68 -3.90 -30.40
N ILE D 437 -22.68 -4.90 -29.54
CA ILE D 437 -23.79 -5.07 -28.63
C ILE D 437 -23.59 -4.20 -27.43
N ALA D 438 -22.39 -4.26 -26.86
CA ALA D 438 -22.11 -3.47 -25.67
C ALA D 438 -22.37 -1.99 -25.91
N ASP D 439 -22.10 -1.50 -27.12
CA ASP D 439 -22.30 -0.10 -27.41
C ASP D 439 -23.66 0.27 -27.97
N TYR D 440 -24.28 -0.56 -28.82
CA TYR D 440 -25.54 -0.15 -29.43
C TYR D 440 -26.80 -0.89 -28.97
N ASN D 441 -26.67 -2.02 -28.28
CA ASN D 441 -27.87 -2.76 -27.90
C ASN D 441 -28.05 -2.99 -26.42
N TYR D 442 -26.98 -3.35 -25.73
CA TYR D 442 -27.11 -3.72 -24.34
C TYR D 442 -25.88 -3.33 -23.55
N LYS D 443 -25.98 -2.19 -22.88
CA LYS D 443 -24.88 -1.64 -22.13
C LYS D 443 -25.04 -1.90 -20.65
N LEU D 444 -24.00 -2.43 -20.03
CA LEU D 444 -24.00 -2.60 -18.58
C LEU D 444 -23.19 -1.49 -17.94
N PRO D 445 -23.50 -1.11 -16.71
CA PRO D 445 -22.70 -0.25 -15.88
C PRO D 445 -21.35 -0.90 -15.68
N ASP D 446 -20.30 -0.10 -15.56
CA ASP D 446 -18.98 -0.68 -15.36
C ASP D 446 -18.81 -1.13 -13.91
N ASP D 447 -19.75 -0.72 -13.08
CA ASP D 447 -19.84 -1.11 -11.68
C ASP D 447 -21.00 -2.08 -11.47
N PHE D 448 -21.39 -2.76 -12.54
CA PHE D 448 -22.48 -3.72 -12.51
C PHE D 448 -22.36 -4.76 -11.42
N THR D 449 -23.45 -4.94 -10.69
CA THR D 449 -23.52 -5.94 -9.64
C THR D 449 -24.51 -7.01 -10.05
N GLY D 450 -24.02 -8.23 -10.16
CA GLY D 450 -24.87 -9.33 -10.57
C GLY D 450 -24.15 -10.41 -11.34
N CYS D 451 -24.94 -11.23 -12.07
CA CYS D 451 -24.45 -12.42 -12.78
C CYS D 451 -25.00 -12.52 -14.20
N VAL D 452 -24.13 -12.91 -15.12
CA VAL D 452 -24.50 -13.12 -16.51
C VAL D 452 -24.54 -14.61 -16.83
N ILE D 453 -25.72 -15.10 -17.16
CA ILE D 453 -25.92 -16.52 -17.41
C ILE D 453 -26.32 -16.75 -18.86
N ALA D 454 -25.63 -17.67 -19.54
CA ALA D 454 -25.98 -17.89 -20.94
C ALA D 454 -25.79 -19.34 -21.36
N TRP D 455 -26.56 -19.75 -22.37
CA TRP D 455 -26.48 -21.10 -22.90
C TRP D 455 -26.81 -21.14 -24.38
N ASN D 456 -26.33 -22.18 -25.04
CA ASN D 456 -26.59 -22.37 -26.46
C ASN D 456 -28.04 -22.72 -26.73
N SER D 457 -28.60 -22.13 -27.78
CA SER D 457 -29.95 -22.42 -28.22
C SER D 457 -29.96 -22.93 -29.67
N ASN D 458 -28.84 -23.51 -30.06
CA ASN D 458 -28.66 -24.06 -31.41
C ASN D 458 -29.68 -25.18 -31.68
N ASN D 459 -30.11 -25.86 -30.63
CA ASN D 459 -31.07 -26.94 -30.77
C ASN D 459 -32.47 -26.48 -30.39
N LEU D 460 -32.68 -25.17 -30.29
CA LEU D 460 -33.97 -24.62 -29.92
C LEU D 460 -34.46 -23.53 -30.86
N ASP D 461 -33.66 -22.48 -31.01
CA ASP D 461 -34.07 -21.34 -31.83
C ASP D 461 -33.60 -21.45 -33.28
N SER D 462 -32.47 -22.09 -33.52
CA SER D 462 -31.94 -22.15 -34.89
C SER D 462 -32.89 -22.89 -35.83
N LYS D 463 -32.94 -22.44 -37.12
CA LYS D 463 -33.81 -23.06 -38.14
C LYS D 463 -33.04 -23.21 -39.46
N GLY D 466 -32.99 -20.66 -42.02
CA GLY D 466 -32.35 -19.80 -41.05
C GLY D 466 -33.39 -19.00 -40.25
N ASN D 467 -33.14 -18.84 -38.94
CA ASN D 467 -33.98 -18.06 -38.03
C ASN D 467 -33.47 -16.63 -37.98
N TYR D 468 -34.22 -15.74 -38.59
CA TYR D 468 -33.84 -14.33 -38.73
C TYR D 468 -34.75 -13.43 -37.90
N ASN D 469 -35.32 -13.98 -36.83
CA ASN D 469 -36.28 -13.25 -36.01
C ASN D 469 -35.60 -12.46 -34.91
N TYR D 470 -34.27 -12.46 -34.90
CA TYR D 470 -33.53 -11.76 -33.88
C TYR D 470 -32.73 -10.62 -34.49
N LEU D 471 -33.02 -9.41 -34.04
CA LEU D 471 -32.36 -8.23 -34.58
C LEU D 471 -31.39 -7.60 -33.60
N TYR D 472 -30.34 -7.00 -34.14
CA TYR D 472 -29.37 -6.24 -33.39
C TYR D 472 -29.15 -4.92 -34.09
N ARG D 473 -28.61 -3.96 -33.38
CA ARG D 473 -28.41 -2.65 -33.98
C ARG D 473 -27.06 -2.61 -34.65
N LEU D 474 -27.09 -2.34 -35.94
CA LEU D 474 -25.89 -2.30 -36.74
C LEU D 474 -25.37 -0.88 -36.85
N PHE D 475 -26.31 0.07 -36.93
CA PHE D 475 -25.93 1.47 -37.03
C PHE D 475 -26.61 2.31 -35.95
N ARG D 476 -25.87 3.25 -35.40
CA ARG D 476 -26.38 4.22 -34.43
C ARG D 476 -25.42 5.40 -34.42
N LYS D 477 -25.85 6.55 -33.90
CA LYS D 477 -25.00 7.73 -33.91
C LYS D 477 -24.09 7.87 -32.69
N SER D 478 -24.43 7.18 -31.61
CA SER D 478 -23.69 7.25 -30.36
C SER D 478 -23.90 5.97 -29.56
N ASN D 479 -23.17 5.84 -28.46
CA ASN D 479 -23.29 4.65 -27.63
C ASN D 479 -24.47 4.78 -26.67
N LEU D 480 -24.94 3.65 -26.16
CA LEU D 480 -26.04 3.62 -25.20
C LEU D 480 -25.62 3.91 -23.77
N LYS D 481 -26.56 4.40 -22.99
CA LYS D 481 -26.38 4.51 -21.56
C LYS D 481 -26.71 3.14 -20.96
N PRO D 482 -26.22 2.82 -19.77
CA PRO D 482 -26.50 1.58 -19.09
C PRO D 482 -28.00 1.34 -18.99
N PHE D 483 -28.39 0.11 -19.33
CA PHE D 483 -29.77 -0.36 -19.32
C PHE D 483 -30.73 0.43 -20.21
N GLU D 484 -30.20 1.11 -21.22
CA GLU D 484 -31.04 1.79 -22.18
C GLU D 484 -31.66 0.82 -23.18
N ARG D 485 -32.92 1.08 -23.54
CA ARG D 485 -33.62 0.29 -24.55
C ARG D 485 -34.00 1.17 -25.73
N ASP D 486 -33.18 1.16 -26.80
CA ASP D 486 -33.35 2.02 -27.97
C ASP D 486 -34.31 1.37 -28.98
N CYS D 499 -30.93 10.93 -47.23
CA CYS D 499 -31.31 9.92 -46.25
C CYS D 499 -32.65 10.31 -45.62
N ASN D 500 -33.32 11.27 -46.24
CA ASN D 500 -34.58 11.77 -45.71
C ASN D 500 -35.74 10.87 -46.07
N GLY D 501 -35.77 9.70 -45.45
CA GLY D 501 -36.82 8.71 -45.66
C GLY D 501 -36.46 7.69 -46.73
N VAL D 502 -35.39 7.98 -47.47
CA VAL D 502 -34.94 7.14 -48.57
C VAL D 502 -33.67 6.40 -48.20
N GLU D 503 -33.77 5.08 -48.05
CA GLU D 503 -32.60 4.28 -47.72
C GLU D 503 -31.80 4.09 -49.00
N GLY D 504 -30.52 3.79 -48.85
CA GLY D 504 -29.61 3.67 -49.99
C GLY D 504 -28.15 3.76 -49.55
N PHE D 505 -27.28 4.19 -50.46
CA PHE D 505 -25.85 4.25 -50.14
C PHE D 505 -25.60 5.31 -49.09
N ASN D 506 -24.94 4.90 -48.02
CA ASN D 506 -24.69 5.75 -46.84
C ASN D 506 -25.98 6.17 -46.09
N CYS D 507 -27.11 5.51 -46.38
CA CYS D 507 -28.42 5.74 -45.75
C CYS D 507 -28.94 4.36 -45.34
N TYR D 508 -28.43 3.86 -44.22
CA TYR D 508 -28.67 2.47 -43.89
C TYR D 508 -29.78 2.27 -42.88
N PHE D 509 -30.48 1.15 -43.02
CA PHE D 509 -31.48 0.74 -42.06
C PHE D 509 -30.76 0.24 -40.81
N PRO D 510 -31.04 0.79 -39.62
CA PRO D 510 -30.31 0.55 -38.40
C PRO D 510 -30.28 -0.87 -37.86
N LEU D 511 -31.28 -1.70 -38.17
CA LEU D 511 -31.29 -3.06 -37.62
C LEU D 511 -30.87 -4.13 -38.61
N GLN D 512 -30.22 -5.16 -38.07
CA GLN D 512 -29.75 -6.30 -38.84
C GLN D 512 -30.06 -7.62 -38.14
N SER D 513 -30.62 -8.56 -38.89
CA SER D 513 -30.93 -9.87 -38.32
C SER D 513 -29.75 -10.82 -38.26
N TYR D 514 -29.87 -11.82 -37.40
CA TYR D 514 -28.88 -12.88 -37.28
C TYR D 514 -29.33 -14.12 -38.02
N GLY D 515 -28.56 -14.59 -38.98
CA GLY D 515 -28.94 -15.81 -39.69
C GLY D 515 -28.57 -17.04 -38.90
N PHE D 516 -29.39 -17.37 -37.90
CA PHE D 516 -29.10 -18.50 -37.03
C PHE D 516 -29.56 -19.83 -37.61
N GLN D 517 -28.60 -20.72 -37.84
CA GLN D 517 -28.83 -22.02 -38.44
C GLN D 517 -28.20 -23.09 -37.57
N PRO D 518 -28.74 -24.31 -37.55
CA PRO D 518 -28.28 -25.46 -36.78
C PRO D 518 -26.90 -25.90 -37.23
N THR D 519 -26.51 -25.46 -38.42
CA THR D 519 -25.21 -25.80 -38.99
C THR D 519 -24.09 -24.80 -38.65
N ASN D 520 -24.41 -23.71 -37.92
CA ASN D 520 -23.43 -22.68 -37.53
C ASN D 520 -22.56 -23.22 -36.40
N VAL D 522 -19.43 -22.66 -33.51
CA VAL D 522 -20.13 -22.41 -32.25
C VAL D 522 -20.37 -20.90 -32.06
N GLY D 523 -19.42 -20.07 -32.49
CA GLY D 523 -19.47 -18.60 -32.36
C GLY D 523 -20.64 -17.98 -33.11
N TYR D 524 -21.17 -18.71 -34.08
CA TYR D 524 -22.29 -18.25 -34.87
C TYR D 524 -23.60 -18.92 -34.47
N GLN D 525 -23.58 -19.69 -33.41
CA GLN D 525 -24.80 -20.29 -32.91
C GLN D 525 -25.49 -19.24 -32.07
N PRO D 526 -26.81 -19.27 -31.94
CA PRO D 526 -27.57 -18.42 -31.05
C PRO D 526 -27.35 -18.83 -29.62
N TYR D 527 -27.31 -17.85 -28.75
CA TYR D 527 -27.27 -18.05 -27.32
C TYR D 527 -28.34 -17.26 -26.61
N ARG D 528 -28.93 -17.88 -25.62
CA ARG D 528 -29.90 -17.20 -24.78
C ARG D 528 -29.21 -16.70 -23.54
N VAL D 529 -29.30 -15.41 -23.32
CA VAL D 529 -28.62 -14.83 -22.18
C VAL D 529 -29.58 -14.10 -21.26
N VAL D 530 -29.41 -14.37 -19.97
CA VAL D 530 -30.15 -13.70 -18.93
C VAL D 530 -29.19 -13.01 -18.00
N VAL D 531 -29.37 -11.72 -17.83
CA VAL D 531 -28.52 -10.99 -16.92
C VAL D 531 -29.30 -10.63 -15.68
N LEU D 532 -28.80 -11.07 -14.54
CA LEU D 532 -29.49 -10.77 -13.30
C LEU D 532 -28.82 -9.62 -12.60
N SER D 533 -29.52 -8.50 -12.58
CA SER D 533 -29.07 -7.26 -11.99
C SER D 533 -29.62 -7.15 -10.59
N PHE D 534 -28.73 -7.06 -9.61
CA PHE D 534 -29.16 -7.08 -8.23
C PHE D 534 -29.00 -5.75 -7.54
N GLU D 535 -30.08 -5.23 -6.97
CA GLU D 535 -29.98 -4.02 -6.20
C GLU D 535 -29.93 -4.44 -4.74
N LEU D 536 -28.75 -4.23 -4.15
CA LEU D 536 -28.43 -4.73 -2.82
C LEU D 536 -28.23 -3.60 -1.81
N LEU D 537 -28.80 -2.44 -2.10
CA LEU D 537 -28.70 -1.30 -1.21
C LEU D 537 -29.45 -1.60 0.09
N HIS D 538 -28.89 -1.16 1.22
CA HIS D 538 -29.54 -1.40 2.49
C HIS D 538 -30.86 -0.67 2.61
N ALA D 539 -31.89 -1.37 2.17
CA ALA D 539 -33.26 -0.92 2.08
C ALA D 539 -34.10 -2.19 2.20
N PRO D 540 -35.43 -2.12 2.36
CA PRO D 540 -36.27 -3.29 2.54
C PRO D 540 -36.01 -4.30 1.44
N ALA D 541 -35.84 -5.56 1.82
CA ALA D 541 -35.59 -6.62 0.87
C ALA D 541 -36.89 -7.25 0.45
N THR D 542 -36.99 -7.62 -0.82
CA THR D 542 -38.19 -8.27 -1.30
C THR D 542 -37.88 -9.63 -1.93
N VAL D 543 -36.63 -9.83 -2.35
CA VAL D 543 -36.23 -11.08 -2.98
C VAL D 543 -35.16 -11.75 -2.11
N CYS D 544 -35.55 -12.75 -1.30
CA CYS D 544 -34.63 -13.40 -0.35
C CYS D 544 -34.53 -14.89 -0.57
N GLY D 545 -33.40 -15.45 -0.17
CA GLY D 545 -33.14 -16.86 -0.41
C GLY D 545 -33.98 -17.76 0.47
N PRO D 546 -33.85 -19.07 0.28
CA PRO D 546 -34.60 -20.13 0.93
C PRO D 546 -34.08 -20.39 2.31
N LYS D 547 -34.18 -19.39 3.17
CA LYS D 547 -33.65 -19.49 4.51
C LYS D 547 -34.76 -19.44 5.54
N LYS D 548 -34.72 -20.39 6.45
CA LYS D 548 -35.70 -20.47 7.50
C LYS D 548 -35.37 -19.53 8.63
N SER D 549 -36.30 -18.64 8.94
CA SER D 549 -36.11 -17.68 10.01
C SER D 549 -36.40 -18.32 11.34
N THR D 550 -35.80 -17.77 12.38
CA THR D 550 -36.00 -18.21 13.74
C THR D 550 -36.58 -17.08 14.58
N ASN D 551 -36.74 -17.33 15.87
CA ASN D 551 -37.30 -16.34 16.77
C ASN D 551 -36.25 -15.32 17.14
N LEU D 552 -36.69 -14.15 17.56
CA LEU D 552 -35.75 -13.11 17.95
C LEU D 552 -35.66 -13.05 19.46
N VAL D 553 -34.43 -13.04 19.96
CA VAL D 553 -34.20 -12.99 21.39
C VAL D 553 -33.56 -11.68 21.80
N LYS D 554 -34.22 -10.97 22.72
CA LYS D 554 -33.78 -9.65 23.12
C LYS D 554 -32.96 -9.65 24.41
N ASN D 555 -32.18 -8.59 24.56
CA ASN D 555 -31.36 -8.30 25.74
C ASN D 555 -30.31 -9.37 26.04
N LYS D 556 -29.82 -10.02 25.00
CA LYS D 556 -28.77 -11.01 25.14
C LYS D 556 -27.83 -10.87 23.95
N CYS D 557 -26.55 -11.24 24.11
CA CYS D 557 -25.59 -11.22 23.01
C CYS D 557 -25.88 -12.33 22.01
N VAL D 558 -26.17 -11.93 20.78
CA VAL D 558 -26.50 -12.88 19.73
C VAL D 558 -25.76 -12.60 18.43
N ASN D 559 -25.67 -13.62 17.61
CA ASN D 559 -25.12 -13.49 16.26
C ASN D 559 -26.28 -13.30 15.31
N PHE D 560 -26.50 -12.10 14.82
CA PHE D 560 -27.71 -11.84 14.06
C PHE D 560 -27.51 -11.73 12.56
N ASN D 561 -28.61 -11.96 11.84
CA ASN D 561 -28.70 -11.82 10.39
C ASN D 561 -30.06 -11.23 9.99
N PHE D 562 -30.07 -9.97 9.60
CA PHE D 562 -31.31 -9.33 9.19
C PHE D 562 -31.28 -9.05 7.69
N ASN D 563 -32.04 -9.82 6.93
CA ASN D 563 -32.05 -9.68 5.48
C ASN D 563 -30.66 -9.74 4.85
N GLY D 564 -29.79 -10.59 5.37
CA GLY D 564 -28.44 -10.72 4.81
C GLY D 564 -27.41 -9.85 5.51
N LEU D 565 -27.86 -8.95 6.39
CA LEU D 565 -26.96 -8.08 7.15
C LEU D 565 -26.57 -8.74 8.44
N THR D 566 -25.29 -9.01 8.63
CA THR D 566 -24.89 -9.74 9.81
C THR D 566 -23.98 -8.95 10.72
N GLY D 567 -23.91 -9.42 11.96
CA GLY D 567 -23.05 -8.85 12.98
C GLY D 567 -23.36 -9.48 14.32
N THR D 568 -22.63 -9.06 15.35
CA THR D 568 -22.85 -9.58 16.69
C THR D 568 -23.16 -8.44 17.63
N GLY D 569 -24.20 -8.62 18.44
CA GLY D 569 -24.58 -7.56 19.35
C GLY D 569 -25.86 -7.90 20.11
N VAL D 570 -26.22 -7.01 21.01
CA VAL D 570 -27.41 -7.17 21.81
C VAL D 570 -28.56 -6.38 21.18
N LEU D 571 -29.68 -7.06 20.97
CA LEU D 571 -30.85 -6.44 20.36
C LEU D 571 -31.80 -5.96 21.44
N THR D 572 -32.11 -4.67 21.44
CA THR D 572 -32.99 -4.14 22.48
C THR D 572 -34.12 -3.30 21.90
N GLU D 573 -35.15 -3.06 22.68
CA GLU D 573 -36.24 -2.19 22.26
C GLU D 573 -35.73 -0.77 22.09
N SER D 574 -36.29 -0.04 21.13
CA SER D 574 -35.85 1.34 20.89
C SER D 574 -37.02 2.25 20.62
N ASN D 575 -36.74 3.55 20.64
CA ASN D 575 -37.72 4.56 20.33
C ASN D 575 -37.30 5.37 19.10
N LYS D 576 -36.55 4.74 18.20
CA LYS D 576 -36.07 5.44 17.01
C LYS D 576 -37.14 5.44 15.93
N LYS D 577 -37.46 6.63 15.47
CA LYS D 577 -38.55 6.82 14.54
C LYS D 577 -38.14 6.58 13.10
N PHE D 578 -38.00 5.31 12.73
CA PHE D 578 -37.64 4.99 11.35
C PHE D 578 -38.81 5.36 10.46
N LEU D 579 -38.50 5.91 9.30
CA LEU D 579 -39.52 6.25 8.32
C LEU D 579 -39.98 4.96 7.65
N PRO D 580 -41.17 4.92 7.06
CA PRO D 580 -41.76 3.76 6.39
C PRO D 580 -40.85 3.11 5.35
N PHE D 581 -39.91 3.86 4.79
CA PHE D 581 -39.03 3.32 3.77
C PHE D 581 -37.62 3.02 4.28
N GLN D 582 -37.41 3.22 5.58
CA GLN D 582 -36.09 3.02 6.18
C GLN D 582 -36.02 1.70 6.92
N GLN D 583 -35.16 0.82 6.44
CA GLN D 583 -35.01 -0.52 6.99
C GLN D 583 -33.86 -0.60 7.99
N PHE D 584 -32.85 0.23 7.78
CA PHE D 584 -31.65 0.18 8.60
C PHE D 584 -31.28 1.60 9.04
N GLY D 585 -30.66 1.72 10.19
CA GLY D 585 -30.07 3.00 10.61
C GLY D 585 -28.56 2.81 10.72
N ARG D 586 -27.82 3.91 10.71
CA ARG D 586 -26.36 3.80 10.79
C ARG D 586 -25.71 4.76 11.78
N ASP D 587 -24.55 4.33 12.25
CA ASP D 587 -23.67 5.07 13.16
C ASP D 587 -22.69 5.93 12.38
N ILE D 588 -21.84 6.66 13.07
CA ILE D 588 -20.83 7.52 12.45
C ILE D 588 -19.87 6.71 11.61
N ALA D 589 -19.55 5.51 12.09
CA ALA D 589 -18.62 4.61 11.43
C ALA D 589 -19.27 3.88 10.24
N ASP D 590 -20.55 4.20 9.99
CA ASP D 590 -21.34 3.57 8.93
C ASP D 590 -21.69 2.14 9.28
N THR D 591 -21.53 1.79 10.54
CA THR D 591 -21.95 0.48 11.00
C THR D 591 -23.41 0.53 11.37
N THR D 592 -24.05 -0.61 11.48
CA THR D 592 -25.47 -0.61 11.77
C THR D 592 -25.74 -0.14 13.19
N ASP D 593 -26.65 0.81 13.32
CA ASP D 593 -27.03 1.38 14.61
C ASP D 593 -28.27 0.70 15.17
N ALA D 594 -29.23 0.46 14.29
CA ALA D 594 -30.51 -0.13 14.63
C ALA D 594 -31.13 -0.74 13.39
N VAL D 595 -32.02 -1.69 13.56
CA VAL D 595 -32.72 -2.26 12.43
C VAL D 595 -34.22 -2.36 12.64
N ARG D 596 -34.96 -2.44 11.55
CA ARG D 596 -36.37 -2.75 11.62
C ARG D 596 -36.57 -4.24 11.41
N ASP D 597 -37.12 -4.92 12.40
CA ASP D 597 -37.26 -6.36 12.23
C ASP D 597 -38.13 -6.63 11.00
N PRO D 598 -37.67 -7.47 10.07
CA PRO D 598 -38.31 -7.77 8.80
C PRO D 598 -39.66 -8.46 8.88
N GLN D 599 -39.99 -9.08 10.02
CA GLN D 599 -41.27 -9.75 10.10
C GLN D 599 -42.26 -8.91 10.87
N THR D 600 -41.80 -8.33 11.96
CA THR D 600 -42.58 -7.44 12.79
C THR D 600 -41.96 -6.07 12.72
N LEU D 601 -42.70 -5.07 12.28
CA LEU D 601 -42.05 -3.79 12.02
C LEU D 601 -41.84 -2.93 13.26
N GLU D 602 -40.95 -3.41 14.11
CA GLU D 602 -40.54 -2.70 15.32
C GLU D 602 -39.06 -2.39 15.18
N ILE D 603 -38.60 -1.36 15.86
CA ILE D 603 -37.20 -0.99 15.74
C ILE D 603 -36.38 -1.45 16.92
N LEU D 604 -35.29 -2.11 16.62
CA LEU D 604 -34.41 -2.62 17.65
C LEU D 604 -33.03 -1.99 17.57
N ASP D 605 -32.57 -1.47 18.70
CA ASP D 605 -31.23 -0.90 18.78
C ASP D 605 -30.23 -2.03 18.82
N ILE D 606 -29.07 -1.82 18.23
CA ILE D 606 -28.04 -2.84 18.36
C ILE D 606 -26.87 -2.31 19.15
N THR D 607 -26.65 -2.91 20.31
CA THR D 607 -25.54 -2.52 21.15
C THR D 607 -24.52 -3.64 21.14
N PRO D 608 -23.35 -3.46 20.53
CA PRO D 608 -22.32 -4.47 20.40
C PRO D 608 -22.05 -5.02 21.79
N CYS D 609 -21.76 -6.33 21.85
CA CYS D 609 -21.62 -7.07 23.10
C CYS D 609 -20.46 -6.52 23.92
N SER D 610 -20.67 -6.48 25.24
CA SER D 610 -19.68 -5.89 26.13
C SER D 610 -18.30 -6.46 25.90
N PHE D 611 -17.33 -5.57 25.91
CA PHE D 611 -15.95 -5.91 25.70
C PHE D 611 -15.09 -4.93 26.46
N GLY D 612 -13.81 -5.24 26.60
CA GLY D 612 -12.89 -4.31 27.23
C GLY D 612 -11.51 -4.88 27.37
N GLY D 613 -10.54 -4.04 27.68
CA GLY D 613 -9.17 -4.52 27.82
C GLY D 613 -9.01 -5.34 29.08
N VAL D 614 -8.06 -6.28 29.05
CA VAL D 614 -7.79 -7.06 30.23
C VAL D 614 -6.34 -6.87 30.66
N SER D 615 -6.17 -6.40 31.88
CA SER D 615 -4.84 -6.15 32.41
C SER D 615 -4.55 -7.02 33.61
N VAL D 616 -3.32 -7.46 33.69
CA VAL D 616 -2.90 -8.31 34.78
C VAL D 616 -2.00 -7.54 35.73
N ILE D 617 -2.39 -7.52 36.98
CA ILE D 617 -1.70 -6.82 38.03
C ILE D 617 -0.85 -7.78 38.79
N THR D 618 0.45 -7.57 38.77
CA THR D 618 1.29 -8.55 39.40
C THR D 618 2.51 -7.96 40.09
N PRO D 619 2.90 -8.52 41.25
CA PRO D 619 4.14 -8.28 41.92
C PRO D 619 5.16 -8.96 41.07
N GLY D 620 6.43 -8.63 41.17
CA GLY D 620 7.34 -9.30 40.27
C GLY D 620 7.35 -10.80 40.55
N THR D 621 7.60 -11.60 39.51
CA THR D 621 7.65 -13.06 39.66
C THR D 621 8.83 -13.56 40.51
N ASN D 622 9.76 -12.65 40.84
CA ASN D 622 10.86 -12.87 41.76
C ASN D 622 10.36 -13.01 43.21
N THR D 623 9.14 -12.47 43.50
CA THR D 623 8.48 -12.47 44.80
C THR D 623 7.28 -13.41 44.84
N SER D 624 6.41 -13.32 43.84
CA SER D 624 5.18 -14.11 43.84
C SER D 624 4.58 -14.36 42.47
N ASN D 625 3.95 -15.51 42.34
CA ASN D 625 3.25 -15.85 41.10
C ASN D 625 1.75 -15.63 41.21
N GLN D 626 1.32 -14.94 42.25
CA GLN D 626 -0.10 -14.62 42.41
C GLN D 626 -0.42 -13.38 41.60
N VAL D 627 -1.54 -13.39 40.90
CA VAL D 627 -1.93 -12.21 40.13
C VAL D 627 -3.37 -11.82 40.37
N ALA D 628 -3.69 -10.57 40.06
CA ALA D 628 -5.06 -10.08 40.06
C ALA D 628 -5.39 -9.60 38.66
N VAL D 629 -6.64 -9.73 38.25
CA VAL D 629 -6.97 -9.32 36.90
C VAL D 629 -8.03 -8.24 36.84
N LEU D 630 -7.71 -7.21 36.08
CA LEU D 630 -8.60 -6.10 35.88
C LEU D 630 -9.29 -6.15 34.54
N TYR D 631 -10.60 -6.15 34.57
CA TYR D 631 -11.37 -6.09 33.34
C TYR D 631 -11.78 -4.65 33.17
N GLN D 632 -11.19 -4.00 32.18
CA GLN D 632 -11.30 -2.57 32.06
C GLN D 632 -12.62 -2.13 31.45
N ASP D 633 -13.20 -1.11 32.07
CA ASP D 633 -14.45 -0.51 31.60
C ASP D 633 -15.62 -1.50 31.49
N VAL D 634 -15.73 -2.43 32.44
CA VAL D 634 -16.85 -3.35 32.46
C VAL D 634 -17.45 -3.39 33.86
N ASN D 635 -18.68 -3.91 33.97
CA ASN D 635 -19.35 -4.19 35.23
C ASN D 635 -18.98 -5.60 35.70
N CYS D 636 -19.06 -5.84 37.02
CA CYS D 636 -18.80 -7.16 37.61
C CYS D 636 -20.03 -8.04 37.48
N THR D 637 -20.42 -8.27 36.25
CA THR D 637 -21.58 -9.05 35.86
C THR D 637 -21.22 -10.09 34.81
N GLU D 638 -21.02 -9.61 33.57
CA GLU D 638 -20.70 -10.54 32.47
C GLU D 638 -19.42 -11.36 32.68
N VAL D 639 -18.42 -10.81 33.39
CA VAL D 639 -17.15 -11.46 33.64
C VAL D 639 -17.36 -12.67 34.57
N ASN D 660 -14.18 -12.42 46.09
CA ASN D 660 -13.01 -11.54 46.12
C ASN D 660 -13.00 -10.62 44.87
N VAL D 661 -14.11 -9.89 44.68
CA VAL D 661 -14.35 -9.00 43.54
C VAL D 661 -14.62 -7.57 43.99
N PHE D 662 -13.85 -6.65 43.43
CA PHE D 662 -13.95 -5.24 43.76
C PHE D 662 -14.30 -4.39 42.55
N GLN D 663 -15.46 -3.75 42.58
CA GLN D 663 -15.85 -2.92 41.45
C GLN D 663 -15.27 -1.52 41.61
N THR D 664 -14.50 -1.08 40.63
CA THR D 664 -13.90 0.24 40.66
C THR D 664 -14.31 0.99 39.40
N ARG D 665 -14.06 2.29 39.38
CA ARG D 665 -14.43 3.09 38.21
C ARG D 665 -13.66 2.65 36.97
N ALA D 666 -12.46 2.15 37.16
CA ALA D 666 -11.62 1.71 36.06
C ALA D 666 -12.05 0.38 35.46
N GLY D 667 -12.93 -0.34 36.14
CA GLY D 667 -13.28 -1.69 35.68
C GLY D 667 -13.54 -2.63 36.85
N CYS D 668 -13.66 -3.93 36.56
CA CYS D 668 -13.95 -4.96 37.56
C CYS D 668 -12.63 -5.64 37.93
N LEU D 669 -12.24 -5.51 39.19
CA LEU D 669 -10.98 -6.06 39.66
C LEU D 669 -11.19 -7.34 40.43
N ILE D 670 -10.64 -8.43 39.92
CA ILE D 670 -10.84 -9.73 40.52
C ILE D 670 -9.56 -10.33 41.05
N GLY D 671 -9.58 -10.75 42.32
CA GLY D 671 -8.42 -11.39 42.94
C GLY D 671 -7.70 -10.50 43.95
N ALA D 672 -7.95 -9.20 43.89
CA ALA D 672 -7.36 -8.29 44.84
C ALA D 672 -8.34 -8.03 45.97
N GLU D 673 -7.86 -8.05 47.20
CA GLU D 673 -8.74 -7.78 48.33
C GLU D 673 -8.95 -6.29 48.47
N HIS D 674 -10.17 -5.87 48.80
CA HIS D 674 -10.39 -4.45 49.00
C HIS D 674 -10.06 -4.08 50.43
N VAL D 675 -9.12 -3.17 50.58
CA VAL D 675 -8.64 -2.74 51.88
C VAL D 675 -9.03 -1.29 52.16
N ASN D 676 -9.61 -1.04 53.36
CA ASN D 676 -10.05 0.30 53.79
C ASN D 676 -8.87 1.24 54.06
N ASN D 677 -7.72 0.72 54.49
CA ASN D 677 -6.52 1.50 54.80
C ASN D 677 -5.84 1.97 53.52
N SER D 678 -5.51 3.25 53.47
CA SER D 678 -4.81 3.79 52.31
C SER D 678 -3.32 3.62 52.49
N TYR D 679 -2.59 3.63 51.39
CA TYR D 679 -1.14 3.53 51.43
C TYR D 679 -0.56 4.31 50.27
N GLU D 680 0.75 4.37 50.21
CA GLU D 680 1.40 5.00 49.08
C GLU D 680 1.11 4.13 47.86
N CYS D 681 0.90 4.75 46.70
CA CYS D 681 0.58 3.99 45.47
C CYS D 681 1.79 3.17 45.02
N ASP D 682 1.51 1.93 44.66
CA ASP D 682 2.53 0.99 44.24
C ASP D 682 2.28 0.62 42.76
N ILE D 683 1.33 -0.28 42.50
CA ILE D 683 0.97 -0.54 41.12
C ILE D 683 -0.38 0.13 40.83
N PRO D 684 -0.41 1.21 40.06
CA PRO D 684 -1.59 2.00 39.84
C PRO D 684 -2.60 1.27 39.01
N ILE D 685 -3.87 1.42 39.33
CA ILE D 685 -4.95 0.88 38.54
C ILE D 685 -5.67 1.98 37.80
N GLY D 686 -6.05 3.00 38.53
CA GLY D 686 -6.77 4.12 37.95
C GLY D 686 -7.90 4.58 38.84
N ALA D 687 -8.34 5.82 38.64
CA ALA D 687 -9.44 6.40 39.37
C ALA D 687 -9.23 6.36 40.87
N GLY D 688 -8.00 6.62 41.31
CA GLY D 688 -7.68 6.70 42.72
C GLY D 688 -7.32 5.36 43.34
N ILE D 689 -7.41 4.28 42.58
CA ILE D 689 -7.13 2.97 43.13
C ILE D 689 -5.75 2.45 42.69
N CYS D 690 -4.99 1.94 43.66
CA CYS D 690 -3.68 1.31 43.46
C CYS D 690 -3.68 -0.06 44.13
N ALA D 691 -2.81 -0.94 43.66
CA ALA D 691 -2.69 -2.27 44.23
C ALA D 691 -1.29 -2.53 44.73
N SER D 692 -1.18 -3.46 45.66
CA SER D 692 0.12 -3.86 46.20
C SER D 692 0.09 -5.29 46.72
N TYR D 693 1.19 -5.73 47.27
CA TYR D 693 1.33 -7.09 47.78
C TYR D 693 1.78 -7.03 49.22
N GLN D 694 0.88 -7.38 50.15
CA GLN D 694 1.14 -7.19 51.57
C GLN D 694 0.42 -8.23 52.43
N THR D 695 0.62 -8.18 53.75
CA THR D 695 0.00 -9.12 54.70
C THR D 695 -1.31 -8.55 55.23
N GLN D 709 1.37 -13.12 52.52
CA GLN D 709 1.10 -11.96 51.70
C GLN D 709 0.08 -12.29 50.61
N SER D 710 -0.65 -11.26 50.15
CA SER D 710 -1.66 -11.36 49.09
C SER D 710 -1.81 -10.03 48.37
N ILE D 711 -2.45 -10.05 47.20
CA ILE D 711 -2.68 -8.82 46.48
C ILE D 711 -3.87 -8.06 47.03
N ILE D 712 -3.66 -6.78 47.26
CA ILE D 712 -4.68 -5.91 47.78
C ILE D 712 -4.87 -4.70 46.89
N ALA D 713 -6.03 -4.08 47.02
CA ALA D 713 -6.34 -2.85 46.33
C ALA D 713 -6.91 -1.86 47.33
N TYR D 714 -6.56 -0.60 47.15
CA TYR D 714 -6.96 0.44 48.08
C TYR D 714 -6.99 1.79 47.43
N THR D 715 -7.65 2.74 48.08
CA THR D 715 -7.60 4.10 47.60
C THR D 715 -6.25 4.64 48.00
N MET D 716 -5.54 5.20 47.05
CA MET D 716 -4.20 5.67 47.31
C MET D 716 -4.18 6.88 48.22
N SER D 717 -3.17 6.96 49.06
CA SER D 717 -2.95 8.10 49.91
C SER D 717 -2.17 9.14 49.13
N LEU D 718 -2.43 10.41 49.40
CA LEU D 718 -1.67 11.44 48.73
C LEU D 718 -0.57 11.96 49.63
N GLY D 719 -0.42 11.34 50.79
CA GLY D 719 0.56 11.75 51.77
C GLY D 719 -0.08 11.91 53.13
N ALA D 720 0.75 12.02 54.15
CA ALA D 720 0.26 12.19 55.51
C ALA D 720 -0.38 13.54 55.66
N GLU D 721 -1.45 13.59 56.44
CA GLU D 721 -2.11 14.85 56.74
C GLU D 721 -1.36 15.57 57.84
N ASN D 722 -1.09 16.86 57.64
CA ASN D 722 -0.35 17.62 58.64
C ASN D 722 -0.77 19.08 58.67
N SER D 723 -1.51 19.48 59.69
CA SER D 723 -1.92 20.86 59.77
C SER D 723 -0.73 21.75 60.13
N VAL D 724 -0.83 23.02 59.81
CA VAL D 724 0.22 23.96 60.18
C VAL D 724 -0.28 24.78 61.35
N ALA D 725 0.57 24.95 62.37
CA ALA D 725 0.15 25.68 63.56
C ALA D 725 0.19 27.17 63.33
N TYR D 726 -0.65 27.62 62.41
CA TYR D 726 -0.71 29.01 62.01
C TYR D 726 -1.39 29.87 63.04
N SER D 727 -0.82 31.03 63.25
CA SER D 727 -1.41 32.06 64.06
C SER D 727 -0.80 33.37 63.59
N ASN D 728 -1.38 34.49 63.99
CA ASN D 728 -0.93 35.82 63.55
C ASN D 728 0.32 36.31 64.30
N ASN D 729 0.76 35.62 65.36
CA ASN D 729 1.92 36.02 66.16
C ASN D 729 2.88 34.88 66.47
N SER D 730 2.96 33.86 65.62
CA SER D 730 3.89 32.77 65.89
C SER D 730 4.66 32.39 64.65
N ILE D 731 5.96 32.28 64.81
CA ILE D 731 6.83 31.91 63.71
C ILE D 731 7.70 30.72 64.09
N ALA D 732 7.85 29.78 63.18
CA ALA D 732 8.75 28.67 63.45
C ALA D 732 10.07 28.92 62.77
N ILE D 733 11.13 28.90 63.55
CA ILE D 733 12.46 29.19 63.03
C ILE D 733 13.36 27.99 63.23
N PRO D 734 14.05 27.50 62.21
CA PRO D 734 14.97 26.40 62.30
C PRO D 734 16.05 26.74 63.28
N THR D 735 16.44 25.80 64.10
CA THR D 735 17.54 25.94 65.04
C THR D 735 18.75 25.09 64.66
N ASN D 736 18.55 24.09 63.79
CA ASN D 736 19.56 23.19 63.30
C ASN D 736 19.23 22.83 61.85
N PHE D 737 20.21 22.25 61.15
CA PHE D 737 20.07 21.88 59.74
C PHE D 737 20.92 20.69 59.40
N THR D 738 20.62 20.08 58.27
CA THR D 738 21.44 19.04 57.73
C THR D 738 21.77 19.32 56.28
N ILE D 739 22.93 18.84 55.86
CA ILE D 739 23.27 18.88 54.46
C ILE D 739 22.94 17.54 53.85
N SER D 740 22.14 17.58 52.81
CA SER D 740 21.74 16.35 52.15
C SER D 740 22.23 16.34 50.73
N VAL D 741 22.43 15.16 50.19
CA VAL D 741 22.80 15.03 48.81
C VAL D 741 21.79 14.19 48.10
N THR D 742 21.26 14.71 47.00
CA THR D 742 20.27 13.96 46.25
C THR D 742 20.82 13.65 44.88
N THR D 743 20.29 12.64 44.23
CA THR D 743 20.79 12.28 42.93
C THR D 743 19.75 12.47 41.84
N GLU D 744 20.10 13.24 40.83
CA GLU D 744 19.21 13.45 39.71
C GLU D 744 19.81 12.87 38.45
N ILE D 745 19.06 12.00 37.80
CA ILE D 745 19.58 11.31 36.64
C ILE D 745 18.86 11.73 35.37
N LEU D 746 19.62 12.20 34.39
CA LEU D 746 19.04 12.65 33.13
C LEU D 746 19.71 11.97 31.94
N PRO D 747 18.94 11.47 30.98
CA PRO D 747 19.41 11.03 29.69
C PRO D 747 20.00 12.21 28.95
N VAL D 748 21.08 11.95 28.23
CA VAL D 748 21.68 12.96 27.38
C VAL D 748 21.67 12.52 25.94
N SER D 749 21.88 11.23 25.71
CA SER D 749 22.00 10.73 24.37
C SER D 749 21.31 9.39 24.21
N MET D 750 21.19 8.96 22.97
CA MET D 750 20.63 7.66 22.63
C MET D 750 21.51 7.00 21.59
N THR D 751 21.41 5.69 21.49
CA THR D 751 22.27 4.95 20.58
C THR D 751 22.19 5.51 19.17
N LYS D 752 23.36 5.78 18.59
CA LYS D 752 23.45 6.32 17.26
C LYS D 752 23.29 5.24 16.23
N THR D 753 22.07 4.78 16.04
CA THR D 753 21.88 3.69 15.12
C THR D 753 21.95 4.22 13.70
N SER D 754 22.16 3.32 12.78
CA SER D 754 22.15 3.66 11.37
C SER D 754 21.63 2.49 10.57
N VAL D 755 20.69 2.75 9.69
CA VAL D 755 20.14 1.68 8.89
C VAL D 755 20.36 1.93 7.42
N ASP D 756 20.93 0.93 6.77
CA ASP D 756 21.08 0.95 5.33
C ASP D 756 19.76 0.49 4.73
N CYS D 757 18.94 1.45 4.26
CA CYS D 757 17.59 1.15 3.77
C CYS D 757 17.61 0.21 2.58
N THR D 758 18.64 0.29 1.76
CA THR D 758 18.69 -0.57 0.60
C THR D 758 18.94 -1.99 1.04
N MET D 759 19.91 -2.16 1.91
CA MET D 759 20.25 -3.50 2.38
C MET D 759 19.13 -4.10 3.20
N TYR D 760 18.44 -3.28 3.97
CA TYR D 760 17.35 -3.74 4.79
C TYR D 760 16.20 -4.26 3.95
N ILE D 761 15.78 -3.48 2.96
CA ILE D 761 14.65 -3.88 2.13
C ILE D 761 15.01 -5.01 1.14
N CYS D 762 16.13 -4.82 0.41
CA CYS D 762 16.57 -5.68 -0.68
C CYS D 762 17.97 -6.21 -0.43
N GLY D 763 18.16 -6.95 0.65
CA GLY D 763 19.49 -7.40 0.99
C GLY D 763 20.09 -8.22 -0.13
N ASP D 764 21.14 -7.69 -0.74
CA ASP D 764 21.88 -8.35 -1.80
C ASP D 764 21.01 -8.88 -2.92
N SER D 765 20.00 -8.11 -3.30
CA SER D 765 19.11 -8.53 -4.38
C SER D 765 18.96 -7.50 -5.46
N THR D 766 19.49 -7.81 -6.63
CA THR D 766 19.46 -6.89 -7.75
C THR D 766 18.04 -6.65 -8.24
N GLU D 767 17.28 -7.71 -8.33
CA GLU D 767 15.91 -7.61 -8.84
C GLU D 767 15.04 -6.74 -7.94
N CYS D 768 15.17 -6.90 -6.61
CA CYS D 768 14.45 -6.12 -5.63
C CYS D 768 14.91 -4.67 -5.67
N SER D 769 16.22 -4.45 -5.77
CA SER D 769 16.74 -3.09 -5.77
C SER D 769 16.14 -2.32 -6.94
N ASN D 770 16.06 -2.95 -8.10
CA ASN D 770 15.51 -2.29 -9.26
C ASN D 770 14.05 -1.86 -9.03
N LEU D 771 13.31 -2.65 -8.25
CA LEU D 771 11.93 -2.28 -7.92
C LEU D 771 11.91 -1.20 -6.85
N LEU D 772 12.87 -1.25 -5.94
CA LEU D 772 12.94 -0.26 -4.86
C LEU D 772 13.15 1.13 -5.41
N LEU D 773 13.89 1.24 -6.50
CA LEU D 773 14.17 2.53 -7.11
C LEU D 773 12.92 3.25 -7.59
N GLN D 774 11.82 2.53 -7.73
CA GLN D 774 10.58 3.11 -8.23
C GLN D 774 9.89 3.90 -7.15
N TYR D 775 10.44 3.84 -5.94
CA TYR D 775 9.91 4.56 -4.80
C TYR D 775 10.70 5.83 -4.58
N GLY D 776 11.55 6.15 -5.54
CA GLY D 776 12.27 7.41 -5.55
C GLY D 776 13.18 7.63 -4.36
N SER D 777 12.96 8.75 -3.70
CA SER D 777 13.78 9.17 -2.57
C SER D 777 13.40 8.53 -1.26
N PHE D 778 12.33 7.74 -1.20
CA PHE D 778 11.97 7.23 0.12
C PHE D 778 13.15 6.59 0.86
N CYS D 779 13.91 5.72 0.18
CA CYS D 779 15.04 5.03 0.79
C CYS D 779 16.10 6.07 1.23
N THR D 780 16.40 7.01 0.34
CA THR D 780 17.40 8.02 0.61
C THR D 780 17.07 8.91 1.79
N GLN D 781 15.84 9.40 1.88
CA GLN D 781 15.52 10.31 2.96
C GLN D 781 15.41 9.59 4.29
N LEU D 782 15.12 8.28 4.27
CA LEU D 782 15.11 7.56 5.52
C LEU D 782 16.53 7.51 6.08
N ASN D 783 17.52 7.32 5.19
CA ASN D 783 18.88 7.31 5.65
C ASN D 783 19.27 8.70 6.16
N ARG D 784 18.78 9.73 5.48
CA ARG D 784 19.10 11.09 5.88
C ARG D 784 18.52 11.43 7.24
N ALA D 785 17.30 10.99 7.50
CA ALA D 785 16.63 11.25 8.77
C ALA D 785 17.38 10.61 9.94
N LEU D 786 17.83 9.37 9.77
CA LEU D 786 18.55 8.71 10.84
C LEU D 786 19.91 9.35 11.04
N THR D 787 20.52 9.80 9.95
CA THR D 787 21.79 10.46 10.08
C THR D 787 21.63 11.71 10.91
N GLY D 788 20.58 12.48 10.64
CA GLY D 788 20.33 13.69 11.39
C GLY D 788 20.25 13.41 12.88
N ILE D 789 19.61 12.29 13.25
CA ILE D 789 19.54 11.96 14.66
C ILE D 789 20.94 11.66 15.19
N ALA D 790 21.68 10.84 14.48
CA ALA D 790 23.00 10.46 14.95
C ALA D 790 23.87 11.69 15.17
N VAL D 791 23.74 12.67 14.31
CA VAL D 791 24.54 13.87 14.44
C VAL D 791 24.18 14.65 15.69
N GLU D 792 22.89 14.85 15.94
CA GLU D 792 22.53 15.63 17.11
C GLU D 792 22.90 14.90 18.40
N GLN D 793 23.10 13.59 18.35
CA GLN D 793 23.48 12.90 19.58
C GLN D 793 24.83 13.38 20.08
N ASP D 794 25.73 13.78 19.18
CA ASP D 794 27.02 14.25 19.65
C ASP D 794 26.88 15.69 20.09
N LYS D 795 25.99 16.40 19.40
CA LYS D 795 25.72 17.78 19.76
C LYS D 795 25.20 17.83 21.19
N ASN D 796 24.30 16.90 21.53
CA ASN D 796 23.71 16.86 22.86
C ASN D 796 24.77 16.62 23.91
N THR D 797 25.66 15.67 23.66
CA THR D 797 26.70 15.38 24.62
C THR D 797 27.60 16.56 24.83
N GLN D 798 27.99 17.23 23.74
CA GLN D 798 28.88 18.36 23.89
C GLN D 798 28.22 19.48 24.65
N GLU D 799 26.94 19.73 24.40
CA GLU D 799 26.25 20.80 25.09
C GLU D 799 26.20 20.59 26.59
N VAL D 800 26.08 19.33 27.01
CA VAL D 800 26.04 19.02 28.43
C VAL D 800 27.40 19.05 29.08
N PHE D 801 28.40 18.42 28.47
CA PHE D 801 29.68 18.28 29.15
C PHE D 801 30.76 19.28 28.73
N ALA D 802 30.78 19.68 27.48
CA ALA D 802 31.87 20.53 27.00
C ALA D 802 31.56 22.00 27.25
N GLN D 803 31.40 22.36 28.51
CA GLN D 803 31.08 23.73 28.88
C GLN D 803 32.28 24.45 29.44
N VAL D 804 33.41 23.77 29.47
CA VAL D 804 34.61 24.34 30.00
C VAL D 804 35.70 24.27 28.94
N LYS D 805 36.39 25.37 28.72
CA LYS D 805 37.43 25.40 27.70
C LYS D 805 38.72 24.74 28.13
N GLN D 806 39.00 24.79 29.43
CA GLN D 806 40.23 24.21 29.92
C GLN D 806 39.95 22.97 30.73
N ILE D 807 40.93 22.09 30.78
CA ILE D 807 40.78 20.91 31.59
C ILE D 807 41.48 21.14 32.91
N TYR D 808 40.68 21.31 33.94
CA TYR D 808 41.17 21.62 35.26
C TYR D 808 41.45 20.33 35.99
N LYS D 809 42.38 20.37 36.90
CA LYS D 809 42.66 19.21 37.72
C LYS D 809 42.92 19.64 39.15
N THR D 810 42.55 18.78 40.07
CA THR D 810 42.77 19.04 41.48
C THR D 810 44.24 18.92 41.82
N PRO D 811 44.69 19.56 42.91
CA PRO D 811 46.02 19.50 43.45
C PRO D 811 46.28 18.12 44.05
N PRO D 812 47.55 17.74 44.22
CA PRO D 812 48.00 16.53 44.86
C PRO D 812 47.63 16.48 46.34
N ILE D 813 47.39 17.64 46.94
CA ILE D 813 46.98 17.67 48.33
C ILE D 813 45.52 18.00 48.44
N LYS D 814 44.73 17.02 48.80
CA LYS D 814 43.29 17.16 48.82
C LYS D 814 42.81 17.78 50.13
N ASP D 815 43.15 19.04 50.35
CA ASP D 815 42.72 19.72 51.57
C ASP D 815 41.58 20.68 51.29
N PHE D 816 40.36 20.22 51.54
CA PHE D 816 39.21 21.02 51.25
C PHE D 816 38.45 21.35 52.52
N GLY D 817 39.18 21.53 53.60
CA GLY D 817 38.57 21.97 54.84
C GLY D 817 37.72 20.91 55.52
N GLY D 818 38.06 19.64 55.31
CA GLY D 818 37.31 18.55 55.90
C GLY D 818 36.35 17.88 54.92
N PHE D 819 36.13 18.50 53.77
CA PHE D 819 35.23 17.91 52.80
C PHE D 819 35.98 16.87 51.98
N ASN D 820 35.49 15.62 52.02
CA ASN D 820 36.08 14.47 51.35
C ASN D 820 35.41 14.22 50.00
N PHE D 821 36.11 14.52 48.89
CA PHE D 821 35.59 14.37 47.53
C PHE D 821 36.23 13.20 46.82
N SER D 822 36.93 12.34 47.55
CA SER D 822 37.66 11.25 46.92
C SER D 822 36.77 10.25 46.20
N GLN D 823 35.48 10.25 46.51
CA GLN D 823 34.57 9.30 45.90
C GLN D 823 33.91 9.86 44.65
N ILE D 824 34.13 11.14 44.38
CA ILE D 824 33.58 11.75 43.17
C ILE D 824 34.68 12.20 42.22
N LEU D 825 35.91 12.28 42.72
CA LEU D 825 37.08 12.58 41.91
C LEU D 825 37.57 11.30 41.23
N PRO D 826 38.22 11.40 40.06
CA PRO D 826 38.78 10.30 39.31
C PRO D 826 39.77 9.49 40.13
N ASP D 827 39.72 8.18 39.96
CA ASP D 827 40.64 7.24 40.61
C ASP D 827 41.80 6.91 39.66
N PRO D 828 43.03 7.40 39.91
CA PRO D 828 44.21 7.25 39.07
C PRO D 828 44.64 5.81 38.80
N SER D 829 44.18 4.87 39.64
CA SER D 829 44.60 3.49 39.49
C SER D 829 43.82 2.74 38.42
N LYS D 830 42.74 3.33 37.94
CA LYS D 830 41.88 2.66 36.99
C LYS D 830 42.38 2.83 35.55
N PRO D 831 42.07 1.86 34.65
CA PRO D 831 42.36 1.89 33.21
C PRO D 831 41.60 3.01 32.52
N SER D 832 40.54 3.47 33.18
CA SER D 832 39.71 4.57 32.75
C SER D 832 39.55 5.40 34.00
N LYS D 833 40.09 6.60 33.99
CA LYS D 833 40.14 7.38 35.22
C LYS D 833 38.79 7.98 35.58
N ARG D 834 37.94 7.15 36.15
CA ARG D 834 36.62 7.54 36.58
C ARG D 834 36.58 7.47 38.09
N SER D 835 35.64 8.16 38.70
CA SER D 835 35.49 8.14 40.14
C SER D 835 34.84 6.85 40.60
N PHE D 836 34.90 6.61 41.90
CA PHE D 836 34.28 5.41 42.46
C PHE D 836 32.80 5.38 42.12
N ILE D 837 32.12 6.49 42.35
CA ILE D 837 30.69 6.54 42.05
C ILE D 837 30.41 6.34 40.59
N GLU D 838 31.19 6.95 39.72
CA GLU D 838 30.93 6.73 38.31
C GLU D 838 31.02 5.27 37.95
N ASP D 839 31.99 4.54 38.49
CA ASP D 839 32.04 3.11 38.19
C ASP D 839 30.75 2.42 38.62
N LEU D 840 30.17 2.85 39.73
CA LEU D 840 28.93 2.22 40.16
C LEU D 840 27.85 2.46 39.14
N LEU D 841 27.83 3.66 38.56
CA LEU D 841 26.78 4.02 37.61
C LEU D 841 26.93 3.18 36.34
N PHE D 842 28.17 3.02 35.90
CA PHE D 842 28.46 2.27 34.68
C PHE D 842 28.21 0.78 34.84
N ASN D 843 28.26 0.29 36.07
CA ASN D 843 28.03 -1.12 36.29
C ASN D 843 26.55 -1.45 36.51
N LYS D 844 25.66 -0.46 36.42
CA LYS D 844 24.24 -0.75 36.60
C LYS D 844 23.45 -0.68 35.30
N VAL D 845 23.83 0.24 34.42
CA VAL D 845 23.10 0.37 33.15
C VAL D 845 23.80 -0.42 32.04
N THR D 846 23.02 -1.21 31.28
CA THR D 846 23.53 -2.07 30.20
C THR D 846 23.36 -1.36 28.86
N LYS D 873 21.92 -7.19 13.07
CA LYS D 873 23.37 -7.29 13.05
C LYS D 873 23.90 -7.25 11.62
N PHE D 874 23.39 -8.16 10.77
CA PHE D 874 23.76 -8.29 9.37
C PHE D 874 22.59 -7.93 8.46
N ASN D 875 21.64 -7.18 9.02
CA ASN D 875 20.43 -6.80 8.30
C ASN D 875 20.49 -5.36 7.81
N GLY D 876 21.69 -4.79 7.78
CA GLY D 876 21.87 -3.41 7.36
C GLY D 876 21.76 -2.48 8.56
N LEU D 877 21.60 -3.08 9.73
CA LEU D 877 21.45 -2.34 10.98
C LEU D 877 22.74 -2.29 11.74
N THR D 878 23.33 -1.11 11.84
CA THR D 878 24.59 -0.95 12.54
C THR D 878 24.50 0.13 13.59
N VAL D 879 25.55 0.26 14.39
CA VAL D 879 25.62 1.30 15.39
C VAL D 879 26.91 2.08 15.29
N LEU D 880 26.81 3.39 15.27
CA LEU D 880 27.96 4.24 15.18
C LEU D 880 28.44 4.56 16.58
N PRO D 881 29.74 4.74 16.78
CA PRO D 881 30.32 5.16 18.03
C PRO D 881 30.04 6.63 18.23
N PRO D 882 30.03 7.11 19.46
CA PRO D 882 29.95 8.49 19.85
C PRO D 882 31.27 9.15 19.54
N LEU D 883 31.25 10.46 19.33
CA LEU D 883 32.50 11.17 19.15
C LEU D 883 33.28 11.20 20.45
N LEU D 884 32.59 11.40 21.55
CA LEU D 884 33.26 11.44 22.83
C LEU D 884 33.10 10.13 23.56
N THR D 885 34.21 9.45 23.77
CA THR D 885 34.22 8.16 24.43
C THR D 885 34.06 8.35 25.91
N ASP D 886 33.81 7.28 26.64
CA ASP D 886 33.62 7.40 28.08
C ASP D 886 34.79 8.09 28.73
N GLU D 887 35.99 7.81 28.24
CA GLU D 887 37.18 8.46 28.78
C GLU D 887 37.13 9.96 28.58
N MET D 888 36.62 10.42 27.43
CA MET D 888 36.61 11.85 27.15
C MET D 888 35.62 12.52 28.07
N ILE D 889 34.53 11.83 28.34
CA ILE D 889 33.51 12.38 29.20
C ILE D 889 34.07 12.47 30.60
N ALA D 890 34.77 11.43 31.02
CA ALA D 890 35.37 11.42 32.34
C ALA D 890 36.31 12.62 32.50
N GLN D 891 37.05 12.96 31.45
CA GLN D 891 37.92 14.11 31.53
C GLN D 891 37.12 15.39 31.67
N TYR D 892 36.00 15.50 30.97
CA TYR D 892 35.18 16.69 31.10
C TYR D 892 34.56 16.80 32.48
N THR D 893 34.07 15.71 33.03
CA THR D 893 33.46 15.81 34.34
C THR D 893 34.53 16.06 35.36
N SER D 894 35.73 15.54 35.13
CA SER D 894 36.84 15.80 36.03
C SER D 894 37.16 17.28 36.05
N ALA D 895 37.22 17.90 34.86
CA ALA D 895 37.51 19.31 34.76
C ALA D 895 36.45 20.16 35.41
N LEU D 896 35.20 19.81 35.20
CA LEU D 896 34.12 20.59 35.77
C LEU D 896 34.13 20.46 37.26
N LEU D 897 34.42 19.26 37.74
CA LEU D 897 34.46 19.00 39.15
C LEU D 897 35.64 19.68 39.81
N ALA D 898 36.81 19.60 39.19
CA ALA D 898 37.98 20.25 39.74
C ALA D 898 37.76 21.74 39.79
N GLY D 899 37.10 22.27 38.77
CA GLY D 899 36.80 23.69 38.71
C GLY D 899 35.88 24.05 39.86
N THR D 900 34.80 23.30 40.00
CA THR D 900 33.80 23.55 41.03
C THR D 900 34.43 23.53 42.41
N ILE D 901 35.31 22.57 42.65
CA ILE D 901 35.94 22.44 43.95
C ILE D 901 36.97 23.52 44.25
N THR D 902 37.85 23.83 43.29
CA THR D 902 38.92 24.76 43.60
C THR D 902 38.68 26.23 43.25
N SER D 903 37.71 26.52 42.38
CA SER D 903 37.48 27.92 41.97
C SER D 903 36.01 28.34 42.03
N GLY D 904 35.17 27.49 42.57
CA GLY D 904 33.75 27.80 42.67
C GLY D 904 33.12 28.06 41.31
N TRP D 905 32.43 29.17 41.18
CA TRP D 905 31.78 29.51 39.93
C TRP D 905 32.61 30.42 39.04
N THR D 906 33.79 30.80 39.47
CA THR D 906 34.49 31.81 38.71
C THR D 906 34.95 31.26 37.38
N PHE D 907 35.20 29.95 37.32
CA PHE D 907 35.66 29.33 36.09
C PHE D 907 34.53 29.30 35.07
N GLY D 908 33.29 29.41 35.55
CA GLY D 908 32.15 29.38 34.66
C GLY D 908 32.02 30.74 33.98
N ALA D 909 32.35 31.80 34.72
CA ALA D 909 32.22 33.15 34.20
C ALA D 909 33.43 33.55 33.38
N GLY D 910 34.62 33.10 33.76
CA GLY D 910 35.83 33.49 33.09
C GLY D 910 36.99 32.57 33.44
N ALA D 911 37.95 33.12 34.18
CA ALA D 911 39.13 32.36 34.60
C ALA D 911 38.84 31.59 35.88
N ALA D 912 39.50 30.47 36.07
CA ALA D 912 39.34 29.76 37.32
C ALA D 912 40.19 30.41 38.38
N LEU D 913 39.54 31.04 39.33
CA LEU D 913 40.21 31.78 40.38
C LEU D 913 40.22 30.97 41.66
N GLN D 914 41.39 30.60 42.14
CA GLN D 914 41.42 29.73 43.30
C GLN D 914 40.80 30.40 44.50
N ILE D 915 40.12 29.60 45.30
CA ILE D 915 39.54 30.04 46.56
C ILE D 915 39.59 28.86 47.54
N PRO D 916 39.90 29.05 48.82
CA PRO D 916 39.83 28.01 49.82
C PRO D 916 38.45 27.43 49.79
N PHE D 917 38.33 26.12 49.92
CA PHE D 917 37.00 25.53 49.81
C PHE D 917 36.06 26.04 50.89
N ALA D 918 36.55 26.18 52.11
CA ALA D 918 35.68 26.64 53.18
C ALA D 918 35.12 28.03 52.86
N MET D 919 35.92 28.88 52.23
CA MET D 919 35.40 30.19 51.88
C MET D 919 34.39 30.08 50.77
N GLN D 920 34.61 29.18 49.85
CA GLN D 920 33.65 28.98 48.79
C GLN D 920 32.30 28.62 49.38
N MET D 921 32.31 27.76 50.39
CA MET D 921 31.08 27.38 51.04
C MET D 921 30.44 28.56 51.75
N ALA D 922 31.26 29.48 52.24
CA ALA D 922 30.72 30.66 52.91
C ALA D 922 29.86 31.44 51.95
N TYR D 923 30.25 31.47 50.69
CA TYR D 923 29.48 32.22 49.72
C TYR D 923 28.21 31.45 49.43
N ARG D 924 28.35 30.14 49.36
CA ARG D 924 27.22 29.27 49.05
C ARG D 924 26.15 29.43 50.13
N PHE D 925 26.59 29.61 51.37
CA PHE D 925 25.66 29.84 52.48
C PHE D 925 25.02 31.22 52.40
N ASN D 926 25.80 32.25 52.09
CA ASN D 926 25.20 33.57 51.98
C ASN D 926 24.14 33.56 50.87
N GLY D 927 24.39 32.77 49.84
CA GLY D 927 23.52 32.64 48.69
C GLY D 927 22.16 32.02 49.03
N ILE D 928 22.03 31.41 50.20
CA ILE D 928 20.76 30.82 50.58
C ILE D 928 20.16 31.56 51.76
N GLY D 929 20.69 32.73 52.07
CA GLY D 929 20.16 33.51 53.17
C GLY D 929 20.63 33.08 54.54
N VAL D 930 21.80 32.46 54.62
CA VAL D 930 22.36 32.05 55.90
C VAL D 930 23.69 32.72 56.09
N THR D 931 23.84 33.50 57.15
CA THR D 931 25.06 34.24 57.35
C THR D 931 26.23 33.27 57.49
N GLN D 932 27.31 33.58 56.79
CA GLN D 932 28.51 32.75 56.69
C GLN D 932 29.15 32.36 58.00
N ASN D 933 28.86 33.06 59.08
CA ASN D 933 29.49 32.69 60.33
C ASN D 933 28.97 31.32 60.75
N VAL D 934 27.80 30.93 60.24
CA VAL D 934 27.20 29.67 60.59
C VAL D 934 28.08 28.56 60.07
N LEU D 935 28.55 28.72 58.84
CA LEU D 935 29.40 27.73 58.24
C LEU D 935 30.66 27.53 59.02
N TYR D 936 31.32 28.62 59.37
CA TYR D 936 32.60 28.48 60.00
C TYR D 936 32.47 27.89 61.38
N GLU D 937 31.46 28.34 62.12
CA GLU D 937 31.27 27.85 63.46
C GLU D 937 30.93 26.36 63.47
N ASN D 938 30.21 25.92 62.45
CA ASN D 938 29.80 24.54 62.33
C ASN D 938 30.54 23.81 61.22
N GLN D 939 31.72 24.30 60.83
CA GLN D 939 32.42 23.70 59.71
C GLN D 939 32.67 22.22 59.87
N LYS D 940 33.03 21.78 61.07
CA LYS D 940 33.32 20.35 61.23
C LYS D 940 32.06 19.53 61.07
N LEU D 941 30.96 20.00 61.64
CA LEU D 941 29.69 19.30 61.51
C LEU D 941 29.26 19.21 60.08
N ILE D 942 29.38 20.31 59.37
CA ILE D 942 28.94 20.38 58.00
C ILE D 942 29.75 19.43 57.15
N ALA D 943 31.07 19.44 57.33
CA ALA D 943 31.92 18.55 56.57
C ALA D 943 31.57 17.10 56.85
N ASN D 944 31.26 16.79 58.10
CA ASN D 944 30.92 15.42 58.47
C ASN D 944 29.60 15.00 57.86
N GLN D 945 28.62 15.89 57.84
CA GLN D 945 27.34 15.56 57.24
C GLN D 945 27.51 15.35 55.76
N PHE D 946 28.33 16.18 55.14
CA PHE D 946 28.58 16.05 53.72
C PHE D 946 29.21 14.71 53.41
N ASN D 947 30.25 14.36 54.15
CA ASN D 947 30.97 13.13 53.89
C ASN D 947 30.06 11.94 54.09
N SER D 948 29.21 12.00 55.09
CA SER D 948 28.27 10.93 55.36
C SER D 948 27.28 10.79 54.22
N ALA D 949 26.76 11.93 53.76
CA ALA D 949 25.78 11.92 52.68
C ALA D 949 26.36 11.27 51.43
N ILE D 950 27.63 11.52 51.14
CA ILE D 950 28.22 10.90 49.98
C ILE D 950 28.26 9.39 50.16
N GLY D 951 28.64 8.93 51.34
CA GLY D 951 28.66 7.50 51.59
C GLY D 951 27.27 6.89 51.38
N LYS D 952 26.23 7.62 51.74
CA LYS D 952 24.87 7.14 51.56
C LYS D 952 24.54 6.98 50.07
N ILE D 953 25.08 7.88 49.25
CA ILE D 953 24.82 7.80 47.82
C ILE D 953 25.39 6.52 47.28
N GLN D 954 26.60 6.16 47.72
CA GLN D 954 27.21 4.94 47.24
C GLN D 954 26.40 3.72 47.66
N ASP D 955 25.93 3.71 48.90
CA ASP D 955 25.18 2.56 49.38
C ASP D 955 23.89 2.37 48.59
N SER D 956 23.25 3.48 48.24
CA SER D 956 22.04 3.38 47.45
C SER D 956 22.33 2.91 46.04
N LEU D 957 23.29 3.53 45.38
CA LEU D 957 23.55 3.22 43.98
C LEU D 957 24.04 1.80 43.79
N SER D 958 24.85 1.29 44.72
CA SER D 958 25.42 -0.03 44.55
C SER D 958 24.42 -1.14 44.80
N SER D 959 23.28 -0.84 45.42
CA SER D 959 22.34 -1.88 45.81
C SER D 959 20.97 -1.77 45.16
N THR D 960 20.61 -0.57 44.70
CA THR D 960 19.29 -0.37 44.13
C THR D 960 19.40 -0.24 42.62
N ALA D 961 19.05 -1.31 41.91
CA ALA D 961 19.20 -1.33 40.45
C ALA D 961 18.32 -0.27 39.80
N SER D 962 17.14 -0.07 40.37
CA SER D 962 16.15 0.86 39.87
C SER D 962 16.61 2.31 39.98
N ALA D 963 17.69 2.54 40.69
CA ALA D 963 18.21 3.87 40.92
C ALA D 963 18.52 4.55 39.60
N LEU D 964 18.93 3.79 38.58
CA LEU D 964 19.28 4.37 37.29
C LEU D 964 18.27 4.01 36.22
N GLY D 965 17.03 3.76 36.63
CA GLY D 965 15.98 3.37 35.71
C GLY D 965 15.79 4.34 34.56
N LYS D 966 15.99 5.63 34.79
CA LYS D 966 15.81 6.59 33.72
C LYS D 966 16.76 6.37 32.54
N LEU D 967 17.95 5.86 32.79
CA LEU D 967 18.87 5.66 31.68
C LEU D 967 18.67 4.28 31.08
N GLN D 968 18.32 3.33 31.94
CA GLN D 968 18.11 1.98 31.46
C GLN D 968 16.90 1.92 30.57
N ASP D 969 15.89 2.72 30.88
CA ASP D 969 14.67 2.77 30.10
C ASP D 969 14.94 3.24 28.68
N VAL D 970 15.87 4.17 28.52
CA VAL D 970 16.19 4.68 27.19
C VAL D 970 16.80 3.56 26.38
N VAL D 971 17.71 2.84 27.02
CA VAL D 971 18.36 1.72 26.36
C VAL D 971 17.33 0.68 25.97
N ASN D 972 16.40 0.39 26.87
CA ASN D 972 15.40 -0.60 26.60
C ASN D 972 14.49 -0.20 25.45
N GLN D 973 14.13 1.07 25.37
CA GLN D 973 13.26 1.51 24.29
C GLN D 973 13.95 1.37 22.95
N ASN D 974 15.24 1.69 22.92
CA ASN D 974 15.96 1.60 21.67
C ASN D 974 16.13 0.14 21.26
N ALA D 975 16.37 -0.72 22.24
CA ALA D 975 16.52 -2.13 21.95
C ALA D 975 15.23 -2.69 21.40
N GLN D 976 14.10 -2.27 21.96
CA GLN D 976 12.83 -2.75 21.47
C GLN D 976 12.57 -2.26 20.07
N ALA D 977 12.92 -1.00 19.80
CA ALA D 977 12.69 -0.47 18.46
C ALA D 977 13.46 -1.26 17.43
N LEU D 978 14.70 -1.62 17.75
CA LEU D 978 15.50 -2.40 16.83
C LEU D 978 15.04 -3.83 16.73
N ASN D 979 14.62 -4.41 17.84
CA ASN D 979 14.16 -5.78 17.80
C ASN D 979 12.89 -5.86 17.00
N THR D 980 12.06 -4.83 17.12
CA THR D 980 10.82 -4.80 16.37
C THR D 980 11.14 -4.70 14.90
N LEU D 981 12.07 -3.82 14.56
CA LEU D 981 12.43 -3.62 13.16
C LEU D 981 12.95 -4.90 12.55
N VAL D 982 13.80 -5.63 13.27
CA VAL D 982 14.32 -6.87 12.72
C VAL D 982 13.27 -7.93 12.61
N LYS D 983 12.44 -8.10 13.62
CA LYS D 983 11.42 -9.12 13.56
C LYS D 983 10.48 -8.90 12.39
N GLN D 984 10.26 -7.66 11.99
CA GLN D 984 9.37 -7.37 10.87
C GLN D 984 9.85 -8.02 9.58
N LEU D 985 11.14 -8.33 9.47
CA LEU D 985 11.67 -8.94 8.27
C LEU D 985 11.08 -10.32 8.04
N SER D 986 10.61 -10.95 9.10
CA SER D 986 10.05 -12.29 9.01
C SER D 986 8.59 -12.27 8.57
N SER D 987 7.99 -11.10 8.45
CA SER D 987 6.60 -11.01 8.06
C SER D 987 6.45 -11.15 6.55
N ASN D 988 5.32 -11.69 6.14
CA ASN D 988 5.04 -11.87 4.72
C ASN D 988 4.42 -10.65 4.08
N PHE D 989 3.60 -9.92 4.82
CA PHE D 989 2.90 -8.77 4.27
C PHE D 989 2.06 -9.13 3.05
N GLY D 990 1.59 -10.36 2.99
CA GLY D 990 0.76 -10.83 1.89
C GLY D 990 1.55 -11.63 0.86
N ALA D 991 2.86 -11.60 0.97
CA ALA D 991 3.73 -12.33 0.07
C ALA D 991 3.70 -13.82 0.38
N ILE D 992 4.09 -14.62 -0.60
CA ILE D 992 4.19 -16.07 -0.41
C ILE D 992 5.29 -16.46 0.56
N SER D 993 6.26 -15.58 0.75
CA SER D 993 7.35 -15.82 1.67
C SER D 993 8.01 -14.54 2.12
N SER D 994 8.44 -14.52 3.39
CA SER D 994 9.18 -13.41 3.96
C SER D 994 10.61 -13.37 3.47
N VAL D 995 11.06 -14.45 2.83
CA VAL D 995 12.42 -14.53 2.36
C VAL D 995 12.51 -14.17 0.89
N LEU D 996 13.26 -13.11 0.62
CA LEU D 996 13.37 -12.58 -0.71
C LEU D 996 14.02 -13.56 -1.66
N ASN D 997 15.02 -14.29 -1.17
CA ASN D 997 15.71 -15.25 -2.03
C ASN D 997 14.79 -16.40 -2.42
N ASP D 998 13.83 -16.74 -1.57
CA ASP D 998 12.92 -17.83 -1.85
C ASP D 998 11.91 -17.42 -2.88
N ILE D 999 11.59 -16.15 -2.95
CA ILE D 999 10.69 -15.71 -4.00
C ILE D 999 11.42 -15.79 -5.33
N LEU D 1000 12.64 -15.25 -5.35
CA LEU D 1000 13.43 -15.19 -6.57
C LEU D 1000 13.81 -16.56 -7.12
N SER D 1001 14.05 -17.52 -6.23
CA SER D 1001 14.45 -18.85 -6.64
C SER D 1001 13.26 -19.70 -7.08
N ARG D 1002 12.05 -19.19 -6.91
CA ARG D 1002 10.87 -19.98 -7.21
C ARG D 1002 10.00 -19.38 -8.31
N LEU D 1003 9.97 -18.06 -8.44
CA LEU D 1003 9.14 -17.44 -9.45
C LEU D 1003 9.92 -16.70 -10.52
N ASP D 1004 9.42 -16.73 -11.74
CA ASP D 1004 9.97 -15.91 -12.81
C ASP D 1004 9.54 -14.47 -12.56
N PRO D 1005 10.28 -13.45 -13.02
CA PRO D 1005 10.01 -12.03 -12.84
C PRO D 1005 8.55 -11.58 -12.98
N PRO D 1006 7.77 -12.01 -13.97
CA PRO D 1006 6.39 -11.56 -14.16
C PRO D 1006 5.53 -11.82 -12.93
N GLU D 1007 5.93 -12.78 -12.10
CA GLU D 1007 5.20 -13.11 -10.89
C GLU D 1007 6.00 -12.73 -9.65
N ALA D 1008 7.32 -12.85 -9.76
CA ALA D 1008 8.21 -12.58 -8.64
C ALA D 1008 8.11 -11.12 -8.24
N GLU D 1009 7.97 -10.25 -9.22
CA GLU D 1009 7.92 -8.82 -8.96
C GLU D 1009 6.72 -8.47 -8.10
N VAL D 1010 5.61 -9.16 -8.28
CA VAL D 1010 4.44 -8.88 -7.49
C VAL D 1010 4.68 -9.23 -6.05
N GLN D 1011 5.27 -10.40 -5.83
CA GLN D 1011 5.52 -10.85 -4.48
C GLN D 1011 6.55 -9.95 -3.80
N ILE D 1012 7.51 -9.47 -4.57
CA ILE D 1012 8.52 -8.60 -4.04
C ILE D 1012 7.92 -7.26 -3.68
N ASP D 1013 7.06 -6.72 -4.55
CA ASP D 1013 6.44 -5.45 -4.23
C ASP D 1013 5.74 -5.51 -2.89
N ARG D 1014 5.11 -6.64 -2.57
CA ARG D 1014 4.44 -6.75 -1.30
C ARG D 1014 5.44 -6.64 -0.15
N LEU D 1015 6.60 -7.30 -0.29
CA LEU D 1015 7.60 -7.21 0.77
C LEU D 1015 8.19 -5.83 0.86
N ILE D 1016 8.40 -5.18 -0.27
CA ILE D 1016 8.98 -3.85 -0.25
C ILE D 1016 8.06 -2.88 0.44
N THR D 1017 6.78 -2.92 0.10
CA THR D 1017 5.86 -2.00 0.72
C THR D 1017 5.80 -2.22 2.21
N GLY D 1018 5.69 -3.47 2.63
CA GLY D 1018 5.60 -3.76 4.05
C GLY D 1018 6.86 -3.35 4.79
N ARG D 1019 8.01 -3.63 4.21
CA ARG D 1019 9.25 -3.32 4.87
C ARG D 1019 9.51 -1.81 4.89
N LEU D 1020 9.08 -1.09 3.85
CA LEU D 1020 9.23 0.36 3.87
C LEU D 1020 8.34 0.95 4.94
N GLN D 1021 7.14 0.40 5.12
CA GLN D 1021 6.27 0.90 6.17
C GLN D 1021 6.95 0.73 7.50
N SER D 1022 7.66 -0.40 7.65
CA SER D 1022 8.37 -0.67 8.88
C SER D 1022 9.48 0.32 9.12
N LEU D 1023 10.26 0.63 8.08
CA LEU D 1023 11.31 1.61 8.27
C LEU D 1023 10.74 2.97 8.56
N GLN D 1024 9.65 3.34 7.91
CA GLN D 1024 9.09 4.64 8.14
C GLN D 1024 8.60 4.75 9.56
N THR D 1025 8.01 3.67 10.06
CA THR D 1025 7.54 3.63 11.43
C THR D 1025 8.70 3.75 12.38
N TYR D 1026 9.76 2.99 12.13
CA TYR D 1026 10.94 3.02 12.97
C TYR D 1026 11.52 4.40 13.04
N VAL D 1027 11.73 5.01 11.88
CA VAL D 1027 12.37 6.30 11.84
C VAL D 1027 11.52 7.35 12.51
N THR D 1028 10.21 7.31 12.27
CA THR D 1028 9.34 8.29 12.88
C THR D 1028 9.45 8.19 14.39
N GLN D 1029 9.45 6.97 14.91
CA GLN D 1029 9.58 6.76 16.34
C GLN D 1029 10.93 7.25 16.85
N GLN D 1030 11.99 7.01 16.08
CA GLN D 1030 13.31 7.45 16.50
C GLN D 1030 13.39 8.97 16.51
N LEU D 1031 12.72 9.63 15.57
CA LEU D 1031 12.74 11.08 15.51
C LEU D 1031 12.00 11.68 16.69
N ILE D 1032 10.87 11.10 17.03
CA ILE D 1032 10.10 11.59 18.16
C ILE D 1032 10.86 11.32 19.44
N ARG D 1033 11.39 10.11 19.58
CA ARG D 1033 12.16 9.77 20.75
C ARG D 1033 13.37 10.66 20.86
N ALA D 1034 14.02 10.96 19.74
CA ALA D 1034 15.17 11.83 19.74
C ALA D 1034 14.80 13.19 20.26
N ALA D 1035 13.60 13.66 19.94
CA ALA D 1035 13.17 14.96 20.42
C ALA D 1035 13.07 14.95 21.93
N GLU D 1036 12.63 13.84 22.50
CA GLU D 1036 12.53 13.74 23.95
C GLU D 1036 13.91 13.76 24.58
N ILE D 1037 14.84 13.02 23.97
CA ILE D 1037 16.20 12.98 24.47
C ILE D 1037 16.84 14.34 24.36
N ARG D 1038 16.59 15.02 23.25
CA ARG D 1038 17.16 16.35 23.05
C ARG D 1038 16.65 17.28 24.12
N ALA D 1039 15.35 17.23 24.41
CA ALA D 1039 14.80 18.07 25.46
C ALA D 1039 15.45 17.78 26.80
N SER D 1040 15.69 16.49 27.07
CA SER D 1040 16.34 16.10 28.31
C SER D 1040 17.77 16.62 28.32
N ALA D 1041 18.46 16.50 27.21
CA ALA D 1041 19.83 16.97 27.11
C ALA D 1041 19.87 18.47 27.32
N ASN D 1042 18.87 19.19 26.82
CA ASN D 1042 18.84 20.62 26.98
C ASN D 1042 18.67 20.96 28.44
N LEU D 1043 17.86 20.20 29.14
CA LEU D 1043 17.67 20.41 30.56
C LEU D 1043 18.94 20.09 31.30
N ALA D 1044 19.60 19.01 30.93
CA ALA D 1044 20.83 18.62 31.57
C ALA D 1044 21.89 19.67 31.38
N ALA D 1045 21.95 20.23 30.18
CA ALA D 1045 22.93 21.27 29.90
C ALA D 1045 22.60 22.51 30.70
N THR D 1046 21.31 22.79 30.85
CA THR D 1046 20.88 23.95 31.62
C THR D 1046 21.34 23.79 33.05
N LYS D 1047 21.13 22.60 33.61
CA LYS D 1047 21.55 22.33 34.97
C LYS D 1047 23.05 22.40 35.11
N MET D 1048 23.77 21.89 34.14
CA MET D 1048 25.20 21.96 34.26
C MET D 1048 25.60 23.42 34.37
N SER D 1049 25.07 24.26 33.49
CA SER D 1049 25.44 25.67 33.50
C SER D 1049 24.97 26.44 34.71
N GLU D 1050 23.74 26.21 35.15
CA GLU D 1050 23.20 27.00 36.24
C GLU D 1050 23.38 26.42 37.63
N CYS D 1051 23.43 25.09 37.73
CA CYS D 1051 23.47 24.36 39.01
C CYS D 1051 24.91 24.00 39.34
N VAL D 1052 25.66 23.47 38.40
CA VAL D 1052 27.04 23.05 38.65
C VAL D 1052 28.03 24.20 38.53
N LEU D 1053 27.96 24.96 37.45
CA LEU D 1053 28.90 26.06 37.26
C LEU D 1053 28.58 27.23 38.15
N GLY D 1054 27.32 27.35 38.56
CA GLY D 1054 26.89 28.45 39.41
C GLY D 1054 26.28 27.96 40.70
N GLN D 1055 25.22 28.65 41.13
CA GLN D 1055 24.42 28.33 42.30
C GLN D 1055 22.99 28.67 41.94
N SER D 1056 22.06 27.76 42.16
CA SER D 1056 20.71 27.99 41.72
C SER D 1056 19.84 28.71 42.73
N LYS D 1057 19.02 29.64 42.24
CA LYS D 1057 18.05 30.33 43.06
C LYS D 1057 16.66 29.88 42.67
N ARG D 1058 16.61 28.89 41.80
CA ARG D 1058 15.38 28.33 41.30
C ARG D 1058 14.97 27.14 42.18
N VAL D 1059 13.82 27.27 42.83
CA VAL D 1059 13.39 26.27 43.79
C VAL D 1059 13.10 24.93 43.17
N ASP D 1060 13.67 23.89 43.79
CA ASP D 1060 13.57 22.50 43.38
C ASP D 1060 14.13 22.25 41.99
N PHE D 1061 14.88 23.20 41.47
CA PHE D 1061 15.57 22.99 40.22
C PHE D 1061 16.74 22.03 40.40
N CYS D 1062 17.46 22.17 41.53
CA CYS D 1062 18.63 21.39 41.90
C CYS D 1062 18.32 20.53 43.13
N GLY D 1063 17.17 19.90 43.13
CA GLY D 1063 16.78 19.04 44.24
C GLY D 1063 16.02 19.84 45.27
N LYS D 1064 15.36 19.15 46.19
CA LYS D 1064 14.60 19.80 47.25
C LYS D 1064 15.54 20.39 48.27
N GLY D 1065 15.24 21.61 48.72
CA GLY D 1065 16.06 22.27 49.73
C GLY D 1065 16.72 23.49 49.14
N TYR D 1066 17.57 24.14 49.91
CA TYR D 1066 18.21 25.33 49.41
C TYR D 1066 19.51 24.92 48.74
N HIS D 1067 19.63 25.17 47.45
CA HIS D 1067 20.79 24.68 46.75
C HIS D 1067 22.07 25.37 47.15
N LEU D 1068 23.12 24.58 47.37
CA LEU D 1068 24.44 25.11 47.63
C LEU D 1068 25.30 24.90 46.41
N MET D 1069 25.57 23.63 46.09
CA MET D 1069 26.46 23.28 44.99
C MET D 1069 26.09 21.94 44.41
N SER D 1070 26.56 21.65 43.19
CA SER D 1070 26.33 20.34 42.61
C SER D 1070 27.55 19.80 41.93
N PHE D 1071 27.63 18.48 41.84
CA PHE D 1071 28.74 17.82 41.19
C PHE D 1071 28.24 16.84 40.14
N PRO D 1072 28.69 16.93 38.89
CA PRO D 1072 28.34 16.03 37.81
C PRO D 1072 29.10 14.73 37.94
N GLN D 1073 28.49 13.65 37.47
CA GLN D 1073 29.12 12.35 37.31
C GLN D 1073 28.64 11.80 35.97
N SER D 1074 29.50 11.13 35.22
CA SER D 1074 29.05 10.57 33.96
C SER D 1074 28.31 9.26 34.15
N ALA D 1075 27.50 8.89 33.17
CA ALA D 1075 26.80 7.62 33.17
C ALA D 1075 26.58 7.22 31.72
N PRO D 1076 26.30 5.95 31.43
CA PRO D 1076 26.00 5.50 30.09
C PRO D 1076 24.88 6.33 29.51
N HIS D 1077 25.14 6.96 28.39
CA HIS D 1077 24.18 7.78 27.67
C HIS D 1077 23.51 8.84 28.53
N GLY D 1078 24.22 9.39 29.51
CA GLY D 1078 23.58 10.38 30.36
C GLY D 1078 24.49 10.99 31.39
N VAL D 1079 23.91 11.83 32.22
CA VAL D 1079 24.63 12.54 33.26
C VAL D 1079 23.90 12.40 34.56
N VAL D 1080 24.65 12.27 35.63
CA VAL D 1080 24.10 12.18 36.95
C VAL D 1080 24.57 13.34 37.80
N PHE D 1081 23.63 14.03 38.41
CA PHE D 1081 24.02 15.16 39.24
C PHE D 1081 23.85 14.87 40.71
N LEU D 1082 24.88 15.16 41.47
CA LEU D 1082 24.78 15.05 42.91
C LEU D 1082 24.54 16.44 43.44
N HIS D 1083 23.34 16.69 43.93
CA HIS D 1083 22.97 18.01 44.36
C HIS D 1083 23.12 18.14 45.84
N VAL D 1084 23.90 19.13 46.27
CA VAL D 1084 24.14 19.33 47.68
C VAL D 1084 23.27 20.47 48.14
N THR D 1085 22.35 20.17 49.04
CA THR D 1085 21.39 21.16 49.48
C THR D 1085 21.35 21.34 50.99
N TYR D 1086 20.99 22.53 51.40
CA TYR D 1086 20.81 22.87 52.80
C TYR D 1086 19.37 22.70 53.20
N VAL D 1087 19.11 21.86 54.18
CA VAL D 1087 17.76 21.63 54.60
C VAL D 1087 17.59 21.83 56.10
N PRO D 1088 16.70 22.72 56.54
CA PRO D 1088 16.37 22.96 57.93
C PRO D 1088 15.99 21.65 58.57
N ALA D 1089 16.49 21.38 59.77
CA ALA D 1089 16.25 20.08 60.40
C ALA D 1089 15.42 20.14 61.67
N GLN D 1090 15.70 21.12 62.50
CA GLN D 1090 15.03 21.22 63.79
C GLN D 1090 14.50 22.61 63.92
N GLU D 1091 13.36 22.77 64.59
CA GLU D 1091 12.72 24.07 64.69
C GLU D 1091 12.06 24.32 66.04
N LYS D 1092 11.87 25.60 66.36
CA LYS D 1092 11.15 25.98 67.56
C LYS D 1092 10.06 27.03 67.30
N ASN D 1093 9.03 27.04 68.17
CA ASN D 1093 7.93 28.00 68.16
C ASN D 1093 8.32 29.28 68.88
N PHE D 1094 8.44 30.39 68.14
CA PHE D 1094 8.78 31.70 68.70
C PHE D 1094 7.61 32.64 68.53
N THR D 1095 7.47 33.57 69.46
CA THR D 1095 6.46 34.60 69.31
C THR D 1095 7.07 35.68 68.44
N THR D 1096 6.28 36.27 67.57
CA THR D 1096 6.84 37.29 66.69
C THR D 1096 6.05 38.57 66.62
N ALA D 1097 6.61 39.53 65.88
CA ALA D 1097 6.00 40.83 65.64
C ALA D 1097 6.63 41.41 64.39
N PRO D 1098 5.88 42.16 63.57
CA PRO D 1098 6.33 42.81 62.36
C PRO D 1098 7.24 43.99 62.62
N ALA D 1099 7.14 44.56 63.82
CA ALA D 1099 7.92 45.74 64.14
C ALA D 1099 7.97 45.95 65.63
N ILE D 1100 8.94 46.74 66.08
CA ILE D 1100 9.05 47.13 67.47
C ILE D 1100 9.04 48.63 67.72
N CYS D 1101 8.26 49.07 68.71
CA CYS D 1101 8.18 50.45 69.18
C CYS D 1101 9.29 50.73 70.18
N HIS D 1102 9.98 51.83 69.98
CA HIS D 1102 10.98 52.23 70.97
C HIS D 1102 10.49 53.47 71.71
N ASP D 1103 10.63 54.62 71.08
CA ASP D 1103 10.17 55.88 71.62
C ASP D 1103 8.95 56.40 70.86
N GLY D 1104 8.26 55.49 70.18
CA GLY D 1104 7.12 55.84 69.35
C GLY D 1104 7.45 55.59 67.89
N LYS D 1105 8.75 55.50 67.60
CA LYS D 1105 9.21 55.19 66.25
C LYS D 1105 9.03 53.70 65.99
N ALA D 1106 8.72 53.35 64.75
CA ALA D 1106 8.58 51.95 64.39
C ALA D 1106 9.88 51.40 63.79
N HIS D 1107 10.46 50.43 64.49
CA HIS D 1107 11.72 49.82 64.08
C HIS D 1107 11.49 48.48 63.40
N PHE D 1108 12.08 48.30 62.22
CA PHE D 1108 11.95 47.07 61.46
C PHE D 1108 13.34 46.46 61.29
N PRO D 1109 13.49 45.15 61.18
CA PRO D 1109 14.77 44.51 60.96
C PRO D 1109 15.33 44.88 59.60
N ARG D 1110 16.64 45.07 59.51
CA ARG D 1110 17.24 45.24 58.19
C ARG D 1110 17.23 43.88 57.52
N GLU D 1111 17.53 42.86 58.32
CA GLU D 1111 17.53 41.47 57.91
C GLU D 1111 16.97 40.67 59.06
N GLY D 1112 16.33 39.56 58.76
CA GLY D 1112 15.82 38.72 59.82
C GLY D 1112 14.46 39.17 60.32
N VAL D 1113 14.03 38.55 61.40
CA VAL D 1113 12.74 38.81 62.01
C VAL D 1113 12.87 39.06 63.49
N PHE D 1114 11.86 39.66 64.08
CA PHE D 1114 11.85 39.79 65.52
C PHE D 1114 11.22 38.55 66.12
N VAL D 1115 11.81 38.05 67.19
CA VAL D 1115 11.30 36.88 67.86
C VAL D 1115 11.25 37.11 69.35
N SER D 1116 10.45 36.32 70.02
CA SER D 1116 10.41 36.36 71.47
C SER D 1116 10.37 34.96 72.05
N ASN D 1117 11.20 34.73 73.07
CA ASN D 1117 11.28 33.44 73.77
C ASN D 1117 10.35 33.41 75.01
N GLY D 1118 9.51 34.44 75.16
CA GLY D 1118 8.54 34.58 76.24
C GLY D 1118 8.92 35.69 77.22
N THR D 1119 10.20 36.06 77.27
CA THR D 1119 10.59 37.15 78.16
C THR D 1119 11.39 38.24 77.45
N HIS D 1120 12.13 37.86 76.42
CA HIS D 1120 12.95 38.84 75.72
C HIS D 1120 12.80 38.77 74.22
N TRP D 1121 12.87 39.95 73.60
CA TRP D 1121 12.83 40.08 72.16
C TRP D 1121 14.22 40.11 71.56
N PHE D 1122 14.38 39.39 70.47
CA PHE D 1122 15.63 39.31 69.73
C PHE D 1122 15.38 39.46 68.26
N VAL D 1123 16.40 39.77 67.52
CA VAL D 1123 16.28 39.81 66.06
C VAL D 1123 17.17 38.73 65.50
N THR D 1124 16.68 37.96 64.54
CA THR D 1124 17.51 36.88 64.02
C THR D 1124 17.24 36.55 62.57
N GLN D 1125 18.26 35.98 61.91
CA GLN D 1125 18.13 35.59 60.51
C GLN D 1125 17.05 34.54 60.32
N ARG D 1126 16.35 34.65 59.22
CA ARG D 1126 15.19 33.83 58.91
C ARG D 1126 15.43 32.33 58.84
N ASN D 1127 16.59 31.91 58.36
CA ASN D 1127 16.80 30.49 58.12
C ASN D 1127 17.60 29.74 59.19
N PHE D 1128 17.95 30.40 60.28
CA PHE D 1128 18.74 29.73 61.30
C PHE D 1128 18.77 30.53 62.59
N TYR D 1129 18.15 29.99 63.62
CA TYR D 1129 17.98 30.72 64.85
C TYR D 1129 19.31 31.09 65.46
N GLU D 1130 19.49 32.36 65.62
CA GLU D 1130 20.70 32.93 66.17
C GLU D 1130 20.37 34.29 66.73
N PRO D 1131 19.79 34.34 67.92
CA PRO D 1131 19.17 35.52 68.47
C PRO D 1131 20.20 36.58 68.74
N GLN D 1132 19.90 37.81 68.36
CA GLN D 1132 20.78 38.92 68.63
C GLN D 1132 20.04 40.00 69.38
N ILE D 1133 20.77 40.80 70.13
CA ILE D 1133 20.17 41.91 70.81
C ILE D 1133 19.69 42.90 69.78
N ILE D 1134 18.50 43.43 69.98
CA ILE D 1134 17.96 44.38 69.04
C ILE D 1134 18.61 45.73 69.28
N THR D 1135 19.27 46.23 68.25
CA THR D 1135 20.01 47.47 68.34
C THR D 1135 19.70 48.32 67.13
N THR D 1136 20.17 49.55 67.16
CA THR D 1136 19.98 50.47 66.06
C THR D 1136 20.79 50.05 64.83
N ASP D 1137 21.72 49.11 65.00
CA ASP D 1137 22.51 48.62 63.90
C ASP D 1137 21.88 47.38 63.27
N ASN D 1138 20.80 46.89 63.85
CA ASN D 1138 20.10 45.73 63.34
C ASN D 1138 18.80 46.12 62.69
N THR D 1139 18.24 47.25 63.14
CA THR D 1139 16.94 47.70 62.68
C THR D 1139 17.01 49.08 62.05
N PHE D 1140 15.93 49.47 61.40
CA PHE D 1140 15.82 50.80 60.82
C PHE D 1140 14.45 51.36 61.13
N VAL D 1141 14.35 52.68 61.14
CA VAL D 1141 13.08 53.32 61.45
C VAL D 1141 12.32 53.82 60.26
N SER D 1142 11.04 53.53 60.22
CA SER D 1142 10.17 54.06 59.19
C SER D 1142 8.75 54.20 59.69
N GLY D 1143 8.24 55.41 59.71
CA GLY D 1143 6.88 55.62 60.19
C GLY D 1143 6.84 55.45 61.70
N ASN D 1144 5.65 55.14 62.23
CA ASN D 1144 5.50 55.07 63.67
C ASN D 1144 4.46 54.02 64.11
N CYS D 1145 4.32 53.91 65.44
CA CYS D 1145 3.52 52.92 66.15
C CYS D 1145 2.02 53.05 65.91
N ASP D 1146 1.58 54.17 65.38
CA ASP D 1146 0.15 54.35 65.17
C ASP D 1146 -0.28 53.77 63.84
N VAL D 1147 0.67 53.28 63.05
CA VAL D 1147 0.35 52.75 61.75
C VAL D 1147 0.50 51.24 61.65
N VAL D 1148 1.59 50.70 62.19
CA VAL D 1148 1.85 49.28 62.00
C VAL D 1148 0.96 48.36 62.83
N ILE D 1149 0.33 47.42 62.14
CA ILE D 1149 -0.56 46.47 62.77
C ILE D 1149 0.22 45.37 63.45
N GLY D 1150 0.01 45.20 64.74
CA GLY D 1150 0.71 44.16 65.47
C GLY D 1150 2.05 44.59 66.03
N ILE D 1151 2.34 45.88 65.96
CA ILE D 1151 3.61 46.37 66.49
C ILE D 1151 3.62 46.23 68.01
N VAL D 1152 4.76 45.83 68.55
CA VAL D 1152 4.86 45.60 70.00
C VAL D 1152 5.87 46.54 70.64
N ASN D 1153 5.76 46.73 71.97
CA ASN D 1153 6.67 47.56 72.75
C ASN D 1153 7.91 46.77 73.22
N ASN D 1154 9.08 47.36 73.04
CA ASN D 1154 10.36 46.82 73.51
C ASN D 1154 11.34 47.96 73.62
N THR D 1155 12.62 47.65 73.63
CA THR D 1155 13.62 48.68 73.63
C THR D 1155 14.60 48.37 72.53
N VAL D 1156 15.19 49.41 71.96
CA VAL D 1156 16.23 49.22 70.98
C VAL D 1156 17.51 49.81 71.51
N TYR D 1157 18.52 48.98 71.64
CA TYR D 1157 19.79 49.39 72.21
C TYR D 1157 20.58 50.28 71.26
N ASP D 1158 21.13 51.36 71.80
CA ASP D 1158 21.98 52.26 71.05
C ASP D 1158 23.43 52.14 71.53
N PRO D 1159 24.32 51.48 70.77
CA PRO D 1159 25.71 51.23 71.08
C PRO D 1159 26.52 52.50 71.33
N LEU D 1160 26.01 53.63 70.86
CA LEU D 1160 26.72 54.88 71.04
C LEU D 1160 26.55 55.49 72.42
N GLN D 1161 25.41 55.30 73.05
CA GLN D 1161 25.18 56.05 74.28
C GLN D 1161 26.19 55.72 75.39
N PRO D 1162 26.58 54.45 75.60
CA PRO D 1162 27.59 54.03 76.57
C PRO D 1162 28.99 54.57 76.24
N GLU D 1163 29.21 54.99 75.00
CA GLU D 1163 30.52 55.49 74.58
C GLU D 1163 30.68 56.99 74.88
N LEU D 1164 29.58 57.75 74.77
CA LEU D 1164 29.53 59.19 74.98
C LEU D 1164 29.80 59.53 76.45
N VAL E 2 -41.84 6.87 -48.67
CA VAL E 2 -41.32 7.26 -49.98
C VAL E 2 -42.24 6.79 -51.07
N GLN E 3 -42.79 7.71 -51.84
CA GLN E 3 -43.70 7.33 -52.91
C GLN E 3 -43.33 7.93 -54.25
N LEU E 4 -43.43 7.11 -55.27
CA LEU E 4 -43.22 7.54 -56.64
C LEU E 4 -44.48 7.33 -57.42
N VAL E 5 -45.05 8.40 -57.94
CA VAL E 5 -46.30 8.29 -58.66
C VAL E 5 -46.13 8.63 -60.12
N GLU E 6 -46.17 7.60 -60.96
CA GLU E 6 -46.01 7.82 -62.38
C GLU E 6 -47.36 7.78 -63.08
N SER E 7 -47.43 8.47 -64.21
CA SER E 7 -48.63 8.52 -65.02
C SER E 7 -48.31 8.90 -66.45
N GLY E 8 -49.36 9.12 -67.24
CA GLY E 8 -49.22 9.50 -68.63
C GLY E 8 -49.46 8.34 -69.60
N GLY E 9 -49.44 7.11 -69.12
CA GLY E 9 -49.67 5.99 -70.01
C GLY E 9 -51.11 6.03 -70.51
N ASP E 10 -51.29 5.71 -71.79
CA ASP E 10 -52.58 5.71 -72.43
C ASP E 10 -52.52 4.86 -73.70
N SER E 11 -53.64 4.74 -74.41
CA SER E 11 -53.67 4.08 -75.71
C SER E 11 -53.39 5.10 -76.80
N VAL E 12 -52.27 4.92 -77.48
CA VAL E 12 -51.80 5.88 -78.47
C VAL E 12 -51.51 5.21 -79.81
N GLN E 13 -51.34 6.00 -80.84
CA GLN E 13 -51.04 5.47 -82.17
C GLN E 13 -49.54 5.49 -82.43
N PRO E 14 -49.00 4.51 -83.18
CA PRO E 14 -47.61 4.40 -83.56
C PRO E 14 -47.22 5.53 -84.48
N GLY E 15 -45.99 5.99 -84.32
CA GLY E 15 -45.46 7.07 -85.14
C GLY E 15 -45.65 8.41 -84.44
N GLY E 16 -46.43 8.41 -83.35
CA GLY E 16 -46.68 9.62 -82.59
C GLY E 16 -45.74 9.72 -81.42
N SER E 17 -46.17 10.41 -80.38
CA SER E 17 -45.32 10.60 -79.21
C SER E 17 -46.17 10.59 -77.95
N LEU E 18 -45.52 10.37 -76.82
CA LEU E 18 -46.20 10.38 -75.54
C LEU E 18 -45.30 10.86 -74.41
N ARG E 19 -45.79 11.81 -73.62
CA ARG E 19 -45.02 12.27 -72.48
C ARG E 19 -45.50 11.61 -71.20
N LEU E 20 -44.58 10.95 -70.52
CA LEU E 20 -44.84 10.29 -69.25
C LEU E 20 -44.25 11.15 -68.14
N SER E 21 -44.78 11.03 -66.94
CA SER E 21 -44.22 11.82 -65.85
C SER E 21 -44.23 11.06 -64.54
N CYS E 22 -43.42 11.53 -63.57
CA CYS E 22 -43.33 10.98 -62.23
C CYS E 22 -43.18 12.06 -61.18
N ALA E 23 -44.05 12.01 -60.18
CA ALA E 23 -44.01 12.95 -59.07
C ALA E 23 -43.44 12.26 -57.84
N ALA E 24 -42.55 12.97 -57.14
CA ALA E 24 -41.98 12.50 -55.91
C ALA E 24 -42.80 12.96 -54.73
N ALA E 25 -42.96 12.09 -53.74
CA ALA E 25 -43.63 12.49 -52.51
C ALA E 25 -42.99 11.82 -51.30
N GLY E 26 -42.90 12.58 -50.21
CA GLY E 26 -42.39 12.05 -48.94
C GLY E 26 -40.87 12.11 -48.82
N PHE E 27 -40.21 12.66 -49.84
CA PHE E 27 -38.76 12.73 -49.83
C PHE E 27 -38.29 13.88 -50.72
N THR E 28 -37.00 14.22 -50.62
CA THR E 28 -36.45 15.27 -51.46
C THR E 28 -36.15 14.77 -52.86
N PHE E 29 -36.69 15.45 -53.86
CA PHE E 29 -36.47 15.07 -55.24
C PHE E 29 -35.03 15.27 -55.67
N SER E 30 -34.53 16.48 -55.46
CA SER E 30 -33.19 16.86 -55.91
C SER E 30 -32.09 16.42 -54.96
N SER E 31 -31.98 15.11 -54.77
CA SER E 31 -30.93 14.54 -53.96
C SER E 31 -30.69 13.12 -54.45
N TYR E 32 -31.53 12.72 -55.40
CA TYR E 32 -31.49 11.37 -55.93
C TYR E 32 -31.57 11.35 -57.46
N TRP E 33 -31.15 10.25 -58.06
CA TRP E 33 -31.28 10.06 -59.50
C TRP E 33 -32.66 9.49 -59.81
N MET E 34 -33.21 9.85 -60.96
CA MET E 34 -34.56 9.38 -61.31
C MET E 34 -34.59 8.47 -62.55
N ASN E 35 -34.91 7.20 -62.32
CA ASN E 35 -34.88 6.17 -63.35
C ASN E 35 -36.21 5.90 -64.04
N TRP E 36 -36.11 5.38 -65.27
CA TRP E 36 -37.24 4.80 -65.98
C TRP E 36 -36.90 3.41 -66.49
N VAL E 37 -37.81 2.47 -66.23
CA VAL E 37 -37.70 1.08 -66.67
C VAL E 37 -39.03 0.68 -67.30
N ARG E 38 -38.99 -0.11 -68.36
CA ARG E 38 -40.25 -0.52 -68.97
C ARG E 38 -40.35 -2.03 -69.06
N GLN E 39 -41.56 -2.54 -68.96
CA GLN E 39 -41.77 -3.97 -69.08
C GLN E 39 -42.92 -4.36 -69.99
N ALA E 40 -42.60 -5.00 -71.11
CA ALA E 40 -43.63 -5.48 -72.01
C ALA E 40 -44.30 -6.64 -71.31
N PRO E 41 -45.61 -6.83 -71.43
CA PRO E 41 -46.33 -7.91 -70.79
C PRO E 41 -45.77 -9.23 -71.27
N GLY E 42 -45.50 -10.13 -70.32
CA GLY E 42 -44.95 -11.45 -70.64
C GLY E 42 -43.42 -11.43 -70.78
N LYS E 43 -42.82 -10.26 -70.66
CA LYS E 43 -41.37 -10.10 -70.82
C LYS E 43 -40.70 -9.62 -69.54
N GLY E 44 -39.37 -9.60 -69.55
CA GLY E 44 -38.60 -9.13 -68.40
C GLY E 44 -38.46 -7.62 -68.45
N LEU E 45 -37.60 -7.08 -67.60
CA LEU E 45 -37.46 -5.62 -67.50
C LEU E 45 -36.45 -5.08 -68.49
N GLU E 46 -36.74 -3.92 -69.04
CA GLU E 46 -35.80 -3.23 -69.91
C GLU E 46 -35.43 -1.88 -69.34
N TRP E 47 -34.14 -1.63 -69.21
CA TRP E 47 -33.67 -0.37 -68.69
C TRP E 47 -33.96 0.63 -69.78
N VAL E 48 -34.47 1.80 -69.45
CA VAL E 48 -34.80 2.75 -70.50
C VAL E 48 -33.95 3.99 -70.44
N ALA E 49 -34.05 4.69 -69.31
CA ALA E 49 -33.43 5.97 -69.21
C ALA E 49 -33.23 6.40 -67.78
N ASN E 50 -32.38 7.40 -67.60
CA ASN E 50 -32.14 7.97 -66.30
C ASN E 50 -31.80 9.44 -66.42
N ILE E 51 -31.62 10.09 -65.28
CA ILE E 51 -31.22 11.47 -65.21
C ILE E 51 -30.53 11.73 -63.88
N LYS E 52 -29.47 12.51 -63.95
CA LYS E 52 -28.69 12.87 -62.80
C LYS E 52 -29.46 13.79 -61.89
N GLN E 53 -29.11 13.76 -60.61
CA GLN E 53 -29.77 14.54 -59.57
C GLN E 53 -30.09 15.98 -59.95
N ASP E 54 -29.15 16.68 -60.57
CA ASP E 54 -29.34 18.09 -60.88
C ASP E 54 -29.74 18.34 -62.34
N GLY E 55 -29.97 17.28 -63.10
CA GLY E 55 -30.38 17.37 -64.49
C GLY E 55 -29.25 17.66 -65.48
N SER E 56 -28.00 17.71 -65.00
CA SER E 56 -26.88 18.06 -65.87
C SER E 56 -26.49 16.95 -66.83
N GLU E 57 -26.88 15.72 -66.51
CA GLU E 57 -26.55 14.58 -67.34
C GLU E 57 -27.77 13.67 -67.51
N LYS E 58 -27.91 13.09 -68.70
CA LYS E 58 -28.99 12.16 -68.99
C LYS E 58 -28.43 10.88 -69.57
N TYR E 59 -29.09 9.77 -69.29
CA TYR E 59 -28.64 8.49 -69.80
C TYR E 59 -29.75 7.71 -70.48
N TYR E 60 -29.42 7.05 -71.57
CA TYR E 60 -30.39 6.23 -72.29
C TYR E 60 -29.82 4.90 -72.72
N VAL E 61 -30.67 3.89 -72.76
CA VAL E 61 -30.30 2.65 -73.41
C VAL E 61 -30.21 2.99 -74.89
N ASP E 62 -29.23 2.43 -75.58
CA ASP E 62 -29.02 2.79 -76.98
C ASP E 62 -30.29 2.66 -77.83
N SER E 63 -31.14 1.68 -77.52
CA SER E 63 -32.36 1.43 -78.30
C SER E 63 -33.38 2.58 -78.29
N VAL E 64 -33.27 3.51 -77.35
CA VAL E 64 -34.20 4.64 -77.31
C VAL E 64 -33.45 5.95 -77.50
N LYS E 65 -32.17 5.86 -77.83
CA LYS E 65 -31.34 7.04 -77.95
C LYS E 65 -31.79 7.86 -79.15
N GLY E 66 -31.99 9.15 -78.93
CA GLY E 66 -32.41 10.06 -79.98
C GLY E 66 -33.93 10.15 -80.06
N ARG E 67 -34.62 9.27 -79.34
CA ARG E 67 -36.07 9.26 -79.36
C ARG E 67 -36.62 9.71 -78.03
N PHE E 68 -35.93 9.34 -76.95
CA PHE E 68 -36.39 9.67 -75.61
C PHE E 68 -35.63 10.87 -75.05
N THR E 69 -36.38 11.77 -74.40
CA THR E 69 -35.81 12.95 -73.74
C THR E 69 -36.30 13.10 -72.29
N ILE E 70 -35.39 13.38 -71.37
CA ILE E 70 -35.78 13.61 -69.98
C ILE E 70 -35.48 15.03 -69.55
N SER E 71 -36.47 15.63 -68.91
CA SER E 71 -36.35 16.96 -68.35
C SER E 71 -36.98 16.92 -66.99
N ARG E 72 -36.73 17.93 -66.17
CA ARG E 72 -37.30 17.91 -64.83
C ARG E 72 -37.51 19.30 -64.26
N ASP E 73 -38.35 19.36 -63.24
CA ASP E 73 -38.60 20.60 -62.53
C ASP E 73 -38.44 20.35 -61.04
N ASN E 74 -37.35 20.84 -60.49
CA ASN E 74 -36.98 20.57 -59.11
C ASN E 74 -37.88 21.32 -58.13
N ALA E 75 -38.65 22.27 -58.64
CA ALA E 75 -39.55 23.04 -57.80
C ALA E 75 -40.91 22.36 -57.69
N LYS E 76 -41.11 21.32 -58.51
CA LYS E 76 -42.37 20.59 -58.52
C LYS E 76 -42.13 19.17 -58.06
N ASN E 77 -40.87 18.89 -57.73
CA ASN E 77 -40.44 17.56 -57.32
C ASN E 77 -40.85 16.50 -58.33
N SER E 78 -40.68 16.78 -59.62
CA SER E 78 -41.09 15.81 -60.63
C SER E 78 -40.24 15.85 -61.89
N LEU E 79 -40.29 14.75 -62.64
CA LEU E 79 -39.57 14.64 -63.91
C LEU E 79 -40.47 14.14 -65.03
N TYR E 80 -40.07 14.43 -66.25
CA TYR E 80 -40.83 14.06 -67.43
C TYR E 80 -39.98 13.29 -68.43
N LEU E 81 -40.55 12.22 -68.97
CA LEU E 81 -39.93 11.43 -70.02
C LEU E 81 -40.75 11.50 -71.28
N GLN E 82 -40.21 12.12 -72.32
CA GLN E 82 -40.96 12.21 -73.56
C GLN E 82 -40.38 11.34 -74.63
N MET E 83 -41.19 10.44 -75.15
CA MET E 83 -40.74 9.54 -76.18
C MET E 83 -41.38 9.81 -77.53
N ASN E 84 -40.53 10.07 -78.50
CA ASN E 84 -40.92 10.39 -79.86
C ASN E 84 -40.79 9.18 -80.77
N SER E 85 -41.49 9.21 -81.90
CA SER E 85 -41.43 8.10 -82.87
C SER E 85 -41.72 6.80 -82.14
N LEU E 86 -42.78 6.82 -81.33
CA LEU E 86 -43.16 5.69 -80.53
C LEU E 86 -43.61 4.53 -81.41
N ARG E 87 -43.00 3.37 -81.19
CA ARG E 87 -43.24 2.17 -81.98
C ARG E 87 -44.43 1.34 -81.51
N ALA E 88 -45.11 0.69 -82.46
CA ALA E 88 -46.22 -0.21 -82.17
C ALA E 88 -45.79 -1.34 -81.26
N GLU E 89 -44.55 -1.76 -81.42
CA GLU E 89 -43.96 -2.82 -80.65
C GLU E 89 -43.74 -2.43 -79.19
N ASP E 90 -43.71 -1.12 -78.91
CA ASP E 90 -43.42 -0.64 -77.57
C ASP E 90 -44.65 -0.58 -76.68
N THR E 91 -45.19 -1.75 -76.37
CA THR E 91 -46.29 -1.84 -75.41
C THR E 91 -45.72 -2.37 -74.13
N ALA E 92 -45.74 -1.53 -73.11
CA ALA E 92 -45.06 -1.85 -71.86
C ALA E 92 -45.55 -0.99 -70.72
N VAL E 93 -45.34 -1.46 -69.51
CA VAL E 93 -45.58 -0.62 -68.36
C VAL E 93 -44.31 0.11 -68.01
N TYR E 94 -44.40 1.43 -67.92
CA TYR E 94 -43.28 2.25 -67.57
C TYR E 94 -43.30 2.54 -66.09
N TYR E 95 -42.17 2.29 -65.43
CA TYR E 95 -42.07 2.49 -64.02
C TYR E 95 -41.10 3.61 -63.70
N CYS E 96 -41.42 4.38 -62.66
CA CYS E 96 -40.56 5.38 -62.06
C CYS E 96 -39.84 4.72 -60.91
N ALA E 97 -38.52 4.93 -60.83
CA ALA E 97 -37.78 4.36 -59.74
C ALA E 97 -36.76 5.37 -59.20
N LEU E 98 -36.56 5.33 -57.89
CA LEU E 98 -35.70 6.29 -57.21
C LEU E 98 -34.36 5.69 -56.89
N SER E 99 -33.30 6.25 -57.46
CA SER E 99 -31.99 5.69 -57.24
C SER E 99 -31.17 6.47 -56.22
N SER E 100 -30.96 5.83 -55.10
CA SER E 100 -30.29 6.36 -53.92
C SER E 100 -29.03 5.57 -53.64
N GLY E 101 -28.59 4.81 -54.61
CA GLY E 101 -27.42 3.96 -54.46
C GLY E 101 -26.15 4.75 -54.75
N TYR E 102 -25.03 4.05 -54.77
CA TYR E 102 -23.72 4.66 -54.98
C TYR E 102 -23.58 5.44 -56.30
N SER E 103 -23.93 4.82 -57.42
CA SER E 103 -23.72 5.46 -58.72
C SER E 103 -24.94 6.19 -59.24
N GLY E 104 -26.12 5.82 -58.76
CA GLY E 104 -27.36 6.46 -59.22
C GLY E 104 -27.95 5.81 -60.48
N TYR E 105 -27.31 4.75 -60.98
CA TYR E 105 -27.75 4.12 -62.23
C TYR E 105 -29.02 3.26 -62.12
N ALA E 106 -29.33 2.74 -60.93
CA ALA E 106 -30.48 1.86 -60.77
C ALA E 106 -31.32 2.22 -59.55
N GLY E 107 -32.64 2.14 -59.71
CA GLY E 107 -33.57 2.51 -58.66
C GLY E 107 -33.76 1.47 -57.56
N ASN E 108 -34.01 1.98 -56.35
CA ASN E 108 -34.31 1.21 -55.14
C ASN E 108 -35.79 1.25 -54.79
N TYR E 109 -36.40 2.42 -54.91
CA TYR E 109 -37.82 2.54 -54.62
C TYR E 109 -38.55 2.55 -55.95
N TRP E 110 -39.65 1.83 -56.02
CA TRP E 110 -40.41 1.73 -57.25
C TRP E 110 -41.85 2.20 -57.09
N GLY E 111 -42.38 2.77 -58.17
CA GLY E 111 -43.78 3.19 -58.23
C GLY E 111 -44.66 2.02 -58.65
N GLN E 112 -45.85 2.31 -59.17
CA GLN E 112 -46.79 1.25 -59.50
C GLN E 112 -46.76 0.92 -60.99
N GLY E 113 -46.37 1.90 -61.78
CA GLY E 113 -46.24 1.75 -63.22
C GLY E 113 -47.42 2.32 -63.98
N THR E 114 -47.14 2.87 -65.17
CA THR E 114 -48.17 3.41 -66.03
C THR E 114 -48.13 2.67 -67.36
N LEU E 115 -49.27 2.18 -67.82
CA LEU E 115 -49.27 1.36 -69.03
C LEU E 115 -49.39 2.14 -70.32
N VAL E 116 -48.42 1.90 -71.20
CA VAL E 116 -48.41 2.49 -72.52
C VAL E 116 -48.73 1.42 -73.54
N THR E 117 -49.81 1.63 -74.28
CA THR E 117 -50.22 0.69 -75.32
C THR E 117 -50.22 1.40 -76.63
N VAL E 118 -49.56 0.82 -77.62
CA VAL E 118 -49.47 1.49 -78.90
C VAL E 118 -50.18 0.64 -79.97
N SER E 119 -51.18 1.23 -80.65
CA SER E 119 -52.01 0.55 -81.64
C SER E 119 -52.43 1.49 -82.75
N ALA F 2 -24.04 -4.77 -74.52
CA ALA F 2 -25.16 -4.71 -73.57
C ALA F 2 -25.87 -6.05 -73.47
N VAL F 3 -25.13 -7.05 -73.03
CA VAL F 3 -25.67 -8.39 -72.92
C VAL F 3 -25.52 -8.93 -71.51
N VAL F 4 -26.65 -9.30 -70.93
CA VAL F 4 -26.72 -9.88 -69.60
C VAL F 4 -27.56 -11.14 -69.66
N THR F 5 -27.08 -12.23 -69.08
CA THR F 5 -27.82 -13.47 -69.12
C THR F 5 -28.12 -14.01 -67.73
N GLN F 6 -29.18 -14.81 -67.65
CA GLN F 6 -29.63 -15.44 -66.42
C GLN F 6 -30.12 -16.87 -66.67
N GLU F 7 -30.09 -17.69 -65.63
CA GLU F 7 -30.71 -19.01 -65.69
C GLU F 7 -32.23 -18.83 -65.78
N PRO F 8 -32.91 -19.28 -66.84
CA PRO F 8 -34.33 -19.08 -67.11
C PRO F 8 -35.25 -19.37 -65.92
N SER F 9 -34.98 -20.44 -65.18
CA SER F 9 -35.81 -20.75 -64.02
C SER F 9 -35.12 -21.67 -63.03
N LEU F 10 -35.51 -21.54 -61.77
CA LEU F 10 -35.06 -22.40 -60.70
C LEU F 10 -36.25 -22.93 -59.89
N THR F 11 -36.16 -24.18 -59.46
CA THR F 11 -37.20 -24.74 -58.61
C THR F 11 -36.59 -25.18 -57.29
N VAL F 12 -37.23 -24.81 -56.19
CA VAL F 12 -36.70 -25.16 -54.87
C VAL F 12 -37.79 -25.74 -53.96
N SER F 13 -37.43 -26.77 -53.20
CA SER F 13 -38.35 -27.31 -52.22
C SER F 13 -38.45 -26.33 -51.05
N PRO F 14 -39.57 -26.23 -50.35
CA PRO F 14 -39.74 -25.38 -49.19
C PRO F 14 -38.62 -25.67 -48.19
N GLY F 15 -37.97 -24.61 -47.72
CA GLY F 15 -36.88 -24.71 -46.77
C GLY F 15 -35.51 -24.93 -47.43
N GLY F 16 -35.50 -25.17 -48.75
CA GLY F 16 -34.26 -25.42 -49.46
C GLY F 16 -33.58 -24.12 -49.86
N THR F 17 -32.33 -24.22 -50.26
CA THR F 17 -31.60 -23.04 -50.68
C THR F 17 -31.78 -22.78 -52.16
N VAL F 18 -31.49 -21.56 -52.57
CA VAL F 18 -31.58 -21.14 -53.96
C VAL F 18 -30.34 -20.40 -54.39
N THR F 19 -29.87 -20.64 -55.60
CA THR F 19 -28.78 -19.83 -56.13
C THR F 19 -29.16 -19.21 -57.47
N LEU F 20 -29.73 -18.01 -57.44
CA LEU F 20 -30.13 -17.33 -58.67
C LEU F 20 -28.86 -16.70 -59.23
N THR F 21 -28.62 -16.79 -60.53
CA THR F 21 -27.38 -16.21 -61.06
C THR F 21 -27.61 -15.21 -62.18
N CYS F 22 -26.62 -14.32 -62.39
CA CYS F 22 -26.61 -13.29 -63.41
C CYS F 22 -25.19 -12.89 -63.82
N GLY F 23 -24.99 -12.62 -65.11
CA GLY F 23 -23.70 -12.08 -65.50
C GLY F 23 -23.69 -11.48 -66.89
N SER F 24 -22.62 -10.74 -67.17
CA SER F 24 -22.42 -10.08 -68.45
C SER F 24 -21.74 -11.00 -69.44
N SER F 25 -21.84 -10.68 -70.73
CA SER F 25 -21.16 -11.47 -71.74
C SER F 25 -19.67 -11.20 -71.81
N THR F 26 -19.22 -10.05 -71.30
CA THR F 26 -17.80 -9.74 -71.34
C THR F 26 -17.26 -9.47 -69.93
N GLY F 27 -15.94 -9.60 -69.79
CA GLY F 27 -15.27 -9.33 -68.52
C GLY F 27 -15.78 -10.25 -67.42
N ALA F 28 -16.08 -9.67 -66.26
CA ALA F 28 -16.59 -10.40 -65.12
C ALA F 28 -17.36 -9.47 -64.21
N VAL F 29 -18.30 -10.02 -63.46
CA VAL F 29 -19.03 -9.20 -62.51
C VAL F 29 -18.26 -9.04 -61.23
N THR F 30 -18.07 -7.78 -60.87
CA THR F 30 -17.39 -7.39 -59.65
C THR F 30 -18.21 -6.27 -59.03
N SER F 31 -17.74 -5.77 -57.89
CA SER F 31 -18.45 -4.69 -57.21
C SER F 31 -18.50 -3.42 -58.07
N GLY F 32 -17.65 -3.36 -59.09
CA GLY F 32 -17.59 -2.19 -59.98
C GLY F 32 -18.81 -2.10 -60.90
N HIS F 33 -19.62 -3.14 -60.92
CA HIS F 33 -20.83 -3.18 -61.72
C HIS F 33 -22.01 -2.76 -60.86
N TYR F 34 -21.73 -2.54 -59.58
CA TYR F 34 -22.72 -2.23 -58.57
C TYR F 34 -24.04 -2.95 -58.78
N PRO F 35 -24.06 -4.30 -58.89
CA PRO F 35 -25.21 -5.10 -59.28
C PRO F 35 -26.45 -4.87 -58.42
N TYR F 36 -27.60 -4.92 -59.09
CA TYR F 36 -28.91 -4.83 -58.46
C TYR F 36 -29.74 -6.08 -58.75
N TRP F 37 -30.57 -6.46 -57.78
CA TRP F 37 -31.55 -7.53 -57.97
C TRP F 37 -32.94 -7.05 -57.58
N PHE F 38 -33.94 -7.44 -58.38
CA PHE F 38 -35.31 -7.04 -58.17
C PHE F 38 -36.22 -8.25 -58.10
N GLN F 39 -37.29 -8.14 -57.32
CA GLN F 39 -38.30 -9.18 -57.21
C GLN F 39 -39.65 -8.70 -57.71
N GLN F 40 -40.26 -9.45 -58.62
CA GLN F 40 -41.58 -9.07 -59.09
C GLN F 40 -42.61 -10.17 -58.96
N LYS F 41 -43.64 -9.89 -58.20
CA LYS F 41 -44.74 -10.82 -58.03
C LYS F 41 -45.82 -10.39 -59.01
N PRO F 42 -46.67 -11.29 -59.50
CA PRO F 42 -47.73 -10.97 -60.44
C PRO F 42 -48.57 -9.82 -59.95
N GLY F 43 -48.78 -8.84 -60.82
CA GLY F 43 -49.59 -7.66 -60.51
C GLY F 43 -48.81 -6.56 -59.78
N GLN F 44 -47.56 -6.83 -59.44
CA GLN F 44 -46.74 -5.87 -58.68
C GLN F 44 -45.64 -5.22 -59.50
N ALA F 45 -45.18 -4.06 -59.04
CA ALA F 45 -44.01 -3.43 -59.61
C ALA F 45 -42.79 -4.18 -59.09
N PRO F 46 -41.67 -4.23 -59.82
CA PRO F 46 -40.42 -4.79 -59.36
C PRO F 46 -39.97 -4.09 -58.09
N ARG F 47 -39.49 -4.85 -57.13
CA ARG F 47 -39.01 -4.30 -55.88
C ARG F 47 -37.54 -4.65 -55.68
N THR F 48 -36.71 -3.65 -55.51
CA THR F 48 -35.29 -3.91 -55.36
C THR F 48 -35.04 -4.62 -54.06
N LEU F 49 -34.25 -5.69 -54.10
CA LEU F 49 -33.91 -6.36 -52.86
C LEU F 49 -32.46 -6.08 -52.52
N ILE F 50 -31.62 -6.15 -53.54
CA ILE F 50 -30.18 -5.95 -53.40
C ILE F 50 -29.72 -4.79 -54.23
N TYR F 51 -28.86 -3.96 -53.66
CA TYR F 51 -28.30 -2.83 -54.38
C TYR F 51 -26.80 -2.72 -54.15
N ASP F 52 -26.10 -2.13 -55.10
CA ASP F 52 -24.67 -1.90 -54.95
C ASP F 52 -23.93 -3.15 -54.51
N THR F 53 -24.20 -4.26 -55.20
CA THR F 53 -23.57 -5.57 -55.01
C THR F 53 -24.21 -6.40 -53.91
N SER F 54 -24.12 -5.94 -52.68
CA SER F 54 -24.57 -6.77 -51.57
C SER F 54 -25.38 -6.06 -50.50
N ASN F 55 -25.81 -4.82 -50.74
CA ASN F 55 -26.56 -4.15 -49.70
C ASN F 55 -28.02 -4.57 -49.76
N LYS F 56 -28.55 -4.99 -48.63
CA LYS F 56 -29.93 -5.44 -48.57
C LYS F 56 -30.86 -4.37 -48.05
N HIS F 57 -32.02 -4.22 -48.69
CA HIS F 57 -33.04 -3.26 -48.26
C HIS F 57 -33.83 -3.73 -47.04
N SER F 58 -34.38 -2.77 -46.29
CA SER F 58 -35.14 -3.06 -45.09
C SER F 58 -36.40 -3.87 -45.33
N TRP F 59 -36.94 -3.80 -46.54
CA TRP F 59 -38.15 -4.52 -46.88
C TRP F 59 -37.88 -5.92 -47.41
N THR F 60 -36.61 -6.28 -47.50
CA THR F 60 -36.19 -7.56 -48.01
C THR F 60 -35.98 -8.55 -46.87
N PRO F 61 -36.62 -9.73 -46.89
CA PRO F 61 -36.43 -10.77 -45.91
C PRO F 61 -34.96 -11.11 -45.85
N ALA F 62 -34.46 -11.35 -44.65
CA ALA F 62 -33.03 -11.59 -44.45
C ALA F 62 -32.62 -12.96 -44.93
N ARG F 63 -33.59 -13.72 -45.39
CA ARG F 63 -33.35 -15.03 -45.96
C ARG F 63 -32.66 -14.89 -47.31
N PHE F 64 -32.73 -13.68 -47.89
CA PHE F 64 -32.10 -13.37 -49.18
C PHE F 64 -30.69 -12.83 -48.96
N SER F 65 -29.76 -13.22 -49.82
CA SER F 65 -28.39 -12.71 -49.71
C SER F 65 -27.76 -12.33 -51.05
N GLY F 66 -27.37 -11.05 -51.14
CA GLY F 66 -26.80 -10.47 -52.35
C GLY F 66 -25.31 -10.77 -52.52
N SER F 67 -24.99 -12.04 -52.66
CA SER F 67 -23.61 -12.48 -52.81
C SER F 67 -23.14 -12.45 -54.26
N LEU F 68 -21.83 -12.53 -54.45
CA LEU F 68 -21.25 -12.72 -55.77
C LEU F 68 -20.65 -14.12 -55.86
N LEU F 69 -20.63 -14.65 -57.07
CA LEU F 69 -20.02 -15.95 -57.33
C LEU F 69 -18.77 -15.78 -58.19
N GLY F 70 -18.49 -16.76 -59.04
CA GLY F 70 -17.26 -16.77 -59.84
C GLY F 70 -17.33 -15.81 -61.03
N GLY F 71 -17.31 -14.52 -60.74
CA GLY F 71 -17.39 -13.48 -61.77
C GLY F 71 -18.83 -13.26 -62.21
N LYS F 72 -19.76 -13.59 -61.32
CA LYS F 72 -21.18 -13.48 -61.57
C LYS F 72 -21.91 -12.89 -60.36
N ALA F 73 -23.04 -12.24 -60.61
CA ALA F 73 -23.90 -11.76 -59.54
C ALA F 73 -24.82 -12.89 -59.13
N ALA F 74 -25.26 -12.90 -57.88
CA ALA F 74 -26.23 -13.89 -57.48
C ALA F 74 -27.15 -13.35 -56.41
N LEU F 75 -28.30 -13.98 -56.31
CA LEU F 75 -29.23 -13.72 -55.24
C LEU F 75 -29.61 -15.06 -54.65
N THR F 76 -29.12 -15.33 -53.45
CA THR F 76 -29.32 -16.64 -52.89
C THR F 76 -30.33 -16.63 -51.77
N LEU F 77 -30.86 -17.80 -51.46
CA LEU F 77 -31.74 -17.95 -50.32
C LEU F 77 -31.25 -19.04 -49.38
N SER F 78 -31.37 -18.77 -48.08
CA SER F 78 -31.00 -19.71 -47.01
C SER F 78 -32.12 -20.71 -46.70
N GLY F 79 -33.25 -20.52 -47.33
CA GLY F 79 -34.44 -21.34 -47.12
C GLY F 79 -35.65 -20.63 -47.70
N ALA F 80 -36.05 -21.08 -48.89
CA ALA F 80 -37.16 -20.52 -49.65
C ALA F 80 -38.51 -20.86 -49.04
N ARG F 81 -39.45 -19.96 -49.23
CA ARG F 81 -40.82 -20.15 -48.80
C ARG F 81 -41.76 -19.88 -49.98
N PRO F 82 -43.01 -20.39 -49.98
CA PRO F 82 -44.04 -20.16 -50.99
C PRO F 82 -44.25 -18.66 -51.29
N GLU F 83 -44.03 -17.82 -50.29
CA GLU F 83 -44.18 -16.38 -50.43
C GLU F 83 -43.14 -15.78 -51.37
N ASP F 84 -42.10 -16.55 -51.71
CA ASP F 84 -41.01 -16.09 -52.53
C ASP F 84 -41.22 -16.41 -54.01
N GLU F 85 -42.37 -16.95 -54.38
CA GLU F 85 -42.55 -17.24 -55.79
C GLU F 85 -42.70 -15.93 -56.54
N ALA F 86 -41.73 -15.67 -57.41
CA ALA F 86 -41.62 -14.41 -58.12
C ALA F 86 -40.64 -14.52 -59.27
N GLU F 87 -40.70 -13.59 -60.20
CA GLU F 87 -39.65 -13.51 -61.18
C GLU F 87 -38.60 -12.55 -60.66
N TYR F 88 -37.34 -12.93 -60.80
CA TYR F 88 -36.27 -12.08 -60.35
C TYR F 88 -35.49 -11.53 -61.51
N TYR F 89 -35.05 -10.30 -61.37
CA TYR F 89 -34.29 -9.68 -62.44
C TYR F 89 -33.01 -9.11 -61.89
N CYS F 90 -31.96 -9.14 -62.70
CA CYS F 90 -30.67 -8.56 -62.36
C CYS F 90 -30.39 -7.39 -63.27
N LEU F 91 -29.64 -6.44 -62.76
CA LEU F 91 -29.22 -5.28 -63.51
C LEU F 91 -27.76 -4.94 -63.24
N LEU F 92 -26.98 -4.75 -64.30
CA LEU F 92 -25.57 -4.40 -64.15
C LEU F 92 -25.26 -3.03 -64.76
N SER F 93 -24.34 -2.28 -64.16
CA SER F 93 -23.85 -1.02 -64.76
C SER F 93 -22.66 -1.31 -65.65
N TYR F 94 -22.27 -0.35 -66.50
CA TYR F 94 -21.13 -0.58 -67.40
C TYR F 94 -20.16 0.58 -67.44
N SER F 95 -20.09 1.26 -68.60
CA SER F 95 -19.20 2.38 -68.81
C SER F 95 -19.73 3.64 -68.17
N GLY F 96 -21.00 3.56 -67.77
CA GLY F 96 -21.72 4.67 -67.18
C GLY F 96 -23.09 4.19 -66.76
N ALA F 97 -23.98 5.13 -66.45
CA ALA F 97 -25.31 4.80 -65.97
C ALA F 97 -26.24 4.42 -67.11
N ARG F 98 -25.91 3.32 -67.77
CA ARG F 98 -26.68 2.73 -68.85
C ARG F 98 -26.81 1.26 -68.54
N GLY F 99 -27.61 0.94 -67.55
CA GLY F 99 -27.69 -0.41 -67.05
C GLY F 99 -28.35 -1.35 -68.03
N VAL F 100 -28.04 -2.63 -67.89
CA VAL F 100 -28.64 -3.66 -68.74
C VAL F 100 -29.23 -4.76 -67.89
N PHE F 101 -30.49 -5.10 -68.16
CA PHE F 101 -31.17 -6.16 -67.44
C PHE F 101 -30.93 -7.51 -68.05
N GLY F 102 -30.95 -8.54 -67.22
CA GLY F 102 -30.85 -9.90 -67.70
C GLY F 102 -32.21 -10.35 -68.19
N GLY F 103 -32.30 -11.58 -68.66
CA GLY F 103 -33.55 -12.09 -69.22
C GLY F 103 -34.61 -12.37 -68.16
N GLY F 104 -34.19 -12.48 -66.91
CA GLY F 104 -35.09 -12.80 -65.82
C GLY F 104 -34.95 -14.27 -65.45
N THR F 105 -35.02 -14.54 -64.15
CA THR F 105 -34.94 -15.90 -63.65
C THR F 105 -36.18 -16.19 -62.81
N LYS F 106 -37.01 -17.14 -63.25
CA LYS F 106 -38.24 -17.41 -62.55
C LYS F 106 -38.01 -18.39 -61.41
N LEU F 107 -38.38 -18.00 -60.20
CA LEU F 107 -38.20 -18.89 -59.06
C LEU F 107 -39.53 -19.37 -58.50
N THR F 108 -39.68 -20.68 -58.46
CA THR F 108 -40.90 -21.28 -57.94
C THR F 108 -40.59 -22.22 -56.79
N VAL F 109 -41.62 -22.50 -55.98
CA VAL F 109 -41.43 -23.36 -54.83
C VAL F 109 -42.24 -24.65 -54.95
N LEU F 110 -41.54 -25.79 -54.82
CA LEU F 110 -42.09 -27.14 -54.98
C LEU F 110 -42.83 -27.58 -53.72
N ALA G 46 49.94 2.14 -28.00
CA ALA G 46 49.88 3.51 -27.53
C ALA G 46 48.50 3.81 -26.97
N TYR G 47 48.47 4.53 -25.83
CA TYR G 47 47.25 4.93 -25.13
C TYR G 47 47.31 6.37 -24.73
N THR G 48 46.15 7.00 -24.60
CA THR G 48 46.09 8.32 -24.03
C THR G 48 45.01 8.48 -22.97
N ASN G 49 45.01 9.66 -22.37
CA ASN G 49 44.09 10.08 -21.33
C ASN G 49 42.84 10.70 -21.94
N SER G 50 41.69 10.06 -21.74
CA SER G 50 40.44 10.54 -22.30
C SER G 50 39.89 11.76 -21.56
N PHE G 51 40.46 12.06 -20.41
CA PHE G 51 40.03 13.17 -19.58
C PHE G 51 38.54 13.17 -19.31
N THR G 52 37.85 14.19 -19.78
CA THR G 52 36.42 14.33 -19.52
C THR G 52 35.56 14.20 -20.76
N ARG G 53 36.11 13.59 -21.81
CA ARG G 53 35.40 13.38 -23.05
C ARG G 53 34.48 12.16 -22.94
N GLY G 54 33.46 12.08 -23.81
CA GLY G 54 32.61 10.88 -23.84
C GLY G 54 31.23 11.04 -23.20
N VAL G 55 30.79 12.27 -23.04
CA VAL G 55 29.47 12.59 -22.53
C VAL G 55 28.56 13.02 -23.66
N TYR G 56 27.31 12.63 -23.57
CA TYR G 56 26.32 12.95 -24.58
C TYR G 56 24.97 13.18 -23.95
N TYR G 57 24.09 13.83 -24.69
CA TYR G 57 22.75 14.09 -24.19
C TYR G 57 22.02 12.75 -24.11
N PRO G 58 21.66 12.28 -22.91
CA PRO G 58 21.12 10.95 -22.64
C PRO G 58 19.75 10.71 -23.26
N ASP G 59 19.02 11.79 -23.53
CA ASP G 59 17.70 11.67 -24.12
C ASP G 59 17.39 12.87 -24.99
N LYS G 60 16.12 13.05 -25.29
CA LYS G 60 15.68 14.10 -26.20
C LYS G 60 14.83 15.15 -25.50
N VAL G 61 15.08 15.34 -24.21
CA VAL G 61 14.34 16.33 -23.43
C VAL G 61 15.16 17.56 -23.09
N PHE G 62 14.57 18.73 -23.28
CA PHE G 62 15.24 19.97 -22.93
C PHE G 62 15.22 20.21 -21.44
N ARG G 63 16.38 20.52 -20.89
CA ARG G 63 16.54 20.84 -19.49
C ARG G 63 17.44 22.04 -19.41
N SER G 64 17.27 22.85 -18.38
CA SER G 64 18.16 23.99 -18.20
C SER G 64 18.30 24.34 -16.74
N SER G 65 19.43 24.96 -16.40
CA SER G 65 19.70 25.42 -15.04
C SER G 65 19.44 24.32 -14.02
N VAL G 66 19.95 23.13 -14.28
CA VAL G 66 19.68 21.99 -13.41
C VAL G 66 20.79 20.96 -13.41
N LEU G 67 20.96 20.30 -12.27
CA LEU G 67 21.89 19.18 -12.18
C LEU G 67 21.08 17.91 -12.25
N HIS G 68 21.25 17.15 -13.33
CA HIS G 68 20.43 15.97 -13.56
C HIS G 68 21.23 14.69 -13.50
N SER G 69 20.75 13.74 -12.72
CA SER G 69 21.43 12.45 -12.57
C SER G 69 20.86 11.41 -13.51
N THR G 70 21.73 10.78 -14.29
CA THR G 70 21.30 9.77 -15.24
C THR G 70 22.30 8.62 -15.36
N GLN G 71 21.80 7.44 -15.67
CA GLN G 71 22.69 6.30 -15.91
C GLN G 71 22.57 5.83 -17.34
N ASP G 72 23.70 5.75 -18.01
CA ASP G 72 23.74 5.33 -19.41
C ASP G 72 25.14 4.87 -19.76
N LEU G 73 25.34 4.45 -20.98
CA LEU G 73 26.65 4.00 -21.40
C LEU G 73 27.50 5.18 -21.87
N PHE G 74 28.43 5.58 -21.01
CA PHE G 74 29.28 6.75 -21.24
C PHE G 74 30.73 6.33 -21.14
N LEU G 75 31.63 7.11 -21.71
CA LEU G 75 33.04 6.81 -21.53
C LEU G 75 33.43 7.24 -20.11
N PRO G 76 33.98 6.37 -19.27
CA PRO G 76 34.41 6.70 -17.93
C PRO G 76 35.46 7.81 -17.99
N PHE G 77 35.40 8.73 -17.05
CA PHE G 77 36.39 9.80 -17.04
C PHE G 77 37.76 9.27 -16.74
N PHE G 78 38.74 9.87 -17.42
CA PHE G 78 40.15 9.55 -17.31
C PHE G 78 40.48 8.12 -17.66
N SER G 79 39.62 7.48 -18.44
CA SER G 79 39.88 6.12 -18.91
C SER G 79 41.00 6.10 -19.96
N ASN G 80 41.53 4.90 -20.21
CA ASN G 80 42.57 4.62 -21.22
C ASN G 80 41.93 4.31 -22.57
N VAL G 81 42.22 5.15 -23.57
CA VAL G 81 41.68 4.97 -24.93
C VAL G 81 42.85 4.69 -25.87
N THR G 82 42.67 3.68 -26.71
CA THR G 82 43.74 3.25 -27.60
C THR G 82 43.99 4.28 -28.67
N TRP G 83 45.25 4.63 -28.85
CA TRP G 83 45.68 5.66 -29.77
C TRP G 83 46.26 5.09 -31.05
N PHE G 84 45.59 5.34 -32.17
CA PHE G 84 45.97 4.83 -33.48
C PHE G 84 46.55 5.94 -34.34
N HIS G 85 47.42 5.58 -35.30
CA HIS G 85 48.05 6.58 -36.18
C HIS G 85 47.96 6.21 -37.66
N ALA G 86 48.04 7.22 -38.51
CA ALA G 86 48.01 6.99 -39.95
C ALA G 86 49.10 7.78 -40.65
N ILE G 87 50.35 7.43 -40.35
CA ILE G 87 51.50 8.15 -40.89
C ILE G 87 52.49 7.18 -41.55
N HIS G 88 53.34 7.70 -42.46
CA HIS G 88 54.39 6.96 -43.19
C HIS G 88 53.87 5.63 -43.76
N ASP G 99 46.72 1.77 -40.10
CA ASP G 99 46.43 1.33 -38.74
C ASP G 99 44.91 1.24 -38.56
N ASN G 100 44.32 0.18 -39.15
CA ASN G 100 42.89 -0.11 -39.18
C ASN G 100 42.55 -1.54 -38.75
N PRO G 101 42.92 -1.97 -37.55
CA PRO G 101 42.74 -3.30 -37.01
C PRO G 101 41.30 -3.55 -36.64
N VAL G 102 40.94 -4.82 -36.47
CA VAL G 102 39.62 -5.13 -35.96
C VAL G 102 39.62 -4.99 -34.45
N LEU G 103 38.69 -4.23 -33.95
CA LEU G 103 38.59 -3.93 -32.54
C LEU G 103 37.31 -4.54 -31.99
N PRO G 104 37.25 -4.93 -30.71
CA PRO G 104 36.05 -5.34 -30.02
C PRO G 104 35.04 -4.21 -29.99
N PHE G 105 33.77 -4.54 -29.97
CA PHE G 105 32.72 -3.54 -29.82
C PHE G 105 32.25 -3.52 -28.37
N ASN G 106 32.36 -4.67 -27.71
CA ASN G 106 31.92 -4.87 -26.35
C ASN G 106 30.48 -4.42 -26.14
N ASP G 107 30.26 -3.49 -25.22
CA ASP G 107 28.91 -3.04 -24.91
C ASP G 107 28.64 -1.67 -25.50
N GLY G 108 29.50 -1.22 -26.39
CA GLY G 108 29.37 0.10 -26.99
C GLY G 108 30.73 0.74 -27.09
N VAL G 109 30.90 1.59 -28.09
CA VAL G 109 32.19 2.20 -28.36
C VAL G 109 32.20 3.69 -28.42
N TYR G 110 33.21 4.27 -27.79
CA TYR G 110 33.45 5.69 -27.93
C TYR G 110 34.51 5.88 -28.99
N PHE G 111 34.24 6.71 -29.96
CA PHE G 111 35.21 6.91 -31.00
C PHE G 111 35.50 8.39 -31.17
N ALA G 112 36.75 8.73 -31.37
CA ALA G 112 37.07 10.11 -31.64
C ALA G 112 38.19 10.19 -32.62
N SER G 113 38.20 11.23 -33.43
CA SER G 113 39.31 11.39 -34.35
C SER G 113 39.72 12.82 -34.53
N THR G 114 40.98 13.02 -34.87
CA THR G 114 41.49 14.34 -35.16
C THR G 114 41.98 14.36 -36.60
N GLU G 115 41.49 15.32 -37.37
CA GLU G 115 41.77 15.36 -38.78
C GLU G 115 42.44 16.61 -39.30
N LYS G 116 43.22 16.40 -40.35
CA LYS G 116 43.81 17.44 -41.16
C LYS G 116 43.48 17.22 -42.64
N SER G 117 43.06 15.99 -43.00
CA SER G 117 42.82 15.65 -44.41
C SER G 117 41.66 14.68 -44.66
N ASN G 118 40.77 14.52 -43.68
CA ASN G 118 39.60 13.63 -43.82
C ASN G 118 39.96 12.19 -44.24
N ILE G 119 40.92 11.60 -43.55
CA ILE G 119 41.34 10.22 -43.82
C ILE G 119 40.35 9.20 -43.30
N ILE G 120 39.79 9.45 -42.12
CA ILE G 120 38.86 8.50 -41.53
C ILE G 120 37.48 8.72 -42.10
N ARG G 121 36.98 7.70 -42.77
CA ARG G 121 35.72 7.88 -43.47
C ARG G 121 34.62 6.90 -43.07
N GLY G 122 34.95 5.83 -42.37
CA GLY G 122 33.86 4.91 -42.10
C GLY G 122 34.14 3.80 -41.11
N TRP G 123 33.14 2.94 -40.95
CA TRP G 123 33.17 1.83 -40.02
C TRP G 123 32.50 0.57 -40.54
N ILE G 124 32.92 -0.57 -40.03
CA ILE G 124 32.31 -1.86 -40.27
C ILE G 124 31.89 -2.46 -38.94
N PHE G 125 30.65 -2.90 -38.79
CA PHE G 125 30.25 -3.53 -37.53
C PHE G 125 29.61 -4.90 -37.79
N GLY G 126 29.90 -5.87 -36.92
CA GLY G 126 29.31 -7.20 -37.08
C GLY G 126 29.96 -8.25 -36.21
N THR G 127 29.86 -9.53 -36.64
CA THR G 127 30.42 -10.69 -35.93
C THR G 127 31.73 -11.12 -36.60
N SER G 135 25.84 -7.60 -41.54
CA SER G 135 26.96 -6.71 -41.29
C SER G 135 26.60 -5.27 -41.67
N LEU G 136 26.97 -4.31 -40.81
CA LEU G 136 26.69 -2.88 -40.97
C LEU G 136 27.89 -2.13 -41.51
N LEU G 137 27.70 -1.45 -42.63
CA LEU G 137 28.76 -0.69 -43.28
C LEU G 137 28.40 0.78 -43.43
N ILE G 138 29.19 1.65 -42.83
CA ILE G 138 28.95 3.08 -42.91
C ILE G 138 30.14 3.78 -43.55
N VAL G 139 29.92 4.42 -44.70
CA VAL G 139 31.00 5.08 -45.40
C VAL G 139 30.70 6.51 -45.82
N ASN G 140 31.58 7.43 -45.48
CA ASN G 140 31.45 8.80 -45.95
C ASN G 140 32.45 9.05 -47.09
N ASN G 141 32.01 8.90 -48.35
CA ASN G 141 32.89 9.04 -49.51
C ASN G 141 32.74 10.44 -50.15
N ALA G 142 33.75 11.30 -49.93
CA ALA G 142 33.76 12.71 -50.35
C ALA G 142 32.62 13.48 -49.66
N THR G 143 31.56 13.79 -50.41
CA THR G 143 30.46 14.58 -49.89
C THR G 143 29.20 13.79 -49.55
N ASN G 144 29.19 12.47 -49.73
CA ASN G 144 27.95 11.73 -49.53
C ASN G 144 28.08 10.48 -48.66
N VAL G 145 27.29 10.47 -47.59
CA VAL G 145 27.26 9.36 -46.65
C VAL G 145 26.37 8.22 -47.11
N VAL G 146 26.93 7.02 -47.12
CA VAL G 146 26.24 5.80 -47.51
C VAL G 146 26.18 4.79 -46.37
N ILE G 147 24.98 4.33 -46.06
CA ILE G 147 24.79 3.33 -45.02
C ILE G 147 24.14 2.07 -45.57
N LYS G 148 24.75 0.93 -45.34
CA LYS G 148 24.20 -0.34 -45.78
C LYS G 148 24.29 -1.42 -44.72
N VAL G 149 23.36 -2.36 -44.75
CA VAL G 149 23.50 -3.58 -43.96
C VAL G 149 23.54 -4.84 -44.85
N CYS G 150 24.17 -4.66 -46.03
CA CYS G 150 24.28 -5.66 -47.09
C CYS G 150 25.42 -6.64 -46.81
N GLU G 151 25.31 -7.82 -47.42
CA GLU G 151 26.39 -8.81 -47.32
C GLU G 151 27.52 -8.41 -48.27
N PHE G 152 28.18 -7.32 -47.91
CA PHE G 152 29.25 -6.71 -48.68
C PHE G 152 30.47 -7.60 -48.67
N GLN G 153 31.16 -7.70 -49.79
CA GLN G 153 32.38 -8.49 -49.81
C GLN G 153 33.55 -7.65 -49.34
N PHE G 154 34.06 -7.99 -48.18
CA PHE G 154 35.16 -7.26 -47.58
C PHE G 154 36.50 -7.86 -47.93
N CYS G 155 37.50 -7.00 -47.96
CA CYS G 155 38.88 -7.39 -48.17
C CYS G 155 39.45 -7.96 -46.88
N ASN G 156 40.58 -8.65 -46.98
CA ASN G 156 41.27 -9.14 -45.78
C ASN G 156 41.72 -7.93 -44.97
N ASP G 157 41.94 -6.84 -45.68
CA ASP G 157 42.33 -5.55 -45.12
C ASP G 157 41.58 -4.46 -45.86
N PRO G 158 40.36 -4.11 -45.42
CA PRO G 158 39.48 -3.11 -46.01
C PRO G 158 40.06 -1.73 -45.97
N PHE G 159 39.89 -0.97 -47.04
CA PHE G 159 40.30 0.42 -47.07
C PHE G 159 39.63 1.13 -48.23
N LEU G 160 39.70 2.44 -48.20
CA LEU G 160 39.17 3.27 -49.26
C LEU G 160 40.35 3.94 -49.97
N GLY G 161 40.19 4.30 -51.23
CA GLY G 161 41.27 5.00 -51.90
C GLY G 161 41.03 6.52 -51.90
N VAL G 162 42.13 7.28 -52.07
CA VAL G 162 42.10 8.74 -52.23
C VAL G 162 42.07 9.07 -53.72
N ASN G 184 21.04 -9.36 -50.20
CA ASN G 184 20.41 -9.50 -48.88
C ASN G 184 20.57 -8.21 -48.07
N CYS G 185 20.15 -7.09 -48.66
CA CYS G 185 20.18 -5.76 -48.04
C CYS G 185 18.84 -5.55 -47.34
N THR G 186 18.89 -5.29 -46.05
CA THR G 186 17.68 -5.08 -45.27
C THR G 186 17.52 -3.61 -44.90
N PHE G 187 18.49 -2.82 -45.33
CA PHE G 187 18.51 -1.38 -45.13
C PHE G 187 19.54 -0.74 -46.03
N GLU G 188 19.17 0.37 -46.63
CA GLU G 188 20.10 1.18 -47.40
C GLU G 188 19.70 2.64 -47.33
N TYR G 189 20.69 3.49 -47.12
CA TYR G 189 20.48 4.93 -47.12
C TYR G 189 21.62 5.68 -47.78
N VAL G 190 21.29 6.68 -48.58
CA VAL G 190 22.29 7.54 -49.16
C VAL G 190 21.91 9.00 -48.95
N SER G 191 22.85 9.82 -48.44
CA SER G 191 22.66 11.26 -48.23
C SER G 191 22.71 11.97 -49.58
N PHE G 205 46.22 19.12 -35.74
CA PHE G 205 44.99 18.80 -36.42
C PHE G 205 44.02 19.96 -36.22
N LYS G 206 43.05 20.08 -37.15
CA LYS G 206 42.07 21.19 -37.18
C LYS G 206 40.65 20.75 -36.83
N ASN G 207 40.32 19.49 -37.06
CA ASN G 207 38.95 19.03 -36.88
C ASN G 207 38.79 17.87 -35.92
N LEU G 208 38.06 18.08 -34.83
CA LEU G 208 37.79 16.99 -33.90
C LEU G 208 36.38 16.49 -34.07
N ARG G 209 36.28 15.21 -34.42
CA ARG G 209 35.00 14.58 -34.65
C ARG G 209 34.79 13.44 -33.68
N GLU G 210 33.87 13.64 -32.73
CA GLU G 210 33.62 12.64 -31.70
C GLU G 210 32.31 11.92 -32.00
N PHE G 211 32.29 10.61 -31.72
CA PHE G 211 31.14 9.76 -31.98
C PHE G 211 30.85 8.80 -30.84
N VAL G 212 29.60 8.41 -30.70
CA VAL G 212 29.22 7.35 -29.77
C VAL G 212 28.42 6.30 -30.51
N PHE G 213 28.83 5.04 -30.38
CA PHE G 213 28.12 3.95 -31.03
C PHE G 213 27.63 2.91 -30.02
N LYS G 214 26.32 2.76 -29.87
CA LYS G 214 25.83 1.74 -28.95
C LYS G 214 24.68 0.95 -29.56
N ASN G 215 24.58 -0.34 -29.23
CA ASN G 215 23.56 -1.21 -29.81
C ASN G 215 22.60 -1.77 -28.76
N ILE G 216 21.39 -1.21 -28.72
CA ILE G 216 20.41 -1.60 -27.70
C ILE G 216 19.14 -2.16 -28.31
N ASP G 217 18.85 -3.43 -27.99
CA ASP G 217 17.65 -4.12 -28.49
C ASP G 217 17.53 -4.02 -30.01
N GLY G 218 18.64 -4.15 -30.70
CA GLY G 218 18.66 -4.14 -32.16
C GLY G 218 18.87 -2.75 -32.75
N TYR G 219 18.81 -1.70 -31.93
CA TYR G 219 18.98 -0.35 -32.43
C TYR G 219 20.39 0.16 -32.29
N PHE G 220 20.96 0.57 -33.42
CA PHE G 220 22.30 1.12 -33.43
C PHE G 220 22.22 2.63 -33.35
N LYS G 221 22.52 3.14 -32.18
CA LYS G 221 22.35 4.54 -31.85
C LYS G 221 23.64 5.32 -32.01
N ILE G 222 23.59 6.39 -32.81
CA ILE G 222 24.76 7.18 -33.12
C ILE G 222 24.65 8.62 -32.66
N TYR G 223 25.64 9.06 -31.89
CA TYR G 223 25.74 10.44 -31.40
C TYR G 223 27.02 11.03 -31.93
N SER G 224 27.08 12.34 -32.09
CA SER G 224 28.32 12.94 -32.52
C SER G 224 28.44 14.44 -32.23
N LYS G 225 29.68 14.92 -32.34
CA LYS G 225 30.00 16.34 -32.18
C LYS G 225 31.19 16.74 -33.04
N HIS G 226 31.06 17.84 -33.74
CA HIS G 226 32.16 18.38 -34.53
C HIS G 226 32.58 19.74 -34.00
N THR G 227 33.84 19.83 -33.57
CA THR G 227 34.37 21.07 -33.03
C THR G 227 35.76 21.32 -33.61
N PRO G 228 36.14 22.58 -33.88
CA PRO G 228 37.46 22.98 -34.32
C PRO G 228 38.47 22.81 -33.20
N ILE G 229 39.68 22.40 -33.59
CA ILE G 229 40.81 22.23 -32.68
C ILE G 229 42.10 22.82 -33.23
N ASN G 230 43.10 22.98 -32.36
CA ASN G 230 44.44 23.41 -32.75
C ASN G 230 45.49 22.61 -32.01
N LEU G 231 45.64 21.35 -32.37
CA LEU G 231 46.54 20.45 -31.63
C LEU G 231 46.89 19.20 -32.44
N VAL G 232 48.18 18.90 -32.56
CA VAL G 232 48.61 17.72 -33.31
C VAL G 232 48.94 16.53 -32.42
N ARG G 233 49.56 16.81 -31.29
CA ARG G 233 50.13 15.78 -30.44
C ARG G 233 49.16 14.76 -29.84
N ASP G 234 47.99 15.20 -29.40
CA ASP G 234 47.09 14.27 -28.72
C ASP G 234 45.67 14.81 -28.64
N LEU G 235 44.74 14.06 -28.05
CA LEU G 235 43.39 14.58 -27.83
C LEU G 235 43.44 15.83 -26.97
N PRO G 236 42.75 16.92 -27.36
CA PRO G 236 42.60 18.13 -26.58
C PRO G 236 41.83 17.84 -25.30
N GLN G 237 42.19 18.51 -24.23
CA GLN G 237 41.47 18.41 -22.97
C GLN G 237 40.36 19.45 -22.93
N GLY G 238 39.20 19.07 -22.43
CA GLY G 238 38.07 19.98 -22.35
C GLY G 238 36.77 19.20 -22.26
N PHE G 239 35.65 19.90 -22.25
CA PHE G 239 34.36 19.21 -22.11
C PHE G 239 33.30 19.71 -23.09
N SER G 240 32.60 18.77 -23.71
CA SER G 240 31.47 19.05 -24.58
C SER G 240 30.61 17.80 -24.69
N ALA G 241 29.29 17.96 -24.78
CA ALA G 241 28.42 16.80 -24.94
C ALA G 241 28.06 16.57 -26.39
N LEU G 242 27.89 15.30 -26.75
CA LEU G 242 27.52 14.88 -28.11
C LEU G 242 26.01 14.71 -28.29
N GLU G 243 25.52 14.97 -29.49
CA GLU G 243 24.09 14.91 -29.77
C GLU G 243 23.75 13.70 -30.63
N PRO G 244 22.57 13.08 -30.45
CA PRO G 244 22.07 11.97 -31.25
C PRO G 244 21.75 12.44 -32.65
N LEU G 245 22.02 11.59 -33.64
CA LEU G 245 21.66 11.91 -35.01
C LEU G 245 20.90 10.78 -35.70
N VAL G 246 21.40 9.56 -35.51
CA VAL G 246 20.89 8.41 -36.27
C VAL G 246 20.56 7.25 -35.34
N ASP G 247 19.50 6.52 -35.66
CA ASP G 247 19.12 5.35 -34.88
C ASP G 247 18.60 4.27 -35.83
N LEU G 248 19.43 3.26 -36.12
CA LEU G 248 19.09 2.27 -37.13
C LEU G 248 18.52 0.96 -36.56
N PRO G 249 17.35 0.51 -37.02
CA PRO G 249 16.68 -0.74 -36.64
C PRO G 249 17.29 -1.91 -37.38
N ILE G 250 18.53 -2.23 -37.07
CA ILE G 250 19.26 -3.24 -37.83
C ILE G 250 19.11 -4.68 -37.30
N GLY G 251 19.09 -4.87 -36.00
CA GLY G 251 18.93 -6.22 -35.44
C GLY G 251 20.22 -7.05 -35.52
N ILE G 252 21.33 -6.41 -35.86
CA ILE G 252 22.61 -7.09 -36.04
C ILE G 252 23.33 -7.29 -34.71
N ASN G 253 23.80 -8.54 -34.49
CA ASN G 253 24.56 -8.89 -33.29
C ASN G 253 26.02 -8.45 -33.45
N ILE G 254 26.26 -7.15 -33.20
CA ILE G 254 27.59 -6.54 -33.34
C ILE G 254 28.45 -6.86 -32.13
N THR G 255 29.60 -7.48 -32.38
CA THR G 255 30.51 -7.86 -31.32
C THR G 255 31.88 -7.25 -31.55
N ARG G 256 32.15 -6.92 -32.81
CA ARG G 256 33.43 -6.36 -33.27
C ARG G 256 33.19 -5.29 -34.31
N PHE G 257 34.17 -4.40 -34.49
CA PHE G 257 34.06 -3.41 -35.54
C PHE G 257 35.43 -3.05 -36.09
N GLN G 258 35.45 -2.43 -37.24
CA GLN G 258 36.70 -2.00 -37.85
C GLN G 258 36.54 -0.62 -38.46
N THR G 259 37.59 0.19 -38.43
CA THR G 259 37.49 1.50 -39.02
C THR G 259 37.94 1.48 -40.47
N LEU G 260 37.56 2.51 -41.22
CA LEU G 260 37.97 2.64 -42.61
C LEU G 260 38.76 3.93 -42.86
N LEU G 261 39.97 3.75 -43.37
CA LEU G 261 40.87 4.85 -43.68
C LEU G 261 41.05 4.98 -45.20
N ALA G 262 41.21 6.20 -45.68
CA ALA G 262 41.51 6.45 -47.09
C ALA G 262 43.02 6.46 -47.31
N LEU G 263 43.48 5.67 -48.27
CA LEU G 263 44.91 5.57 -48.55
C LEU G 263 45.28 6.18 -49.90
N HIS G 264 46.48 6.78 -49.98
CA HIS G 264 47.01 7.40 -51.20
C HIS G 264 47.69 6.36 -52.07
N ALA G 282 46.68 11.36 -39.45
CA ALA G 282 45.29 11.28 -39.03
C ALA G 282 45.13 10.23 -37.93
N ALA G 283 45.23 10.68 -36.67
CA ALA G 283 45.11 9.83 -35.49
C ALA G 283 43.66 9.65 -35.08
N TYR G 284 43.39 8.55 -34.40
CA TYR G 284 42.07 8.34 -33.84
C TYR G 284 42.15 7.55 -32.54
N TYR G 285 41.09 7.63 -31.77
CA TYR G 285 41.09 7.04 -30.45
C TYR G 285 39.87 6.17 -30.22
N VAL G 286 40.07 5.01 -29.60
CA VAL G 286 38.95 4.13 -29.31
C VAL G 286 38.85 3.75 -27.85
N GLY G 287 37.70 4.03 -27.27
CA GLY G 287 37.43 3.70 -25.88
C GLY G 287 36.16 2.87 -25.80
N TYR G 288 35.79 2.49 -24.59
CA TYR G 288 34.57 1.72 -24.42
C TYR G 288 33.66 2.33 -23.40
N LEU G 289 32.37 2.20 -23.66
CA LEU G 289 31.36 2.79 -22.81
C LEU G 289 31.01 1.85 -21.66
N GLN G 290 30.65 2.43 -20.53
CA GLN G 290 30.23 1.67 -19.36
C GLN G 290 28.97 2.29 -18.78
N PRO G 291 28.13 1.51 -18.10
CA PRO G 291 26.89 1.94 -17.46
C PRO G 291 27.15 2.73 -16.19
N ARG G 292 27.81 3.86 -16.36
CA ARG G 292 28.15 4.75 -15.27
C ARG G 292 27.04 5.73 -15.03
N THR G 293 26.95 6.20 -13.80
CA THR G 293 26.01 7.24 -13.49
C THR G 293 26.74 8.56 -13.53
N PHE G 294 26.16 9.51 -14.22
CA PHE G 294 26.70 10.84 -14.29
C PHE G 294 25.76 11.89 -13.77
N LEU G 295 26.34 12.89 -13.13
CA LEU G 295 25.59 14.07 -12.75
C LEU G 295 25.90 15.10 -13.82
N LEU G 296 24.90 15.48 -14.58
CA LEU G 296 25.12 16.39 -15.70
C LEU G 296 24.67 17.80 -15.37
N LYS G 297 25.54 18.76 -15.61
CA LYS G 297 25.22 20.15 -15.33
C LYS G 297 24.77 20.89 -16.57
N TYR G 298 23.50 21.27 -16.58
CA TYR G 298 22.90 22.01 -17.69
C TYR G 298 22.89 23.49 -17.35
N ASN G 299 23.41 24.31 -18.25
CA ASN G 299 23.45 25.74 -18.02
C ASN G 299 22.12 26.36 -18.40
N GLU G 300 22.08 27.68 -18.40
CA GLU G 300 20.84 28.42 -18.66
C GLU G 300 20.27 28.24 -20.08
N ASN G 301 21.10 27.79 -21.05
CA ASN G 301 20.69 27.56 -22.43
C ASN G 301 20.47 26.07 -22.73
N GLY G 302 20.51 25.22 -21.69
CA GLY G 302 20.30 23.78 -21.80
C GLY G 302 21.51 23.04 -22.35
N THR G 303 22.67 23.65 -22.24
CA THR G 303 23.89 23.04 -22.72
C THR G 303 24.57 22.33 -21.57
N ILE G 304 25.01 21.10 -21.79
CA ILE G 304 25.71 20.43 -20.72
C ILE G 304 27.10 21.04 -20.70
N THR G 305 27.47 21.63 -19.59
CA THR G 305 28.76 22.32 -19.52
C THR G 305 29.73 21.59 -18.62
N ASP G 306 29.22 20.74 -17.76
CA ASP G 306 30.10 19.96 -16.90
C ASP G 306 29.47 18.61 -16.57
N ALA G 307 30.21 17.77 -15.87
CA ALA G 307 29.67 16.48 -15.47
C ALA G 307 30.51 15.82 -14.37
N VAL G 308 29.87 14.99 -13.56
CA VAL G 308 30.59 14.19 -12.57
C VAL G 308 30.44 12.71 -12.83
N ASP G 309 31.56 12.02 -12.97
CA ASP G 309 31.55 10.58 -13.12
C ASP G 309 31.49 9.98 -11.72
N CYS G 310 30.32 9.46 -11.34
CA CYS G 310 30.01 9.07 -9.96
C CYS G 310 30.83 7.88 -9.50
N ALA G 311 31.56 7.22 -10.39
CA ALA G 311 32.36 6.09 -9.97
C ALA G 311 33.86 6.32 -10.23
N LEU G 312 34.24 7.58 -10.46
CA LEU G 312 35.63 7.91 -10.71
C LEU G 312 36.51 7.85 -9.47
N ASP G 313 36.06 8.49 -8.40
CA ASP G 313 36.81 8.55 -7.15
C ASP G 313 35.82 8.91 -6.03
N PRO G 314 36.22 8.86 -4.74
CA PRO G 314 35.39 9.15 -3.60
C PRO G 314 34.88 10.59 -3.54
N LEU G 315 35.52 11.51 -4.23
CA LEU G 315 35.03 12.89 -4.15
C LEU G 315 33.88 13.03 -5.10
N SER G 316 34.00 12.37 -6.23
CA SER G 316 32.95 12.38 -7.22
C SER G 316 31.73 11.70 -6.63
N GLU G 317 31.95 10.65 -5.85
CA GLU G 317 30.84 9.96 -5.21
C GLU G 317 30.10 10.92 -4.28
N THR G 318 30.85 11.74 -3.54
CA THR G 318 30.22 12.72 -2.66
C THR G 318 29.46 13.74 -3.47
N LYS G 319 30.05 14.24 -4.55
CA LYS G 319 29.37 15.23 -5.38
C LYS G 319 28.04 14.71 -5.94
N CYS G 320 28.00 13.45 -6.40
CA CYS G 320 26.78 12.83 -6.91
C CYS G 320 25.77 12.62 -5.78
N THR G 321 26.24 12.20 -4.63
CA THR G 321 25.36 11.95 -3.48
C THR G 321 24.64 13.22 -3.06
N LEU G 322 25.36 14.32 -3.05
CA LEU G 322 24.83 15.60 -2.62
C LEU G 322 24.20 16.38 -3.78
N LYS G 323 24.23 15.81 -4.97
CA LYS G 323 23.70 16.47 -6.16
C LYS G 323 24.26 17.87 -6.32
N SER G 324 25.57 18.00 -6.21
CA SER G 324 26.21 19.30 -6.35
C SER G 324 27.63 19.16 -6.85
N PHE G 325 28.12 20.20 -7.52
CA PHE G 325 29.49 20.19 -8.00
C PHE G 325 30.44 20.82 -7.00
N THR G 326 29.88 21.26 -5.88
CA THR G 326 30.66 21.83 -4.80
C THR G 326 30.35 21.06 -3.52
N VAL G 327 31.39 20.68 -2.80
CA VAL G 327 31.20 19.95 -1.56
C VAL G 327 31.71 20.74 -0.37
N GLU G 328 30.82 20.96 0.57
CA GLU G 328 31.14 21.71 1.78
C GLU G 328 32.01 20.86 2.69
N LYS G 329 32.78 21.53 3.53
CA LYS G 329 33.64 20.84 4.47
C LYS G 329 32.86 19.93 5.40
N GLY G 330 33.33 18.71 5.56
CA GLY G 330 32.66 17.79 6.47
C GLY G 330 32.84 16.33 6.07
N ILE G 331 32.07 15.47 6.73
CA ILE G 331 32.11 14.04 6.48
C ILE G 331 30.76 13.61 5.92
N TYR G 332 30.77 12.90 4.81
CA TYR G 332 29.52 12.50 4.19
C TYR G 332 29.47 11.01 3.93
N GLN G 333 28.34 10.39 4.25
CA GLN G 333 28.19 8.99 3.95
C GLN G 333 27.67 8.88 2.54
N THR G 334 28.39 8.18 1.67
CA THR G 334 28.01 8.14 0.27
C THR G 334 27.68 6.76 -0.24
N SER G 335 28.19 5.73 0.40
CA SER G 335 27.97 4.39 -0.14
C SER G 335 28.11 3.33 0.92
N ASN G 336 28.13 2.08 0.46
CA ASN G 336 28.24 0.92 1.30
C ASN G 336 29.21 -0.09 0.73
N PHE G 337 30.19 -0.44 1.53
CA PHE G 337 31.21 -1.39 1.18
C PHE G 337 30.68 -2.77 1.36
N ARG G 338 30.86 -3.62 0.38
CA ARG G 338 30.45 -5.00 0.50
C ARG G 338 31.48 -5.91 -0.13
N VAL G 339 31.89 -6.90 0.62
CA VAL G 339 32.79 -7.90 0.10
C VAL G 339 32.01 -8.78 -0.85
N GLN G 340 32.57 -8.99 -2.03
CA GLN G 340 31.88 -9.77 -3.03
C GLN G 340 32.27 -11.24 -2.94
N PRO G 341 31.38 -12.15 -3.32
CA PRO G 341 31.63 -13.57 -3.40
C PRO G 341 32.64 -13.79 -4.50
N THR G 342 33.48 -14.79 -4.33
CA THR G 342 34.50 -15.07 -5.33
C THR G 342 34.21 -16.32 -6.16
N GLU G 343 33.36 -17.19 -5.62
CA GLU G 343 32.97 -18.43 -6.28
C GLU G 343 31.62 -18.84 -5.76
N SER G 344 30.95 -19.73 -6.48
CA SER G 344 29.69 -20.27 -6.00
C SER G 344 29.86 -21.66 -5.44
N ILE G 345 29.14 -21.96 -4.38
CA ILE G 345 29.18 -23.27 -3.74
C ILE G 345 27.82 -23.92 -3.78
N VAL G 346 27.67 -24.92 -4.62
CA VAL G 346 26.40 -25.60 -4.79
C VAL G 346 26.47 -27.01 -4.24
N ARG G 347 25.62 -27.29 -3.26
CA ARG G 347 25.66 -28.59 -2.61
C ARG G 347 24.28 -29.24 -2.52
N PHE G 348 24.21 -30.47 -3.01
CA PHE G 348 23.04 -31.33 -2.94
C PHE G 348 23.50 -32.69 -2.47
N PRO G 349 22.65 -33.51 -1.87
CA PRO G 349 22.98 -34.86 -1.48
C PRO G 349 23.35 -35.61 -2.75
N ASN G 350 24.39 -36.47 -2.71
CA ASN G 350 24.83 -37.17 -3.91
C ASN G 350 23.96 -38.42 -4.17
N ILE G 351 22.81 -38.15 -4.80
CA ILE G 351 21.79 -39.14 -5.16
C ILE G 351 21.94 -39.49 -6.63
N THR G 352 22.02 -40.78 -6.93
CA THR G 352 22.18 -41.22 -8.32
C THR G 352 20.91 -41.88 -8.85
N ASN G 353 19.92 -42.03 -7.98
CA ASN G 353 18.66 -42.64 -8.34
C ASN G 353 17.87 -41.66 -9.18
N LEU G 354 17.12 -42.14 -10.16
CA LEU G 354 16.28 -41.24 -10.93
C LEU G 354 14.83 -41.40 -10.49
N CYS G 355 14.08 -40.29 -10.44
CA CYS G 355 12.69 -40.29 -10.02
C CYS G 355 11.78 -40.94 -11.06
N PRO G 356 10.96 -41.90 -10.67
CA PRO G 356 10.10 -42.72 -11.52
C PRO G 356 8.86 -41.97 -11.98
N PHE G 357 9.06 -40.88 -12.72
CA PHE G 357 7.94 -40.14 -13.26
C PHE G 357 7.33 -40.90 -14.42
N GLY G 358 8.15 -41.67 -15.12
CA GLY G 358 7.63 -42.46 -16.24
C GLY G 358 6.58 -43.44 -15.75
N GLU G 359 6.72 -43.91 -14.52
CA GLU G 359 5.81 -44.87 -13.94
C GLU G 359 4.51 -44.22 -13.48
N VAL G 360 4.44 -42.91 -13.57
CA VAL G 360 3.26 -42.15 -13.21
C VAL G 360 2.55 -41.68 -14.46
N PHE G 361 3.30 -41.07 -15.35
CA PHE G 361 2.77 -40.48 -16.58
C PHE G 361 2.49 -41.51 -17.69
N ASN G 362 3.35 -42.54 -17.80
CA ASN G 362 3.21 -43.60 -18.81
C ASN G 362 2.72 -44.92 -18.17
N ALA G 363 1.98 -44.81 -17.04
CA ALA G 363 1.40 -45.93 -16.31
C ALA G 363 0.39 -46.66 -17.18
N THR G 364 0.31 -47.98 -17.02
CA THR G 364 -0.63 -48.75 -17.81
C THR G 364 -2.05 -48.24 -17.60
N ARG G 365 -2.41 -48.01 -16.34
CA ARG G 365 -3.74 -47.52 -15.99
C ARG G 365 -3.69 -46.45 -14.91
N PHE G 366 -4.60 -45.50 -15.03
CA PHE G 366 -4.85 -44.51 -14.00
C PHE G 366 -6.07 -44.92 -13.19
N ALA G 367 -6.07 -44.55 -11.93
CA ALA G 367 -7.18 -44.84 -11.03
C ALA G 367 -8.37 -43.95 -11.31
N SER G 368 -9.53 -44.38 -10.82
CA SER G 368 -10.73 -43.58 -10.88
C SER G 368 -10.57 -42.36 -10.01
N VAL G 369 -11.26 -41.28 -10.35
CA VAL G 369 -11.15 -40.06 -9.58
C VAL G 369 -11.64 -40.22 -8.16
N TYR G 370 -12.61 -41.09 -7.92
CA TYR G 370 -13.11 -41.29 -6.56
C TYR G 370 -12.10 -41.99 -5.66
N ALA G 371 -11.15 -42.70 -6.28
CA ALA G 371 -10.17 -43.48 -5.54
C ALA G 371 -8.82 -43.28 -6.19
N TRP G 372 -8.37 -42.04 -6.18
CA TRP G 372 -7.16 -41.63 -6.86
C TRP G 372 -5.93 -42.21 -6.18
N ASN G 373 -4.88 -42.48 -6.96
CA ASN G 373 -3.67 -43.03 -6.37
C ASN G 373 -2.78 -41.93 -5.85
N ARG G 374 -2.01 -42.21 -4.81
CA ARG G 374 -1.05 -41.25 -4.27
C ARG G 374 0.33 -41.88 -4.17
N LYS G 375 1.19 -41.60 -5.14
CA LYS G 375 2.50 -42.21 -5.17
C LYS G 375 3.56 -41.30 -4.56
N ARG G 376 4.37 -41.85 -3.67
CA ARG G 376 5.42 -41.08 -3.05
C ARG G 376 6.71 -41.12 -3.86
N ILE G 377 7.25 -39.94 -4.12
CA ILE G 377 8.51 -39.79 -4.82
C ILE G 377 9.56 -39.30 -3.82
N SER G 378 10.63 -40.07 -3.66
CA SER G 378 11.68 -39.72 -2.70
C SER G 378 13.04 -40.32 -3.06
N ASN G 379 14.08 -39.75 -2.45
CA ASN G 379 15.45 -40.24 -2.57
C ASN G 379 15.88 -40.45 -4.02
N CYS G 380 15.68 -39.42 -4.85
CA CYS G 380 15.91 -39.50 -6.29
C CYS G 380 16.19 -38.13 -6.92
N VAL G 381 16.62 -38.18 -8.17
CA VAL G 381 16.87 -36.98 -8.96
C VAL G 381 15.70 -36.72 -9.88
N ALA G 382 15.11 -35.55 -9.72
CA ALA G 382 13.91 -35.21 -10.45
C ALA G 382 14.18 -34.23 -11.57
N ASP G 383 14.16 -34.74 -12.79
CA ASP G 383 14.38 -33.89 -13.95
C ASP G 383 13.03 -33.44 -14.47
N TYR G 384 12.70 -32.18 -14.24
CA TYR G 384 11.38 -31.68 -14.57
C TYR G 384 11.35 -31.04 -15.93
N SER G 385 12.51 -31.02 -16.61
CA SER G 385 12.54 -30.39 -17.92
C SER G 385 11.87 -31.31 -18.90
N VAL G 386 11.87 -32.60 -18.58
CA VAL G 386 11.25 -33.58 -19.45
C VAL G 386 9.76 -33.38 -19.47
N LEU G 387 9.17 -33.25 -18.28
CA LEU G 387 7.75 -33.09 -18.18
C LEU G 387 7.31 -31.74 -18.71
N TYR G 388 8.10 -30.71 -18.47
CA TYR G 388 7.74 -29.38 -18.92
C TYR G 388 7.86 -29.22 -20.42
N ASN G 389 8.96 -29.72 -20.99
CA ASN G 389 9.20 -29.60 -22.41
C ASN G 389 8.28 -30.50 -23.22
N SER G 390 7.87 -31.62 -22.64
CA SER G 390 6.98 -32.52 -23.36
C SER G 390 5.74 -31.80 -23.87
N ALA G 391 5.51 -31.94 -25.17
CA ALA G 391 4.39 -31.29 -25.84
C ALA G 391 3.12 -32.13 -25.80
N SER G 392 3.20 -33.30 -25.20
CA SER G 392 2.06 -34.20 -25.16
C SER G 392 1.00 -33.74 -24.17
N PHE G 393 1.35 -32.81 -23.31
CA PHE G 393 0.42 -32.38 -22.27
C PHE G 393 -0.52 -31.29 -22.78
N SER G 394 -1.80 -31.38 -22.40
CA SER G 394 -2.77 -30.39 -22.79
C SER G 394 -2.65 -29.17 -21.89
N THR G 395 -2.24 -29.44 -20.65
CA THR G 395 -2.04 -28.37 -19.70
C THR G 395 -0.92 -28.72 -18.72
N PHE G 396 -0.24 -27.68 -18.26
CA PHE G 396 0.81 -27.79 -17.27
C PHE G 396 0.76 -26.52 -16.44
N LYS G 397 -0.17 -26.47 -15.50
CA LYS G 397 -0.39 -25.26 -14.75
C LYS G 397 0.17 -25.36 -13.33
N CYS G 398 1.10 -24.46 -12.99
CA CYS G 398 1.72 -24.43 -11.68
C CYS G 398 1.12 -23.31 -10.84
N TYR G 399 0.76 -23.70 -9.62
CA TYR G 399 0.18 -22.79 -8.63
C TYR G 399 1.23 -22.45 -7.59
N GLY G 400 2.21 -23.34 -7.44
CA GLY G 400 3.25 -23.18 -6.46
C GLY G 400 4.41 -22.34 -6.98
N VAL G 401 5.22 -22.94 -7.83
CA VAL G 401 6.41 -22.27 -8.34
C VAL G 401 6.44 -22.31 -9.85
N SER G 402 7.28 -21.49 -10.45
CA SER G 402 7.41 -21.50 -11.90
C SER G 402 8.03 -22.83 -12.32
N PRO G 403 7.50 -23.49 -13.36
CA PRO G 403 7.88 -24.81 -13.82
C PRO G 403 9.33 -24.96 -14.26
N THR G 404 9.97 -23.84 -14.57
CA THR G 404 11.35 -23.91 -15.03
C THR G 404 12.34 -23.81 -13.89
N LYS G 405 11.85 -23.47 -12.70
CA LYS G 405 12.67 -23.33 -11.51
C LYS G 405 12.77 -24.64 -10.75
N LEU G 406 11.97 -25.61 -11.17
CA LEU G 406 11.85 -26.89 -10.47
C LEU G 406 13.12 -27.72 -10.52
N ASN G 407 14.04 -27.34 -11.38
CA ASN G 407 15.30 -28.06 -11.46
C ASN G 407 16.37 -27.51 -10.52
N ASP G 408 16.22 -26.25 -10.09
CA ASP G 408 17.20 -25.64 -9.19
C ASP G 408 16.77 -25.82 -7.75
N LEU G 409 15.45 -25.81 -7.57
CA LEU G 409 14.76 -25.93 -6.32
C LEU G 409 14.61 -27.40 -5.98
N CYS G 410 14.57 -27.79 -4.69
CA CYS G 410 14.25 -29.18 -4.37
C CYS G 410 13.47 -29.34 -3.09
N PHE G 411 12.95 -30.56 -2.90
CA PHE G 411 11.87 -30.79 -1.97
C PHE G 411 12.11 -31.88 -0.94
N THR G 412 11.37 -31.77 0.17
CA THR G 412 11.41 -32.77 1.23
C THR G 412 10.71 -34.02 0.73
N ASN G 413 9.68 -33.81 -0.08
CA ASN G 413 8.99 -34.91 -0.74
C ASN G 413 8.13 -34.41 -1.88
N VAL G 414 7.81 -35.31 -2.81
CA VAL G 414 6.85 -35.00 -3.86
C VAL G 414 5.82 -36.11 -3.97
N TYR G 415 4.55 -35.75 -4.01
CA TYR G 415 3.53 -36.76 -4.19
C TYR G 415 2.80 -36.59 -5.50
N ALA G 416 2.61 -37.71 -6.19
CA ALA G 416 1.92 -37.68 -7.46
C ALA G 416 0.54 -38.30 -7.35
N ASP G 417 -0.47 -37.45 -7.46
CA ASP G 417 -1.85 -37.90 -7.38
C ASP G 417 -2.34 -38.21 -8.78
N SER G 418 -2.61 -39.49 -9.05
CA SER G 418 -2.89 -39.96 -10.41
C SER G 418 -4.29 -40.55 -10.60
N PHE G 419 -5.05 -39.92 -11.49
CA PHE G 419 -6.42 -40.35 -11.75
C PHE G 419 -7.02 -39.87 -13.08
N VAL G 420 -8.13 -40.50 -13.48
CA VAL G 420 -8.86 -40.11 -14.70
C VAL G 420 -10.08 -39.27 -14.44
N ILE G 421 -10.21 -38.19 -15.19
CA ILE G 421 -11.34 -37.28 -15.15
C ILE G 421 -11.90 -37.01 -16.53
N ARG G 422 -13.05 -36.36 -16.58
CA ARG G 422 -13.60 -35.91 -17.85
C ARG G 422 -12.95 -34.58 -18.23
N GLY G 423 -12.76 -34.32 -19.52
CA GLY G 423 -12.08 -33.11 -19.97
C GLY G 423 -12.63 -31.80 -19.40
N ASP G 424 -13.93 -31.68 -19.27
CA ASP G 424 -14.50 -30.44 -18.72
C ASP G 424 -14.24 -30.28 -17.22
N GLU G 425 -13.73 -31.33 -16.58
CA GLU G 425 -13.47 -31.32 -15.16
C GLU G 425 -12.04 -30.88 -14.85
N VAL G 426 -11.24 -30.62 -15.89
CA VAL G 426 -9.87 -30.19 -15.70
C VAL G 426 -9.83 -28.91 -14.90
N ARG G 427 -10.78 -28.03 -15.17
CA ARG G 427 -10.87 -26.73 -14.51
C ARG G 427 -11.13 -26.83 -13.01
N GLN G 428 -11.59 -27.99 -12.53
CA GLN G 428 -11.90 -28.12 -11.12
C GLN G 428 -10.66 -28.47 -10.31
N ILE G 429 -9.59 -28.90 -10.97
CA ILE G 429 -8.44 -29.30 -10.19
C ILE G 429 -7.51 -28.13 -10.00
N ALA G 430 -7.85 -27.33 -9.02
CA ALA G 430 -7.12 -26.13 -8.70
C ALA G 430 -7.53 -25.65 -7.32
N PRO G 431 -6.68 -24.93 -6.60
CA PRO G 431 -6.99 -24.29 -5.35
C PRO G 431 -8.07 -23.26 -5.59
N GLY G 432 -9.02 -23.17 -4.68
CA GLY G 432 -10.09 -22.19 -4.79
C GLY G 432 -11.28 -22.65 -5.64
N GLN G 433 -11.20 -23.85 -6.23
CA GLN G 433 -12.30 -24.31 -7.08
C GLN G 433 -13.27 -25.23 -6.36
N THR G 434 -14.49 -25.27 -6.87
CA THR G 434 -15.57 -26.12 -6.39
C THR G 434 -16.15 -26.91 -7.55
N GLY G 435 -17.01 -27.88 -7.26
CA GLY G 435 -17.60 -28.68 -8.33
C GLY G 435 -17.73 -30.13 -7.90
N LYS G 436 -18.27 -30.97 -8.76
CA LYS G 436 -18.53 -32.34 -8.33
C LYS G 436 -17.25 -33.07 -7.95
N ILE G 437 -16.16 -32.79 -8.66
CA ILE G 437 -14.91 -33.45 -8.35
C ILE G 437 -14.24 -32.73 -7.22
N ALA G 438 -14.15 -31.42 -7.34
CA ALA G 438 -13.47 -30.64 -6.32
C ALA G 438 -14.08 -30.87 -4.94
N ASP G 439 -15.39 -31.07 -4.88
CA ASP G 439 -16.06 -31.26 -3.61
C ASP G 439 -16.19 -32.72 -3.16
N TYR G 440 -16.44 -33.67 -4.07
CA TYR G 440 -16.66 -35.05 -3.60
C TYR G 440 -15.56 -36.07 -3.93
N ASN G 441 -14.63 -35.75 -4.83
CA ASN G 441 -13.62 -36.75 -5.18
C ASN G 441 -12.18 -36.34 -4.94
N TYR G 442 -11.85 -35.13 -5.28
CA TYR G 442 -10.46 -34.71 -5.22
C TYR G 442 -10.33 -33.24 -4.86
N LYS G 443 -10.10 -32.99 -3.58
CA LYS G 443 -10.02 -31.65 -3.05
C LYS G 443 -8.58 -31.23 -2.85
N LEU G 444 -8.22 -30.06 -3.37
CA LEU G 444 -6.90 -29.51 -3.12
C LEU G 444 -7.01 -28.44 -2.05
N PRO G 445 -5.94 -28.20 -1.29
CA PRO G 445 -5.79 -27.09 -0.39
C PRO G 445 -5.87 -25.82 -1.20
N ASP G 446 -6.40 -24.75 -0.62
CA ASP G 446 -6.50 -23.50 -1.37
C ASP G 446 -5.15 -22.81 -1.40
N ASP G 447 -4.22 -23.32 -0.61
CA ASP G 447 -2.85 -22.87 -0.55
C ASP G 447 -1.93 -23.90 -1.18
N PHE G 448 -2.49 -24.74 -2.05
CA PHE G 448 -1.76 -25.79 -2.74
C PHE G 448 -0.50 -25.32 -3.42
N THR G 449 0.58 -26.04 -3.18
CA THR G 449 1.86 -25.76 -3.81
C THR G 449 2.22 -26.90 -4.74
N GLY G 450 2.35 -26.58 -6.01
CA GLY G 450 2.67 -27.60 -7.00
C GLY G 450 2.10 -27.30 -8.36
N CYS G 451 2.02 -28.37 -9.19
CA CYS G 451 1.63 -28.28 -10.60
C CYS G 451 0.62 -29.36 -10.99
N VAL G 452 -0.36 -28.96 -11.80
CA VAL G 452 -1.37 -29.86 -12.32
C VAL G 452 -1.13 -30.12 -13.80
N ILE G 453 -0.86 -31.37 -14.12
CA ILE G 453 -0.51 -31.74 -15.48
C ILE G 453 -1.56 -32.69 -16.05
N ALA G 454 -2.10 -32.40 -17.22
CA ALA G 454 -3.11 -33.29 -17.76
C ALA G 454 -3.06 -33.38 -19.29
N TRP G 455 -3.54 -34.51 -19.81
CA TRP G 455 -3.58 -34.74 -21.24
C TRP G 455 -4.73 -35.62 -21.65
N ASN G 456 -5.13 -35.52 -22.91
CA ASN G 456 -6.22 -36.33 -23.43
C ASN G 456 -5.82 -37.79 -23.56
N SER G 457 -6.75 -38.68 -23.20
CA SER G 457 -6.56 -40.11 -23.33
C SER G 457 -7.64 -40.72 -24.22
N ASN G 458 -8.19 -39.88 -25.10
CA ASN G 458 -9.24 -40.31 -26.03
C ASN G 458 -8.74 -41.42 -26.95
N ASN G 459 -7.45 -41.43 -27.23
CA ASN G 459 -6.86 -42.45 -28.09
C ASN G 459 -6.19 -43.55 -27.28
N LEU G 460 -6.48 -43.62 -25.98
CA LEU G 460 -5.88 -44.60 -25.11
C LEU G 460 -6.89 -45.36 -24.25
N ASP G 461 -7.68 -44.61 -23.47
CA ASP G 461 -8.63 -45.24 -22.55
C ASP G 461 -10.01 -45.39 -23.16
N SER G 462 -10.41 -44.48 -24.05
CA SER G 462 -11.76 -44.55 -24.60
C SER G 462 -12.01 -45.84 -25.37
N LYS G 463 -13.26 -46.37 -25.31
CA LYS G 463 -13.65 -47.61 -26.02
C LYS G 463 -15.01 -47.43 -26.68
N GLY G 466 -18.12 -48.23 -25.03
CA GLY G 466 -17.79 -47.20 -24.06
C GLY G 466 -16.99 -47.78 -22.88
N ASN G 467 -16.00 -47.02 -22.41
CA ASN G 467 -15.17 -47.38 -21.26
C ASN G 467 -15.78 -46.80 -20.00
N TYR G 468 -16.36 -47.67 -19.18
CA TYR G 468 -17.08 -47.28 -17.97
C TYR G 468 -16.34 -47.73 -16.72
N ASN G 469 -15.03 -47.86 -16.82
CA ASN G 469 -14.23 -48.36 -15.72
C ASN G 469 -13.77 -47.25 -14.79
N TYR G 470 -14.22 -46.04 -15.05
CA TYR G 470 -13.83 -44.91 -14.24
C TYR G 470 -15.02 -44.34 -13.50
N LEU G 471 -14.93 -44.34 -12.18
CA LEU G 471 -16.03 -43.87 -11.35
C LEU G 471 -15.73 -42.55 -10.67
N TYR G 472 -16.77 -41.76 -10.47
CA TYR G 472 -16.71 -40.53 -9.72
C TYR G 472 -17.85 -40.52 -8.72
N ARG G 473 -17.75 -39.67 -7.71
CA ARG G 473 -18.78 -39.64 -6.70
C ARG G 473 -19.85 -38.67 -7.11
N LEU G 474 -21.06 -39.18 -7.22
CA LEU G 474 -22.20 -38.39 -7.65
C LEU G 474 -22.95 -37.87 -6.44
N PHE G 475 -23.01 -38.70 -5.39
CA PHE G 475 -23.70 -38.30 -4.17
C PHE G 475 -22.81 -38.44 -2.95
N ARG G 476 -22.90 -37.48 -2.05
CA ARG G 476 -22.20 -37.49 -0.77
C ARG G 476 -22.93 -36.53 0.16
N LYS G 477 -22.71 -36.63 1.46
CA LYS G 477 -23.41 -35.78 2.41
C LYS G 477 -22.71 -34.45 2.71
N SER G 478 -21.41 -34.40 2.44
CA SER G 478 -20.61 -33.22 2.72
C SER G 478 -19.41 -33.18 1.79
N ASN G 479 -18.66 -32.08 1.84
CA ASN G 479 -17.49 -31.95 0.98
C ASN G 479 -16.29 -32.64 1.60
N LEU G 480 -15.30 -32.94 0.78
CA LEU G 480 -14.05 -33.57 1.22
C LEU G 480 -13.05 -32.61 1.82
N LYS G 481 -12.21 -33.13 2.69
CA LYS G 481 -11.06 -32.39 3.16
C LYS G 481 -9.95 -32.54 2.11
N PRO G 482 -8.98 -31.64 2.06
CA PRO G 482 -7.87 -31.71 1.14
C PRO G 482 -7.18 -33.06 1.23
N PHE G 483 -6.93 -33.64 0.06
CA PHE G 483 -6.27 -34.93 -0.11
C PHE G 483 -6.98 -36.10 0.56
N GLU G 484 -8.27 -35.98 0.81
CA GLU G 484 -9.05 -37.08 1.34
C GLU G 484 -9.37 -38.12 0.26
N ARG G 485 -9.34 -39.38 0.64
CA ARG G 485 -9.70 -40.49 -0.25
C ARG G 485 -10.90 -41.24 0.31
N ASP G 486 -12.11 -40.91 -0.16
CA ASP G 486 -13.37 -41.47 0.35
C ASP G 486 -13.69 -42.80 -0.36
N CYS G 499 -34.03 -46.27 2.77
CA CYS G 499 -32.70 -46.30 2.18
C CYS G 499 -31.82 -47.25 2.97
N ASN G 500 -32.44 -48.05 3.82
CA ASN G 500 -31.71 -48.95 4.69
C ASN G 500 -31.31 -50.22 3.97
N GLY G 501 -30.36 -50.08 3.05
CA GLY G 501 -29.84 -51.19 2.26
C GLY G 501 -30.57 -51.36 0.93
N VAL G 502 -31.68 -50.65 0.79
CA VAL G 502 -32.51 -50.73 -0.40
C VAL G 502 -32.39 -49.47 -1.24
N GLU G 503 -31.78 -49.59 -2.41
CA GLU G 503 -31.64 -48.45 -3.29
C GLU G 503 -32.96 -48.23 -3.99
N GLY G 504 -33.19 -47.01 -4.47
CA GLY G 504 -34.47 -46.65 -5.09
C GLY G 504 -34.62 -45.12 -5.17
N PHE G 505 -35.87 -44.65 -5.18
CA PHE G 505 -36.11 -43.22 -5.31
C PHE G 505 -35.64 -42.50 -4.06
N ASN G 506 -34.81 -41.50 -4.27
CA ASN G 506 -34.14 -40.75 -3.19
C ASN G 506 -33.18 -41.61 -2.32
N CYS G 507 -32.80 -42.80 -2.82
CA CYS G 507 -31.88 -43.73 -2.18
C CYS G 507 -30.87 -44.14 -3.25
N TYR G 508 -29.90 -43.27 -3.50
CA TYR G 508 -29.07 -43.45 -4.66
C TYR G 508 -27.73 -44.08 -4.35
N PHE G 509 -27.22 -44.85 -5.30
CA PHE G 509 -25.89 -45.42 -5.22
C PHE G 509 -24.89 -44.30 -5.48
N PRO G 510 -23.94 -44.05 -4.56
CA PRO G 510 -23.04 -42.92 -4.58
C PRO G 510 -22.11 -42.77 -5.77
N LEU G 511 -21.75 -43.86 -6.45
CA LEU G 511 -20.80 -43.75 -7.57
C LEU G 511 -21.45 -43.82 -8.94
N GLN G 512 -20.86 -43.09 -9.87
CA GLN G 512 -21.32 -43.04 -11.25
C GLN G 512 -20.16 -43.13 -12.23
N SER G 513 -20.30 -44.00 -13.23
CA SER G 513 -19.26 -44.15 -14.23
C SER G 513 -19.30 -43.10 -15.34
N TYR G 514 -18.17 -42.94 -16.01
CA TYR G 514 -18.05 -42.07 -17.16
C TYR G 514 -18.12 -42.86 -18.45
N GLY G 515 -19.08 -42.56 -19.30
CA GLY G 515 -19.16 -43.27 -20.58
C GLY G 515 -18.17 -42.71 -21.59
N PHE G 516 -16.90 -43.09 -21.45
CA PHE G 516 -15.87 -42.54 -22.32
C PHE G 516 -15.76 -43.29 -23.64
N GLN G 517 -16.00 -42.56 -24.73
CA GLN G 517 -16.01 -43.09 -26.08
C GLN G 517 -15.11 -42.23 -26.96
N PRO G 518 -14.49 -42.82 -28.00
CA PRO G 518 -13.59 -42.17 -28.94
C PRO G 518 -14.33 -41.11 -29.75
N THR G 519 -15.65 -41.19 -29.76
CA THR G 519 -16.48 -40.25 -30.49
C THR G 519 -16.93 -39.02 -29.67
N ASN G 520 -16.54 -38.95 -28.37
CA ASN G 520 -16.89 -37.84 -27.49
C ASN G 520 -16.03 -36.63 -27.83
N VAL G 522 -14.79 -32.58 -27.09
CA VAL G 522 -13.53 -32.70 -26.36
C VAL G 522 -13.79 -32.74 -24.84
N GLY G 523 -14.79 -31.99 -24.36
CA GLY G 523 -15.14 -31.89 -22.93
C GLY G 523 -15.60 -33.21 -22.34
N TYR G 524 -16.01 -34.12 -23.21
CA TYR G 524 -16.46 -35.44 -22.78
C TYR G 524 -15.43 -36.52 -23.04
N GLN G 525 -14.24 -36.14 -23.47
CA GLN G 525 -13.18 -37.10 -23.66
C GLN G 525 -12.56 -37.32 -22.29
N PRO G 526 -11.97 -38.49 -22.04
CA PRO G 526 -11.21 -38.77 -20.84
C PRO G 526 -9.90 -38.04 -20.86
N TYR G 527 -9.48 -37.59 -19.70
CA TYR G 527 -8.18 -37.00 -19.50
C TYR G 527 -7.45 -37.64 -18.34
N ARG G 528 -6.17 -37.84 -18.53
CA ARG G 528 -5.32 -38.35 -17.47
C ARG G 528 -4.66 -37.19 -16.78
N VAL G 529 -4.86 -37.10 -15.48
CA VAL G 529 -4.30 -35.99 -14.73
C VAL G 529 -3.40 -36.45 -13.61
N VAL G 530 -2.25 -35.81 -13.53
CA VAL G 530 -1.30 -36.03 -12.46
C VAL G 530 -1.07 -34.74 -11.73
N VAL G 531 -1.29 -34.75 -10.43
CA VAL G 531 -1.04 -33.56 -9.66
C VAL G 531 0.20 -33.75 -8.82
N LEU G 532 1.18 -32.88 -9.00
CA LEU G 532 2.40 -33.00 -8.24
C LEU G 532 2.38 -32.02 -7.08
N SER G 533 2.27 -32.59 -5.89
CA SER G 533 2.21 -31.87 -4.64
C SER G 533 3.59 -31.80 -4.04
N PHE G 534 4.10 -30.59 -3.85
CA PHE G 534 5.46 -30.44 -3.39
C PHE G 534 5.56 -29.94 -1.97
N GLU G 535 6.27 -30.66 -1.12
CA GLU G 535 6.50 -30.18 0.22
C GLU G 535 7.89 -29.59 0.24
N LEU G 536 7.93 -28.27 0.37
CA LEU G 536 9.14 -27.48 0.22
C LEU G 536 9.57 -26.81 1.53
N LEU G 537 9.13 -27.38 2.64
CA LEU G 537 9.49 -26.86 3.95
C LEU G 537 10.98 -27.05 4.18
N HIS G 538 11.63 -26.06 4.81
CA HIS G 538 13.05 -26.17 5.07
C HIS G 538 13.37 -27.29 6.04
N ALA G 539 13.58 -28.45 5.46
CA ALA G 539 13.84 -29.71 6.11
C ALA G 539 14.68 -30.52 5.12
N PRO G 540 15.25 -31.66 5.48
CA PRO G 540 16.10 -32.44 4.60
C PRO G 540 15.39 -32.71 3.29
N ALA G 541 16.08 -32.49 2.18
CA ALA G 541 15.52 -32.70 0.87
C ALA G 541 15.82 -34.10 0.41
N THR G 542 14.87 -34.72 -0.29
CA THR G 542 15.10 -36.05 -0.81
C THR G 542 14.89 -36.12 -2.31
N VAL G 543 14.16 -35.15 -2.86
CA VAL G 543 13.90 -35.11 -4.30
C VAL G 543 14.49 -33.84 -4.88
N CYS G 544 15.68 -33.94 -5.51
CA CYS G 544 16.40 -32.76 -6.03
C CYS G 544 16.67 -32.86 -7.51
N GLY G 545 16.81 -31.71 -8.14
CA GLY G 545 16.98 -31.66 -9.58
C GLY G 545 18.35 -32.14 -10.02
N PRO G 546 18.59 -32.19 -11.33
CA PRO G 546 19.76 -32.68 -12.00
C PRO G 546 20.88 -31.67 -11.94
N LYS G 547 21.33 -31.37 -10.73
CA LYS G 547 22.35 -30.36 -10.56
C LYS G 547 23.62 -30.96 -10.01
N LYS G 548 24.72 -30.62 -10.65
CA LYS G 548 26.02 -31.13 -10.23
C LYS G 548 26.57 -30.31 -9.09
N SER G 549 26.86 -30.97 -7.99
CA SER G 549 27.41 -30.31 -6.82
C SER G 549 28.89 -30.09 -6.99
N THR G 550 29.40 -29.10 -6.28
CA THR G 550 30.81 -28.78 -6.27
C THR G 550 31.36 -28.89 -4.87
N ASN G 551 32.63 -28.55 -4.70
CA ASN G 551 33.28 -28.65 -3.41
C ASN G 551 32.90 -27.46 -2.55
N LEU G 552 33.01 -27.62 -1.24
CA LEU G 552 32.68 -26.54 -0.33
C LEU G 552 33.94 -25.85 0.14
N VAL G 553 33.94 -24.53 0.06
CA VAL G 553 35.10 -23.75 0.46
C VAL G 553 34.79 -22.92 1.69
N LYS G 554 35.58 -23.11 2.73
CA LYS G 554 35.33 -22.46 4.00
C LYS G 554 36.17 -21.19 4.21
N ASN G 555 35.67 -20.34 5.10
CA ASN G 555 36.31 -19.11 5.56
C ASN G 555 36.56 -18.10 4.44
N LYS G 556 35.71 -18.11 3.43
CA LYS G 556 35.79 -17.16 2.34
C LYS G 556 34.37 -16.76 1.95
N CYS G 557 34.20 -15.54 1.39
CA CYS G 557 32.88 -15.09 0.92
C CYS G 557 32.49 -15.83 -0.35
N VAL G 558 31.38 -16.56 -0.26
CA VAL G 558 30.90 -17.35 -1.39
C VAL G 558 29.41 -17.17 -1.63
N ASN G 559 29.00 -17.48 -2.85
CA ASN G 559 27.59 -17.49 -3.22
C ASN G 559 27.11 -18.92 -3.09
N PHE G 560 26.34 -19.23 -2.06
CA PHE G 560 26.02 -20.63 -1.79
C PHE G 560 24.60 -21.03 -2.16
N ASN G 561 24.44 -22.33 -2.37
CA ASN G 561 23.16 -22.98 -2.63
C ASN G 561 23.08 -24.34 -1.94
N PHE G 562 22.32 -24.42 -0.86
CA PHE G 562 22.18 -25.68 -0.13
C PHE G 562 20.78 -26.22 -0.30
N ASN G 563 20.64 -27.27 -1.09
CA ASN G 563 19.33 -27.85 -1.38
C ASN G 563 18.32 -26.82 -1.88
N GLY G 564 18.74 -25.87 -2.70
CA GLY G 564 17.82 -24.88 -3.23
C GLY G 564 17.79 -23.60 -2.42
N LEU G 565 18.40 -23.60 -1.24
CA LEU G 565 18.46 -22.42 -0.38
C LEU G 565 19.68 -21.59 -0.71
N THR G 566 19.47 -20.36 -1.15
CA THR G 566 20.60 -19.58 -1.58
C THR G 566 20.82 -18.34 -0.75
N GLY G 567 22.03 -17.81 -0.85
CA GLY G 567 22.43 -16.58 -0.19
C GLY G 567 23.92 -16.38 -0.33
N THR G 568 24.42 -15.28 0.22
CA THR G 568 25.84 -14.98 0.14
C THR G 568 26.39 -14.82 1.54
N GLY G 569 27.52 -15.46 1.80
CA GLY G 569 28.11 -15.38 3.13
C GLY G 569 29.32 -16.26 3.27
N VAL G 570 29.94 -16.19 4.42
CA VAL G 570 31.11 -16.98 4.74
C VAL G 570 30.71 -18.22 5.52
N LEU G 571 31.14 -19.38 5.04
CA LEU G 571 30.81 -20.64 5.66
C LEU G 571 31.92 -21.05 6.62
N THR G 572 31.61 -21.26 7.89
CA THR G 572 32.64 -21.61 8.85
C THR G 572 32.24 -22.82 9.69
N GLU G 573 33.21 -23.44 10.33
CA GLU G 573 32.94 -24.54 11.24
C GLU G 573 32.14 -24.05 12.43
N SER G 574 31.24 -24.89 12.95
CA SER G 574 30.42 -24.49 14.09
C SER G 574 30.27 -25.60 15.10
N ASN G 575 29.77 -25.25 16.27
CA ASN G 575 29.49 -26.21 17.32
C ASN G 575 28.01 -26.25 17.65
N LYS G 576 27.17 -25.97 16.66
CA LYS G 576 25.73 -25.95 16.88
C LYS G 576 25.16 -27.35 16.77
N LYS G 577 24.47 -27.75 17.83
CA LYS G 577 23.97 -29.10 17.95
C LYS G 577 22.66 -29.31 17.23
N PHE G 578 22.71 -29.41 15.91
CA PHE G 578 21.49 -29.66 15.16
C PHE G 578 20.99 -31.05 15.47
N LEU G 579 19.69 -31.19 15.59
CA LEU G 579 19.08 -32.49 15.83
C LEU G 579 19.09 -33.26 14.52
N PRO G 580 19.00 -34.59 14.54
CA PRO G 580 19.02 -35.47 13.37
C PRO G 580 18.01 -35.10 12.29
N PHE G 581 16.94 -34.40 12.65
CA PHE G 581 15.92 -34.04 11.69
C PHE G 581 15.98 -32.57 11.29
N GLN G 582 16.96 -31.84 11.80
CA GLN G 582 17.09 -30.42 11.53
C GLN G 582 18.16 -30.14 10.49
N GLN G 583 17.72 -29.61 9.36
CA GLN G 583 18.60 -29.34 8.23
C GLN G 583 19.10 -27.90 8.21
N PHE G 584 18.29 -27.00 8.74
CA PHE G 584 18.60 -25.58 8.70
C PHE G 584 18.37 -24.97 10.08
N GLY G 585 19.12 -23.94 10.41
CA GLY G 585 18.85 -23.14 11.61
C GLY G 585 18.48 -21.74 11.18
N ARG G 586 17.83 -20.98 12.07
CA ARG G 586 17.43 -19.63 11.71
C ARG G 586 17.74 -18.57 12.76
N ASP G 587 17.88 -17.35 12.27
CA ASP G 587 18.12 -16.14 13.06
C ASP G 587 16.80 -15.49 13.45
N ILE G 588 16.86 -14.39 14.17
CA ILE G 588 15.69 -13.65 14.61
C ILE G 588 14.88 -13.15 13.42
N ALA G 589 15.58 -12.75 12.37
CA ALA G 589 14.99 -12.22 11.16
C ALA G 589 14.42 -13.34 10.26
N ASP G 590 14.54 -14.58 10.73
CA ASP G 590 14.11 -15.77 10.00
C ASP G 590 15.03 -16.06 8.82
N THR G 591 16.19 -15.44 8.82
CA THR G 591 17.18 -15.72 7.79
C THR G 591 17.99 -16.93 8.24
N THR G 592 18.70 -17.54 7.32
CA THR G 592 19.46 -18.72 7.67
C THR G 592 20.63 -18.37 8.57
N ASP G 593 20.74 -19.09 9.67
CA ASP G 593 21.81 -18.89 10.64
C ASP G 593 22.96 -19.85 10.40
N ALA G 594 22.62 -21.09 10.12
CA ALA G 594 23.57 -22.17 9.90
C ALA G 594 22.90 -23.27 9.10
N VAL G 595 23.70 -24.08 8.42
CA VAL G 595 23.14 -25.21 7.70
C VAL G 595 23.89 -26.51 7.95
N ARG G 596 23.21 -27.61 7.71
CA ARG G 596 23.88 -28.90 7.71
C ARG G 596 24.27 -29.27 6.29
N ASP G 597 25.56 -29.43 6.03
CA ASP G 597 25.94 -29.73 4.67
C ASP G 597 25.26 -31.03 4.23
N PRO G 598 24.57 -31.03 3.08
CA PRO G 598 23.78 -32.13 2.56
C PRO G 598 24.56 -33.38 2.20
N GLN G 599 25.88 -33.28 2.01
CA GLN G 599 26.63 -34.47 1.64
C GLN G 599 27.37 -35.01 2.85
N THR G 600 27.97 -34.12 3.61
CA THR G 600 28.67 -34.46 4.84
C THR G 600 27.93 -33.81 5.98
N LEU G 601 27.46 -34.60 6.93
CA LEU G 601 26.58 -34.02 7.93
C LEU G 601 27.29 -33.28 9.06
N GLU G 602 27.89 -32.16 8.68
CA GLU G 602 28.55 -31.26 9.61
C GLU G 602 27.82 -29.94 9.58
N ILE G 603 27.90 -29.18 10.65
CA ILE G 603 27.17 -27.92 10.70
C ILE G 603 28.07 -26.74 10.45
N LEU G 604 27.65 -25.89 9.53
CA LEU G 604 28.41 -24.71 9.18
C LEU G 604 27.65 -23.44 9.48
N ASP G 605 28.30 -22.54 10.20
CA ASP G 605 27.71 -21.24 10.50
C ASP G 605 27.77 -20.39 9.26
N ILE G 606 26.77 -19.54 9.06
CA ILE G 606 26.86 -18.62 7.95
C ILE G 606 26.96 -17.20 8.44
N THR G 607 28.10 -16.58 8.17
CA THR G 607 28.31 -15.20 8.56
C THR G 607 28.32 -14.34 7.31
N PRO G 608 27.31 -13.51 7.08
CA PRO G 608 27.18 -12.69 5.90
C PRO G 608 28.48 -11.92 5.72
N CYS G 609 28.87 -11.73 4.46
CA CYS G 609 30.17 -11.15 4.08
C CYS G 609 30.29 -9.72 4.61
N SER G 610 31.50 -9.39 5.06
CA SER G 610 31.73 -8.09 5.69
C SER G 610 31.24 -6.96 4.82
N PHE G 611 30.61 -6.01 5.47
CA PHE G 611 30.04 -4.85 4.83
C PHE G 611 30.08 -3.70 5.80
N GLY G 612 29.86 -2.49 5.30
CA GLY G 612 29.77 -1.34 6.18
C GLY G 612 29.60 -0.05 5.41
N GLY G 613 29.26 1.02 6.10
CA GLY G 613 29.04 2.29 5.43
C GLY G 613 30.36 2.89 4.98
N VAL G 614 30.32 3.67 3.92
CA VAL G 614 31.52 4.34 3.47
C VAL G 614 31.32 5.85 3.49
N SER G 615 32.16 6.52 4.25
CA SER G 615 32.08 7.96 4.38
C SER G 615 33.31 8.65 3.85
N VAL G 616 33.11 9.78 3.21
CA VAL G 616 34.20 10.54 2.65
C VAL G 616 34.44 11.79 3.47
N ILE G 617 35.67 11.92 3.92
CA ILE G 617 36.10 13.01 4.75
C ILE G 617 36.79 14.03 3.90
N THR G 618 36.25 15.22 3.84
CA THR G 618 36.83 16.18 2.93
C THR G 618 36.81 17.62 3.44
N PRO G 619 37.87 18.40 3.18
CA PRO G 619 37.94 19.81 3.36
C PRO G 619 37.06 20.36 2.27
N GLY G 620 36.60 21.58 2.38
CA GLY G 620 35.71 22.02 1.31
C GLY G 620 36.47 22.04 -0.02
N THR G 621 35.74 21.80 -1.12
CA THR G 621 36.34 21.80 -2.46
C THR G 621 36.83 23.19 -2.91
N ASN G 622 36.48 24.23 -2.14
CA ASN G 622 36.97 25.59 -2.29
C ASN G 622 38.47 25.69 -1.92
N THR G 623 38.96 24.73 -1.10
CA THR G 623 40.33 24.64 -0.59
C THR G 623 41.10 23.50 -1.24
N SER G 624 40.51 22.31 -1.27
CA SER G 624 41.21 21.13 -1.77
C SER G 624 40.31 20.03 -2.28
N ASN G 625 40.80 19.30 -3.28
CA ASN G 625 40.09 18.16 -3.82
C ASN G 625 40.64 16.83 -3.29
N GLN G 626 41.47 16.90 -2.26
CA GLN G 626 41.99 15.69 -1.65
C GLN G 626 40.98 15.16 -0.65
N VAL G 627 40.77 13.85 -0.64
CA VAL G 627 39.84 13.28 0.32
C VAL G 627 40.42 12.07 1.04
N ALA G 628 39.84 11.74 2.19
CA ALA G 628 40.16 10.52 2.91
C ALA G 628 38.90 9.70 3.02
N VAL G 629 39.02 8.39 3.02
CA VAL G 629 37.82 7.57 3.09
C VAL G 629 37.78 6.66 4.28
N LEU G 630 36.65 6.72 4.97
CA LEU G 630 36.42 5.89 6.13
C LEU G 630 35.51 4.73 5.83
N TYR G 631 35.99 3.54 6.09
CA TYR G 631 35.16 2.36 5.95
C TYR G 631 34.68 2.02 7.33
N GLN G 632 33.39 2.20 7.54
CA GLN G 632 32.84 2.14 8.89
C GLN G 632 32.62 0.73 9.38
N ASP G 633 33.04 0.51 10.62
CA ASP G 633 32.86 -0.77 11.29
C ASP G 633 33.51 -1.96 10.55
N VAL G 634 34.68 -1.75 9.97
CA VAL G 634 35.42 -2.83 9.33
C VAL G 634 36.87 -2.82 9.80
N ASN G 635 37.56 -3.95 9.58
CA ASN G 635 38.99 -4.08 9.81
C ASN G 635 39.74 -3.65 8.55
N CYS G 636 41.00 -3.21 8.71
CA CYS G 636 41.88 -2.84 7.59
C CYS G 636 42.49 -4.07 6.97
N THR G 637 41.64 -4.93 6.46
CA THR G 637 41.97 -6.20 5.85
C THR G 637 41.26 -6.36 4.51
N GLU G 638 39.96 -6.62 4.55
CA GLU G 638 39.20 -6.83 3.32
C GLU G 638 39.20 -5.64 2.36
N VAL G 639 39.28 -4.40 2.89
CA VAL G 639 39.27 -3.18 2.10
C VAL G 639 40.56 -3.09 1.27
N ASN G 660 49.43 4.40 4.18
CA ASN G 660 48.75 5.54 4.79
C ASN G 660 47.35 5.11 5.29
N VAL G 661 47.32 4.07 6.13
CA VAL G 661 46.11 3.47 6.69
C VAL G 661 46.11 3.49 8.21
N PHE G 662 45.05 4.04 8.78
CA PHE G 662 44.90 4.16 10.22
C PHE G 662 43.67 3.43 10.73
N GLN G 663 43.89 2.42 11.57
CA GLN G 663 42.76 1.66 12.11
C GLN G 663 42.23 2.36 13.35
N THR G 664 40.96 2.71 13.33
CA THR G 664 40.32 3.36 14.46
C THR G 664 39.11 2.54 14.89
N ARG G 665 38.57 2.85 16.06
CA ARG G 665 37.41 2.11 16.54
C ARG G 665 36.20 2.28 15.64
N ALA G 666 36.12 3.43 14.98
CA ALA G 666 35.00 3.73 14.10
C ALA G 666 35.08 3.01 12.76
N GLY G 667 36.24 2.42 12.44
CA GLY G 667 36.40 1.83 11.12
C GLY G 667 37.83 1.99 10.62
N CYS G 668 38.06 1.68 9.34
CA CYS G 668 39.37 1.74 8.71
C CYS G 668 39.48 3.05 7.92
N LEU G 669 40.39 3.91 8.33
CA LEU G 669 40.54 5.21 7.70
C LEU G 669 41.71 5.24 6.75
N ILE G 670 41.44 5.47 5.48
CA ILE G 670 42.48 5.43 4.48
C ILE G 670 42.70 6.78 3.81
N GLY G 671 43.95 7.23 3.79
CA GLY G 671 44.30 8.49 3.14
C GLY G 671 44.63 9.60 4.13
N ALA G 672 44.22 9.45 5.37
CA ALA G 672 44.54 10.44 6.39
C ALA G 672 45.78 10.00 7.14
N GLU G 673 46.70 10.92 7.38
CA GLU G 673 47.90 10.58 8.13
C GLU G 673 47.60 10.54 9.60
N HIS G 674 48.17 9.59 10.32
CA HIS G 674 47.95 9.55 11.76
C HIS G 674 48.96 10.45 12.45
N VAL G 675 48.45 11.43 13.17
CA VAL G 675 49.28 12.42 13.85
C VAL G 675 49.16 12.26 15.37
N ASN G 676 50.33 12.22 16.06
CA ASN G 676 50.42 12.09 17.52
C ASN G 676 49.92 13.33 18.25
N ASN G 677 50.06 14.53 17.66
CA ASN G 677 49.64 15.80 18.25
C ASN G 677 48.14 15.94 18.21
N SER G 678 47.55 16.32 19.33
CA SER G 678 46.11 16.53 19.37
C SER G 678 45.79 17.96 18.97
N TYR G 679 44.57 18.19 18.53
CA TYR G 679 44.13 19.52 18.17
C TYR G 679 42.65 19.66 18.46
N GLU G 680 42.11 20.84 18.24
CA GLU G 680 40.68 21.03 18.40
C GLU G 680 40.01 20.22 17.29
N CYS G 681 38.87 19.60 17.58
CA CYS G 681 38.16 18.79 16.57
C CYS G 681 37.62 19.65 15.45
N ASP G 682 37.82 19.16 14.23
CA ASP G 682 37.41 19.87 13.03
C ASP G 682 36.33 19.04 12.32
N ILE G 683 36.74 18.01 11.58
CA ILE G 683 35.75 17.10 11.01
C ILE G 683 35.74 15.80 11.81
N PRO G 684 34.72 15.54 12.61
CA PRO G 684 34.68 14.43 13.52
C PRO G 684 34.56 13.13 12.78
N ILE G 685 35.24 12.10 13.27
CA ILE G 685 35.10 10.76 12.74
C ILE G 685 34.34 9.89 13.70
N GLY G 686 34.77 9.89 14.95
CA GLY G 686 34.13 9.08 15.97
C GLY G 686 35.16 8.43 16.87
N ALA G 687 34.72 8.03 18.06
CA ALA G 687 35.56 7.34 19.03
C ALA G 687 36.80 8.13 19.38
N GLY G 688 36.66 9.45 19.52
CA GLY G 688 37.75 10.31 19.92
C GLY G 688 38.63 10.79 18.78
N ILE G 689 38.36 10.33 17.57
CA ILE G 689 39.18 10.72 16.43
C ILE G 689 38.48 11.77 15.56
N CYS G 690 39.24 12.82 15.21
CA CYS G 690 38.82 13.90 14.31
C CYS G 690 39.86 14.07 13.21
N ALA G 691 39.44 14.62 12.08
CA ALA G 691 40.34 14.87 10.97
C ALA G 691 40.36 16.34 10.59
N SER G 692 41.45 16.75 9.97
CA SER G 692 41.60 18.12 9.49
C SER G 692 42.56 18.19 8.31
N TYR G 693 42.79 19.40 7.84
CA TYR G 693 43.65 19.63 6.67
C TYR G 693 44.73 20.62 7.06
N GLN G 694 45.96 20.14 7.17
CA GLN G 694 47.06 20.95 7.70
C GLN G 694 48.40 20.56 7.11
N THR G 695 49.48 21.27 7.49
CA THR G 695 50.85 21.01 6.99
C THR G 695 51.57 20.07 7.94
N GLN G 709 49.81 21.14 2.36
CA GLN G 709 48.79 20.65 3.27
C GLN G 709 48.31 19.25 2.85
N SER G 710 47.81 18.47 3.82
CA SER G 710 47.28 17.12 3.62
C SER G 710 46.25 16.79 4.70
N ILE G 711 45.47 15.74 4.46
CA ILE G 711 44.50 15.32 5.46
C ILE G 711 45.15 14.50 6.55
N ILE G 712 44.84 14.88 7.78
CA ILE G 712 45.36 14.21 8.95
C ILE G 712 44.25 13.76 9.87
N ALA G 713 44.56 12.80 10.70
CA ALA G 713 43.65 12.32 11.73
C ALA G 713 44.39 12.25 13.05
N TYR G 714 43.70 12.59 14.11
CA TYR G 714 44.29 12.67 15.43
C TYR G 714 43.29 12.48 16.52
N THR G 715 43.77 12.19 17.72
CA THR G 715 42.86 12.13 18.85
C THR G 715 42.56 13.56 19.22
N MET G 716 41.29 13.88 19.33
CA MET G 716 40.88 15.25 19.59
C MET G 716 41.27 15.70 20.99
N SER G 717 41.62 16.97 21.10
CA SER G 717 41.89 17.58 22.38
C SER G 717 40.60 18.05 22.99
N LEU G 718 40.49 18.01 24.30
CA LEU G 718 39.29 18.51 24.93
C LEU G 718 39.51 19.91 25.46
N GLY G 719 40.69 20.46 25.18
CA GLY G 719 41.05 21.78 25.66
C GLY G 719 42.41 21.74 26.32
N ALA G 720 42.97 22.92 26.56
CA ALA G 720 44.28 23.02 27.19
C ALA G 720 44.20 22.57 28.63
N GLU G 721 45.23 21.91 29.10
CA GLU G 721 45.29 21.50 30.50
C GLU G 721 45.75 22.67 31.35
N ASN G 722 45.06 22.93 32.45
CA ASN G 722 45.40 24.05 33.30
C ASN G 722 45.08 23.78 34.76
N SER G 723 46.10 23.53 35.57
CA SER G 723 45.85 23.28 36.97
C SER G 723 45.45 24.58 37.67
N VAL G 724 44.77 24.45 38.79
CA VAL G 724 44.41 25.61 39.59
C VAL G 724 45.34 25.68 40.78
N ALA G 725 45.88 26.87 41.07
CA ALA G 725 46.82 27.01 42.18
C ALA G 725 46.08 27.05 43.51
N TYR G 726 45.44 25.95 43.83
CA TYR G 726 44.65 25.83 45.02
C TYR G 726 45.48 25.66 46.26
N SER G 727 45.08 26.35 47.30
CA SER G 727 45.65 26.21 48.61
C SER G 727 44.58 26.67 49.59
N ASN G 728 44.76 26.37 50.87
CA ASN G 728 43.78 26.70 51.90
C ASN G 728 43.81 28.17 52.33
N ASN G 729 44.83 28.94 51.90
CA ASN G 729 44.98 30.35 52.28
C ASN G 729 45.29 31.28 51.12
N SER G 730 44.86 30.95 49.91
CA SER G 730 45.14 31.83 48.78
C SER G 730 43.92 32.02 47.92
N ILE G 731 43.63 33.27 47.61
CA ILE G 731 42.49 33.61 46.80
C ILE G 731 42.92 34.47 45.61
N ALA G 732 42.38 34.19 44.44
CA ALA G 732 42.67 35.04 43.30
C ALA G 732 41.53 36.00 43.09
N ILE G 733 41.85 37.28 43.09
CA ILE G 733 40.83 38.30 42.95
C ILE G 733 41.10 39.13 41.72
N PRO G 734 40.13 39.33 40.83
CA PRO G 734 40.25 40.13 39.65
C PRO G 734 40.60 41.53 40.04
N THR G 735 41.50 42.14 39.31
CA THR G 735 41.90 43.53 39.51
C THR G 735 41.42 44.44 38.36
N ASN G 736 41.07 43.84 37.21
CA ASN G 736 40.59 44.52 36.03
C ASN G 736 39.56 43.61 35.35
N PHE G 737 38.80 44.19 34.42
CA PHE G 737 37.73 43.48 33.69
C PHE G 737 37.54 44.05 32.31
N THR G 738 36.87 43.28 31.48
CA THR G 738 36.45 43.75 30.19
C THR G 738 34.98 43.51 29.98
N ILE G 739 34.37 44.36 29.19
CA ILE G 739 33.02 44.13 28.75
C ILE G 739 33.05 43.49 27.39
N SER G 740 32.41 42.36 27.27
CA SER G 740 32.38 41.64 26.02
C SER G 740 30.98 41.53 25.51
N VAL G 741 30.84 41.41 24.21
CA VAL G 741 29.54 41.21 23.62
C VAL G 741 29.56 39.94 22.83
N THR G 742 28.62 39.05 23.11
CA THR G 742 28.55 37.80 22.38
C THR G 742 27.26 37.75 21.59
N THR G 743 27.23 36.93 20.56
CA THR G 743 26.03 36.85 19.75
C THR G 743 25.39 35.48 19.83
N GLU G 744 24.13 35.45 20.19
CA GLU G 744 23.39 34.21 20.24
C GLU G 744 22.27 34.22 19.22
N ILE G 745 22.26 33.22 18.37
CA ILE G 745 21.29 33.18 17.29
C ILE G 745 20.30 32.05 17.46
N LEU G 746 19.02 32.39 17.48
CA LEU G 746 17.97 31.39 17.65
C LEU G 746 16.92 31.49 16.55
N PRO G 747 16.52 30.38 15.95
CA PRO G 747 15.38 30.27 15.08
C PRO G 747 14.13 30.59 15.86
N VAL G 748 13.20 31.28 15.21
CA VAL G 748 11.91 31.56 15.79
C VAL G 748 10.81 30.95 14.98
N SER G 749 10.96 30.97 13.66
CA SER G 749 9.92 30.51 12.78
C SER G 749 10.49 29.72 11.61
N MET G 750 9.59 29.10 10.87
CA MET G 750 9.92 28.37 9.67
C MET G 750 8.93 28.71 8.59
N THR G 751 9.31 28.49 7.35
CA THR G 751 8.46 28.87 6.24
C THR G 751 7.07 28.29 6.37
N LYS G 752 6.07 29.14 6.23
CA LYS G 752 4.69 28.73 6.34
C LYS G 752 4.21 28.11 5.06
N THR G 753 4.62 26.89 4.82
CA THR G 753 4.25 26.27 3.57
C THR G 753 2.82 25.81 3.64
N SER G 754 2.24 25.58 2.50
CA SER G 754 0.90 25.03 2.41
C SER G 754 0.77 24.16 1.19
N VAL G 755 0.25 22.97 1.37
CA VAL G 755 0.10 22.08 0.23
C VAL G 755 -1.33 21.72 0.01
N ASP G 756 -1.77 21.90 -1.22
CA ASP G 756 -3.08 21.47 -1.64
C ASP G 756 -2.99 20.01 -1.99
N CYS G 757 -3.44 19.13 -1.07
CA CYS G 757 -3.28 17.67 -1.23
C CYS G 757 -4.02 17.17 -2.45
N THR G 758 -5.12 17.79 -2.81
CA THR G 758 -5.86 17.33 -3.96
C THR G 758 -5.10 17.63 -5.21
N MET G 759 -4.61 18.85 -5.31
CA MET G 759 -3.88 19.26 -6.50
C MET G 759 -2.56 18.51 -6.62
N TYR G 760 -1.92 18.24 -5.49
CA TYR G 760 -0.66 17.54 -5.49
C TYR G 760 -0.82 16.12 -5.99
N ILE G 761 -1.80 15.39 -5.46
CA ILE G 761 -1.99 14.00 -5.85
C ILE G 761 -2.61 13.86 -7.26
N CYS G 762 -3.69 14.61 -7.52
CA CYS G 762 -4.53 14.53 -8.71
C CYS G 762 -4.62 15.88 -9.41
N GLY G 763 -3.48 16.42 -9.83
CA GLY G 763 -3.51 17.74 -10.41
C GLY G 763 -4.42 17.79 -11.62
N ASP G 764 -5.50 18.56 -11.50
CA ASP G 764 -6.47 18.77 -12.56
C ASP G 764 -6.96 17.49 -13.20
N SER G 765 -7.20 16.47 -12.40
CA SER G 765 -7.68 15.20 -12.93
C SER G 765 -8.92 14.70 -12.23
N THR G 766 -10.02 14.70 -12.96
CA THR G 766 -11.31 14.30 -12.42
C THR G 766 -11.31 12.82 -12.06
N GLU G 767 -10.76 12.01 -12.93
CA GLU G 767 -10.76 10.57 -12.72
C GLU G 767 -9.96 10.18 -11.48
N CYS G 768 -8.80 10.82 -11.28
CA CYS G 768 -7.94 10.60 -10.13
C CYS G 768 -8.63 11.10 -8.86
N SER G 769 -9.25 12.28 -8.94
CA SER G 769 -9.90 12.84 -7.76
C SER G 769 -10.96 11.89 -7.25
N ASN G 770 -11.74 11.31 -8.17
CA ASN G 770 -12.77 10.38 -7.76
C ASN G 770 -12.21 9.17 -7.02
N LEU G 771 -11.00 8.75 -7.39
CA LEU G 771 -10.36 7.65 -6.69
C LEU G 771 -9.78 8.12 -5.37
N LEU G 772 -9.30 9.35 -5.33
CA LEU G 772 -8.70 9.91 -4.12
C LEU G 772 -9.73 9.99 -3.00
N LEU G 773 -10.98 10.23 -3.35
CA LEU G 773 -12.06 10.35 -2.37
C LEU G 773 -12.27 9.05 -1.59
N GLN G 774 -11.77 7.94 -2.10
CA GLN G 774 -11.97 6.66 -1.45
C GLN G 774 -11.03 6.50 -0.28
N TYR G 775 -10.16 7.48 -0.09
CA TYR G 775 -9.22 7.48 1.02
C TYR G 775 -9.73 8.39 2.11
N GLY G 776 -10.98 8.81 1.98
CA GLY G 776 -11.66 9.55 3.02
C GLY G 776 -11.02 10.86 3.39
N SER G 777 -10.74 11.00 4.67
CA SER G 777 -10.19 12.23 5.23
C SER G 777 -8.69 12.36 5.08
N PHE G 778 -8.00 11.35 4.55
CA PHE G 778 -6.54 11.50 4.53
C PHE G 778 -6.10 12.83 3.91
N CYS G 779 -6.66 13.20 2.75
CA CYS G 779 -6.31 14.43 2.06
C CYS G 779 -6.64 15.63 2.96
N THR G 780 -7.83 15.62 3.53
CA THR G 780 -8.29 16.73 4.35
C THR G 780 -7.45 16.94 5.60
N GLN G 781 -7.11 15.89 6.32
CA GLN G 781 -6.35 16.08 7.54
C GLN G 781 -4.91 16.46 7.26
N LEU G 782 -4.39 16.09 6.09
CA LEU G 782 -3.05 16.53 5.77
C LEU G 782 -3.04 18.05 5.61
N ASN G 783 -4.09 18.59 4.98
CA ASN G 783 -4.18 20.03 4.85
C ASN G 783 -4.33 20.66 6.23
N ARG G 784 -5.11 20.03 7.09
CA ARG G 784 -5.33 20.56 8.43
C ARG G 784 -4.04 20.61 9.23
N ALA G 785 -3.23 19.55 9.13
CA ALA G 785 -1.98 19.47 9.86
C ALA G 785 -1.01 20.57 9.46
N LEU G 786 -0.90 20.82 8.16
CA LEU G 786 -0.01 21.87 7.71
C LEU G 786 -0.52 23.23 8.10
N THR G 787 -1.83 23.39 8.10
CA THR G 787 -2.40 24.66 8.50
C THR G 787 -2.03 24.92 9.94
N GLY G 788 -2.15 23.91 10.79
CA GLY G 788 -1.82 24.05 12.20
C GLY G 788 -0.39 24.55 12.37
N ILE G 789 0.53 24.04 11.55
CA ILE G 789 1.89 24.51 11.65
C ILE G 789 1.97 25.97 11.26
N ALA G 790 1.36 26.32 10.14
CA ALA G 790 1.44 27.69 9.65
C ALA G 790 0.91 28.66 10.70
N VAL G 791 -0.14 28.26 11.41
CA VAL G 791 -0.70 29.13 12.42
C VAL G 791 0.26 29.34 13.58
N GLU G 792 0.86 28.28 14.09
CA GLU G 792 1.76 28.46 15.22
C GLU G 792 2.99 29.25 14.84
N GLN G 793 3.32 29.33 13.55
CA GLN G 793 4.48 30.12 13.18
C GLN G 793 4.29 31.59 13.51
N ASP G 794 3.05 32.09 13.45
CA ASP G 794 2.85 33.48 13.79
C ASP G 794 2.79 33.62 15.29
N LYS G 795 2.28 32.59 15.93
CA LYS G 795 2.22 32.57 17.38
C LYS G 795 3.63 32.67 17.93
N ASN G 796 4.55 31.92 17.33
CA ASN G 796 5.94 31.90 17.78
C ASN G 796 6.57 33.26 17.66
N THR G 797 6.35 33.92 16.52
CA THR G 797 6.93 35.23 16.32
C THR G 797 6.39 36.22 17.32
N GLN G 798 5.09 36.19 17.55
CA GLN G 798 4.51 37.14 18.49
C GLN G 798 5.03 36.91 19.90
N GLU G 799 5.18 35.66 20.30
CA GLU G 799 5.67 35.37 21.64
C GLU G 799 7.07 35.90 21.87
N VAL G 800 7.90 35.88 20.83
CA VAL G 800 9.25 36.37 20.96
C VAL G 800 9.33 37.88 20.91
N PHE G 801 8.66 38.51 19.95
CA PHE G 801 8.85 39.95 19.76
C PHE G 801 7.78 40.84 20.37
N ALA G 802 6.53 40.39 20.40
CA ALA G 802 5.45 41.25 20.85
C ALA G 802 5.28 41.17 22.35
N GLN G 803 6.32 41.55 23.08
CA GLN G 803 6.29 41.50 24.53
C GLN G 803 6.10 42.86 25.14
N VAL G 804 5.97 43.86 24.29
CA VAL G 804 5.82 45.21 24.75
C VAL G 804 4.54 45.78 24.17
N LYS G 805 3.72 46.40 25.02
CA LYS G 805 2.46 46.95 24.55
C LYS G 805 2.61 48.26 23.81
N GLN G 806 3.62 49.04 24.16
CA GLN G 806 3.82 50.32 23.52
C GLN G 806 5.04 50.29 22.64
N ILE G 807 5.04 51.15 21.64
CA ILE G 807 6.19 51.26 20.79
C ILE G 807 7.02 52.43 21.25
N TYR G 808 8.15 52.12 21.86
CA TYR G 808 9.02 53.12 22.43
C TYR G 808 9.98 53.57 21.37
N LYS G 809 10.45 54.79 21.49
CA LYS G 809 11.45 55.29 20.59
C LYS G 809 12.46 56.12 21.34
N THR G 810 13.70 56.09 20.87
CA THR G 810 14.76 56.87 21.48
C THR G 810 14.58 58.34 21.17
N PRO G 811 15.15 59.22 22.00
CA PRO G 811 15.18 60.65 21.84
C PRO G 811 16.07 61.03 20.67
N PRO G 812 15.90 62.24 20.11
CA PRO G 812 16.71 62.83 19.07
C PRO G 812 18.15 63.07 19.51
N ILE G 813 18.37 63.16 20.81
CA ILE G 813 19.71 63.34 21.32
C ILE G 813 20.21 62.06 21.95
N LYS G 814 21.15 61.42 21.27
CA LYS G 814 21.62 60.11 21.69
C LYS G 814 22.72 60.24 22.74
N ASP G 815 22.37 60.72 23.92
CA ASP G 815 23.36 60.85 24.99
C ASP G 815 23.19 59.77 26.02
N PHE G 816 23.98 58.72 25.90
CA PHE G 816 23.87 57.60 26.80
C PHE G 816 25.14 57.42 27.61
N GLY G 817 25.77 58.54 27.95
CA GLY G 817 26.92 58.50 28.83
C GLY G 817 28.16 57.92 28.19
N GLY G 818 28.29 58.06 26.88
CA GLY G 818 29.44 57.53 26.16
C GLY G 818 29.14 56.22 25.44
N PHE G 819 28.01 55.60 25.74
CA PHE G 819 27.67 54.36 25.08
C PHE G 819 27.04 54.65 23.73
N ASN G 820 27.67 54.13 22.66
CA ASN G 820 27.27 54.34 21.27
C ASN G 820 26.41 53.17 20.78
N PHE G 821 25.10 53.39 20.60
CA PHE G 821 24.14 52.37 20.19
C PHE G 821 23.69 52.59 18.75
N SER G 822 24.38 53.46 18.02
CA SER G 822 23.93 53.80 16.68
C SER G 822 23.95 52.64 15.71
N GLN G 823 24.68 51.58 16.05
CA GLN G 823 24.78 50.45 15.16
C GLN G 823 23.74 49.38 15.45
N ILE G 824 22.99 49.57 16.53
CA ILE G 824 21.93 48.62 16.88
C ILE G 824 20.55 49.29 16.80
N LEU G 825 20.54 50.61 16.79
CA LEU G 825 19.31 51.39 16.62
C LEU G 825 18.96 51.48 15.13
N PRO G 826 17.69 51.62 14.77
CA PRO G 826 17.21 51.77 13.41
C PRO G 826 17.84 52.94 12.69
N ASP G 827 18.16 52.74 11.42
CA ASP G 827 18.71 53.77 10.55
C ASP G 827 17.59 54.44 9.74
N PRO G 828 17.21 55.70 10.04
CA PRO G 828 16.11 56.44 9.43
C PRO G 828 16.21 56.62 7.93
N SER G 829 17.42 56.47 7.37
CA SER G 829 17.61 56.70 5.94
C SER G 829 17.19 55.52 5.08
N LYS G 830 16.96 54.37 5.71
CA LYS G 830 16.67 53.16 4.98
C LYS G 830 15.17 53.06 4.63
N PRO G 831 14.82 52.36 3.53
CA PRO G 831 13.45 52.06 3.09
C PRO G 831 12.74 51.16 4.10
N SER G 832 13.53 50.49 4.91
CA SER G 832 13.08 49.64 5.98
C SER G 832 13.95 50.04 7.14
N LYS G 833 13.35 50.62 8.17
CA LYS G 833 14.15 51.19 9.24
C LYS G 833 14.72 50.14 10.17
N ARG G 834 15.81 49.53 9.71
CA ARG G 834 16.52 48.52 10.46
C ARG G 834 17.87 49.07 10.82
N SER G 835 18.50 48.50 11.82
CA SER G 835 19.81 48.93 12.24
C SER G 835 20.88 48.43 11.29
N PHE G 836 22.09 48.98 11.43
CA PHE G 836 23.18 48.55 10.58
C PHE G 836 23.42 47.06 10.74
N ILE G 837 23.49 46.60 11.98
CA ILE G 837 23.72 45.19 12.21
C ILE G 837 22.61 44.34 11.66
N GLU G 838 21.37 44.75 11.84
CA GLU G 838 20.29 43.93 11.28
C GLU G 838 20.45 43.78 9.78
N ASP G 839 20.82 44.83 9.07
CA ASP G 839 21.02 44.66 7.63
C ASP G 839 22.08 43.60 7.35
N LEU G 840 23.12 43.53 8.18
CA LEU G 840 24.14 42.53 7.96
C LEU G 840 23.55 41.15 8.10
N LEU G 841 22.64 40.98 9.06
CA LEU G 841 22.07 39.68 9.32
C LEU G 841 21.18 39.25 8.16
N PHE G 842 20.41 40.20 7.64
CA PHE G 842 19.51 39.94 6.53
C PHE G 842 20.23 39.67 5.23
N ASN G 843 21.46 40.16 5.10
CA ASN G 843 22.20 39.95 3.89
C ASN G 843 23.02 38.66 3.92
N LYS G 844 22.93 37.87 5.00
CA LYS G 844 23.69 36.62 5.05
C LYS G 844 22.79 35.40 4.90
N VAL G 845 21.59 35.45 5.44
CA VAL G 845 20.69 34.30 5.34
C VAL G 845 19.74 34.44 4.15
N THR G 846 19.62 33.37 3.34
CA THR G 846 18.78 33.35 2.13
C THR G 846 17.43 32.72 2.45
N LYS G 873 6.12 24.77 -7.25
CA LYS G 873 5.62 26.08 -7.63
C LYS G 873 4.17 26.00 -8.09
N PHE G 874 3.92 25.13 -9.09
CA PHE G 874 2.61 24.90 -9.68
C PHE G 874 2.11 23.50 -9.37
N ASN G 875 2.67 22.90 -8.34
CA ASN G 875 2.34 21.54 -7.95
C ASN G 875 1.41 21.49 -6.74
N GLY G 876 0.76 22.62 -6.45
CA GLY G 876 -0.12 22.71 -5.31
C GLY G 876 0.65 23.15 -4.08
N LEU G 877 1.93 23.42 -4.27
CA LEU G 877 2.83 23.83 -3.19
C LEU G 877 3.02 25.32 -3.18
N THR G 878 2.50 25.97 -2.15
CA THR G 878 2.62 27.42 -2.05
C THR G 878 3.20 27.82 -0.72
N VAL G 879 3.47 29.11 -0.57
CA VAL G 879 3.98 29.64 0.68
C VAL G 879 3.18 30.84 1.13
N LEU G 880 2.76 30.82 2.38
CA LEU G 880 1.98 31.90 2.93
C LEU G 880 2.92 32.91 3.54
N PRO G 881 2.59 34.20 3.52
CA PRO G 881 3.33 35.25 4.15
C PRO G 881 3.11 35.17 5.65
N PRO G 882 4.03 35.68 6.44
CA PRO G 882 3.93 35.86 7.87
C PRO G 882 2.97 36.98 8.15
N LEU G 883 2.36 36.98 9.32
CA LEU G 883 1.53 38.09 9.70
C LEU G 883 2.36 39.33 9.94
N LEU G 884 3.50 39.15 10.58
CA LEU G 884 4.38 40.27 10.86
C LEU G 884 5.51 40.32 9.87
N THR G 885 5.53 41.38 9.07
CA THR G 885 6.53 41.55 8.04
C THR G 885 7.82 42.02 8.67
N ASP G 886 8.91 41.99 7.92
CA ASP G 886 10.19 42.39 8.49
C ASP G 886 10.11 43.78 9.09
N GLU G 887 9.36 44.66 8.46
CA GLU G 887 9.19 46.00 8.99
C GLU G 887 8.52 45.98 10.36
N MET G 888 7.56 45.09 10.56
CA MET G 888 6.84 45.06 11.82
C MET G 888 7.76 44.57 12.91
N ILE G 889 8.61 43.64 12.54
CA ILE G 889 9.53 43.08 13.50
C ILE G 889 10.53 44.15 13.87
N ALA G 890 11.00 44.89 12.88
CA ALA G 890 11.94 45.96 13.13
C ALA G 890 11.35 46.96 14.12
N GLN G 891 10.06 47.25 14.00
CA GLN G 891 9.43 48.16 14.95
C GLN G 891 9.40 47.56 16.34
N TYR G 892 9.16 46.26 16.46
CA TYR G 892 9.16 45.65 17.77
C TYR G 892 10.54 45.64 18.38
N THR G 893 11.57 45.32 17.61
CA THR G 893 12.89 45.30 18.19
C THR G 893 13.32 46.70 18.51
N SER G 894 12.87 47.67 17.73
CA SER G 894 13.17 49.06 18.02
C SER G 894 12.58 49.46 19.35
N ALA G 895 11.32 49.09 19.58
CA ALA G 895 10.65 49.41 20.82
C ALA G 895 11.30 48.76 22.01
N LEU G 896 11.68 47.50 21.86
CA LEU G 896 12.29 46.79 22.96
C LEU G 896 13.64 47.38 23.26
N LEU G 897 14.35 47.75 22.22
CA LEU G 897 15.66 48.33 22.37
C LEU G 897 15.59 49.72 22.96
N ALA G 898 14.66 50.54 22.49
CA ALA G 898 14.52 51.87 23.03
C ALA G 898 14.13 51.79 24.49
N GLY G 899 13.29 50.82 24.82
CA GLY G 899 12.88 50.62 26.20
C GLY G 899 14.08 50.25 27.04
N THR G 900 14.84 49.27 26.58
CA THR G 900 16.01 48.78 27.30
C THR G 900 16.99 49.90 27.55
N ILE G 901 17.22 50.73 26.55
CA ILE G 901 18.18 51.81 26.68
C ILE G 901 17.70 52.95 27.58
N THR G 902 16.47 53.39 27.43
CA THR G 902 16.04 54.57 28.18
C THR G 902 15.32 54.30 29.51
N SER G 903 14.81 53.09 29.72
CA SER G 903 14.07 52.82 30.96
C SER G 903 14.48 51.52 31.66
N GLY G 904 15.55 50.89 31.18
CA GLY G 904 16.02 49.66 31.77
C GLY G 904 14.96 48.58 31.74
N TRP G 905 14.72 47.96 32.88
CA TRP G 905 13.74 46.90 32.96
C TRP G 905 12.37 47.36 33.42
N THR G 906 12.20 48.65 33.67
CA THR G 906 10.95 49.05 34.27
C THR G 906 9.82 48.90 33.28
N PHE G 907 10.11 49.03 31.98
CA PHE G 907 9.09 48.91 30.96
C PHE G 907 8.61 47.47 30.86
N GLY G 908 9.43 46.54 31.34
CA GLY G 908 9.05 45.14 31.28
C GLY G 908 8.06 44.84 32.39
N ALA G 909 8.23 45.51 33.53
CA ALA G 909 7.36 45.28 34.68
C ALA G 909 6.08 46.10 34.59
N GLY G 910 6.16 47.29 34.04
CA GLY G 910 5.00 48.17 33.99
C GLY G 910 5.20 49.31 33.01
N ALA G 911 5.33 50.52 33.54
CA ALA G 911 5.55 51.70 32.72
C ALA G 911 7.02 51.89 32.42
N ALA G 912 7.33 52.51 31.29
CA ALA G 912 8.72 52.81 31.00
C ALA G 912 9.13 54.05 31.76
N LEU G 913 9.98 53.87 32.75
CA LEU G 913 10.41 54.95 33.61
C LEU G 913 11.80 55.41 33.21
N GLN G 914 11.92 56.65 32.78
CA GLN G 914 13.21 57.07 32.29
C GLN G 914 14.26 57.02 33.38
N ILE G 915 15.47 56.65 32.99
CA ILE G 915 16.63 56.66 33.87
C ILE G 915 17.86 57.01 33.03
N PRO G 916 18.81 57.81 33.51
CA PRO G 916 20.05 58.07 32.84
C PRO G 916 20.71 56.76 32.54
N PHE G 917 21.31 56.61 31.37
CA PHE G 917 21.88 55.32 31.04
C PHE G 917 22.98 54.92 32.00
N ALA G 918 23.83 55.85 32.39
CA ALA G 918 24.91 55.51 33.30
C ALA G 918 24.36 54.97 34.62
N MET G 919 23.24 55.50 35.09
CA MET G 919 22.68 54.98 36.31
C MET G 919 22.11 53.60 36.09
N GLN G 920 21.52 53.39 34.94
CA GLN G 920 21.01 52.07 34.63
C GLN G 920 22.12 51.04 34.74
N MET G 921 23.28 51.39 34.21
CA MET G 921 24.41 50.50 34.27
C MET G 921 24.86 50.28 35.70
N ALA G 922 24.69 51.29 36.55
CA ALA G 922 25.07 51.13 37.94
C ALA G 922 24.27 50.02 38.57
N TYR G 923 23.03 49.88 38.16
CA TYR G 923 22.19 48.84 38.74
C TYR G 923 22.64 47.52 38.18
N ARG G 924 22.98 47.52 36.90
CA ARG G 924 23.39 46.31 36.22
C ARG G 924 24.66 45.76 36.88
N PHE G 925 25.53 46.66 37.33
CA PHE G 925 26.75 46.27 38.03
C PHE G 925 26.45 45.75 39.42
N ASN G 926 25.55 46.41 40.16
CA ASN G 926 25.22 45.91 41.48
C ASN G 926 24.64 44.50 41.36
N GLY G 927 23.91 44.27 40.28
CA GLY G 927 23.26 43.00 39.99
C GLY G 927 24.23 41.85 39.77
N ILE G 928 25.51 42.15 39.56
CA ILE G 928 26.49 41.09 39.35
C ILE G 928 27.48 41.06 40.50
N GLY G 929 27.17 41.75 41.58
CA GLY G 929 28.06 41.75 42.73
C GLY G 929 29.24 42.71 42.62
N VAL G 930 29.10 43.76 41.84
CA VAL G 930 30.17 44.75 41.72
C VAL G 930 29.63 46.09 42.14
N THR G 931 30.24 46.70 43.15
CA THR G 931 29.73 47.95 43.66
C THR G 931 29.77 49.00 42.57
N GLN G 932 28.67 49.74 42.45
CA GLN G 932 28.45 50.74 41.41
C GLN G 932 29.50 51.83 41.29
N ASN G 933 30.30 52.03 42.32
CA ASN G 933 31.30 53.08 42.20
C ASN G 933 32.31 52.67 41.14
N VAL G 934 32.41 51.37 40.86
CA VAL G 934 33.36 50.88 39.88
C VAL G 934 32.95 51.40 38.53
N LEU G 935 31.67 51.35 38.24
CA LEU G 935 31.17 51.83 36.97
C LEU G 935 31.48 53.29 36.76
N TYR G 936 31.18 54.10 37.76
CA TYR G 936 31.33 55.51 37.56
C TYR G 936 32.79 55.90 37.42
N GLU G 937 33.64 55.30 38.24
CA GLU G 937 35.04 55.62 38.21
C GLU G 937 35.66 55.20 36.88
N ASN G 938 35.17 54.11 36.32
CA ASN G 938 35.67 53.60 35.06
C ASN G 938 34.70 53.79 33.92
N GLN G 939 33.78 54.75 34.05
CA GLN G 939 32.75 54.91 33.02
C GLN G 939 33.30 55.10 31.63
N LYS G 940 34.38 55.87 31.49
CA LYS G 940 34.89 56.10 30.14
C LYS G 940 35.47 54.83 29.56
N LEU G 941 36.20 54.08 30.38
CA LEU G 941 36.77 52.83 29.93
C LEU G 941 35.70 51.86 29.52
N ILE G 942 34.67 51.76 30.32
CA ILE G 942 33.61 50.82 30.08
C ILE G 942 32.89 51.17 28.79
N ALA G 943 32.58 52.44 28.60
CA ALA G 943 31.92 52.86 27.39
C ALA G 943 32.78 52.55 26.17
N ASN G 944 34.09 52.74 26.30
CA ASN G 944 34.99 52.49 25.18
C ASN G 944 35.05 51.01 24.87
N GLN G 945 35.09 50.16 25.89
CA GLN G 945 35.13 48.73 25.65
C GLN G 945 33.85 48.28 25.00
N PHE G 946 32.73 48.85 25.44
CA PHE G 946 31.45 48.51 24.86
C PHE G 946 31.41 48.87 23.40
N ASN G 947 31.80 50.09 23.09
CA ASN G 947 31.73 50.56 21.72
C ASN G 947 32.63 49.73 20.82
N SER G 948 33.78 49.35 21.34
CA SER G 948 34.71 48.52 20.59
C SER G 948 34.11 47.15 20.32
N ALA G 949 33.51 46.57 21.36
CA ALA G 949 32.92 45.25 21.23
C ALA G 949 31.84 45.24 20.15
N ILE G 950 31.06 46.31 20.06
CA ILE G 950 30.04 46.34 19.04
C ILE G 950 30.69 46.36 17.66
N GLY G 951 31.74 47.14 17.50
CA GLY G 951 32.44 47.16 16.22
C GLY G 951 32.94 45.76 15.85
N LYS G 952 33.39 45.00 16.84
CA LYS G 952 33.86 43.65 16.60
C LYS G 952 32.74 42.76 16.09
N ILE G 953 31.53 42.97 16.60
CA ILE G 953 30.39 42.17 16.16
C ILE G 953 30.15 42.40 14.69
N GLN G 954 30.24 43.65 14.26
CA GLN G 954 30.02 43.93 12.85
C GLN G 954 31.07 43.28 11.98
N ASP G 955 32.32 43.33 12.42
CA ASP G 955 33.40 42.76 11.62
C ASP G 955 33.23 41.27 11.46
N SER G 956 32.77 40.61 12.52
CA SER G 956 32.54 39.18 12.44
C SER G 956 31.36 38.85 11.54
N LEU G 957 30.23 39.51 11.76
CA LEU G 957 29.03 39.19 11.01
C LEU G 957 29.17 39.46 9.53
N SER G 958 29.87 40.53 9.16
CA SER G 958 29.96 40.90 7.77
C SER G 958 30.92 40.01 6.98
N SER G 959 31.76 39.23 7.67
CA SER G 959 32.77 38.45 6.97
C SER G 959 32.65 36.94 7.16
N THR G 960 31.98 36.51 8.22
CA THR G 960 31.87 35.10 8.50
C THR G 960 30.47 34.61 8.17
N ALA G 961 30.33 33.93 7.04
CA ALA G 961 29.01 33.49 6.58
C ALA G 961 28.39 32.50 7.55
N SER G 962 29.24 31.66 8.13
CA SER G 962 28.84 30.62 9.05
C SER G 962 28.29 31.17 10.35
N ALA G 963 28.45 32.48 10.56
CA ALA G 963 28.02 33.12 11.78
C ALA G 963 26.52 32.93 11.99
N LEU G 964 25.76 32.85 10.90
CA LEU G 964 24.31 32.70 11.01
C LEU G 964 23.85 31.33 10.56
N GLY G 965 24.73 30.33 10.69
CA GLY G 965 24.43 28.99 10.25
C GLY G 965 23.16 28.41 10.87
N LYS G 966 22.86 28.79 12.11
CA LYS G 966 21.66 28.26 12.74
C LYS G 966 20.37 28.65 12.03
N LEU G 967 20.35 29.81 11.38
CA LEU G 967 19.12 30.20 10.70
C LEU G 967 19.13 29.67 9.29
N GLN G 968 20.32 29.63 8.69
CA GLN G 968 20.44 29.17 7.32
C GLN G 968 20.10 27.69 7.26
N ASP G 969 20.45 26.95 8.29
CA ASP G 969 20.19 25.53 8.35
C ASP G 969 18.69 25.25 8.33
N VAL G 970 17.91 26.10 8.99
CA VAL G 970 16.48 25.89 9.02
C VAL G 970 15.92 26.06 7.62
N VAL G 971 16.41 27.09 6.95
CA VAL G 971 15.97 27.35 5.60
C VAL G 971 16.35 26.20 4.70
N ASN G 972 17.56 25.67 4.87
CA ASN G 972 18.01 24.59 4.04
C ASN G 972 17.20 23.32 4.27
N GLN G 973 16.82 23.04 5.52
CA GLN G 973 16.04 21.85 5.77
C GLN G 973 14.67 21.95 5.14
N ASN G 974 14.08 23.13 5.18
CA ASN G 974 12.77 23.30 4.60
C ASN G 974 12.84 23.19 3.08
N ALA G 975 13.91 23.74 2.51
CA ALA G 975 14.07 23.67 1.07
C ALA G 975 14.23 22.23 0.63
N GLN G 976 14.98 21.45 1.41
CA GLN G 976 15.16 20.05 1.06
C GLN G 976 13.86 19.30 1.18
N ALA G 977 13.07 19.60 2.21
CA ALA G 977 11.82 18.89 2.37
C ALA G 977 10.90 19.14 1.19
N LEU G 978 10.88 20.38 0.70
CA LEU G 978 10.04 20.70 -0.44
C LEU G 978 10.60 20.13 -1.72
N ASN G 979 11.91 20.15 -1.88
CA ASN G 979 12.51 19.62 -3.08
C ASN G 979 12.29 18.13 -3.15
N THR G 980 12.33 17.49 -1.99
CA THR G 980 12.11 16.07 -1.93
C THR G 980 10.67 15.78 -2.31
N LEU G 981 9.75 16.55 -1.77
CA LEU G 981 8.34 16.34 -2.04
C LEU G 981 8.06 16.49 -3.52
N VAL G 982 8.62 17.50 -4.16
CA VAL G 982 8.38 17.69 -5.58
C VAL G 982 9.01 16.60 -6.41
N LYS G 983 10.24 16.23 -6.12
CA LYS G 983 10.89 15.20 -6.90
C LYS G 983 10.13 13.90 -6.85
N GLN G 984 9.44 13.62 -5.75
CA GLN G 984 8.68 12.38 -5.64
C GLN G 984 7.60 12.27 -6.70
N LEU G 985 7.16 13.38 -7.26
CA LEU G 985 6.11 13.35 -8.28
C LEU G 985 6.59 12.63 -9.53
N SER G 986 7.90 12.58 -9.74
CA SER G 986 8.47 11.94 -10.91
C SER G 986 8.59 10.43 -10.74
N SER G 987 8.30 9.91 -9.55
CA SER G 987 8.42 8.48 -9.32
C SER G 987 7.20 7.74 -9.84
N ASN G 988 7.43 6.51 -10.26
CA ASN G 988 6.34 5.68 -10.78
C ASN G 988 5.59 4.94 -9.69
N PHE G 989 6.28 4.53 -8.64
CA PHE G 989 5.65 3.76 -7.58
C PHE G 989 5.02 2.47 -8.10
N GLY G 990 5.54 1.94 -9.20
CA GLY G 990 5.03 0.71 -9.78
C GLY G 990 4.12 0.97 -10.97
N ALA G 991 3.75 2.22 -11.17
CA ALA G 991 2.90 2.60 -12.27
C ALA G 991 3.68 2.61 -13.58
N ILE G 992 2.96 2.52 -14.69
CA ILE G 992 3.57 2.59 -16.01
C ILE G 992 4.17 3.96 -16.31
N SER G 993 3.69 4.98 -15.62
CA SER G 993 4.20 6.33 -15.80
C SER G 993 3.93 7.20 -14.59
N SER G 994 4.87 8.09 -14.30
CA SER G 994 4.74 9.06 -13.23
C SER G 994 3.80 10.19 -13.61
N VAL G 995 3.44 10.27 -14.88
CA VAL G 995 2.58 11.33 -15.35
C VAL G 995 1.14 10.86 -15.46
N LEU G 996 0.29 11.50 -14.69
CA LEU G 996 -1.09 11.12 -14.59
C LEU G 996 -1.82 11.26 -15.90
N ASN G 997 -1.50 12.32 -16.64
CA ASN G 997 -2.17 12.55 -17.91
C ASN G 997 -1.81 11.49 -18.94
N ASP G 998 -0.61 10.92 -18.82
CA ASP G 998 -0.16 9.91 -19.76
C ASP G 998 -0.85 8.59 -19.47
N ILE G 999 -1.22 8.36 -18.23
CA ILE G 999 -1.97 7.15 -17.95
C ILE G 999 -3.37 7.29 -18.54
N LEU G 1000 -3.98 8.44 -18.28
CA LEU G 1000 -5.35 8.67 -18.72
C LEU G 1000 -5.51 8.72 -20.23
N SER G 1001 -4.50 9.21 -20.92
CA SER G 1001 -4.54 9.33 -22.37
C SER G 1001 -4.22 8.02 -23.07
N ARG G 1002 -3.81 7.01 -22.30
CA ARG G 1002 -3.40 5.75 -22.91
C ARG G 1002 -4.26 4.56 -22.49
N LEU G 1003 -4.80 4.57 -21.28
CA LEU G 1003 -5.60 3.45 -20.82
C LEU G 1003 -7.06 3.81 -20.59
N ASP G 1004 -7.94 2.86 -20.87
CA ASP G 1004 -9.34 3.00 -20.50
C ASP G 1004 -9.46 2.80 -19.00
N PRO G 1005 -10.47 3.36 -18.32
CA PRO G 1005 -10.70 3.29 -16.88
C PRO G 1005 -10.45 1.92 -16.21
N PRO G 1006 -10.90 0.77 -16.75
CA PRO G 1006 -10.72 -0.52 -16.12
C PRO G 1006 -9.25 -0.85 -15.85
N GLU G 1007 -8.35 -0.22 -16.59
CA GLU G 1007 -6.92 -0.43 -16.41
C GLU G 1007 -6.26 0.82 -15.85
N ALA G 1008 -6.78 1.98 -16.25
CA ALA G 1008 -6.20 3.25 -15.85
C ALA G 1008 -6.31 3.42 -14.35
N GLU G 1009 -7.41 2.96 -13.78
CA GLU G 1009 -7.64 3.11 -12.36
C GLU G 1009 -6.59 2.38 -11.55
N VAL G 1010 -6.12 1.25 -12.05
CA VAL G 1010 -5.12 0.50 -11.32
C VAL G 1010 -3.83 1.27 -11.29
N GLN G 1011 -3.44 1.82 -12.44
CA GLN G 1011 -2.21 2.56 -12.52
C GLN G 1011 -2.28 3.82 -11.68
N ILE G 1012 -3.45 4.43 -11.64
CA ILE G 1012 -3.63 5.63 -10.87
C ILE G 1012 -3.56 5.30 -9.39
N ASP G 1013 -4.20 4.22 -8.96
CA ASP G 1013 -4.13 3.86 -7.56
C ASP G 1013 -2.69 3.74 -7.10
N ARG G 1014 -1.81 3.22 -7.95
CA ARG G 1014 -0.42 3.10 -7.56
C ARG G 1014 0.19 4.48 -7.33
N LEU G 1015 -0.12 5.44 -8.20
CA LEU G 1015 0.43 6.78 -8.02
C LEU G 1015 -0.17 7.45 -6.80
N ILE G 1016 -1.46 7.24 -6.56
CA ILE G 1016 -2.09 7.87 -5.41
C ILE G 1016 -1.49 7.36 -4.13
N THR G 1017 -1.31 6.05 -4.02
CA THR G 1017 -0.76 5.51 -2.80
C THR G 1017 0.63 6.04 -2.57
N GLY G 1018 1.45 6.02 -3.60
CA GLY G 1018 2.83 6.48 -3.46
C GLY G 1018 2.90 7.95 -3.10
N ARG G 1019 2.08 8.76 -3.75
CA ARG G 1019 2.11 10.17 -3.51
C ARG G 1019 1.53 10.52 -2.14
N LEU G 1020 0.53 9.77 -1.67
CA LEU G 1020 0.01 10.00 -0.34
C LEU G 1020 1.06 9.66 0.69
N GLN G 1021 1.82 8.60 0.46
CA GLN G 1021 2.87 8.25 1.40
C GLN G 1021 3.86 9.38 1.48
N SER G 1022 4.12 10.01 0.34
CA SER G 1022 5.04 11.13 0.28
C SER G 1022 4.51 12.31 1.07
N LEU G 1023 3.23 12.64 0.92
CA LEU G 1023 2.70 13.74 1.69
C LEU G 1023 2.70 13.42 3.17
N GLN G 1024 2.38 12.20 3.53
CA GLN G 1024 2.34 11.86 4.93
C GLN G 1024 3.73 11.98 5.53
N THR G 1025 4.73 11.56 4.77
CA THR G 1025 6.11 11.67 5.21
C THR G 1025 6.49 13.12 5.38
N TYR G 1026 6.15 13.94 4.38
CA TYR G 1026 6.47 15.35 4.42
C TYR G 1026 5.84 16.01 5.63
N VAL G 1027 4.55 15.78 5.83
CA VAL G 1027 3.86 16.44 6.91
C VAL G 1027 4.40 15.99 8.25
N THR G 1028 4.65 14.69 8.40
CA THR G 1028 5.17 14.21 9.66
C THR G 1028 6.48 14.90 9.97
N GLN G 1029 7.35 15.02 8.97
CA GLN G 1029 8.62 15.70 9.16
C GLN G 1029 8.43 17.16 9.50
N GLN G 1030 7.46 17.81 8.86
CA GLN G 1030 7.21 19.22 9.14
C GLN G 1030 6.69 19.40 10.55
N LEU G 1031 5.88 18.46 11.03
CA LEU G 1031 5.33 18.55 12.38
C LEU G 1031 6.42 18.39 13.41
N ILE G 1032 7.32 17.44 13.18
CA ILE G 1032 8.40 17.22 14.11
C ILE G 1032 9.35 18.40 14.08
N ARG G 1033 9.69 18.86 12.88
CA ARG G 1033 10.55 20.01 12.74
C ARG G 1033 9.91 21.22 13.38
N ALA G 1034 8.61 21.38 13.22
CA ALA G 1034 7.92 22.50 13.81
C ALA G 1034 8.04 22.46 15.31
N ALA G 1035 8.02 21.27 15.89
CA ALA G 1035 8.16 21.15 17.33
C ALA G 1035 9.52 21.66 17.77
N GLU G 1036 10.54 21.40 16.98
CA GLU G 1036 11.88 21.88 17.31
C GLU G 1036 11.93 23.39 17.24
N ILE G 1037 11.32 23.96 16.20
CA ILE G 1037 11.29 25.39 16.04
C ILE G 1037 10.51 26.03 17.17
N ARG G 1038 9.40 25.40 17.54
CA ARG G 1038 8.59 25.94 18.61
C ARG G 1038 9.39 25.95 19.90
N ALA G 1039 10.12 24.88 20.18
CA ALA G 1039 10.93 24.85 21.37
C ALA G 1039 11.98 25.95 21.35
N SER G 1040 12.57 26.19 20.18
CA SER G 1040 13.55 27.25 20.04
C SER G 1040 12.89 28.60 20.25
N ALA G 1041 11.71 28.79 19.69
CA ALA G 1041 10.98 30.03 19.85
C ALA G 1041 10.64 30.26 21.31
N ASN G 1042 10.32 29.19 22.03
CA ASN G 1042 9.98 29.32 23.43
C ASN G 1042 11.21 29.77 24.19
N LEU G 1043 12.36 29.24 23.84
CA LEU G 1043 13.60 29.65 24.47
C LEU G 1043 13.91 31.08 24.14
N ALA G 1044 13.71 31.47 22.89
CA ALA G 1044 13.98 32.82 22.47
C ALA G 1044 13.08 33.79 23.19
N ALA G 1045 11.82 33.41 23.37
CA ALA G 1045 10.88 34.26 24.08
C ALA G 1045 11.28 34.37 25.53
N THR G 1046 11.77 33.26 26.09
CA THR G 1046 12.20 33.26 27.47
C THR G 1046 13.35 34.23 27.64
N LYS G 1047 14.31 34.18 26.73
CA LYS G 1047 15.44 35.07 26.79
C LYS G 1047 15.01 36.51 26.60
N MET G 1048 14.08 36.75 25.71
CA MET G 1048 13.66 38.11 25.53
C MET G 1048 13.12 38.62 26.87
N SER G 1049 12.25 37.84 27.50
CA SER G 1049 11.66 38.29 28.75
C SER G 1049 12.62 38.39 29.90
N GLU G 1050 13.51 37.42 30.05
CA GLU G 1050 14.39 37.40 31.22
C GLU G 1050 15.74 38.08 31.02
N CYS G 1051 16.25 38.08 29.80
CA CYS G 1051 17.60 38.57 29.47
C CYS G 1051 17.51 39.99 28.95
N VAL G 1052 16.60 40.28 28.04
CA VAL G 1052 16.47 41.61 27.46
C VAL G 1052 15.63 42.55 28.31
N LEU G 1053 14.45 42.11 28.72
CA LEU G 1053 13.59 42.96 29.52
C LEU G 1053 14.09 43.10 30.95
N GLY G 1054 14.85 42.12 31.42
CA GLY G 1054 15.37 42.13 32.78
C GLY G 1054 16.88 42.06 32.79
N GLN G 1055 17.39 41.31 33.76
CA GLN G 1055 18.81 41.00 33.96
C GLN G 1055 18.87 39.58 34.45
N SER G 1056 19.71 38.76 33.83
CA SER G 1056 19.72 37.35 34.19
C SER G 1056 20.67 37.01 35.31
N LYS G 1057 20.22 36.13 36.20
CA LYS G 1057 21.04 35.60 37.28
C LYS G 1057 21.34 34.15 37.01
N ARG G 1058 20.93 33.69 35.84
CA ARG G 1058 21.13 32.33 35.40
C ARG G 1058 22.42 32.23 34.62
N VAL G 1059 23.35 31.44 35.14
CA VAL G 1059 24.69 31.35 34.57
C VAL G 1059 24.70 30.76 33.17
N ASP G 1060 25.38 31.44 32.28
CA ASP G 1060 25.53 31.10 30.87
C ASP G 1060 24.21 31.05 30.12
N PHE G 1061 23.17 31.59 30.74
CA PHE G 1061 21.89 31.71 30.05
C PHE G 1061 21.97 32.80 28.97
N CYS G 1062 22.66 33.91 29.29
CA CYS G 1062 22.83 35.08 28.43
C CYS G 1062 24.30 35.23 28.03
N GLY G 1063 24.92 34.12 27.67
CA GLY G 1063 26.32 34.14 27.25
C GLY G 1063 27.22 33.91 28.44
N LYS G 1064 28.49 33.63 28.17
CA LYS G 1064 29.46 33.40 29.23
C LYS G 1064 29.83 34.70 29.90
N GLY G 1065 29.91 34.69 31.23
CA GLY G 1065 30.28 35.88 31.98
C GLY G 1065 29.12 36.34 32.83
N TYR G 1066 29.27 37.46 33.49
CA TYR G 1066 28.20 37.93 34.36
C TYR G 1066 27.30 38.83 33.53
N HIS G 1067 26.07 38.44 33.37
CA HIS G 1067 25.19 39.20 32.48
C HIS G 1067 24.87 40.57 33.01
N LEU G 1068 24.96 41.57 32.12
CA LEU G 1068 24.54 42.92 32.44
C LEU G 1068 23.24 43.21 31.73
N MET G 1069 23.28 43.24 30.40
CA MET G 1069 22.14 43.61 29.58
C MET G 1069 22.21 42.95 28.23
N SER G 1070 21.08 42.87 27.52
CA SER G 1070 21.10 42.34 26.17
C SER G 1070 20.25 43.16 25.23
N PHE G 1071 20.60 43.10 23.95
CA PHE G 1071 19.85 43.82 22.94
C PHE G 1071 19.44 42.88 21.82
N PRO G 1072 18.16 42.80 21.45
CA PRO G 1072 17.65 41.99 20.38
C PRO G 1072 17.93 42.65 19.04
N GLN G 1073 18.10 41.83 18.01
CA GLN G 1073 18.16 42.26 16.63
C GLN G 1073 17.36 41.26 15.81
N SER G 1074 16.63 41.70 14.81
CA SER G 1074 15.88 40.75 14.01
C SER G 1074 16.75 40.06 12.98
N ALA G 1075 16.29 38.91 12.51
CA ALA G 1075 16.96 38.18 11.46
C ALA G 1075 15.91 37.37 10.70
N PRO G 1076 16.19 36.92 9.48
CA PRO G 1076 15.27 36.08 8.73
C PRO G 1076 14.88 34.88 9.57
N HIS G 1077 13.59 34.73 9.79
CA HIS G 1077 13.03 33.61 10.54
C HIS G 1077 13.65 33.42 11.91
N GLY G 1078 14.09 34.49 12.56
CA GLY G 1078 14.70 34.31 13.86
C GLY G 1078 15.09 35.59 14.55
N VAL G 1079 15.74 35.43 15.69
CA VAL G 1079 16.14 36.56 16.51
C VAL G 1079 17.60 36.39 16.88
N VAL G 1080 18.30 37.49 16.93
CA VAL G 1080 19.68 37.50 17.33
C VAL G 1080 19.87 38.35 18.57
N PHE G 1081 20.50 37.79 19.57
CA PHE G 1081 20.71 38.54 20.79
C PHE G 1081 22.15 38.95 20.97
N LEU G 1082 22.36 40.20 21.26
CA LEU G 1082 23.69 40.68 21.59
C LEU G 1082 23.77 40.77 23.09
N HIS G 1083 24.53 39.88 23.69
CA HIS G 1083 24.59 39.79 25.13
C HIS G 1083 25.79 40.53 25.65
N VAL G 1084 25.56 41.48 26.54
CA VAL G 1084 26.64 42.27 27.08
C VAL G 1084 26.96 41.73 28.46
N THR G 1085 28.17 41.22 28.61
CA THR G 1085 28.56 40.58 29.85
C THR G 1085 29.83 41.17 30.44
N TYR G 1086 29.92 41.07 31.76
CA TYR G 1086 31.08 41.48 32.51
C TYR G 1086 31.99 40.31 32.74
N VAL G 1087 33.23 40.41 32.28
CA VAL G 1087 34.16 39.31 32.44
C VAL G 1087 35.45 39.77 33.09
N PRO G 1088 35.85 39.19 34.22
CA PRO G 1088 37.10 39.45 34.91
C PRO G 1088 38.24 39.27 33.92
N ALA G 1089 39.20 40.18 33.92
CA ALA G 1089 40.27 40.12 32.92
C ALA G 1089 41.65 39.87 33.51
N GLN G 1090 41.94 40.52 34.61
CA GLN G 1090 43.27 40.42 35.19
C GLN G 1090 43.10 40.08 36.64
N GLU G 1091 44.03 39.32 37.20
CA GLU G 1091 43.92 38.85 38.58
C GLU G 1091 45.24 38.80 39.32
N LYS G 1092 45.17 38.84 40.64
CA LYS G 1092 46.34 38.68 41.49
C LYS G 1092 46.13 37.65 42.60
N ASN G 1093 47.25 37.06 43.05
CA ASN G 1093 47.31 36.11 44.17
C ASN G 1093 47.37 36.83 45.50
N PHE G 1094 46.30 36.73 46.31
CA PHE G 1094 46.24 37.34 47.64
C PHE G 1094 46.18 36.28 48.70
N THR G 1095 46.73 36.58 49.87
CA THR G 1095 46.61 35.66 50.97
C THR G 1095 45.27 35.95 51.63
N THR G 1096 44.58 34.92 52.08
CA THR G 1096 43.28 35.15 52.68
C THR G 1096 43.06 34.49 54.02
N ALA G 1097 41.90 34.78 54.60
CA ALA G 1097 41.47 34.22 55.87
C ALA G 1097 39.95 34.33 55.95
N PRO G 1098 39.26 33.37 56.55
CA PRO G 1098 37.83 33.35 56.74
C PRO G 1098 37.33 34.36 57.75
N ALA G 1099 38.21 34.79 58.64
CA ALA G 1099 37.83 35.72 59.69
C ALA G 1099 39.05 36.36 60.30
N ILE G 1100 38.83 37.47 60.98
CA ILE G 1100 39.88 38.15 61.73
C ILE G 1100 39.59 38.34 63.21
N CYS G 1101 40.58 38.04 64.05
CA CYS G 1101 40.56 38.26 65.49
C CYS G 1101 40.94 39.68 65.83
N HIS G 1102 40.16 40.32 66.67
CA HIS G 1102 40.53 41.64 67.15
C HIS G 1102 40.93 41.58 68.61
N ASP G 1103 39.95 41.52 69.49
CA ASP G 1103 40.16 41.41 70.92
C ASP G 1103 39.75 40.03 71.42
N GLY G 1104 39.70 39.07 70.50
CA GLY G 1104 39.27 37.71 70.80
C GLY G 1104 37.96 37.43 70.09
N LYS G 1105 37.27 38.49 69.68
CA LYS G 1105 36.04 38.37 68.91
C LYS G 1105 36.38 37.99 67.48
N ALA G 1106 35.52 37.19 66.86
CA ALA G 1106 35.72 36.83 65.46
C ALA G 1106 34.93 37.74 64.53
N HIS G 1107 35.66 38.49 63.71
CA HIS G 1107 35.07 39.44 62.77
C HIS G 1107 35.00 38.87 61.36
N PHE G 1108 33.83 38.93 60.75
CA PHE G 1108 33.62 38.42 59.41
C PHE G 1108 33.20 39.59 58.51
N PRO G 1109 33.48 39.61 57.22
CA PRO G 1109 33.05 40.65 56.31
C PRO G 1109 31.55 40.65 56.16
N ARG G 1110 30.93 41.82 56.07
CA ARG G 1110 29.53 41.86 55.73
C ARG G 1110 29.39 41.49 54.26
N GLU G 1111 30.33 42.01 53.48
CA GLU G 1111 30.44 41.75 52.06
C GLU G 1111 31.91 41.64 51.74
N GLY G 1112 32.25 40.86 50.74
CA GLY G 1112 33.64 40.76 50.34
C GLY G 1112 34.40 39.75 51.17
N VAL G 1113 35.71 39.73 50.99
CA VAL G 1113 36.60 38.81 51.66
C VAL G 1113 37.76 39.54 52.28
N PHE G 1114 38.43 38.88 53.21
CA PHE G 1114 39.66 39.45 53.74
C PHE G 1114 40.82 39.03 52.86
N VAL G 1115 41.70 39.96 52.59
CA VAL G 1115 42.87 39.68 51.78
C VAL G 1115 44.11 40.23 52.43
N SER G 1116 45.25 39.71 52.03
CA SER G 1116 46.51 40.26 52.48
C SER G 1116 47.50 40.34 51.35
N ASN G 1117 48.18 41.50 51.26
CA ASN G 1117 49.20 41.76 50.24
C ASN G 1117 50.62 41.40 50.73
N GLY G 1118 50.71 40.75 51.90
CA GLY G 1118 51.94 40.30 52.54
C GLY G 1118 52.28 41.11 53.79
N THR G 1119 51.75 42.33 53.90
CA THR G 1119 52.03 43.12 55.10
C THR G 1119 50.76 43.64 55.77
N HIS G 1120 49.72 43.88 54.98
CA HIS G 1120 48.50 44.43 55.54
C HIS G 1120 47.26 43.69 55.08
N TRP G 1121 46.30 43.60 55.99
CA TRP G 1121 45.01 42.99 55.71
C TRP G 1121 43.99 44.02 55.30
N PHE G 1122 43.21 43.70 54.28
CA PHE G 1122 42.17 44.54 53.75
C PHE G 1122 40.92 43.74 53.53
N VAL G 1123 39.80 44.41 53.41
CA VAL G 1123 38.57 43.73 53.05
C VAL G 1123 38.12 44.25 51.71
N THR G 1124 37.71 43.37 50.81
CA THR G 1124 37.33 43.84 49.49
C THR G 1124 36.27 43.01 48.81
N GLN G 1125 35.53 43.63 47.90
CA GLN G 1125 34.48 42.94 47.16
C GLN G 1125 35.06 41.80 46.33
N ARG G 1126 34.29 40.73 46.26
CA ARG G 1126 34.72 39.49 45.62
C ARG G 1126 35.06 39.58 44.15
N ASN G 1127 34.38 40.43 43.39
CA ASN G 1127 34.58 40.44 41.94
C ASN G 1127 35.48 41.53 41.39
N PHE G 1128 36.09 42.33 42.26
CA PHE G 1128 36.93 43.41 41.77
C PHE G 1128 37.78 44.01 42.87
N TYR G 1129 39.08 43.80 42.78
CA TYR G 1129 39.96 44.19 43.85
C TYR G 1129 39.90 45.67 44.11
N GLU G 1130 39.55 45.99 45.32
CA GLU G 1130 39.41 47.35 45.77
C GLU G 1130 39.57 47.36 47.28
N PRO G 1131 40.78 47.30 47.78
CA PRO G 1131 41.09 47.03 49.16
C PRO G 1131 40.60 48.16 50.03
N GLN G 1132 39.97 47.81 51.14
CA GLN G 1132 39.52 48.80 52.09
C GLN G 1132 40.07 48.49 53.46
N ILE G 1133 40.20 49.51 54.28
CA ILE G 1133 40.63 49.30 55.64
C ILE G 1133 39.56 48.53 56.36
N ILE G 1134 39.98 47.56 57.15
CA ILE G 1134 39.03 46.75 57.88
C ILE G 1134 38.56 47.53 59.09
N THR G 1135 37.26 47.76 59.13
CA THR G 1135 36.66 48.56 60.19
C THR G 1135 35.43 47.85 60.70
N THR G 1136 34.87 48.38 61.77
CA THR G 1136 33.66 47.84 62.36
C THR G 1136 32.45 48.06 61.47
N ASP G 1137 32.59 48.91 60.45
CA ASP G 1137 31.51 49.17 59.52
C ASP G 1137 31.60 48.26 58.30
N ASN G 1138 32.67 47.46 58.22
CA ASN G 1138 32.84 46.55 57.11
C ASN G 1138 32.61 45.12 57.55
N THR G 1139 32.81 44.87 58.84
CA THR G 1139 32.71 43.53 59.39
C THR G 1139 31.68 43.43 60.49
N PHE G 1140 31.36 42.21 60.87
CA PHE G 1140 30.45 41.97 61.98
C PHE G 1140 31.01 40.88 62.86
N VAL G 1141 30.61 40.88 64.12
CA VAL G 1141 31.12 39.88 65.05
C VAL G 1141 30.17 38.75 65.33
N SER G 1142 30.69 37.55 65.28
CA SER G 1142 29.92 36.37 65.66
C SER G 1142 30.81 35.28 66.20
N GLY G 1143 30.59 34.90 67.45
CA GLY G 1143 31.42 33.86 68.04
C GLY G 1143 32.81 34.41 68.32
N ASN G 1144 33.79 33.51 68.41
CA ASN G 1144 35.13 33.93 68.78
C ASN G 1144 36.23 33.09 68.12
N CYS G 1145 37.48 33.48 68.42
CA CYS G 1145 38.71 32.95 67.85
C CYS G 1145 39.00 31.50 68.19
N ASP G 1146 38.30 30.95 69.18
CA ASP G 1146 38.56 29.57 69.56
C ASP G 1146 37.75 28.61 68.72
N VAL G 1147 36.90 29.15 67.85
CA VAL G 1147 36.04 28.30 67.05
C VAL G 1147 36.43 28.29 65.57
N VAL G 1148 36.69 29.47 65.02
CA VAL G 1148 36.90 29.55 63.57
C VAL G 1148 38.25 28.98 63.12
N ILE G 1149 38.19 28.08 62.16
CA ILE G 1149 39.38 27.44 61.61
C ILE G 1149 40.05 28.36 60.63
N GLY G 1150 41.32 28.66 60.87
CA GLY G 1150 42.07 29.52 59.96
C GLY G 1150 41.93 31.00 60.28
N ILE G 1151 41.34 31.33 61.41
CA ILE G 1151 41.19 32.73 61.78
C ILE G 1151 42.56 33.33 62.07
N VAL G 1152 42.77 34.56 61.64
CA VAL G 1152 44.08 35.21 61.81
C VAL G 1152 43.95 36.45 62.69
N ASN G 1153 45.09 36.90 63.26
CA ASN G 1153 45.17 38.09 64.09
C ASN G 1153 45.42 39.35 63.24
N ASN G 1154 44.65 40.40 63.52
CA ASN G 1154 44.79 41.72 62.90
C ASN G 1154 44.16 42.74 63.81
N THR G 1155 43.82 43.90 63.28
CA THR G 1155 43.12 44.88 64.06
C THR G 1155 41.91 45.32 63.27
N VAL G 1156 40.87 45.70 63.97
CA VAL G 1156 39.70 46.26 63.31
C VAL G 1156 39.52 47.68 63.77
N TYR G 1157 39.55 48.60 62.83
CA TYR G 1157 39.46 50.01 63.14
C TYR G 1157 38.06 50.42 63.55
N ASP G 1158 37.98 51.21 64.61
CA ASP G 1158 36.72 51.75 65.09
C ASP G 1158 36.67 53.27 64.83
N PRO G 1159 35.92 53.73 63.82
CA PRO G 1159 35.77 55.12 63.40
C PRO G 1159 35.29 56.04 64.51
N LEU G 1160 34.68 55.47 65.54
CA LEU G 1160 34.16 56.27 66.63
C LEU G 1160 35.21 56.71 67.63
N GLN G 1161 36.24 55.89 67.84
CA GLN G 1161 37.14 56.23 68.94
C GLN G 1161 37.87 57.57 68.76
N PRO G 1162 38.33 57.92 67.55
CA PRO G 1162 38.96 59.20 67.24
C PRO G 1162 38.00 60.38 67.38
N GLU G 1163 36.71 60.13 67.37
CA GLU G 1163 35.71 61.19 67.48
C GLU G 1163 35.41 61.57 68.94
N LEU G 1164 35.45 60.56 69.83
CA LEU G 1164 35.16 60.71 71.26
C LEU G 1164 36.24 61.54 71.94
N VAL H 2 -30.08 -57.10 0.64
CA VAL H 2 -31.55 -57.12 0.54
C VAL H 2 -32.01 -58.43 -0.04
N GLN H 3 -32.81 -59.17 0.71
CA GLN H 3 -33.28 -60.45 0.22
C GLN H 3 -34.78 -60.60 0.33
N LEU H 4 -35.38 -61.16 -0.70
CA LEU H 4 -36.79 -61.47 -0.73
C LEU H 4 -36.95 -62.96 -0.91
N VAL H 5 -37.57 -63.61 0.07
CA VAL H 5 -37.71 -65.04 -0.01
C VAL H 5 -39.17 -65.44 -0.14
N GLU H 6 -39.53 -65.88 -1.34
CA GLU H 6 -40.91 -66.29 -1.56
C GLU H 6 -41.03 -67.80 -1.54
N SER H 7 -42.23 -68.26 -1.20
CA SER H 7 -42.52 -69.68 -1.15
C SER H 7 -44.01 -69.93 -1.28
N GLY H 8 -44.41 -71.18 -1.09
CA GLY H 8 -45.80 -71.58 -1.15
C GLY H 8 -46.18 -72.27 -2.46
N GLY H 9 -45.35 -72.14 -3.49
CA GLY H 9 -45.66 -72.78 -4.76
C GLY H 9 -45.61 -74.29 -4.59
N ASP H 10 -46.56 -74.97 -5.21
CA ASP H 10 -46.66 -76.42 -5.15
C ASP H 10 -47.51 -76.92 -6.32
N SER H 11 -47.69 -78.23 -6.41
CA SER H 11 -48.60 -78.82 -7.40
C SER H 11 -49.99 -78.92 -6.81
N VAL H 12 -50.92 -78.18 -7.38
CA VAL H 12 -52.27 -78.08 -6.85
C VAL H 12 -53.31 -78.38 -7.93
N GLN H 13 -54.55 -78.59 -7.50
CA GLN H 13 -55.62 -78.87 -8.44
C GLN H 13 -56.39 -77.59 -8.79
N PRO H 14 -56.91 -77.47 -10.01
CA PRO H 14 -57.69 -76.36 -10.50
C PRO H 14 -59.01 -76.28 -9.77
N GLY H 15 -59.46 -75.06 -9.53
CA GLY H 15 -60.72 -74.82 -8.85
C GLY H 15 -60.50 -74.64 -7.36
N GLY H 16 -59.27 -74.92 -6.90
CA GLY H 16 -58.93 -74.78 -5.50
C GLY H 16 -58.27 -73.43 -5.26
N SER H 17 -57.44 -73.36 -4.23
CA SER H 17 -56.78 -72.12 -3.88
C SER H 17 -55.39 -72.39 -3.37
N LEU H 18 -54.55 -71.36 -3.39
CA LEU H 18 -53.20 -71.49 -2.87
C LEU H 18 -52.70 -70.19 -2.27
N ARG H 19 -52.15 -70.25 -1.06
CA ARG H 19 -51.58 -69.07 -0.45
C ARG H 19 -50.07 -69.05 -0.61
N LEU H 20 -49.58 -67.98 -1.22
CA LEU H 20 -48.15 -67.76 -1.42
C LEU H 20 -47.68 -66.73 -0.41
N SER H 21 -46.41 -66.74 -0.08
CA SER H 21 -45.92 -65.74 0.86
C SER H 21 -44.51 -65.29 0.53
N CYS H 22 -44.11 -64.13 1.08
CA CYS H 22 -42.78 -63.55 0.92
C CYS H 22 -42.29 -62.93 2.22
N ALA H 23 -41.09 -63.33 2.62
CA ALA H 23 -40.45 -62.80 3.81
C ALA H 23 -39.34 -61.84 3.41
N ALA H 24 -39.29 -60.70 4.11
CA ALA H 24 -38.25 -59.71 3.90
C ALA H 24 -37.08 -59.97 4.82
N ALA H 25 -35.87 -59.78 4.32
CA ALA H 25 -34.70 -59.88 5.17
C ALA H 25 -33.64 -58.87 4.77
N GLY H 26 -32.97 -58.30 5.77
CA GLY H 26 -31.87 -57.37 5.53
C GLY H 26 -32.31 -55.92 5.34
N PHE H 27 -33.62 -55.68 5.43
CA PHE H 27 -34.16 -54.34 5.23
C PHE H 27 -35.48 -54.20 5.96
N THR H 28 -35.97 -52.95 6.06
CA THR H 28 -37.25 -52.70 6.70
C THR H 28 -38.40 -53.02 5.77
N PHE H 29 -39.32 -53.86 6.24
CA PHE H 29 -40.47 -54.24 5.44
C PHE H 29 -41.42 -53.06 5.23
N SER H 30 -41.83 -52.44 6.33
CA SER H 30 -42.81 -51.37 6.30
C SER H 30 -42.23 -50.01 5.94
N SER H 31 -41.66 -49.93 4.75
CA SER H 31 -41.14 -48.68 4.24
C SER H 31 -41.16 -48.76 2.73
N TYR H 32 -41.57 -49.93 2.24
CA TYR H 32 -41.59 -50.19 0.81
C TYR H 32 -42.88 -50.87 0.38
N TRP H 33 -43.19 -50.79 -0.91
CA TRP H 33 -44.33 -51.50 -1.47
C TRP H 33 -43.93 -52.93 -1.83
N MET H 34 -44.86 -53.86 -1.71
CA MET H 34 -44.53 -55.26 -2.00
C MET H 34 -45.30 -55.85 -3.19
N ASN H 35 -44.57 -56.13 -4.27
CA ASN H 35 -45.13 -56.58 -5.54
C ASN H 35 -45.16 -58.09 -5.73
N TRP H 36 -46.10 -58.53 -6.58
CA TRP H 36 -46.13 -59.88 -7.11
C TRP H 36 -46.22 -59.86 -8.63
N VAL H 37 -45.36 -60.65 -9.26
CA VAL H 37 -45.31 -60.82 -10.71
C VAL H 37 -45.27 -62.31 -11.01
N ARG H 38 -45.94 -62.75 -12.07
CA ARG H 38 -45.89 -64.17 -12.38
C ARG H 38 -45.42 -64.40 -13.81
N GLN H 39 -44.74 -65.51 -14.02
CA GLN H 39 -44.29 -65.84 -15.36
C GLN H 39 -44.55 -67.29 -15.76
N ALA H 40 -45.43 -67.47 -16.74
CA ALA H 40 -45.67 -68.81 -17.25
C ALA H 40 -44.43 -69.22 -18.02
N PRO H 41 -44.02 -70.48 -17.98
CA PRO H 41 -42.85 -70.96 -18.67
C PRO H 41 -43.01 -70.73 -20.16
N GLY H 42 -41.99 -70.17 -20.78
CA GLY H 42 -42.02 -69.88 -22.22
C GLY H 42 -42.67 -68.53 -22.54
N LYS H 43 -43.18 -67.85 -21.52
CA LYS H 43 -43.88 -66.58 -21.69
C LYS H 43 -43.16 -65.43 -21.00
N GLY H 44 -43.65 -64.21 -21.24
CA GLY H 44 -43.07 -63.03 -20.62
C GLY H 44 -43.67 -62.81 -19.25
N LEU H 45 -43.42 -61.64 -18.66
CA LEU H 45 -43.86 -61.38 -17.30
C LEU H 45 -45.27 -60.81 -17.26
N GLU H 46 -46.04 -61.22 -16.27
CA GLU H 46 -47.36 -60.65 -16.05
C GLU H 46 -47.45 -60.00 -14.68
N TRP H 47 -47.86 -58.75 -14.67
CA TRP H 47 -48.00 -58.03 -13.43
C TRP H 47 -49.20 -58.66 -12.74
N VAL H 48 -49.12 -58.93 -11.44
CA VAL H 48 -50.25 -59.56 -10.80
C VAL H 48 -50.89 -58.69 -9.77
N ALA H 49 -50.11 -58.28 -8.78
CA ALA H 49 -50.69 -57.59 -7.66
C ALA H 49 -49.65 -56.81 -6.89
N ASN H 50 -50.13 -55.89 -6.07
CA ASN H 50 -49.26 -55.12 -5.21
C ASN H 50 -49.99 -54.76 -3.92
N ILE H 51 -49.27 -54.09 -3.03
CA ILE H 51 -49.81 -53.60 -1.79
C ILE H 51 -48.98 -52.43 -1.30
N LYS H 52 -49.68 -51.44 -0.78
CA LYS H 52 -49.08 -50.23 -0.27
C LYS H 52 -48.31 -50.53 1.00
N GLN H 53 -47.32 -49.71 1.27
CA GLN H 53 -46.44 -49.84 2.42
C GLN H 53 -47.14 -50.18 3.73
N ASP H 54 -48.25 -49.51 4.03
CA ASP H 54 -48.93 -49.72 5.30
C ASP H 54 -50.14 -50.65 5.21
N GLY H 55 -50.37 -51.23 4.03
CA GLY H 55 -51.47 -52.15 3.80
C GLY H 55 -52.83 -51.49 3.58
N SER H 56 -52.87 -50.16 3.53
CA SER H 56 -54.14 -49.45 3.39
C SER H 56 -54.74 -49.55 1.99
N GLU H 57 -53.92 -49.86 1.00
CA GLU H 57 -54.37 -49.96 -0.37
C GLU H 57 -53.78 -51.20 -1.05
N LYS H 58 -54.59 -51.84 -1.89
CA LYS H 58 -54.14 -53.01 -2.64
C LYS H 58 -54.41 -52.81 -4.12
N TYR H 59 -53.56 -53.38 -4.95
CA TYR H 59 -53.73 -53.26 -6.39
C TYR H 59 -53.66 -54.60 -7.09
N TYR H 60 -54.52 -54.77 -8.10
CA TYR H 60 -54.52 -56.00 -8.88
C TYR H 60 -54.65 -55.74 -10.36
N VAL H 61 -54.05 -56.60 -11.15
CA VAL H 61 -54.33 -56.61 -12.58
C VAL H 61 -55.77 -57.08 -12.70
N ASP H 62 -56.53 -56.49 -13.61
CA ASP H 62 -57.94 -56.83 -13.71
C ASP H 62 -58.20 -58.34 -13.84
N SER H 63 -57.30 -59.07 -14.49
CA SER H 63 -57.48 -60.50 -14.71
C SER H 63 -57.50 -61.36 -13.44
N VAL H 64 -57.03 -60.82 -12.32
CA VAL H 64 -57.03 -61.58 -11.08
C VAL H 64 -57.91 -60.88 -10.03
N LYS H 65 -58.61 -59.84 -10.47
CA LYS H 65 -59.40 -59.06 -9.54
C LYS H 65 -60.57 -59.88 -9.03
N GLY H 66 -60.74 -59.89 -7.72
CA GLY H 66 -61.82 -60.63 -7.08
C GLY H 66 -61.39 -62.05 -6.74
N ARG H 67 -60.22 -62.46 -7.21
CA ARG H 67 -59.73 -63.79 -6.96
C ARG H 67 -58.52 -63.74 -6.05
N PHE H 68 -57.70 -62.71 -6.22
CA PHE H 68 -56.48 -62.58 -5.44
C PHE H 68 -56.65 -61.58 -4.30
N THR H 69 -56.13 -61.94 -3.12
CA THR H 69 -56.14 -61.08 -1.94
C THR H 69 -54.76 -60.95 -1.30
N ILE H 70 -54.37 -59.73 -0.94
CA ILE H 70 -53.11 -59.53 -0.25
C ILE H 70 -53.30 -58.98 1.14
N SER H 71 -52.60 -59.59 2.07
CA SER H 71 -52.61 -59.18 3.46
C SER H 71 -51.17 -59.21 3.94
N ARG H 72 -50.89 -58.59 5.07
CA ARG H 72 -49.51 -58.59 5.54
C ARG H 72 -49.40 -58.47 7.04
N ASP H 73 -48.24 -58.83 7.56
CA ASP H 73 -47.95 -58.70 8.97
C ASP H 73 -46.61 -57.98 9.13
N ASN H 74 -46.69 -56.72 9.53
CA ASN H 74 -45.52 -55.86 9.61
C ASN H 74 -44.60 -56.24 10.75
N ALA H 75 -45.10 -57.08 11.66
CA ALA H 75 -44.31 -57.53 12.79
C ALA H 75 -43.51 -58.77 12.44
N LYS H 76 -43.79 -59.36 11.28
CA LYS H 76 -43.11 -60.55 10.83
C LYS H 76 -42.32 -60.26 9.58
N ASN H 77 -42.38 -58.99 9.16
CA ASN H 77 -41.73 -58.52 7.95
C ASN H 77 -42.11 -59.37 6.74
N SER H 78 -43.39 -59.71 6.62
CA SER H 78 -43.81 -60.54 5.49
C SER H 78 -45.22 -60.26 5.01
N LEU H 79 -45.48 -60.68 3.76
CA LEU H 79 -46.80 -60.53 3.16
C LEU H 79 -47.30 -61.83 2.56
N TYR H 80 -48.62 -61.92 2.41
CA TYR H 80 -49.24 -63.11 1.86
C TYR H 80 -50.16 -62.78 0.70
N LEU H 81 -50.07 -63.59 -0.36
CA LEU H 81 -50.94 -63.49 -1.52
C LEU H 81 -51.78 -64.74 -1.65
N GLN H 82 -53.08 -64.61 -1.47
CA GLN H 82 -53.93 -65.78 -1.59
C GLN H 82 -54.78 -65.72 -2.83
N MET H 83 -54.64 -66.74 -3.65
CA MET H 83 -55.39 -66.79 -4.89
C MET H 83 -56.44 -67.90 -4.89
N ASN H 84 -57.68 -67.48 -5.09
CA ASN H 84 -58.84 -68.35 -5.11
C ASN H 84 -59.26 -68.68 -6.53
N SER H 85 -60.02 -69.76 -6.69
CA SER H 85 -60.50 -70.17 -8.01
C SER H 85 -59.33 -70.24 -8.97
N LEU H 86 -58.27 -70.88 -8.52
CA LEU H 86 -57.04 -71.00 -9.28
C LEU H 86 -57.27 -71.83 -10.53
N ARG H 87 -56.89 -71.26 -11.68
CA ARG H 87 -57.10 -71.87 -12.98
C ARG H 87 -55.99 -72.84 -13.39
N ALA H 88 -56.37 -73.87 -14.15
CA ALA H 88 -55.41 -74.85 -14.69
C ALA H 88 -54.39 -74.17 -15.59
N GLU H 89 -54.83 -73.12 -16.27
CA GLU H 89 -54.00 -72.35 -17.15
C GLU H 89 -52.94 -71.54 -16.41
N ASP H 90 -53.14 -71.32 -15.11
CA ASP H 90 -52.23 -70.49 -14.33
C ASP H 90 -51.05 -71.27 -13.78
N THR H 91 -50.20 -71.70 -14.70
CA THR H 91 -48.95 -72.34 -14.29
C THR H 91 -47.84 -71.34 -14.54
N ALA H 92 -47.22 -70.91 -13.45
CA ALA H 92 -46.27 -69.82 -13.52
C ALA H 92 -45.39 -69.75 -12.30
N VAL H 93 -44.24 -69.12 -12.44
CA VAL H 93 -43.44 -68.83 -11.28
C VAL H 93 -43.83 -67.47 -10.73
N TYR H 94 -44.15 -67.43 -9.46
CA TYR H 94 -44.53 -66.20 -8.80
C TYR H 94 -43.32 -65.62 -8.10
N TYR H 95 -43.07 -64.36 -8.36
CA TYR H 95 -41.93 -63.68 -7.79
C TYR H 95 -42.37 -62.60 -6.84
N CYS H 96 -41.61 -62.42 -5.75
CA CYS H 96 -41.73 -61.33 -4.82
C CYS H 96 -40.76 -60.25 -5.25
N ALA H 97 -41.22 -59.01 -5.27
CA ALA H 97 -40.33 -57.93 -5.65
C ALA H 97 -40.56 -56.72 -4.74
N LEU H 98 -39.49 -56.02 -4.44
CA LEU H 98 -39.51 -54.90 -3.51
C LEU H 98 -39.50 -53.59 -4.24
N SER H 99 -40.55 -52.80 -4.08
CA SER H 99 -40.64 -51.54 -4.80
C SER H 99 -40.31 -50.34 -3.93
N SER H 100 -39.18 -49.75 -4.26
CA SER H 100 -38.56 -48.64 -3.55
C SER H 100 -38.49 -47.42 -4.45
N GLY H 101 -39.24 -47.45 -5.53
CA GLY H 101 -39.24 -46.38 -6.51
C GLY H 101 -40.20 -45.29 -6.09
N TYR H 102 -40.38 -44.31 -6.97
CA TYR H 102 -41.24 -43.16 -6.71
C TYR H 102 -42.70 -43.49 -6.38
N SER H 103 -43.34 -44.30 -7.21
CA SER H 103 -44.77 -44.57 -7.02
C SER H 103 -45.04 -45.85 -6.25
N GLY H 104 -44.08 -46.77 -6.23
CA GLY H 104 -44.25 -48.04 -5.53
C GLY H 104 -44.94 -49.12 -6.39
N TYR H 105 -45.25 -48.80 -7.64
CA TYR H 105 -45.96 -49.74 -8.51
C TYR H 105 -45.13 -50.92 -9.03
N ALA H 106 -43.80 -50.77 -9.13
CA ALA H 106 -42.97 -51.83 -9.69
C ALA H 106 -41.73 -52.08 -8.84
N GLY H 107 -41.38 -53.36 -8.71
CA GLY H 107 -40.25 -53.77 -7.88
C GLY H 107 -38.88 -53.59 -8.51
N ASN H 108 -37.90 -53.30 -7.64
CA ASN H 108 -36.48 -53.15 -7.96
C ASN H 108 -35.67 -54.36 -7.55
N TYR H 109 -35.95 -54.89 -6.35
CA TYR H 109 -35.24 -56.07 -5.89
C TYR H 109 -36.14 -57.25 -6.12
N TRP H 110 -35.57 -58.34 -6.61
CA TRP H 110 -36.35 -59.54 -6.90
C TRP H 110 -35.87 -60.76 -6.14
N GLY H 111 -36.81 -61.63 -5.81
CA GLY H 111 -36.51 -62.91 -5.16
C GLY H 111 -36.17 -63.96 -6.21
N GLN H 112 -36.30 -65.23 -5.86
CA GLN H 112 -35.91 -66.31 -6.77
C GLN H 112 -37.11 -66.88 -7.51
N GLY H 113 -38.27 -66.77 -6.89
CA GLY H 113 -39.52 -67.24 -7.46
C GLY H 113 -39.96 -68.58 -6.92
N THR H 114 -41.27 -68.75 -6.80
CA THR H 114 -41.84 -70.01 -6.33
C THR H 114 -42.78 -70.53 -7.42
N LEU H 115 -42.61 -71.79 -7.79
CA LEU H 115 -43.39 -72.33 -8.90
C LEU H 115 -44.74 -72.90 -8.51
N VAL H 116 -45.77 -72.38 -9.17
CA VAL H 116 -47.13 -72.85 -9.00
C VAL H 116 -47.56 -73.62 -10.23
N THR H 117 -47.87 -74.89 -10.03
CA THR H 117 -48.32 -75.74 -11.13
C THR H 117 -49.72 -76.21 -10.84
N VAL H 118 -50.61 -76.04 -11.80
CA VAL H 118 -51.99 -76.41 -11.54
C VAL H 118 -52.38 -77.55 -12.51
N SER H 119 -52.82 -78.69 -11.96
CA SER H 119 -53.15 -79.89 -12.73
C SER H 119 -54.32 -80.65 -12.08
N ALA I 2 -55.00 -51.81 -21.07
CA ALA I 2 -53.81 -52.45 -20.53
C ALA I 2 -53.02 -53.15 -21.61
N VAL I 3 -52.55 -52.38 -22.57
CA VAL I 3 -51.82 -52.91 -23.69
C VAL I 3 -50.46 -52.25 -23.84
N VAL I 4 -49.43 -53.08 -23.80
CA VAL I 4 -48.05 -52.67 -23.95
C VAL I 4 -47.38 -53.55 -24.98
N THR I 5 -46.68 -52.95 -25.94
CA THR I 5 -46.03 -53.73 -26.97
C THR I 5 -44.53 -53.49 -27.02
N GLN I 6 -43.82 -54.48 -27.55
CA GLN I 6 -42.37 -54.44 -27.71
C GLN I 6 -41.94 -55.09 -29.02
N GLU I 7 -40.76 -54.71 -29.51
CA GLU I 7 -40.15 -55.39 -30.65
C GLU I 7 -39.76 -56.81 -30.21
N PRO I 8 -40.29 -57.88 -30.81
CA PRO I 8 -40.09 -59.26 -30.42
C PRO I 8 -38.64 -59.66 -30.17
N SER I 9 -37.72 -59.20 -31.02
CA SER I 9 -36.32 -59.52 -30.82
C SER I 9 -35.38 -58.56 -31.54
N LEU I 10 -34.19 -58.40 -30.98
CA LEU I 10 -33.12 -57.63 -31.57
C LEU I 10 -31.82 -58.43 -31.61
N THR I 11 -31.05 -58.27 -32.68
CA THR I 11 -29.76 -58.91 -32.77
C THR I 11 -28.67 -57.86 -32.92
N VAL I 12 -27.61 -57.99 -32.14
CA VAL I 12 -26.53 -57.02 -32.19
C VAL I 12 -25.17 -57.69 -32.27
N SER I 13 -24.27 -57.13 -33.09
CA SER I 13 -22.90 -57.63 -33.14
C SER I 13 -22.19 -57.18 -31.87
N PRO I 14 -21.21 -57.94 -31.36
CA PRO I 14 -20.41 -57.56 -30.21
C PRO I 14 -19.85 -56.17 -30.40
N GLY I 15 -20.03 -55.31 -29.40
CA GLY I 15 -19.54 -53.94 -29.44
C GLY I 15 -20.53 -52.97 -30.08
N GLY I 16 -21.60 -53.50 -30.69
CA GLY I 16 -22.57 -52.66 -31.36
C GLY I 16 -23.61 -52.11 -30.39
N THR I 17 -24.36 -51.12 -30.84
CA THR I 17 -25.38 -50.54 -29.98
C THR I 17 -26.69 -51.28 -30.13
N VAL I 18 -27.57 -51.09 -29.15
CA VAL I 18 -28.89 -51.69 -29.14
C VAL I 18 -29.94 -50.67 -28.81
N THR I 19 -31.10 -50.74 -29.46
CA THR I 19 -32.21 -49.89 -29.07
C THR I 19 -33.46 -50.73 -28.80
N LEU I 20 -33.63 -51.16 -27.55
CA LEU I 20 -34.79 -51.97 -27.19
C LEU I 20 -35.94 -50.99 -26.99
N THR I 21 -37.13 -51.28 -27.49
CA THR I 21 -38.22 -50.31 -27.35
C THR I 21 -39.46 -50.91 -26.67
N CYS I 22 -40.29 -50.01 -26.09
CA CYS I 22 -41.54 -50.34 -25.41
C CYS I 22 -42.53 -49.18 -25.43
N GLY I 23 -43.82 -49.49 -25.57
CA GLY I 23 -44.80 -48.43 -25.43
C GLY I 23 -46.21 -48.93 -25.26
N SER I 24 -47.08 -48.01 -24.85
CA SER I 24 -48.49 -48.29 -24.64
C SER I 24 -49.28 -48.11 -25.91
N SER I 25 -50.48 -48.70 -25.95
CA SER I 25 -51.34 -48.53 -27.12
C SER I 25 -52.03 -47.16 -27.17
N THR I 26 -52.12 -46.48 -26.04
CA THR I 26 -52.75 -45.17 -26.03
C THR I 26 -51.81 -44.10 -25.48
N GLY I 27 -52.10 -42.85 -25.82
CA GLY I 27 -51.33 -41.71 -25.32
C GLY I 27 -49.87 -41.80 -25.78
N ALA I 28 -48.95 -41.58 -24.84
CA ALA I 28 -47.53 -41.65 -25.12
C ALA I 28 -46.77 -41.92 -23.84
N VAL I 29 -45.60 -42.54 -23.95
CA VAL I 29 -44.79 -42.77 -22.77
C VAL I 29 -43.99 -41.55 -22.41
N THR I 30 -44.18 -41.14 -21.16
CA THR I 30 -43.49 -40.01 -20.57
C THR I 30 -43.02 -40.44 -19.20
N SER I 31 -42.36 -39.54 -18.48
CA SER I 31 -41.89 -39.84 -17.14
C SER I 31 -43.05 -40.13 -16.18
N GLY I 32 -44.27 -39.76 -16.57
CA GLY I 32 -45.45 -39.97 -15.74
C GLY I 32 -45.85 -41.44 -15.69
N HIS I 33 -45.23 -42.28 -16.52
CA HIS I 33 -45.50 -43.71 -16.54
C HIS I 33 -44.48 -44.42 -15.68
N TYR I 34 -43.53 -43.63 -15.17
CA TYR I 34 -42.40 -44.12 -14.40
C TYR I 34 -41.88 -45.46 -14.88
N PRO I 35 -41.50 -45.62 -16.17
CA PRO I 35 -41.17 -46.88 -16.82
C PRO I 35 -40.07 -47.66 -16.12
N TYR I 36 -40.23 -48.98 -16.13
CA TYR I 36 -39.24 -49.92 -15.62
C TYR I 36 -38.78 -50.89 -16.71
N TRP I 37 -37.52 -51.29 -16.64
CA TRP I 37 -36.99 -52.33 -17.50
C TRP I 37 -36.31 -53.42 -16.68
N PHE I 38 -36.54 -54.67 -17.08
CA PHE I 38 -36.00 -55.83 -16.37
C PHE I 38 -35.21 -56.71 -17.32
N GLN I 39 -34.18 -57.37 -16.79
CA GLN I 39 -33.38 -58.32 -17.54
C GLN I 39 -33.51 -59.72 -16.97
N GLN I 40 -33.83 -60.70 -17.82
CA GLN I 40 -33.91 -62.06 -17.34
C GLN I 40 -33.07 -63.03 -18.14
N LYS I 41 -32.13 -63.65 -17.47
CA LYS I 41 -31.29 -64.65 -18.09
C LYS I 41 -31.91 -66.01 -17.75
N PRO I 42 -31.73 -67.04 -18.57
CA PRO I 42 -32.28 -68.35 -18.34
C PRO I 42 -31.94 -68.86 -16.95
N GLY I 43 -32.96 -69.33 -16.24
CA GLY I 43 -32.80 -69.87 -14.89
C GLY I 43 -32.81 -68.79 -13.80
N GLN I 44 -32.87 -67.52 -14.19
CA GLN I 44 -32.81 -66.42 -13.23
C GLN I 44 -34.13 -65.69 -13.07
N ALA I 45 -34.28 -65.01 -11.93
CA ALA I 45 -35.41 -64.11 -11.73
C ALA I 45 -35.13 -62.84 -12.52
N PRO I 46 -36.15 -62.11 -12.98
CA PRO I 46 -36.00 -60.82 -13.62
C PRO I 46 -35.28 -59.87 -12.68
N ARG I 47 -34.36 -59.09 -13.23
CA ARG I 47 -33.62 -58.12 -12.44
C ARG I 47 -33.84 -56.72 -12.99
N THR I 48 -34.33 -55.82 -12.17
CA THR I 48 -34.61 -54.48 -12.65
C THR I 48 -33.31 -53.78 -12.99
N LEU I 49 -33.27 -53.15 -14.15
CA LEU I 49 -32.08 -52.39 -14.50
C LEU I 49 -32.38 -50.91 -14.43
N ILE I 50 -33.55 -50.55 -14.94
CA ILE I 50 -34.00 -49.16 -14.99
C ILE I 50 -35.29 -48.99 -14.21
N TYR I 51 -35.37 -47.92 -13.44
CA TYR I 51 -36.58 -47.61 -12.70
C TYR I 51 -36.93 -46.15 -12.81
N ASP I 52 -38.21 -45.84 -12.66
CA ASP I 52 -38.67 -44.46 -12.68
C ASP I 52 -38.11 -43.68 -13.88
N THR I 53 -38.25 -44.28 -15.05
CA THR I 53 -37.87 -43.72 -16.35
C THR I 53 -36.41 -43.92 -16.70
N SER I 54 -35.51 -43.33 -15.93
CA SER I 54 -34.12 -43.35 -16.31
C SER I 54 -33.12 -43.63 -15.18
N ASN I 55 -33.60 -44.03 -14.01
CA ASN I 55 -32.65 -44.25 -12.94
C ASN I 55 -32.06 -45.65 -13.07
N LYS I 56 -30.73 -45.72 -13.04
CA LYS I 56 -30.05 -46.99 -13.19
C LYS I 56 -29.63 -47.56 -11.84
N HIS I 57 -29.82 -48.87 -11.67
CA HIS I 57 -29.42 -49.57 -10.45
C HIS I 57 -27.92 -49.84 -10.39
N SER I 58 -27.39 -49.98 -9.17
CA SER I 58 -25.97 -50.23 -8.95
C SER I 58 -25.47 -51.53 -9.54
N TRP I 59 -26.36 -52.49 -9.72
CA TRP I 59 -25.98 -53.79 -10.26
C TRP I 59 -26.06 -53.85 -11.78
N THR I 60 -26.48 -52.74 -12.37
CA THR I 60 -26.63 -52.65 -13.81
C THR I 60 -25.39 -52.07 -14.46
N PRO I 61 -24.78 -52.74 -15.45
CA PRO I 61 -23.64 -52.25 -16.18
C PRO I 61 -23.99 -50.90 -16.76
N ALA I 62 -23.04 -49.98 -16.75
CA ALA I 62 -23.29 -48.61 -17.19
C ALA I 62 -23.40 -48.51 -18.69
N ARG I 63 -23.20 -49.64 -19.35
CA ARG I 63 -23.33 -49.74 -20.79
C ARG I 63 -24.81 -49.63 -21.17
N PHE I 64 -25.69 -49.84 -20.19
CA PHE I 64 -27.14 -49.75 -20.38
C PHE I 64 -27.63 -48.34 -20.09
N SER I 65 -28.58 -47.85 -20.87
CA SER I 65 -29.14 -46.52 -20.63
C SER I 65 -30.66 -46.44 -20.77
N GLY I 66 -31.30 -46.04 -19.67
CA GLY I 66 -32.77 -45.95 -19.58
C GLY I 66 -33.33 -44.68 -20.20
N SER I 67 -33.13 -44.53 -21.49
CA SER I 67 -33.60 -43.36 -22.21
C SER I 67 -35.04 -43.49 -22.69
N LEU I 68 -35.65 -42.37 -23.06
CA LEU I 68 -36.95 -42.37 -23.73
C LEU I 68 -36.76 -41.96 -25.18
N LEU I 69 -37.64 -42.45 -26.04
CA LEU I 69 -37.65 -42.09 -27.45
C LEU I 69 -38.90 -41.26 -27.78
N GLY I 70 -39.41 -41.41 -28.99
CA GLY I 70 -40.54 -40.60 -29.47
C GLY I 70 -41.87 -41.08 -28.88
N GLY I 71 -42.06 -40.86 -27.60
CA GLY I 71 -43.28 -41.26 -26.90
C GLY I 71 -43.23 -42.74 -26.54
N LYS I 72 -42.02 -43.26 -26.41
CA LYS I 72 -41.77 -44.66 -26.10
C LYS I 72 -40.66 -44.81 -25.07
N ALA I 73 -40.70 -45.90 -24.31
CA ALA I 73 -39.62 -46.22 -23.40
C ALA I 73 -38.56 -46.99 -24.16
N ALA I 74 -37.31 -46.89 -23.73
CA ALA I 74 -36.28 -47.69 -24.36
C ALA I 74 -35.21 -48.08 -23.38
N LEU I 75 -34.51 -49.13 -23.71
CA LEU I 75 -33.32 -49.54 -22.99
C LEU I 75 -32.23 -49.75 -24.01
N THR I 76 -31.27 -48.85 -24.02
CA THR I 76 -30.27 -48.90 -25.05
C THR I 76 -28.93 -49.37 -24.53
N LEU I 77 -28.09 -49.82 -25.43
CA LEU I 77 -26.72 -50.18 -25.08
C LEU I 77 -25.72 -49.44 -25.93
N SER I 78 -24.62 -49.01 -25.29
CA SER I 78 -23.50 -48.32 -25.93
C SER I 78 -22.50 -49.29 -26.57
N GLY I 79 -22.71 -50.57 -26.35
CA GLY I 79 -21.83 -51.62 -26.83
C GLY I 79 -22.16 -52.91 -26.10
N ALA I 80 -22.90 -53.78 -26.79
CA ALA I 80 -23.36 -55.06 -26.26
C ALA I 80 -22.25 -56.07 -26.15
N ARG I 81 -22.38 -56.95 -25.17
CA ARG I 81 -21.46 -58.06 -24.96
C ARG I 81 -22.25 -59.36 -24.87
N PRO I 82 -21.65 -60.54 -25.11
CA PRO I 82 -22.24 -61.87 -24.98
C PRO I 82 -22.93 -62.08 -23.62
N GLU I 83 -22.41 -61.42 -22.59
CA GLU I 83 -22.97 -61.52 -21.25
C GLU I 83 -24.36 -60.90 -21.15
N ASP I 84 -24.76 -60.14 -22.17
CA ASP I 84 -26.02 -59.42 -22.18
C ASP I 84 -27.13 -60.22 -22.86
N GLU I 85 -26.87 -61.46 -23.25
CA GLU I 85 -27.94 -62.21 -23.89
C GLU I 85 -28.98 -62.54 -22.85
N ALA I 86 -30.17 -61.97 -23.05
CA ALA I 86 -31.25 -62.08 -22.08
C ALA I 86 -32.57 -61.64 -22.70
N GLU I 87 -33.67 -62.00 -22.07
CA GLU I 87 -34.92 -61.42 -22.48
C GLU I 87 -35.16 -60.19 -21.64
N TYR I 88 -35.60 -59.12 -22.28
CA TYR I 88 -35.87 -57.90 -21.55
C TYR I 88 -37.34 -57.62 -21.51
N TYR I 89 -37.78 -57.07 -20.41
CA TYR I 89 -39.19 -56.76 -20.26
C TYR I 89 -39.35 -55.32 -19.83
N CYS I 90 -40.42 -54.68 -20.29
CA CYS I 90 -40.78 -53.33 -19.89
C CYS I 90 -42.07 -53.36 -19.10
N LEU I 91 -42.21 -52.39 -18.22
CA LEU I 91 -43.41 -52.23 -17.42
C LEU I 91 -43.79 -50.77 -17.31
N LEU I 92 -45.05 -50.46 -17.58
CA LEU I 92 -45.54 -49.08 -17.47
C LEU I 92 -46.64 -48.96 -16.42
N SER I 93 -46.70 -47.81 -15.72
CA SER I 93 -47.81 -47.53 -14.81
C SER I 93 -48.91 -46.80 -15.55
N TYR I 94 -50.12 -46.72 -14.98
CA TYR I 94 -51.22 -46.04 -15.67
C TYR I 94 -52.00 -45.09 -14.77
N SER I 95 -53.25 -45.44 -14.48
CA SER I 95 -54.13 -44.63 -13.66
C SER I 95 -53.81 -44.78 -12.19
N GLY I 96 -52.99 -45.79 -11.91
CA GLY I 96 -52.60 -46.14 -10.56
C GLY I 96 -51.57 -47.27 -10.63
N ALA I 97 -51.32 -47.89 -9.49
CA ALA I 97 -50.31 -48.94 -9.40
C ALA I 97 -50.86 -50.27 -9.90
N ARG I 98 -51.18 -50.30 -11.19
CA ARG I 98 -51.66 -51.48 -11.91
C ARG I 98 -50.84 -51.57 -13.18
N GLY I 99 -49.59 -51.94 -13.03
CA GLY I 99 -48.67 -51.90 -14.14
C GLY I 99 -48.97 -52.96 -15.18
N VAL I 100 -48.53 -52.72 -16.40
CA VAL I 100 -48.71 -53.66 -17.49
C VAL I 100 -47.39 -53.94 -18.17
N PHE I 101 -47.08 -55.23 -18.32
CA PHE I 101 -45.84 -55.63 -18.99
C PHE I 101 -46.01 -55.74 -20.48
N GLY I 102 -44.93 -55.51 -21.20
CA GLY I 102 -44.92 -55.69 -22.64
C GLY I 102 -44.73 -57.16 -22.94
N GLY I 103 -44.69 -57.52 -24.21
CA GLY I 103 -44.57 -58.92 -24.61
C GLY I 103 -43.18 -59.49 -24.37
N GLY I 104 -42.20 -58.62 -24.19
CA GLY I 104 -40.82 -59.04 -24.01
C GLY I 104 -40.04 -58.86 -25.31
N THR I 105 -38.80 -58.42 -25.19
CA THR I 105 -37.93 -58.25 -26.33
C THR I 105 -36.65 -59.07 -26.13
N LYS I 106 -36.45 -60.07 -26.98
CA LYS I 106 -35.29 -60.94 -26.81
C LYS I 106 -34.06 -60.35 -27.44
N LEU I 107 -32.99 -60.18 -26.67
CA LEU I 107 -31.77 -59.62 -27.20
C LEU I 107 -30.66 -60.65 -27.24
N THR I 108 -30.13 -60.86 -28.44
CA THR I 108 -29.04 -61.82 -28.61
C THR I 108 -27.82 -61.14 -29.23
N VAL I 109 -26.66 -61.77 -29.07
CA VAL I 109 -25.42 -61.21 -29.58
C VAL I 109 -24.82 -62.08 -30.68
N LEU I 110 -24.56 -61.47 -31.85
CA LEU I 110 -24.06 -62.13 -33.05
C LEU I 110 -22.56 -62.34 -32.96
#